data_3L71
#
_entry.id   3L71
#
_cell.length_a   170.149
_cell.length_b   181.312
_cell.length_c   240.501
_cell.angle_alpha   90.00
_cell.angle_beta   90.00
_cell.angle_gamma   90.00
#
_symmetry.space_group_name_H-M   'P 21 21 21'
#
loop_
_entity.id
_entity.type
_entity.pdbx_description
1 polymer 'Mitochondrial ubiquinol-cytochrome-c reductase complex core protein i'
2 polymer 'Mitochondrial ubiquinol-cytochrome-c reductase complex core protein 2'
3 polymer 'Cytochrome b'
4 polymer 'Mitochondrial cytochrome c1, heme protein'
5 polymer 'Cytochrome b-c1 complex subunit Rieske, mitochondrial'
6 polymer 'Mitochondrial ubiquinol-cytochrome c reductase 14 kda protein'
7 polymer 'Mitochondrial ubiquinol-cytochrome c reductase ubiquinone-binding protein qp-c'
8 polymer 'Mitochondrial ubiquinol-cytochrome c reductase 11 kda protein, complex iii subunit viii'
9 polymer 'Cytochrome b-c1 complex subunit Rieske, mitochondrial'
10 polymer 'Mitochondrial ubiquinol-cytochrome c reductase 7.2 kda protein'
11 non-polymer 1,2-dioleoyl-sn-glycero-3-phosphoethanolamine
12 non-polymer 'PROTOPORPHYRIN IX CONTAINING FE'
13 non-polymer 'METHYL (2Z)-2-(2-{[6-(2-CYANOPHENOXY)PYRIMIDIN-4-YL]OXY}PHENYL)-3-METHOXYACRYLATE'
14 non-polymer 'Coenzyme Q10, (2Z,6E,10Z,14E,18E,22E,26Z)-isomer'
15 non-polymer GLYCEROL
16 non-polymer 'HEME C'
17 non-polymer CARDIOLIPIN
18 non-polymer 'octyl beta-D-glucopyranoside'
19 non-polymer 'FE2/S2 (INORGANIC) CLUSTER'
20 water water
#
loop_
_entity_poly.entity_id
_entity_poly.type
_entity_poly.pdbx_seq_one_letter_code
_entity_poly.pdbx_strand_id
1 'polypeptide(L)'
;AATYAQTLQNIPETNVTTLDNGLRVASEESSQPTCTVGVWIGAGSRYENEKNNGAGYFVEHLAFKGTKKRPCAAFEKEVE
SMGAHFNGYTSREQTAFYIKALSKDMPKVVELLADVVQNCALEESQIEKERGVILQELKEMDNDMTNVTFDYLHATAFQG
TALARTVEGTTENIKHLTRADLASYIDTHFKAPRMVLAAAGGISHKELVDAARQHFSGVSFTYKEDAVPILPRCRFTGSE
IRARDDALPVAHVALAVEGPGWADPDNVVLHVANAIIGRYDRTFGGGKHLSSRLAALAVEHKLCHSFQTFNTSYSDTGLF
GFHFVADPLSIDDMMFCAQGEWMRLCTSTTESEVKRAKNHLRSAMVAQLDGTTPVCETIGSHLLNYGRRISLEEWDSRIS
AVDARMVRDVCSKYIYDKCPALAAVGPIEQLLDYNRIRSGMYWIRF
;
A,N
2 'polypeptide(L)'
;SLKVAPKVAVSAAAERVKLCPGAEDLEITKLPNGLIIASLENFSPASRIGVFIKAGSRYETTANLGTAHLLRLASPLTTK
GASSFRITRGIEAVGGSLSVYSTREKMTYCVECLRDHVDTVMEYLLNVTTAPEFRPWEVTDLQPQLKVDKAVAFQSPQVG
VLENLHAAAYKTALANPLYCPDYRIGKITSEQLHHFVQNNFTSARMALVGIGVKHSDLKQVAEQFLNIRSGAGTSSAKAT
YWGGEIREQNGHSLVHAAVVTEGAAVGSAEANAFSVLQHVLGAGPLIKRGSSVTSKLYQGVAKATTQPFDASAFNVNYSD
SGLFGFYTISQAAHAGEVIRAAMNQLKAAAQGGVTEEDVTKAKNQLKATYLMSVETAQGLLNEIGSEALLSGTHTAPSVV
AQKIDSVTSADVVNAAKKFVSGKKSMAASGDLGSTPFLDEL
;
B,O
3 'polypeptide(L)'
;MAPNIRKSHPLLKMINNSLIDLPAPSNISAWWNFGSLLAVCLMTQILTGLLLAMHYTADTSLAFSSVAHTCRNVQYGWLI
RNLHANGASFFFICIFLHIGRGLYYGSYLYKETWNTGVILLLTLMATAFVGYVLPWGQMSFWGATVITNLFSAIPYIGHT
LVEWAWGGFSVDNPTLTRFFALHFLLPFAIAGITIIHLTFLHESGSNNPLGISSDSDKIPFHPYYSFKDILGLTLMLTPF
LTLALFSPNLLGDPENFTPANPLVTPPHIKPEWYFLFAYAILRSIPNKLGGVLALAASVLILFLIPFLHKSKQRTMTFRP
LSQTLFWLLVANLLILTWIGSQPVEHPFIIIGQMASLSYFTILLILFPTIGTLENKMLNY
;
C,P
4 'polypeptide(L)'
;GELELHPPAFPWSHGGPLSALDHSSVRRGFQVYKQVCSACHSMDYVAFRNLIGVTHTEAEAKALAEEVEVQDGPDENGEL
FMRPGKISDYFPKPYPNPEAARAANNGALPPDLSYIVNARHGGEDYVFSLLTGYCDPPAGVVVREGLHYNPYFPGQAIGM
APPIYNEILEYDDGTPATMSQIAKDVCTFLRWAAEPEHDQRKRMGLKMLLISALLTSLLYYMKRHKWSVLKSRKMAYRPP
K
;
D,Q
5 'polypeptide(L)'
;VHNDVTVPDFSAYRREDVMDATTSSQTSSEDRKGFSYLVTATACVATAYAAKNVVTQFISSLSASADVLALSKIEIKLSD
IPEGKNVAFKWRGKPLFVRHRTQAEINQEAEVDVSKLRDPQHDLDRVKKPEWVILVGVCTHLGCVPIANSGDFGGYYCPC
HGSHYDASGRIRKGPAPYNLEVPTYQFVGDDLVVVG
;
E,R
6 'polypeptide(L)'
;AARATVAGGGRLMDRIRKWYYNAAGFNKYGLMRDDTLYEDDDVKEALKRLPEDLYNERMFRIKRALDLSLKHRILPKEQW
VKYEEDKPYLEPYLKEVIRERLEREAWNKK
;
F,S
7 'polypeptide(L)'
;GIHFGNLARVRHIITYSLSPFEQRAIPNIFSDALPNVWRRFSSQVFKVAPPFLGAYLLYSWGTQEFERLKRKNPADYEND
Q
;
G,T
8 'polypeptide(L)' LRGSGEEEEEELVDPLTTIREHCEQTEKCVKARERLELCDARVSSRSHTEEQCTEELFDFLHARDHCVAHKLFNKLK H,U
9 'polypeptide(L)'
;(UNK)(UNK)(UNK)(UNK)(UNK)(UNK)(UNK)(UNK)(UNK)(UNK)(UNK)(UNK)(UNK)(UNK)(UNK)RPLLC
RESMSGRSARRDLVAGISLNAPASVRY
;
I,V
10 'polypeptide(L)' ALLRQAYSALFRRTSTFALTVVLGAVLFERAFDQGADAIFEHLNEGKLWKHIKHKYEASEE J,W
#
loop_
_chem_comp.id
_chem_comp.type
_chem_comp.name
_chem_comp.formula
AZO non-polymer 'METHYL (2Z)-2-(2-{[6-(2-CYANOPHENOXY)PYRIMIDIN-4-YL]OXY}PHENYL)-3-METHOXYACRYLATE' 'C22 H17 N3 O5'
BOG D-saccharide 'octyl beta-D-glucopyranoside' 'C14 H28 O6'
CDL non-polymer CARDIOLIPIN 'C81 H156 O17 P2 -2'
FES non-polymer 'FE2/S2 (INORGANIC) CLUSTER' 'Fe2 S2'
GOL non-polymer GLYCEROL 'C3 H8 O3'
HEC non-polymer 'HEME C' 'C34 H34 Fe N4 O4'
HEM non-polymer 'PROTOPORPHYRIN IX CONTAINING FE' 'C34 H32 Fe N4 O4'
PEE non-polymer 1,2-dioleoyl-sn-glycero-3-phosphoethanolamine 'C41 H78 N O8 P'
UQ non-polymer 'Coenzyme Q10, (2Z,6E,10Z,14E,18E,22E,26Z)-isomer' 'C59 H90 O4'
#
# COMPACT_ATOMS: atom_id res chain seq x y z
N ALA A 1 -24.36 -31.94 50.21
CA ALA A 1 -25.30 -31.56 51.29
C ALA A 1 -26.57 -30.92 50.73
N ALA A 2 -26.93 -29.76 51.28
CA ALA A 2 -28.11 -29.02 50.83
C ALA A 2 -27.86 -28.43 49.44
N THR A 3 -28.92 -28.38 48.63
CA THR A 3 -28.80 -27.83 47.28
C THR A 3 -28.88 -26.30 47.26
N TYR A 4 -28.55 -25.74 46.10
CA TYR A 4 -28.58 -24.30 45.88
C TYR A 4 -30.03 -23.87 46.01
N ALA A 5 -30.93 -24.74 45.56
CA ALA A 5 -32.36 -24.47 45.62
C ALA A 5 -32.81 -24.25 47.06
N GLN A 6 -32.50 -25.21 47.92
CA GLN A 6 -32.87 -25.16 49.34
C GLN A 6 -32.22 -24.01 50.09
N THR A 7 -30.90 -23.88 49.96
CA THR A 7 -30.18 -22.80 50.64
C THR A 7 -30.84 -21.47 50.35
N LEU A 8 -31.44 -21.34 49.17
CA LEU A 8 -32.12 -20.10 48.80
C LEU A 8 -33.40 -19.91 49.60
N GLN A 9 -34.10 -21.01 49.81
CA GLN A 9 -35.35 -20.99 50.56
C GLN A 9 -35.13 -20.71 52.05
N ASN A 10 -34.09 -21.30 52.61
CA ASN A 10 -33.80 -21.11 54.03
C ASN A 10 -33.22 -19.76 54.41
N ILE A 11 -33.21 -18.82 53.48
CA ILE A 11 -32.68 -17.51 53.81
C ILE A 11 -33.72 -16.72 54.60
N PRO A 12 -33.34 -16.26 55.80
CA PRO A 12 -34.25 -15.49 56.65
C PRO A 12 -34.95 -14.38 55.88
N GLU A 13 -36.25 -14.27 56.08
CA GLU A 13 -37.06 -13.28 55.40
C GLU A 13 -36.77 -11.85 55.84
N THR A 14 -37.07 -10.91 54.96
CA THR A 14 -36.87 -9.50 55.25
C THR A 14 -38.16 -8.97 55.82
N ASN A 15 -38.09 -8.40 57.02
CA ASN A 15 -39.27 -7.86 57.67
C ASN A 15 -39.40 -6.39 57.40
N VAL A 16 -40.58 -5.97 56.97
CA VAL A 16 -40.84 -4.57 56.69
C VAL A 16 -42.10 -4.11 57.42
N THR A 17 -41.99 -3.02 58.17
CA THR A 17 -43.15 -2.47 58.86
C THR A 17 -43.06 -0.96 58.74
N THR A 18 -44.17 -0.35 58.36
CA THR A 18 -44.23 1.10 58.19
C THR A 18 -44.69 1.78 59.47
N LEU A 19 -44.14 2.95 59.76
CA LEU A 19 -44.56 3.67 60.95
C LEU A 19 -45.77 4.52 60.60
N ASP A 20 -46.09 5.49 61.45
CA ASP A 20 -47.24 6.36 61.20
C ASP A 20 -46.82 7.61 60.44
N ASN A 21 -45.56 7.99 60.57
CA ASN A 21 -45.05 9.16 59.87
C ASN A 21 -44.74 8.78 58.43
N GLY A 22 -44.91 7.50 58.12
CA GLY A 22 -44.67 7.01 56.77
C GLY A 22 -43.33 6.31 56.55
N LEU A 23 -42.46 6.36 57.55
CA LEU A 23 -41.16 5.72 57.43
C LEU A 23 -41.30 4.20 57.43
N ARG A 24 -40.47 3.54 56.64
CA ARG A 24 -40.50 2.08 56.56
C ARG A 24 -39.24 1.51 57.19
N VAL A 25 -39.42 0.47 57.99
CA VAL A 25 -38.30 -0.16 58.65
C VAL A 25 -38.21 -1.59 58.17
N ALA A 26 -37.04 -1.94 57.65
CA ALA A 26 -36.79 -3.28 57.13
C ALA A 26 -35.47 -3.82 57.64
N SER A 27 -35.37 -5.15 57.68
CA SER A 27 -34.17 -5.80 58.18
C SER A 27 -34.11 -7.28 57.88
N GLU A 28 -32.89 -7.81 57.87
CA GLU A 28 -32.66 -9.23 57.66
C GLU A 28 -31.78 -9.66 58.80
N GLU A 29 -32.36 -10.42 59.72
CA GLU A 29 -31.67 -10.90 60.90
C GLU A 29 -30.86 -12.14 60.61
N SER A 30 -29.58 -12.06 60.92
CA SER A 30 -28.64 -13.15 60.73
C SER A 30 -28.08 -13.43 62.11
N SER A 31 -27.24 -14.45 62.20
CA SER A 31 -26.64 -14.81 63.47
C SER A 31 -25.28 -14.10 63.63
N GLN A 32 -25.16 -12.86 63.15
CA GLN A 32 -23.90 -12.15 63.24
C GLN A 32 -23.76 -11.07 64.33
N PRO A 33 -22.67 -11.15 65.11
CA PRO A 33 -22.30 -10.27 66.22
C PRO A 33 -22.09 -8.83 65.80
N THR A 34 -21.93 -8.65 64.50
CA THR A 34 -21.70 -7.33 63.93
C THR A 34 -22.89 -7.05 63.02
N CYS A 35 -23.15 -5.77 62.75
CA CYS A 35 -24.28 -5.42 61.89
C CYS A 35 -24.12 -4.08 61.15
N THR A 36 -25.10 -3.78 60.31
CA THR A 36 -25.15 -2.54 59.55
C THR A 36 -26.58 -2.04 59.53
N VAL A 37 -26.76 -0.77 59.87
CA VAL A 37 -28.08 -0.18 59.82
C VAL A 37 -27.85 1.20 59.25
N GLY A 38 -28.77 1.64 58.41
CA GLY A 38 -28.65 2.94 57.83
C GLY A 38 -29.98 3.33 57.22
N VAL A 39 -30.05 4.57 56.78
CA VAL A 39 -31.25 5.09 56.15
C VAL A 39 -30.96 5.41 54.67
N TRP A 40 -31.78 4.83 53.78
CA TRP A 40 -31.67 5.04 52.36
C TRP A 40 -32.78 6.04 51.99
N ILE A 41 -32.37 7.17 51.43
CA ILE A 41 -33.29 8.22 51.06
C ILE A 41 -33.54 8.38 49.56
N GLY A 42 -34.79 8.56 49.21
CA GLY A 42 -35.16 8.76 47.82
C GLY A 42 -34.92 10.22 47.42
N ALA A 43 -33.66 10.63 47.49
CA ALA A 43 -33.24 11.98 47.12
C ALA A 43 -31.91 11.89 46.33
N GLY A 44 -31.54 12.99 45.68
CA GLY A 44 -30.31 13.00 44.90
C GLY A 44 -30.31 14.19 43.96
N SER A 45 -29.29 14.31 43.13
CA SER A 45 -29.16 15.43 42.20
C SER A 45 -30.34 15.57 41.26
N ARG A 46 -30.98 14.46 40.91
CA ARG A 46 -32.12 14.56 40.01
C ARG A 46 -33.25 15.36 40.66
N TYR A 47 -33.28 15.38 41.99
CA TYR A 47 -34.31 16.13 42.69
C TYR A 47 -33.88 17.57 42.84
N GLU A 48 -32.64 17.87 42.46
CA GLU A 48 -32.17 19.24 42.58
C GLU A 48 -32.67 20.02 41.37
N ASN A 49 -32.35 21.30 41.35
CA ASN A 49 -32.73 22.16 40.24
C ASN A 49 -31.46 22.90 39.80
N GLU A 50 -31.60 23.79 38.83
CA GLU A 50 -30.47 24.52 38.31
C GLU A 50 -29.74 25.40 39.34
N LYS A 51 -30.44 25.80 40.40
CA LYS A 51 -29.83 26.67 41.40
C LYS A 51 -29.31 26.01 42.67
N ASN A 52 -29.82 24.82 42.99
CA ASN A 52 -29.35 24.15 44.18
C ASN A 52 -28.58 22.86 43.84
N ASN A 53 -28.30 22.67 42.55
CA ASN A 53 -27.55 21.50 42.08
C ASN A 53 -26.26 21.41 42.90
N GLY A 54 -26.05 20.28 43.56
CA GLY A 54 -24.86 20.09 44.36
C GLY A 54 -25.13 20.25 45.85
N ALA A 55 -26.38 20.57 46.21
CA ALA A 55 -26.79 20.74 47.60
C ALA A 55 -26.71 19.39 48.32
N GLY A 56 -27.41 18.40 47.78
CA GLY A 56 -27.40 17.08 48.39
C GLY A 56 -25.99 16.55 48.62
N TYR A 57 -25.04 17.00 47.79
CA TYR A 57 -23.66 16.57 47.92
C TYR A 57 -23.00 17.39 49.01
N PHE A 58 -23.33 18.68 49.02
CA PHE A 58 -22.81 19.60 50.02
C PHE A 58 -23.35 19.14 51.39
N VAL A 59 -24.56 18.59 51.38
CA VAL A 59 -25.19 18.07 52.60
C VAL A 59 -24.51 16.79 53.04
N GLU A 60 -24.01 16.03 52.07
CA GLU A 60 -23.32 14.79 52.37
C GLU A 60 -22.04 15.08 53.15
N HIS A 61 -21.41 16.21 52.83
CA HIS A 61 -20.17 16.64 53.49
C HIS A 61 -20.38 17.15 54.91
N LEU A 62 -21.61 17.51 55.25
CA LEU A 62 -21.90 18.04 56.58
C LEU A 62 -22.61 17.01 57.44
N ALA A 63 -23.32 16.10 56.79
CA ALA A 63 -24.05 15.05 57.50
C ALA A 63 -23.25 14.45 58.65
N PHE A 64 -21.93 14.49 58.55
CA PHE A 64 -21.08 13.91 59.58
C PHE A 64 -20.35 14.89 60.49
N LYS A 65 -20.34 16.17 60.15
CA LYS A 65 -19.65 17.15 60.98
C LYS A 65 -20.45 17.61 62.19
N GLY A 66 -21.25 16.69 62.76
CA GLY A 66 -22.03 17.01 63.94
C GLY A 66 -23.44 17.56 63.77
N THR A 67 -24.29 17.20 64.72
CA THR A 67 -25.69 17.61 64.76
C THR A 67 -25.85 18.69 65.82
N LYS A 68 -27.10 19.07 66.08
CA LYS A 68 -27.37 20.09 67.09
C LYS A 68 -27.30 19.53 68.49
N LYS A 69 -27.72 18.28 68.67
CA LYS A 69 -27.66 17.68 69.99
C LYS A 69 -26.20 17.49 70.44
N ARG A 70 -25.33 17.09 69.51
CA ARG A 70 -23.91 16.89 69.84
C ARG A 70 -22.96 17.34 68.73
N PRO A 71 -22.27 18.47 68.94
CA PRO A 71 -21.32 19.08 68.01
C PRO A 71 -20.27 18.14 67.42
N CYS A 72 -19.55 18.64 66.40
CA CYS A 72 -18.52 17.89 65.67
C CYS A 72 -17.68 16.94 66.52
N ALA A 73 -16.71 17.50 67.24
CA ALA A 73 -15.82 16.71 68.09
C ALA A 73 -16.59 15.62 68.83
N ALA A 74 -17.64 16.05 69.52
CA ALA A 74 -18.48 15.15 70.30
C ALA A 74 -19.01 14.00 69.47
N PHE A 75 -19.58 14.34 68.32
CA PHE A 75 -20.15 13.34 67.43
C PHE A 75 -19.13 12.29 67.01
N GLU A 76 -18.04 12.74 66.41
CA GLU A 76 -17.02 11.83 65.93
C GLU A 76 -16.51 10.93 67.05
N LYS A 77 -16.11 11.55 68.15
CA LYS A 77 -15.60 10.81 69.29
C LYS A 77 -16.55 9.73 69.78
N GLU A 78 -17.85 9.99 69.72
CA GLU A 78 -18.81 9.01 70.17
C GLU A 78 -18.90 7.80 69.26
N VAL A 79 -18.75 8.01 67.95
CA VAL A 79 -18.83 6.91 66.98
C VAL A 79 -17.53 6.12 66.96
N GLU A 80 -16.43 6.84 66.87
CA GLU A 80 -15.11 6.23 66.86
C GLU A 80 -14.92 5.32 68.07
N SER A 81 -15.16 5.90 69.24
CA SER A 81 -15.00 5.20 70.52
C SER A 81 -15.79 3.91 70.69
N MET A 82 -16.80 3.68 69.85
CA MET A 82 -17.57 2.45 69.96
C MET A 82 -17.20 1.46 68.86
N GLY A 83 -16.19 1.83 68.09
CA GLY A 83 -15.71 0.98 67.00
C GLY A 83 -16.62 0.91 65.79
N ALA A 84 -17.58 1.84 65.71
CA ALA A 84 -18.52 1.88 64.61
C ALA A 84 -17.97 2.63 63.39
N HIS A 85 -18.36 2.17 62.20
CA HIS A 85 -17.94 2.81 60.95
C HIS A 85 -19.11 3.58 60.37
N PHE A 86 -18.88 4.87 60.13
CA PHE A 86 -19.93 5.70 59.56
C PHE A 86 -19.59 6.09 58.12
N ASN A 87 -20.47 5.72 57.21
CA ASN A 87 -20.28 6.03 55.81
C ASN A 87 -21.60 6.34 55.13
N GLY A 88 -21.52 6.85 53.91
CA GLY A 88 -22.71 7.18 53.15
C GLY A 88 -22.36 7.71 51.78
N TYR A 89 -23.38 7.96 50.97
CA TYR A 89 -23.16 8.47 49.64
C TYR A 89 -24.40 9.15 49.08
N THR A 90 -24.26 9.69 47.89
CA THR A 90 -25.36 10.35 47.24
C THR A 90 -25.21 10.20 45.72
N SER A 91 -26.26 9.73 45.07
CA SER A 91 -26.26 9.53 43.64
C SER A 91 -27.27 10.50 43.01
N ARG A 92 -27.81 10.11 41.85
CA ARG A 92 -28.77 10.95 41.16
C ARG A 92 -30.18 10.80 41.70
N GLU A 93 -30.55 9.58 42.08
CA GLU A 93 -31.89 9.34 42.61
C GLU A 93 -31.89 8.65 43.97
N GLN A 94 -30.74 8.53 44.61
CA GLN A 94 -30.70 7.83 45.89
C GLN A 94 -29.56 8.31 46.76
N THR A 95 -29.83 8.47 48.05
CA THR A 95 -28.82 8.90 49.01
C THR A 95 -28.86 7.91 50.18
N ALA A 96 -27.75 7.78 50.91
CA ALA A 96 -27.72 6.86 52.02
C ALA A 96 -26.64 7.20 53.04
N PHE A 97 -26.98 6.95 54.30
CA PHE A 97 -26.07 7.15 55.43
C PHE A 97 -26.26 5.87 56.24
N TYR A 98 -25.19 5.09 56.37
CA TYR A 98 -25.30 3.84 57.11
C TYR A 98 -24.12 3.62 58.05
N ILE A 99 -24.33 2.82 59.09
CA ILE A 99 -23.28 2.54 60.06
C ILE A 99 -23.04 1.06 60.27
N LYS A 100 -21.77 0.74 60.52
CA LYS A 100 -21.34 -0.63 60.77
C LYS A 100 -20.86 -0.70 62.21
N ALA A 101 -21.55 -1.50 63.03
CA ALA A 101 -21.19 -1.65 64.44
C ALA A 101 -21.59 -3.03 64.91
N LEU A 102 -21.49 -3.25 66.21
CA LEU A 102 -21.86 -4.53 66.82
C LEU A 102 -23.37 -4.48 67.01
N SER A 103 -24.04 -5.61 66.80
CA SER A 103 -25.49 -5.65 66.95
C SER A 103 -25.92 -5.11 68.32
N LYS A 104 -25.03 -5.27 69.29
CA LYS A 104 -25.22 -4.80 70.65
C LYS A 104 -25.59 -3.31 70.69
N ASP A 105 -25.03 -2.53 69.78
CA ASP A 105 -25.29 -1.09 69.77
C ASP A 105 -26.36 -0.68 68.78
N MET A 106 -27.01 -1.65 68.16
CA MET A 106 -28.05 -1.37 67.17
C MET A 106 -28.95 -0.19 67.55
N PRO A 107 -29.40 -0.12 68.81
CA PRO A 107 -30.25 1.01 69.20
C PRO A 107 -29.52 2.36 69.31
N LYS A 108 -28.32 2.36 69.86
CA LYS A 108 -27.56 3.61 69.99
C LYS A 108 -27.26 4.13 68.59
N VAL A 109 -27.06 3.18 67.67
CA VAL A 109 -26.78 3.54 66.29
C VAL A 109 -28.00 4.26 65.75
N VAL A 110 -29.14 3.58 65.76
CA VAL A 110 -30.38 4.15 65.27
C VAL A 110 -30.61 5.56 65.75
N GLU A 111 -30.20 5.84 66.99
CA GLU A 111 -30.37 7.18 67.57
C GLU A 111 -29.45 8.15 66.87
N LEU A 112 -28.23 7.70 66.59
CA LEU A 112 -27.25 8.53 65.90
C LEU A 112 -27.75 8.85 64.50
N LEU A 113 -28.22 7.82 63.79
CA LEU A 113 -28.73 7.99 62.44
C LEU A 113 -29.77 9.09 62.43
N ALA A 114 -30.91 8.82 63.06
CA ALA A 114 -31.99 9.79 63.14
C ALA A 114 -31.48 11.18 63.54
N ASP A 115 -30.46 11.24 64.37
CA ASP A 115 -29.94 12.54 64.79
C ASP A 115 -29.29 13.23 63.60
N VAL A 116 -28.64 12.44 62.74
CA VAL A 116 -27.95 12.93 61.56
C VAL A 116 -28.87 13.47 60.47
N VAL A 117 -29.82 12.65 60.03
CA VAL A 117 -30.76 13.04 58.98
C VAL A 117 -31.74 14.10 59.44
N GLN A 118 -32.10 14.09 60.73
CA GLN A 118 -33.05 15.05 61.25
C GLN A 118 -32.47 16.31 61.88
N ASN A 119 -31.27 16.23 62.45
CA ASN A 119 -30.68 17.40 63.11
C ASN A 119 -29.33 17.93 62.67
N CYS A 120 -28.98 17.75 61.40
CA CYS A 120 -27.69 18.26 60.95
C CYS A 120 -27.48 19.68 61.45
N ALA A 121 -26.32 19.93 62.06
CA ALA A 121 -26.00 21.24 62.60
C ALA A 121 -25.95 22.34 61.54
N LEU A 122 -25.35 22.02 60.39
CA LEU A 122 -25.21 23.01 59.32
C LEU A 122 -24.49 24.23 59.86
N GLU A 123 -23.40 23.98 60.57
CA GLU A 123 -22.60 25.05 61.15
C GLU A 123 -22.06 26.00 60.08
N GLU A 124 -22.38 27.28 60.21
CA GLU A 124 -21.93 28.27 59.23
C GLU A 124 -20.42 28.27 58.97
N SER A 125 -19.63 28.05 60.01
CA SER A 125 -18.18 28.04 59.84
C SER A 125 -17.73 26.79 59.10
N GLN A 126 -18.49 25.71 59.28
CA GLN A 126 -18.19 24.43 58.64
C GLN A 126 -18.47 24.51 57.15
N ILE A 127 -19.61 25.06 56.79
CA ILE A 127 -19.98 25.19 55.39
C ILE A 127 -18.88 25.88 54.58
N GLU A 128 -18.24 26.90 55.14
CA GLU A 128 -17.20 27.59 54.41
C GLU A 128 -15.96 26.74 54.22
N LYS A 129 -15.80 25.73 55.06
CA LYS A 129 -14.63 24.87 54.97
C LYS A 129 -14.88 23.73 53.98
N GLU A 130 -16.08 23.14 54.02
CA GLU A 130 -16.44 22.06 53.12
C GLU A 130 -16.55 22.59 51.69
N ARG A 131 -16.73 23.89 51.58
CA ARG A 131 -16.83 24.57 50.30
C ARG A 131 -15.49 24.43 49.59
N GLY A 132 -14.42 24.64 50.34
CA GLY A 132 -13.09 24.53 49.78
C GLY A 132 -12.76 23.08 49.47
N VAL A 133 -13.22 22.18 50.35
CA VAL A 133 -12.96 20.74 50.19
C VAL A 133 -13.63 20.20 48.93
N ILE A 134 -14.91 20.49 48.80
CA ILE A 134 -15.66 20.04 47.64
C ILE A 134 -15.00 20.55 46.39
N LEU A 135 -14.57 21.81 46.39
CA LEU A 135 -13.90 22.37 45.22
C LEU A 135 -12.63 21.59 44.87
N GLN A 136 -12.00 21.00 45.88
CA GLN A 136 -10.81 20.20 45.67
C GLN A 136 -11.19 18.86 45.10
N GLU A 137 -12.25 18.26 45.62
CA GLU A 137 -12.68 16.96 45.15
C GLU A 137 -13.12 17.04 43.69
N LEU A 138 -13.50 18.23 43.25
CA LEU A 138 -13.94 18.37 41.87
C LEU A 138 -12.73 18.24 40.96
N LYS A 139 -11.64 18.91 41.33
CA LYS A 139 -10.41 18.85 40.55
C LYS A 139 -9.84 17.46 40.55
N GLU A 140 -9.99 16.74 41.65
CA GLU A 140 -9.48 15.38 41.73
C GLU A 140 -10.30 14.50 40.79
N MET A 141 -11.62 14.54 40.95
CA MET A 141 -12.51 13.72 40.13
C MET A 141 -12.43 14.08 38.65
N ASP A 142 -11.91 15.25 38.38
CA ASP A 142 -11.78 15.72 37.01
C ASP A 142 -10.74 14.90 36.30
N ASN A 143 -9.83 14.32 37.06
CA ASN A 143 -8.81 13.50 36.46
C ASN A 143 -9.17 12.02 36.45
N ASP A 144 -10.44 11.70 36.66
CA ASP A 144 -10.87 10.31 36.62
C ASP A 144 -11.71 10.14 35.36
N MET A 145 -11.03 9.92 34.25
CA MET A 145 -11.66 9.75 32.94
C MET A 145 -12.93 8.93 32.94
N THR A 146 -12.96 7.84 33.72
CA THR A 146 -14.13 6.99 33.75
C THR A 146 -15.37 7.69 34.25
N ASN A 147 -15.22 8.51 35.27
CA ASN A 147 -16.37 9.24 35.78
C ASN A 147 -16.63 10.46 34.93
N VAL A 148 -15.59 11.09 34.39
CA VAL A 148 -15.81 12.23 33.51
C VAL A 148 -16.67 11.76 32.35
N THR A 149 -16.39 10.56 31.88
CA THR A 149 -17.12 9.98 30.76
C THR A 149 -18.57 9.67 31.04
N PHE A 150 -18.85 9.04 32.17
CA PHE A 150 -20.23 8.71 32.50
C PHE A 150 -21.04 9.97 32.78
N ASP A 151 -20.37 11.01 33.27
CA ASP A 151 -21.06 12.27 33.53
C ASP A 151 -21.46 12.84 32.17
N TYR A 152 -20.51 12.92 31.26
CA TYR A 152 -20.78 13.40 29.93
C TYR A 152 -21.87 12.57 29.29
N LEU A 153 -21.83 11.26 29.49
CA LEU A 153 -22.85 10.39 28.90
C LEU A 153 -24.23 10.81 29.36
N HIS A 154 -24.37 11.15 30.64
CA HIS A 154 -25.64 11.59 31.17
C HIS A 154 -25.96 12.99 30.64
N ALA A 155 -24.95 13.85 30.66
CA ALA A 155 -25.07 15.22 30.19
C ALA A 155 -25.70 15.28 28.81
N THR A 156 -25.39 14.30 27.98
CA THR A 156 -25.94 14.31 26.63
C THR A 156 -27.12 13.36 26.44
N ALA A 157 -27.03 12.16 27.01
CA ALA A 157 -28.12 11.20 26.89
C ALA A 157 -29.41 11.79 27.46
N PHE A 158 -29.27 12.64 28.47
CA PHE A 158 -30.42 13.27 29.11
C PHE A 158 -30.33 14.79 29.06
N GLN A 159 -29.67 15.29 28.02
CA GLN A 159 -29.50 16.73 27.83
C GLN A 159 -30.82 17.46 28.01
N GLY A 160 -30.75 18.62 28.66
CA GLY A 160 -31.94 19.41 28.88
C GLY A 160 -32.88 18.90 29.95
N THR A 161 -32.40 18.01 30.81
CA THR A 161 -33.24 17.49 31.89
C THR A 161 -32.49 17.45 33.21
N ALA A 162 -33.19 16.99 34.24
CA ALA A 162 -32.62 16.89 35.57
C ALA A 162 -31.52 15.81 35.62
N LEU A 163 -31.74 14.68 34.93
CA LEU A 163 -30.76 13.62 34.93
C LEU A 163 -29.47 13.99 34.21
N ALA A 164 -29.44 15.16 33.57
CA ALA A 164 -28.25 15.61 32.84
C ALA A 164 -27.18 16.19 33.76
N ARG A 165 -27.55 16.44 35.01
CA ARG A 165 -26.61 17.02 35.94
C ARG A 165 -25.80 16.01 36.74
N THR A 166 -24.57 16.43 37.10
CA THR A 166 -23.67 15.62 37.91
C THR A 166 -24.18 15.65 39.35
N VAL A 167 -23.69 14.72 40.17
CA VAL A 167 -24.12 14.67 41.56
C VAL A 167 -23.44 15.74 42.40
N GLU A 168 -22.19 16.03 42.08
CA GLU A 168 -21.45 17.02 42.84
C GLU A 168 -21.89 18.44 42.56
N GLY A 169 -22.56 18.67 41.45
CA GLY A 169 -22.97 20.03 41.15
C GLY A 169 -21.94 20.84 40.39
N THR A 170 -22.21 22.13 40.24
CA THR A 170 -21.35 23.04 39.50
C THR A 170 -20.44 23.89 40.37
N THR A 171 -19.39 24.43 39.76
CA THR A 171 -18.46 25.27 40.49
C THR A 171 -19.22 26.44 41.06
N GLU A 172 -20.10 27.03 40.26
CA GLU A 172 -20.87 28.16 40.74
C GLU A 172 -21.77 27.77 41.89
N ASN A 173 -22.64 26.80 41.68
CA ASN A 173 -23.54 26.36 42.74
C ASN A 173 -22.79 26.11 44.05
N ILE A 174 -21.60 25.53 43.96
CA ILE A 174 -20.82 25.21 45.15
C ILE A 174 -20.18 26.43 45.76
N LYS A 175 -19.86 27.40 44.92
CA LYS A 175 -19.25 28.63 45.42
C LYS A 175 -20.29 29.53 46.08
N HIS A 176 -21.56 29.33 45.78
CA HIS A 176 -22.59 30.19 46.32
C HIS A 176 -23.70 29.58 47.18
N LEU A 177 -23.83 28.25 47.19
CA LEU A 177 -24.88 27.62 47.99
C LEU A 177 -24.83 28.19 49.41
N THR A 178 -25.99 28.34 50.02
CA THR A 178 -26.11 28.91 51.35
C THR A 178 -26.65 27.99 52.44
N ARG A 179 -26.37 28.37 53.69
CA ARG A 179 -26.81 27.63 54.86
C ARG A 179 -28.31 27.34 54.66
N ALA A 180 -28.99 28.29 54.05
CA ALA A 180 -30.42 28.18 53.80
C ALA A 180 -30.72 27.05 52.81
N ASP A 181 -30.11 27.15 51.63
CA ASP A 181 -30.30 26.17 50.57
C ASP A 181 -30.09 24.75 51.06
N LEU A 182 -29.08 24.57 51.90
CA LEU A 182 -28.76 23.26 52.45
C LEU A 182 -29.87 22.88 53.43
N ALA A 183 -30.21 23.81 54.30
CA ALA A 183 -31.26 23.58 55.28
C ALA A 183 -32.52 23.21 54.53
N SER A 184 -32.83 24.05 53.54
CA SER A 184 -34.00 23.85 52.70
C SER A 184 -34.01 22.48 52.06
N TYR A 185 -32.89 22.11 51.43
CA TYR A 185 -32.76 20.83 50.77
C TYR A 185 -33.14 19.72 51.74
N ILE A 186 -32.53 19.75 52.92
CA ILE A 186 -32.77 18.75 53.94
C ILE A 186 -34.23 18.70 54.36
N ASP A 187 -34.78 19.87 54.71
CA ASP A 187 -36.17 19.99 55.15
C ASP A 187 -37.15 19.60 54.07
N THR A 188 -36.75 19.76 52.81
CA THR A 188 -37.59 19.44 51.67
C THR A 188 -37.56 17.96 51.31
N HIS A 189 -36.37 17.35 51.37
CA HIS A 189 -36.22 15.97 50.95
C HIS A 189 -36.10 14.85 51.97
N PHE A 190 -35.37 15.07 53.06
CA PHE A 190 -35.22 14.01 54.07
C PHE A 190 -36.50 13.89 54.89
N LYS A 191 -37.44 13.09 54.42
CA LYS A 191 -38.72 12.93 55.10
C LYS A 191 -39.19 11.48 55.14
N ALA A 192 -39.65 11.06 56.30
CA ALA A 192 -40.13 9.70 56.56
C ALA A 192 -40.73 8.90 55.41
N PRO A 193 -41.73 9.45 54.71
CA PRO A 193 -42.31 8.68 53.61
C PRO A 193 -41.32 8.34 52.49
N ARG A 194 -40.31 9.20 52.35
CA ARG A 194 -39.27 9.05 51.33
C ARG A 194 -38.00 8.36 51.87
N MET A 195 -38.03 7.95 53.13
CA MET A 195 -36.90 7.28 53.76
C MET A 195 -37.17 5.81 54.13
N VAL A 196 -36.10 5.06 54.31
CA VAL A 196 -36.20 3.68 54.70
C VAL A 196 -35.04 3.40 55.63
N LEU A 197 -35.37 2.84 56.79
CA LEU A 197 -34.35 2.48 57.77
C LEU A 197 -34.18 0.98 57.60
N ALA A 198 -33.06 0.57 57.03
CA ALA A 198 -32.80 -0.84 56.82
C ALA A 198 -31.65 -1.28 57.67
N ALA A 199 -31.69 -2.53 58.10
CA ALA A 199 -30.63 -3.07 58.93
C ALA A 199 -30.44 -4.54 58.64
N ALA A 200 -29.19 -4.99 58.77
CA ALA A 200 -28.87 -6.39 58.55
C ALA A 200 -27.76 -6.82 59.52
N GLY A 201 -27.82 -8.09 59.91
CA GLY A 201 -26.85 -8.64 60.85
C GLY A 201 -27.61 -9.30 61.98
N GLY A 202 -27.10 -9.19 63.20
CA GLY A 202 -27.77 -9.79 64.34
C GLY A 202 -28.66 -8.76 65.02
N ILE A 203 -29.84 -8.53 64.46
CA ILE A 203 -30.75 -7.56 65.04
C ILE A 203 -32.18 -8.05 65.07
N SER A 204 -32.90 -7.64 66.12
CA SER A 204 -34.30 -8.01 66.27
C SER A 204 -35.13 -6.95 65.54
N HIS A 205 -35.90 -7.39 64.55
CA HIS A 205 -36.73 -6.47 63.81
C HIS A 205 -37.50 -5.59 64.78
N LYS A 206 -38.12 -6.24 65.76
CA LYS A 206 -38.91 -5.57 66.78
C LYS A 206 -38.09 -4.58 67.59
N GLU A 207 -36.90 -4.98 68.02
CA GLU A 207 -36.06 -4.07 68.79
C GLU A 207 -35.71 -2.86 67.92
N LEU A 208 -35.59 -3.13 66.62
CA LEU A 208 -35.26 -2.10 65.65
C LEU A 208 -36.39 -1.08 65.53
N VAL A 209 -37.58 -1.58 65.19
CA VAL A 209 -38.74 -0.73 65.04
C VAL A 209 -39.10 0.03 66.33
N ASP A 210 -38.82 -0.60 67.47
CA ASP A 210 -39.11 0.06 68.75
C ASP A 210 -38.17 1.25 68.85
N ALA A 211 -36.89 0.98 68.66
CA ALA A 211 -35.88 2.02 68.71
C ALA A 211 -36.20 3.07 67.65
N ALA A 212 -36.87 2.65 66.59
CA ALA A 212 -37.22 3.54 65.49
C ALA A 212 -38.34 4.52 65.88
N ARG A 213 -39.47 3.97 66.34
CA ARG A 213 -40.62 4.76 66.76
C ARG A 213 -40.17 5.86 67.69
N GLN A 214 -39.19 5.52 68.51
CA GLN A 214 -38.64 6.42 69.50
C GLN A 214 -37.83 7.60 68.97
N HIS A 215 -37.05 7.41 67.91
CA HIS A 215 -36.23 8.50 67.38
C HIS A 215 -36.68 9.15 66.08
N PHE A 216 -37.58 8.49 65.36
CA PHE A 216 -38.12 9.05 64.14
C PHE A 216 -39.54 9.47 64.52
N SER A 217 -39.62 10.67 65.07
CA SER A 217 -40.88 11.25 65.55
C SER A 217 -41.68 12.01 64.49
N GLY A 218 -41.19 13.21 64.15
CA GLY A 218 -41.82 14.06 63.16
C GLY A 218 -43.01 13.46 62.41
N VAL A 219 -44.21 13.72 62.90
CA VAL A 219 -45.42 13.21 62.25
C VAL A 219 -46.16 14.34 61.52
N SER A 220 -46.28 14.15 60.21
CA SER A 220 -46.92 15.09 59.30
C SER A 220 -48.38 15.44 59.61
N PHE A 221 -48.78 16.65 59.20
CA PHE A 221 -50.13 17.13 59.42
C PHE A 221 -50.97 17.15 58.15
N THR A 222 -50.44 17.82 57.14
CA THR A 222 -51.12 17.94 55.84
C THR A 222 -50.90 16.69 54.99
N TYR A 223 -51.70 16.53 53.95
CA TYR A 223 -51.61 15.40 53.02
C TYR A 223 -50.36 15.55 52.17
N LYS A 224 -49.93 16.79 51.97
CA LYS A 224 -48.75 17.07 51.18
C LYS A 224 -47.53 16.41 51.79
N GLU A 225 -47.33 16.62 53.09
CA GLU A 225 -46.18 16.08 53.80
C GLU A 225 -45.95 14.58 53.67
N ASP A 226 -47.01 13.77 53.56
CA ASP A 226 -46.77 12.33 53.45
C ASP A 226 -47.07 11.69 52.09
N ALA A 227 -46.99 12.51 51.04
CA ALA A 227 -47.17 12.05 49.66
C ALA A 227 -45.77 12.08 49.04
N VAL A 228 -45.39 11.01 48.35
CA VAL A 228 -44.08 10.93 47.70
C VAL A 228 -44.20 11.54 46.30
N PRO A 229 -43.46 12.64 46.04
CA PRO A 229 -43.46 13.37 44.76
C PRO A 229 -42.97 12.61 43.54
N ILE A 230 -43.78 12.64 42.48
CA ILE A 230 -43.46 11.98 41.22
C ILE A 230 -42.63 12.99 40.42
N LEU A 231 -41.47 12.57 39.96
CA LEU A 231 -40.58 13.44 39.21
C LEU A 231 -40.94 13.58 37.74
N PRO A 232 -40.75 14.80 37.18
CA PRO A 232 -41.05 15.00 35.76
C PRO A 232 -40.10 14.11 34.96
N ARG A 233 -40.63 13.46 33.93
CA ARG A 233 -39.84 12.56 33.11
C ARG A 233 -38.70 13.20 32.34
N CYS A 234 -37.62 12.43 32.19
CA CYS A 234 -36.41 12.89 31.48
C CYS A 234 -36.32 12.31 30.07
N ARG A 235 -36.29 13.20 29.09
CA ARG A 235 -36.21 12.84 27.67
C ARG A 235 -34.82 12.38 27.28
N PHE A 236 -34.77 11.21 26.65
CA PHE A 236 -33.51 10.65 26.18
C PHE A 236 -33.19 11.19 24.79
N THR A 237 -31.91 11.38 24.49
CA THR A 237 -31.52 11.87 23.17
C THR A 237 -30.36 11.15 22.54
N GLY A 238 -30.60 10.55 21.37
CA GLY A 238 -29.51 9.90 20.68
C GLY A 238 -28.60 11.04 20.29
N SER A 239 -27.36 11.02 20.76
CA SER A 239 -26.45 12.11 20.44
C SER A 239 -25.08 11.78 20.95
N GLU A 240 -24.13 12.66 20.66
CA GLU A 240 -22.77 12.44 21.11
C GLU A 240 -22.15 13.73 21.60
N ILE A 241 -21.11 13.56 22.40
CA ILE A 241 -20.33 14.65 22.96
C ILE A 241 -18.91 14.10 22.90
N ARG A 242 -18.02 14.85 22.30
CA ARG A 242 -16.64 14.45 22.12
C ARG A 242 -15.74 15.46 22.78
N ALA A 243 -15.04 15.03 23.81
CA ALA A 243 -14.13 15.89 24.53
C ALA A 243 -12.75 15.38 24.14
N ARG A 244 -12.14 16.08 23.20
CA ARG A 244 -10.85 15.67 22.71
C ARG A 244 -9.66 16.35 23.35
N ASP A 245 -8.69 15.51 23.71
CA ASP A 245 -7.45 15.96 24.31
C ASP A 245 -6.43 14.91 23.90
N ASP A 246 -5.70 15.19 22.83
CA ASP A 246 -4.74 14.20 22.38
C ASP A 246 -3.61 13.99 23.37
N ALA A 247 -3.47 14.90 24.32
CA ALA A 247 -2.42 14.78 25.31
C ALA A 247 -2.71 13.70 26.35
N LEU A 248 -3.93 13.16 26.37
CA LEU A 248 -4.26 12.09 27.31
C LEU A 248 -3.74 10.79 26.71
N PRO A 249 -3.14 9.91 27.54
CA PRO A 249 -2.58 8.60 27.17
C PRO A 249 -3.54 7.60 26.54
N VAL A 250 -4.74 7.47 27.10
CA VAL A 250 -5.72 6.54 26.53
C VAL A 250 -7.07 7.22 26.38
N ALA A 251 -7.85 6.74 25.43
CA ALA A 251 -9.16 7.29 25.19
C ALA A 251 -10.24 6.46 25.88
N HIS A 252 -11.30 7.14 26.31
CA HIS A 252 -12.44 6.50 26.96
C HIS A 252 -13.63 6.71 26.08
N VAL A 253 -14.47 5.68 25.95
CA VAL A 253 -15.66 5.77 25.13
C VAL A 253 -16.78 4.99 25.79
N ALA A 254 -17.95 5.61 25.90
CA ALA A 254 -19.12 4.99 26.49
C ALA A 254 -20.25 5.19 25.51
N LEU A 255 -21.03 4.13 25.28
CA LEU A 255 -22.14 4.19 24.34
C LEU A 255 -23.36 3.52 24.99
N ALA A 256 -24.53 4.14 24.91
CA ALA A 256 -25.70 3.54 25.54
C ALA A 256 -27.02 3.92 24.92
N VAL A 257 -28.00 3.04 25.08
CA VAL A 257 -29.34 3.28 24.58
C VAL A 257 -30.19 3.39 25.81
N GLU A 258 -31.39 3.93 25.68
CA GLU A 258 -32.26 4.10 26.83
C GLU A 258 -32.81 2.80 27.42
N GLY A 259 -32.73 2.70 28.75
CA GLY A 259 -33.19 1.53 29.50
C GLY A 259 -34.61 1.68 30.03
N PRO A 260 -35.24 0.57 30.46
CA PRO A 260 -36.61 0.60 30.96
C PRO A 260 -36.91 1.18 32.36
N GLY A 261 -35.97 1.11 33.29
CA GLY A 261 -36.27 1.64 34.61
C GLY A 261 -36.65 0.54 35.59
N TRP A 262 -36.15 0.64 36.81
CA TRP A 262 -36.36 -0.32 37.90
C TRP A 262 -37.50 -1.33 37.81
N ALA A 263 -38.72 -0.83 37.76
CA ALA A 263 -39.90 -1.67 37.72
C ALA A 263 -40.04 -2.70 36.59
N ASP A 264 -39.37 -2.48 35.46
CA ASP A 264 -39.54 -3.41 34.36
C ASP A 264 -38.82 -4.73 34.49
N PRO A 265 -39.54 -5.84 34.27
CA PRO A 265 -39.01 -7.20 34.35
C PRO A 265 -37.89 -7.45 33.34
N ASP A 266 -37.96 -6.76 32.20
CA ASP A 266 -36.96 -6.91 31.16
C ASP A 266 -35.56 -6.68 31.70
N ASN A 267 -35.44 -5.82 32.72
CA ASN A 267 -34.14 -5.56 33.30
C ASN A 267 -33.44 -6.85 33.66
N VAL A 268 -34.23 -7.88 33.93
CA VAL A 268 -33.64 -9.18 34.29
C VAL A 268 -32.94 -9.74 33.04
N VAL A 269 -33.63 -9.67 31.90
CA VAL A 269 -33.07 -10.15 30.65
C VAL A 269 -31.90 -9.27 30.22
N LEU A 270 -32.03 -7.96 30.38
CA LEU A 270 -30.94 -7.05 30.00
C LEU A 270 -29.67 -7.44 30.73
N HIS A 271 -29.79 -7.72 32.02
CA HIS A 271 -28.63 -8.11 32.82
C HIS A 271 -28.03 -9.42 32.38
N VAL A 272 -28.87 -10.33 31.91
CA VAL A 272 -28.40 -11.62 31.41
C VAL A 272 -27.60 -11.32 30.17
N ALA A 273 -28.13 -10.41 29.36
CA ALA A 273 -27.51 -9.98 28.11
C ALA A 273 -26.12 -9.43 28.42
N ASN A 274 -26.03 -8.48 29.32
CA ASN A 274 -24.73 -7.93 29.66
C ASN A 274 -23.77 -9.00 30.12
N ALA A 275 -24.31 -10.07 30.70
CA ALA A 275 -23.48 -11.18 31.18
C ALA A 275 -22.84 -11.94 30.03
N ILE A 276 -23.56 -12.06 28.93
CA ILE A 276 -23.05 -12.75 27.75
C ILE A 276 -21.84 -11.98 27.19
N ILE A 277 -21.97 -10.65 27.12
CA ILE A 277 -20.88 -9.81 26.65
C ILE A 277 -19.84 -9.68 27.76
N GLY A 278 -20.31 -9.39 28.97
CA GLY A 278 -19.41 -9.31 30.10
C GLY A 278 -18.43 -8.16 30.23
N ARG A 279 -17.22 -8.48 30.67
CA ARG A 279 -16.21 -7.47 30.84
C ARG A 279 -14.78 -8.00 30.73
N TYR A 280 -13.83 -7.08 30.66
CA TYR A 280 -12.45 -7.47 30.51
C TYR A 280 -11.52 -6.39 31.00
N ASP A 281 -10.26 -6.77 31.13
CA ASP A 281 -9.23 -5.87 31.56
C ASP A 281 -7.92 -6.67 31.49
N ARG A 282 -6.85 -6.04 30.99
CA ARG A 282 -5.56 -6.70 30.81
C ARG A 282 -5.04 -7.61 31.90
N THR A 283 -5.69 -7.66 33.06
CA THR A 283 -5.20 -8.53 34.13
C THR A 283 -6.05 -9.81 34.28
N PHE A 284 -7.00 -10.01 33.39
CA PHE A 284 -7.77 -11.23 33.44
C PHE A 284 -6.82 -12.31 32.95
N GLY A 285 -6.67 -13.38 33.74
CA GLY A 285 -5.78 -14.46 33.36
C GLY A 285 -6.32 -15.35 32.27
N GLY A 286 -7.64 -15.45 32.19
CA GLY A 286 -8.26 -16.28 31.20
C GLY A 286 -7.79 -15.94 29.81
N GLY A 287 -7.36 -14.68 29.63
CA GLY A 287 -6.87 -14.20 28.35
C GLY A 287 -7.69 -14.63 27.14
N LYS A 288 -7.00 -15.15 26.15
CA LYS A 288 -7.61 -15.59 24.90
C LYS A 288 -8.65 -16.71 24.99
N HIS A 289 -8.82 -17.30 26.16
CA HIS A 289 -9.79 -18.37 26.30
C HIS A 289 -11.07 -17.96 27.00
N LEU A 290 -11.15 -16.68 27.36
CA LEU A 290 -12.33 -16.17 28.03
C LEU A 290 -13.51 -16.46 27.12
N SER A 291 -14.64 -16.83 27.74
CA SER A 291 -15.87 -17.16 27.02
C SER A 291 -16.49 -15.98 26.29
N SER A 292 -16.26 -14.77 26.81
CA SER A 292 -16.78 -13.55 26.18
C SER A 292 -16.10 -13.32 24.85
N ARG A 293 -16.89 -13.35 23.78
CA ARG A 293 -16.34 -13.17 22.47
C ARG A 293 -15.61 -11.84 22.37
N LEU A 294 -16.22 -10.78 22.87
CA LEU A 294 -15.60 -9.47 22.81
C LEU A 294 -14.29 -9.51 23.57
N ALA A 295 -14.28 -10.22 24.70
CA ALA A 295 -13.07 -10.34 25.52
C ALA A 295 -11.97 -11.05 24.75
N ALA A 296 -12.33 -12.15 24.10
CA ALA A 296 -11.38 -12.92 23.32
C ALA A 296 -10.76 -12.04 22.24
N LEU A 297 -11.62 -11.33 21.50
CA LEU A 297 -11.21 -10.42 20.43
C LEU A 297 -10.30 -9.34 20.98
N ALA A 298 -10.74 -8.71 22.06
CA ALA A 298 -9.92 -7.66 22.66
C ALA A 298 -8.52 -8.20 22.91
N VAL A 299 -8.43 -9.44 23.39
CA VAL A 299 -7.14 -10.08 23.66
C VAL A 299 -6.36 -10.37 22.37
N GLU A 300 -6.97 -11.18 21.50
CA GLU A 300 -6.37 -11.55 20.23
C GLU A 300 -5.85 -10.37 19.45
N HIS A 301 -6.61 -9.28 19.40
CA HIS A 301 -6.20 -8.12 18.64
C HIS A 301 -5.77 -6.91 19.43
N LYS A 302 -5.43 -7.10 20.71
CA LYS A 302 -5.01 -5.99 21.57
C LYS A 302 -5.94 -4.79 21.36
N LEU A 303 -7.24 -5.02 21.49
CA LEU A 303 -8.25 -3.99 21.27
C LEU A 303 -8.46 -2.92 22.33
N CYS A 304 -8.14 -3.19 23.59
CA CYS A 304 -8.37 -2.21 24.64
C CYS A 304 -7.72 -2.59 25.93
N HIS A 305 -7.65 -1.64 26.86
CA HIS A 305 -7.07 -1.90 28.16
C HIS A 305 -8.16 -2.50 29.05
N SER A 306 -9.42 -2.24 28.68
CA SER A 306 -10.56 -2.76 29.44
C SER A 306 -11.90 -2.35 28.85
N PHE A 307 -12.96 -3.03 29.27
CA PHE A 307 -14.29 -2.69 28.80
C PHE A 307 -15.30 -3.31 29.74
N GLN A 308 -16.45 -2.66 29.88
CA GLN A 308 -17.51 -3.10 30.77
C GLN A 308 -18.86 -2.79 30.21
N THR A 309 -19.82 -3.65 30.50
CA THR A 309 -21.19 -3.46 30.05
C THR A 309 -21.89 -2.97 31.31
N PHE A 310 -23.02 -2.29 31.17
CA PHE A 310 -23.73 -1.83 32.35
C PHE A 310 -25.19 -1.66 32.03
N ASN A 311 -26.01 -1.62 33.06
CA ASN A 311 -27.46 -1.45 32.89
C ASN A 311 -27.91 -0.64 34.08
N THR A 312 -27.61 0.65 34.01
CA THR A 312 -27.95 1.57 35.05
C THR A 312 -29.43 1.95 35.04
N SER A 313 -30.15 1.54 36.08
CA SER A 313 -31.56 1.81 36.19
C SER A 313 -31.91 3.03 37.00
N TYR A 314 -33.09 3.57 36.70
CA TYR A 314 -33.65 4.73 37.37
C TYR A 314 -35.14 4.47 37.46
N SER A 315 -35.84 5.30 38.20
CA SER A 315 -37.28 5.11 38.34
C SER A 315 -38.05 4.99 37.03
N ASP A 316 -38.00 6.03 36.21
CA ASP A 316 -38.71 6.10 34.93
C ASP A 316 -37.86 5.83 33.68
N THR A 317 -36.56 5.62 33.85
CA THR A 317 -35.72 5.40 32.67
C THR A 317 -34.44 4.65 33.06
N GLY A 318 -33.39 4.77 32.23
CA GLY A 318 -32.13 4.10 32.52
C GLY A 318 -31.14 4.20 31.38
N LEU A 319 -29.97 3.55 31.52
CA LEU A 319 -28.94 3.55 30.49
C LEU A 319 -28.33 2.17 30.29
N PHE A 320 -28.55 1.56 29.14
CA PHE A 320 -28.02 0.24 28.85
C PHE A 320 -26.89 0.46 27.85
N GLY A 321 -25.65 0.16 28.24
CA GLY A 321 -24.57 0.37 27.30
C GLY A 321 -23.27 -0.33 27.64
N PHE A 322 -22.17 0.25 27.18
CA PHE A 322 -20.84 -0.30 27.46
C PHE A 322 -19.81 0.83 27.40
N HIS A 323 -18.69 0.63 28.08
CA HIS A 323 -17.63 1.62 28.16
C HIS A 323 -16.30 0.92 27.98
N PHE A 324 -15.38 1.52 27.23
CA PHE A 324 -14.10 0.89 27.05
C PHE A 324 -12.98 1.90 27.03
N VAL A 325 -11.78 1.42 27.34
CA VAL A 325 -10.58 2.24 27.38
C VAL A 325 -9.61 1.65 26.38
N ALA A 326 -9.16 2.46 25.43
CA ALA A 326 -8.24 1.94 24.43
C ALA A 326 -7.20 2.96 24.05
N ASP A 327 -6.21 2.50 23.30
CA ASP A 327 -5.16 3.38 22.82
C ASP A 327 -5.73 4.08 21.60
N PRO A 328 -5.27 5.30 21.34
CA PRO A 328 -5.76 6.04 20.19
C PRO A 328 -5.93 5.22 18.92
N LEU A 329 -4.94 4.39 18.58
CA LEU A 329 -5.06 3.63 17.34
C LEU A 329 -5.84 2.31 17.33
N SER A 330 -6.62 2.03 18.35
CA SER A 330 -7.40 0.80 18.31
C SER A 330 -8.86 1.08 18.65
N ILE A 331 -9.21 2.35 18.83
CA ILE A 331 -10.58 2.71 19.16
C ILE A 331 -11.53 2.20 18.12
N ASP A 332 -11.20 2.41 16.86
CA ASP A 332 -12.09 2.01 15.81
C ASP A 332 -12.43 0.52 15.77
N ASP A 333 -11.42 -0.33 15.83
CA ASP A 333 -11.66 -1.76 15.82
C ASP A 333 -12.47 -2.21 17.03
N MET A 334 -12.11 -1.68 18.21
CA MET A 334 -12.82 -2.02 19.43
C MET A 334 -14.31 -1.72 19.30
N MET A 335 -14.62 -0.49 18.90
CA MET A 335 -16.00 -0.05 18.73
C MET A 335 -16.71 -0.95 17.72
N PHE A 336 -16.02 -1.24 16.64
CA PHE A 336 -16.55 -2.09 15.60
C PHE A 336 -16.97 -3.47 16.15
N CYS A 337 -16.07 -4.09 16.92
CA CYS A 337 -16.31 -5.39 17.53
C CYS A 337 -17.39 -5.33 18.60
N ALA A 338 -17.33 -4.29 19.42
CA ALA A 338 -18.31 -4.12 20.46
C ALA A 338 -19.70 -4.05 19.86
N GLN A 339 -19.96 -3.08 19.00
CA GLN A 339 -21.29 -2.96 18.38
C GLN A 339 -21.65 -4.28 17.70
N GLY A 340 -20.63 -4.98 17.23
CA GLY A 340 -20.87 -6.25 16.57
C GLY A 340 -21.49 -7.22 17.55
N GLU A 341 -20.97 -7.24 18.77
CA GLU A 341 -21.50 -8.13 19.78
C GLU A 341 -22.93 -7.78 20.17
N TRP A 342 -23.26 -6.50 20.14
CA TRP A 342 -24.61 -6.10 20.46
C TRP A 342 -25.54 -6.64 19.38
N MET A 343 -25.09 -6.56 18.15
CA MET A 343 -25.90 -7.07 17.06
C MET A 343 -26.09 -8.56 17.18
N ARG A 344 -25.10 -9.27 17.71
CA ARG A 344 -25.22 -10.72 17.89
C ARG A 344 -26.32 -11.00 18.89
N LEU A 345 -26.35 -10.21 19.97
CA LEU A 345 -27.38 -10.34 20.98
C LEU A 345 -28.79 -10.33 20.38
N CYS A 346 -29.06 -9.34 19.54
CA CYS A 346 -30.38 -9.22 18.95
C CYS A 346 -30.71 -10.30 17.92
N THR A 347 -29.71 -10.76 17.20
CA THR A 347 -29.96 -11.71 16.13
C THR A 347 -29.58 -13.16 16.28
N SER A 348 -28.53 -13.46 17.03
CA SER A 348 -28.11 -14.84 17.09
C SER A 348 -27.58 -15.38 18.40
N THR A 349 -28.29 -15.10 19.49
CA THR A 349 -27.86 -15.62 20.79
C THR A 349 -28.11 -17.12 20.84
N THR A 350 -27.25 -17.82 21.57
CA THR A 350 -27.32 -19.27 21.72
C THR A 350 -27.78 -19.70 23.11
N GLU A 351 -28.48 -20.83 23.17
CA GLU A 351 -28.93 -21.33 24.46
C GLU A 351 -27.70 -21.55 25.34
N SER A 352 -26.60 -21.95 24.73
CA SER A 352 -25.35 -22.17 25.44
C SER A 352 -24.92 -20.88 26.12
N GLU A 353 -24.90 -19.80 25.34
CA GLU A 353 -24.51 -18.48 25.82
C GLU A 353 -25.36 -18.04 27.00
N VAL A 354 -26.67 -18.11 26.85
CA VAL A 354 -27.57 -17.68 27.94
C VAL A 354 -27.44 -18.59 29.15
N LYS A 355 -27.28 -19.88 28.88
CA LYS A 355 -27.15 -20.88 29.93
C LYS A 355 -26.01 -20.47 30.86
N ARG A 356 -24.92 -20.00 30.24
CA ARG A 356 -23.75 -19.56 30.99
C ARG A 356 -23.94 -18.16 31.57
N ALA A 357 -24.59 -17.28 30.80
CA ALA A 357 -24.83 -15.93 31.24
C ALA A 357 -25.66 -15.94 32.52
N LYS A 358 -26.61 -16.88 32.59
CA LYS A 358 -27.48 -17.02 33.76
C LYS A 358 -26.71 -17.41 35.00
N ASN A 359 -25.79 -18.36 34.86
CA ASN A 359 -25.00 -18.79 36.01
C ASN A 359 -24.12 -17.67 36.50
N HIS A 360 -23.56 -16.90 35.57
CA HIS A 360 -22.71 -15.78 35.94
C HIS A 360 -23.58 -14.76 36.68
N LEU A 361 -24.80 -14.56 36.19
CA LEU A 361 -25.71 -13.60 36.82
C LEU A 361 -26.11 -14.05 38.22
N ARG A 362 -26.39 -15.34 38.40
CA ARG A 362 -26.77 -15.87 39.71
C ARG A 362 -25.64 -15.60 40.69
N SER A 363 -24.44 -16.02 40.32
CA SER A 363 -23.29 -15.79 41.17
C SER A 363 -23.17 -14.30 41.50
N ALA A 364 -23.52 -13.46 40.54
CA ALA A 364 -23.42 -12.03 40.73
C ALA A 364 -24.38 -11.53 41.79
N MET A 365 -25.66 -11.90 41.68
CA MET A 365 -26.66 -11.45 42.65
C MET A 365 -26.30 -11.94 44.04
N VAL A 366 -25.86 -13.20 44.12
CA VAL A 366 -25.47 -13.80 45.40
C VAL A 366 -24.27 -13.03 45.97
N ALA A 367 -23.33 -12.68 45.09
CA ALA A 367 -22.15 -11.94 45.51
C ALA A 367 -22.45 -10.52 46.02
N GLN A 368 -23.62 -10.00 45.68
CA GLN A 368 -24.00 -8.66 46.13
C GLN A 368 -24.55 -8.67 47.55
N LEU A 369 -24.68 -9.86 48.10
CA LEU A 369 -25.19 -10.00 49.45
C LEU A 369 -24.14 -10.70 50.29
N ASP A 370 -22.90 -10.27 50.12
CA ASP A 370 -21.78 -10.82 50.85
C ASP A 370 -21.33 -9.85 51.93
N GLY A 371 -22.05 -9.85 53.06
CA GLY A 371 -21.72 -8.96 54.15
C GLY A 371 -22.98 -8.28 54.63
N THR A 372 -22.87 -7.47 55.67
CA THR A 372 -24.06 -6.81 56.16
C THR A 372 -24.33 -5.54 55.38
N THR A 373 -23.29 -4.74 55.15
CA THR A 373 -23.45 -3.50 54.39
C THR A 373 -24.10 -3.79 53.05
N PRO A 374 -23.55 -4.74 52.28
CA PRO A 374 -24.18 -5.04 50.99
C PRO A 374 -25.61 -5.58 51.07
N VAL A 375 -25.95 -6.29 52.15
CA VAL A 375 -27.31 -6.81 52.27
C VAL A 375 -28.21 -5.65 52.65
N CYS A 376 -27.69 -4.78 53.48
CA CYS A 376 -28.43 -3.62 53.94
C CYS A 376 -28.65 -2.63 52.77
N GLU A 377 -27.65 -2.53 51.89
CA GLU A 377 -27.71 -1.66 50.73
C GLU A 377 -28.83 -2.13 49.81
N THR A 378 -28.94 -3.45 49.69
CA THR A 378 -29.96 -4.09 48.87
C THR A 378 -31.37 -3.78 49.39
N ILE A 379 -31.55 -3.96 50.69
CA ILE A 379 -32.83 -3.70 51.29
C ILE A 379 -33.23 -2.24 51.08
N GLY A 380 -32.35 -1.33 51.49
CA GLY A 380 -32.64 0.09 51.32
C GLY A 380 -33.10 0.42 49.91
N SER A 381 -32.44 -0.18 48.93
CA SER A 381 -32.74 0.03 47.52
C SER A 381 -34.00 -0.69 47.09
N HIS A 382 -34.06 -2.00 47.26
CA HIS A 382 -35.25 -2.72 46.86
C HIS A 382 -36.53 -2.03 47.32
N LEU A 383 -36.55 -1.55 48.55
CA LEU A 383 -37.74 -0.90 49.06
C LEU A 383 -37.99 0.38 48.34
N LEU A 384 -36.96 1.20 48.30
CA LEU A 384 -37.03 2.49 47.66
C LEU A 384 -37.40 2.39 46.16
N ASN A 385 -36.96 1.34 45.48
CA ASN A 385 -37.22 1.19 44.05
C ASN A 385 -38.35 0.25 43.65
N TYR A 386 -38.46 -0.90 44.31
CA TYR A 386 -39.52 -1.86 43.98
C TYR A 386 -40.65 -1.75 45.00
N GLY A 387 -40.38 -1.07 46.11
CA GLY A 387 -41.38 -0.93 47.16
C GLY A 387 -41.53 -2.22 47.93
N ARG A 388 -40.48 -3.03 47.92
CA ARG A 388 -40.49 -4.32 48.59
C ARG A 388 -39.16 -5.01 48.34
N ARG A 389 -38.95 -6.12 49.03
CA ARG A 389 -37.72 -6.87 48.86
C ARG A 389 -37.94 -8.01 47.90
N ILE A 390 -36.97 -8.21 47.01
CA ILE A 390 -37.01 -9.30 46.07
C ILE A 390 -35.89 -10.24 46.51
N SER A 391 -36.29 -11.40 47.00
CA SER A 391 -35.35 -12.40 47.51
C SER A 391 -34.57 -13.07 46.39
N LEU A 392 -33.42 -13.62 46.73
CA LEU A 392 -32.63 -14.31 45.75
C LEU A 392 -33.48 -15.43 45.16
N GLU A 393 -34.31 -16.04 46.00
CA GLU A 393 -35.16 -17.11 45.53
C GLU A 393 -36.03 -16.65 44.36
N GLU A 394 -36.52 -15.41 44.42
CA GLU A 394 -37.34 -14.87 43.34
C GLU A 394 -36.49 -14.52 42.12
N TRP A 395 -35.43 -13.75 42.35
CA TRP A 395 -34.52 -13.37 41.27
C TRP A 395 -34.20 -14.62 40.48
N ASP A 396 -33.76 -15.66 41.19
CA ASP A 396 -33.40 -16.92 40.55
C ASP A 396 -34.54 -17.48 39.72
N SER A 397 -35.75 -17.36 40.23
CA SER A 397 -36.90 -17.85 39.51
C SER A 397 -36.98 -17.15 38.15
N ARG A 398 -36.93 -15.82 38.19
CA ARG A 398 -36.98 -14.96 37.01
C ARG A 398 -35.82 -15.23 36.07
N ILE A 399 -34.61 -15.23 36.63
CA ILE A 399 -33.41 -15.50 35.84
C ILE A 399 -33.48 -16.84 35.12
N SER A 400 -34.05 -17.85 35.76
CA SER A 400 -34.14 -19.17 35.13
C SER A 400 -35.11 -19.25 33.98
N ALA A 401 -36.08 -18.34 33.93
CA ALA A 401 -37.07 -18.35 32.86
C ALA A 401 -36.54 -17.74 31.54
N VAL A 402 -35.38 -17.10 31.62
CA VAL A 402 -34.76 -16.46 30.47
C VAL A 402 -34.13 -17.48 29.54
N ASP A 403 -34.41 -17.34 28.25
CA ASP A 403 -33.87 -18.27 27.25
C ASP A 403 -33.39 -17.47 26.04
N ALA A 404 -32.59 -18.10 25.19
CA ALA A 404 -32.07 -17.44 23.99
C ALA A 404 -33.14 -16.55 23.35
N ARG A 405 -34.19 -17.20 22.85
CA ARG A 405 -35.30 -16.52 22.20
C ARG A 405 -35.72 -15.26 22.93
N MET A 406 -35.70 -15.29 24.26
CA MET A 406 -36.12 -14.14 25.04
C MET A 406 -35.09 -13.03 25.06
N VAL A 407 -33.82 -13.42 25.11
CA VAL A 407 -32.75 -12.45 25.11
C VAL A 407 -32.78 -11.67 23.82
N ARG A 408 -32.92 -12.39 22.72
CA ARG A 408 -32.96 -11.75 21.42
C ARG A 408 -34.09 -10.75 21.31
N ASP A 409 -35.29 -11.13 21.75
CA ASP A 409 -36.42 -10.22 21.66
C ASP A 409 -36.23 -8.96 22.50
N VAL A 410 -35.84 -9.15 23.75
CA VAL A 410 -35.64 -8.01 24.63
C VAL A 410 -34.57 -7.08 24.08
N CYS A 411 -33.43 -7.64 23.70
CA CYS A 411 -32.34 -6.85 23.14
C CYS A 411 -32.76 -6.13 21.86
N SER A 412 -33.38 -6.85 20.95
CA SER A 412 -33.85 -6.25 19.71
C SER A 412 -34.68 -5.03 20.10
N LYS A 413 -35.61 -5.25 21.01
CA LYS A 413 -36.52 -4.21 21.48
C LYS A 413 -35.85 -2.97 22.08
N TYR A 414 -34.67 -3.11 22.64
CA TYR A 414 -34.02 -1.94 23.24
C TYR A 414 -32.80 -1.43 22.47
N ILE A 415 -32.16 -2.32 21.73
CA ILE A 415 -30.96 -1.94 21.00
C ILE A 415 -31.10 -1.76 19.49
N TYR A 416 -31.66 -2.77 18.82
CA TYR A 416 -31.78 -2.73 17.38
C TYR A 416 -32.33 -1.47 16.74
N ASP A 417 -31.51 -0.86 15.88
CA ASP A 417 -31.81 0.35 15.15
C ASP A 417 -32.22 1.54 16.02
N LYS A 418 -31.49 1.75 17.11
CA LYS A 418 -31.78 2.84 18.02
C LYS A 418 -30.70 3.90 17.92
N CYS A 419 -31.06 5.16 18.16
CA CYS A 419 -30.07 6.22 18.13
C CYS A 419 -29.44 6.21 19.52
N PRO A 420 -28.17 5.82 19.60
CA PRO A 420 -27.50 5.77 20.90
C PRO A 420 -26.96 7.13 21.35
N ALA A 421 -26.48 7.15 22.57
CA ALA A 421 -25.90 8.33 23.15
C ALA A 421 -24.44 7.97 23.30
N LEU A 422 -23.56 8.85 22.85
CA LEU A 422 -22.15 8.59 22.89
C LEU A 422 -21.33 9.67 23.58
N ALA A 423 -20.37 9.25 24.40
CA ALA A 423 -19.48 10.18 25.07
C ALA A 423 -18.08 9.63 24.83
N ALA A 424 -17.17 10.48 24.38
CA ALA A 424 -15.82 10.06 24.10
C ALA A 424 -14.92 11.12 24.66
N VAL A 425 -13.86 10.69 25.34
CA VAL A 425 -12.91 11.59 25.95
C VAL A 425 -11.49 11.07 25.74
N GLY A 426 -10.57 11.98 25.43
CA GLY A 426 -9.19 11.62 25.21
C GLY A 426 -8.77 11.81 23.77
N PRO A 427 -7.76 11.05 23.32
CA PRO A 427 -7.22 11.10 21.95
C PRO A 427 -8.15 10.26 21.07
N ILE A 428 -9.32 10.82 20.81
CA ILE A 428 -10.36 10.14 20.06
C ILE A 428 -10.47 10.34 18.54
N GLU A 429 -9.43 10.87 17.91
CA GLU A 429 -9.49 11.08 16.47
C GLU A 429 -9.87 9.85 15.66
N GLN A 430 -9.40 8.68 16.06
CA GLN A 430 -9.69 7.48 15.29
C GLN A 430 -11.11 6.96 15.41
N LEU A 431 -11.83 7.41 16.43
CA LEU A 431 -13.23 7.00 16.60
C LEU A 431 -13.95 8.07 15.86
N LEU A 432 -14.89 7.73 14.99
CA LEU A 432 -15.54 8.88 14.37
C LEU A 432 -16.87 8.68 13.72
N ASP A 433 -17.55 9.81 13.56
CA ASP A 433 -18.82 9.93 12.93
C ASP A 433 -19.99 9.23 13.59
N TYR A 434 -20.90 10.03 14.14
CA TYR A 434 -22.09 9.51 14.78
C TYR A 434 -22.78 8.64 13.75
N ASN A 435 -22.85 9.13 12.53
CA ASN A 435 -23.49 8.39 11.46
C ASN A 435 -22.99 6.98 11.32
N ARG A 436 -21.67 6.80 11.33
CA ARG A 436 -21.09 5.48 11.19
C ARG A 436 -21.47 4.61 12.40
N ILE A 437 -21.42 5.20 13.59
CA ILE A 437 -21.81 4.46 14.77
C ILE A 437 -23.28 4.09 14.69
N ARG A 438 -24.12 5.03 14.27
CA ARG A 438 -25.54 4.77 14.18
C ARG A 438 -25.83 3.61 13.24
N SER A 439 -24.94 3.39 12.30
CA SER A 439 -25.15 2.30 11.36
C SER A 439 -24.71 0.97 11.93
N GLY A 440 -23.92 1.03 12.99
CA GLY A 440 -23.47 -0.19 13.63
C GLY A 440 -24.61 -0.70 14.48
N MET A 441 -25.72 0.03 14.43
CA MET A 441 -26.88 -0.32 15.22
C MET A 441 -27.87 -1.24 14.51
N TYR A 442 -27.50 -1.78 13.36
CA TYR A 442 -28.39 -2.71 12.67
C TYR A 442 -27.66 -3.59 11.67
N TRP A 443 -28.30 -4.74 11.42
CA TRP A 443 -27.82 -5.80 10.54
C TRP A 443 -26.60 -6.45 11.22
N ILE A 444 -26.82 -7.61 11.86
CA ILE A 444 -25.78 -8.37 12.57
C ILE A 444 -24.36 -8.27 12.01
N GLY B 22 -29.95 -24.70 60.80
CA GLY B 22 -28.76 -24.39 59.97
C GLY B 22 -27.87 -23.34 60.62
N ALA B 23 -26.90 -23.81 61.41
CA ALA B 23 -25.96 -22.92 62.09
C ALA B 23 -25.26 -23.71 63.20
N GLU B 24 -24.05 -24.18 62.92
CA GLU B 24 -23.30 -24.96 63.90
C GLU B 24 -22.00 -25.57 63.36
N ASP B 25 -21.02 -25.71 64.27
CA ASP B 25 -19.71 -26.32 64.01
C ASP B 25 -18.66 -25.62 63.14
N LEU B 26 -17.59 -26.36 62.91
CA LEU B 26 -16.43 -25.97 62.10
C LEU B 26 -15.42 -27.10 62.26
N GLU B 27 -15.71 -28.24 61.65
CA GLU B 27 -14.83 -29.41 61.73
C GLU B 27 -13.46 -29.14 61.12
N ILE B 28 -12.48 -29.97 61.46
CA ILE B 28 -11.14 -29.76 60.96
C ILE B 28 -10.24 -30.98 61.16
N THR B 29 -10.20 -31.87 60.16
CA THR B 29 -9.38 -33.08 60.21
C THR B 29 -7.91 -32.76 59.95
N LYS B 30 -7.06 -33.79 59.92
CA LYS B 30 -5.64 -33.59 59.65
C LYS B 30 -4.98 -34.86 59.13
N LEU B 31 -5.39 -35.27 57.93
CA LEU B 31 -4.86 -36.46 57.25
C LEU B 31 -3.46 -36.92 57.64
N PRO B 32 -3.14 -38.19 57.32
CA PRO B 32 -1.86 -38.84 57.61
C PRO B 32 -0.59 -38.06 57.23
N ASN B 33 -0.62 -37.39 56.08
CA ASN B 33 0.54 -36.63 55.59
C ASN B 33 0.74 -35.21 56.11
N GLY B 34 -0.11 -34.76 57.02
CA GLY B 34 0.05 -33.42 57.55
C GLY B 34 -0.82 -32.39 56.85
N LEU B 35 -1.64 -32.85 55.92
CA LEU B 35 -2.54 -31.98 55.16
C LEU B 35 -3.79 -31.65 55.97
N ILE B 36 -3.89 -30.42 56.44
CA ILE B 36 -5.04 -30.01 57.23
C ILE B 36 -6.25 -29.66 56.39
N ILE B 37 -7.42 -30.05 56.87
CA ILE B 37 -8.68 -29.80 56.17
C ILE B 37 -9.68 -29.08 57.07
N ALA B 38 -9.92 -27.79 56.82
CA ALA B 38 -10.89 -27.02 57.60
C ALA B 38 -12.22 -27.07 56.86
N SER B 39 -13.32 -26.84 57.56
CA SER B 39 -14.62 -26.89 56.90
C SER B 39 -15.76 -26.29 57.72
N LEU B 40 -16.65 -25.58 57.04
CA LEU B 40 -17.80 -24.98 57.70
C LEU B 40 -18.97 -24.84 56.75
N GLU B 41 -20.11 -25.37 57.16
CA GLU B 41 -21.31 -25.31 56.35
C GLU B 41 -22.23 -24.22 56.88
N ASN B 42 -22.30 -23.09 56.18
CA ASN B 42 -23.17 -22.00 56.61
C ASN B 42 -24.36 -21.90 55.69
N PHE B 43 -24.62 -22.97 54.95
CA PHE B 43 -25.74 -23.06 54.02
C PHE B 43 -25.90 -21.87 53.07
N SER B 44 -24.80 -21.20 52.78
CA SER B 44 -24.80 -20.06 51.85
C SER B 44 -25.07 -20.65 50.49
N PRO B 45 -25.86 -19.94 49.65
CA PRO B 45 -26.17 -20.44 48.30
C PRO B 45 -24.91 -20.57 47.46
N ALA B 46 -23.80 -20.06 48.00
CA ALA B 46 -22.53 -20.11 47.31
C ALA B 46 -21.44 -20.74 48.16
N SER B 47 -20.54 -21.46 47.50
CA SER B 47 -19.42 -22.10 48.17
C SER B 47 -18.15 -21.33 47.81
N ARG B 48 -17.08 -21.59 48.54
CA ARG B 48 -15.80 -20.96 48.29
C ARG B 48 -14.75 -21.87 48.90
N ILE B 49 -14.11 -22.68 48.05
CA ILE B 49 -13.07 -23.61 48.50
C ILE B 49 -11.69 -23.02 48.25
N GLY B 50 -10.71 -23.38 49.07
CA GLY B 50 -9.37 -22.86 48.88
C GLY B 50 -8.21 -23.74 49.32
N VAL B 51 -7.05 -23.49 48.75
CA VAL B 51 -5.86 -24.24 49.10
C VAL B 51 -4.84 -23.23 49.61
N PHE B 52 -4.64 -23.21 50.93
CA PHE B 52 -3.66 -22.30 51.50
C PHE B 52 -2.31 -22.99 51.48
N ILE B 53 -1.25 -22.21 51.26
CA ILE B 53 0.06 -22.80 51.18
C ILE B 53 1.12 -21.91 51.77
N LYS B 54 2.15 -22.54 52.33
CA LYS B 54 3.25 -21.82 52.91
C LYS B 54 4.27 -21.66 51.80
N ALA B 55 4.13 -20.58 51.03
CA ALA B 55 5.05 -20.31 49.93
C ALA B 55 5.04 -18.83 49.59
N GLY B 56 6.08 -18.35 48.93
CA GLY B 56 6.12 -16.95 48.59
C GLY B 56 7.51 -16.43 48.34
N SER B 57 7.60 -15.18 47.90
CA SER B 57 8.88 -14.55 47.61
C SER B 57 9.89 -14.72 48.74
N ARG B 58 9.41 -15.21 49.88
CA ARG B 58 10.23 -15.43 51.06
C ARG B 58 11.22 -16.59 50.85
N TYR B 59 10.78 -17.61 50.13
CA TYR B 59 11.59 -18.79 49.86
C TYR B 59 12.39 -18.68 48.57
N GLU B 60 12.36 -17.48 47.97
CA GLU B 60 13.10 -17.27 46.73
C GLU B 60 14.54 -16.95 47.09
N THR B 61 15.44 -17.26 46.17
CA THR B 61 16.86 -17.00 46.34
C THR B 61 17.25 -16.04 45.24
N THR B 62 18.38 -15.36 45.41
CA THR B 62 18.84 -14.42 44.41
C THR B 62 18.80 -15.11 43.03
N ALA B 63 18.93 -16.42 43.03
CA ALA B 63 18.94 -17.20 41.81
C ALA B 63 17.59 -17.35 41.08
N ASN B 64 16.49 -17.43 41.83
CA ASN B 64 15.19 -17.62 41.19
C ASN B 64 14.15 -16.54 41.49
N LEU B 65 14.61 -15.36 41.88
CA LEU B 65 13.70 -14.26 42.20
C LEU B 65 12.53 -14.13 41.23
N GLY B 66 11.38 -13.72 41.76
CA GLY B 66 10.22 -13.52 40.92
C GLY B 66 9.51 -14.77 40.47
N THR B 67 10.13 -15.93 40.69
CA THR B 67 9.51 -17.19 40.28
C THR B 67 8.16 -17.40 40.98
N ALA B 68 8.02 -16.87 42.21
CA ALA B 68 6.77 -17.00 42.96
C ALA B 68 5.70 -16.12 42.32
N HIS B 69 6.11 -14.93 41.87
CA HIS B 69 5.22 -13.98 41.21
C HIS B 69 4.69 -14.61 39.93
N LEU B 70 5.60 -15.08 39.08
CA LEU B 70 5.18 -15.70 37.84
C LEU B 70 4.27 -16.90 38.10
N LEU B 71 4.54 -17.63 39.18
CA LEU B 71 3.73 -18.79 39.51
C LEU B 71 2.30 -18.31 39.77
N ARG B 72 2.18 -17.14 40.38
CA ARG B 72 0.88 -16.56 40.70
C ARG B 72 0.08 -16.30 39.41
N LEU B 73 0.75 -15.78 38.39
CA LEU B 73 0.10 -15.48 37.12
C LEU B 73 -0.08 -16.73 36.29
N ALA B 74 0.65 -17.79 36.63
CA ALA B 74 0.58 -19.03 35.86
C ALA B 74 -0.63 -19.91 36.17
N SER B 75 -1.42 -19.54 37.16
CA SER B 75 -2.59 -20.33 37.52
C SER B 75 -3.45 -20.85 36.37
N PRO B 76 -3.56 -20.09 35.26
CA PRO B 76 -4.39 -20.58 34.14
C PRO B 76 -3.73 -21.44 33.06
N LEU B 77 -2.43 -21.73 33.21
CA LEU B 77 -1.70 -22.54 32.23
C LEU B 77 -2.10 -24.02 32.28
N THR B 78 -1.98 -24.72 31.15
CA THR B 78 -2.38 -26.13 31.10
C THR B 78 -1.77 -26.97 32.21
N THR B 79 -2.55 -27.94 32.65
CA THR B 79 -2.19 -28.87 33.72
C THR B 79 -2.22 -30.27 33.12
N LYS B 80 -1.87 -31.27 33.92
CA LYS B 80 -1.89 -32.65 33.45
C LYS B 80 -3.31 -33.20 33.28
N GLY B 81 -4.27 -32.61 33.98
CA GLY B 81 -5.63 -33.08 33.85
C GLY B 81 -6.51 -32.21 32.98
N ALA B 82 -6.32 -30.90 33.06
CA ALA B 82 -7.11 -29.97 32.27
C ALA B 82 -6.20 -29.04 31.47
N SER B 83 -6.72 -28.55 30.35
CA SER B 83 -5.96 -27.64 29.49
C SER B 83 -6.28 -26.19 29.80
N SER B 84 -5.34 -25.33 29.41
CA SER B 84 -5.46 -23.88 29.59
C SER B 84 -6.86 -23.44 29.16
N PHE B 85 -7.29 -23.97 28.02
CA PHE B 85 -8.59 -23.69 27.47
C PHE B 85 -9.72 -24.17 28.37
N ARG B 86 -9.72 -25.46 28.71
CA ARG B 86 -10.78 -26.04 29.53
C ARG B 86 -10.87 -25.45 30.92
N ILE B 87 -9.74 -25.08 31.49
CA ILE B 87 -9.76 -24.48 32.82
C ILE B 87 -10.67 -23.27 32.79
N THR B 88 -10.30 -22.27 32.00
CA THR B 88 -11.07 -21.04 31.87
C THR B 88 -12.50 -21.27 31.38
N ARG B 89 -12.66 -22.00 30.28
CA ARG B 89 -14.00 -22.25 29.79
C ARG B 89 -14.83 -23.00 30.81
N GLY B 90 -14.26 -24.08 31.35
CA GLY B 90 -14.94 -24.90 32.34
C GLY B 90 -15.45 -24.16 33.56
N ILE B 91 -14.60 -23.31 34.14
CA ILE B 91 -14.99 -22.55 35.31
C ILE B 91 -16.08 -21.54 34.96
N GLU B 92 -15.85 -20.78 33.89
CA GLU B 92 -16.80 -19.76 33.45
C GLU B 92 -18.16 -20.35 33.10
N ALA B 93 -18.14 -21.59 32.65
CA ALA B 93 -19.36 -22.30 32.26
C ALA B 93 -20.39 -22.39 33.37
N VAL B 94 -19.91 -22.48 34.59
CA VAL B 94 -20.79 -22.59 35.75
C VAL B 94 -20.75 -21.34 36.60
N GLY B 95 -20.41 -20.23 35.95
CA GLY B 95 -20.35 -18.95 36.64
C GLY B 95 -19.40 -18.96 37.82
N GLY B 96 -18.30 -19.70 37.71
CA GLY B 96 -17.36 -19.74 38.80
C GLY B 96 -16.26 -18.72 38.68
N SER B 97 -15.26 -18.80 39.55
CA SER B 97 -14.13 -17.90 39.52
C SER B 97 -12.94 -18.63 40.10
N LEU B 98 -11.75 -18.17 39.78
CA LEU B 98 -10.53 -18.78 40.26
C LEU B 98 -9.48 -17.70 40.39
N SER B 99 -8.90 -17.56 41.58
CA SER B 99 -7.89 -16.55 41.81
C SER B 99 -6.78 -17.00 42.77
N VAL B 100 -5.66 -16.27 42.77
CA VAL B 100 -4.53 -16.61 43.61
C VAL B 100 -4.07 -15.35 44.34
N TYR B 101 -4.25 -15.31 45.66
CA TYR B 101 -3.81 -14.16 46.45
C TYR B 101 -2.55 -14.60 47.14
N SER B 102 -1.63 -13.69 47.42
CA SER B 102 -0.43 -14.12 48.10
C SER B 102 0.40 -13.03 48.76
N THR B 103 1.02 -13.38 49.88
CA THR B 103 1.86 -12.47 50.64
C THR B 103 3.30 -12.97 50.46
N ARG B 104 4.24 -12.40 51.20
CA ARG B 104 5.62 -12.84 51.06
C ARG B 104 5.80 -14.28 51.53
N GLU B 105 4.85 -14.81 52.29
CA GLU B 105 4.99 -16.17 52.80
C GLU B 105 3.81 -17.11 52.75
N LYS B 106 2.75 -16.74 52.04
CA LYS B 106 1.60 -17.63 51.91
C LYS B 106 0.93 -17.40 50.56
N MET B 107 0.42 -18.46 49.96
CA MET B 107 -0.25 -18.38 48.68
C MET B 107 -1.59 -19.10 48.74
N THR B 108 -2.65 -18.41 48.38
CA THR B 108 -3.96 -19.04 48.41
C THR B 108 -4.53 -19.20 47.00
N TYR B 109 -5.02 -20.40 46.70
CA TYR B 109 -5.63 -20.67 45.42
C TYR B 109 -7.07 -20.97 45.74
N CYS B 110 -7.99 -20.04 45.50
CA CYS B 110 -9.38 -20.33 45.80
C CYS B 110 -10.30 -20.16 44.62
N VAL B 111 -11.47 -20.76 44.73
CA VAL B 111 -12.47 -20.73 43.70
C VAL B 111 -13.81 -20.55 44.38
N GLU B 112 -14.75 -19.91 43.69
CA GLU B 112 -16.09 -19.70 44.24
C GLU B 112 -17.04 -20.20 43.18
N CYS B 113 -18.29 -20.44 43.58
CA CYS B 113 -19.31 -20.91 42.65
C CYS B 113 -20.54 -21.28 43.45
N LEU B 114 -21.64 -21.51 42.75
CA LEU B 114 -22.87 -21.90 43.42
C LEU B 114 -22.69 -23.32 43.94
N ARG B 115 -23.34 -23.62 45.06
CA ARG B 115 -23.26 -24.93 45.71
C ARG B 115 -23.27 -26.13 44.76
N ASP B 116 -24.15 -26.07 43.77
CA ASP B 116 -24.30 -27.16 42.83
C ASP B 116 -23.21 -27.39 41.81
N HIS B 117 -22.10 -26.67 41.92
CA HIS B 117 -21.04 -26.83 40.95
C HIS B 117 -19.69 -27.09 41.59
N VAL B 118 -19.67 -27.09 42.92
CA VAL B 118 -18.44 -27.32 43.66
C VAL B 118 -17.59 -28.45 43.07
N ASP B 119 -18.22 -29.59 42.84
CA ASP B 119 -17.49 -30.74 42.30
C ASP B 119 -16.82 -30.43 40.96
N THR B 120 -17.46 -29.60 40.15
CA THR B 120 -16.93 -29.22 38.84
C THR B 120 -15.73 -28.27 38.94
N VAL B 121 -15.90 -27.21 39.73
CA VAL B 121 -14.86 -26.22 39.93
C VAL B 121 -13.67 -26.83 40.66
N MET B 122 -13.95 -27.83 41.49
CA MET B 122 -12.91 -28.48 42.29
C MET B 122 -11.80 -29.10 41.45
N GLU B 123 -12.20 -29.75 40.36
CA GLU B 123 -11.24 -30.39 39.48
C GLU B 123 -10.12 -29.45 39.09
N TYR B 124 -10.50 -28.29 38.56
CA TYR B 124 -9.52 -27.32 38.10
C TYR B 124 -8.66 -26.83 39.26
N LEU B 125 -9.28 -26.58 40.40
CA LEU B 125 -8.51 -26.13 41.56
C LEU B 125 -7.43 -27.15 41.89
N LEU B 126 -7.87 -28.40 42.01
CA LEU B 126 -6.99 -29.53 42.31
C LEU B 126 -5.86 -29.61 41.29
N ASN B 127 -6.24 -29.58 40.01
CA ASN B 127 -5.30 -29.63 38.90
C ASN B 127 -4.25 -28.52 38.93
N VAL B 128 -4.71 -27.28 39.06
CA VAL B 128 -3.80 -26.14 39.09
C VAL B 128 -2.71 -26.23 40.15
N THR B 129 -3.12 -26.50 41.39
CA THR B 129 -2.19 -26.58 42.52
C THR B 129 -1.32 -27.83 42.63
N THR B 130 -1.81 -28.97 42.15
CA THR B 130 -1.04 -30.20 42.26
C THR B 130 -0.52 -30.80 40.94
N ALA B 131 -1.03 -30.38 39.79
CA ALA B 131 -0.58 -30.94 38.53
C ALA B 131 -0.11 -30.00 37.41
N PRO B 132 0.47 -28.82 37.76
CA PRO B 132 0.91 -27.94 36.67
C PRO B 132 1.89 -28.61 35.72
N GLU B 133 1.96 -28.12 34.48
CA GLU B 133 2.87 -28.68 33.49
C GLU B 133 3.94 -27.65 33.13
N PHE B 134 3.61 -26.38 33.27
CA PHE B 134 4.54 -25.28 32.94
C PHE B 134 5.24 -25.48 31.60
N ARG B 135 4.45 -25.75 30.56
CA ARG B 135 5.00 -25.93 29.22
C ARG B 135 5.80 -24.70 28.87
N PRO B 136 7.04 -24.89 28.41
CA PRO B 136 7.94 -23.79 28.04
C PRO B 136 7.28 -22.69 27.23
N TRP B 137 6.64 -23.04 26.11
CA TRP B 137 6.02 -22.02 25.30
C TRP B 137 4.95 -21.23 26.07
N GLU B 138 4.05 -21.93 26.77
CA GLU B 138 3.03 -21.24 27.56
C GLU B 138 3.68 -20.29 28.55
N VAL B 139 4.75 -20.77 29.17
CA VAL B 139 5.50 -20.00 30.15
C VAL B 139 6.20 -18.82 29.51
N THR B 140 6.72 -19.01 28.31
CA THR B 140 7.43 -17.93 27.63
C THR B 140 6.48 -16.79 27.28
N ASP B 141 5.31 -17.14 26.75
CA ASP B 141 4.32 -16.14 26.39
C ASP B 141 3.75 -15.41 27.59
N LEU B 142 3.69 -16.11 28.73
CA LEU B 142 3.15 -15.52 29.94
C LEU B 142 4.04 -14.47 30.60
N GLN B 143 5.35 -14.63 30.48
CA GLN B 143 6.24 -13.70 31.14
C GLN B 143 6.13 -12.21 30.86
N PRO B 144 5.94 -11.80 29.59
CA PRO B 144 5.84 -10.36 29.38
C PRO B 144 4.71 -9.76 30.21
N GLN B 145 3.86 -10.62 30.75
CA GLN B 145 2.73 -10.20 31.59
C GLN B 145 3.18 -9.71 32.98
N LEU B 146 4.32 -10.16 33.46
CA LEU B 146 4.79 -9.69 34.76
C LEU B 146 5.01 -8.20 34.69
N LYS B 147 5.38 -7.74 33.49
CA LYS B 147 5.66 -6.33 33.24
C LYS B 147 4.40 -5.51 33.42
N VAL B 148 3.30 -6.02 32.87
CA VAL B 148 1.99 -5.36 32.96
C VAL B 148 1.52 -5.39 34.39
N ASP B 149 1.19 -6.59 34.86
CA ASP B 149 0.73 -6.86 36.21
C ASP B 149 1.42 -5.95 37.23
N LYS B 150 2.73 -5.88 37.12
CA LYS B 150 3.55 -5.07 38.01
C LYS B 150 3.30 -3.57 37.79
N ALA B 151 3.15 -3.16 36.54
CA ALA B 151 2.93 -1.76 36.22
C ALA B 151 1.63 -1.24 36.84
N VAL B 152 0.55 -2.01 36.78
CA VAL B 152 -0.70 -1.52 37.37
C VAL B 152 -0.61 -1.47 38.90
N ALA B 153 0.03 -2.47 39.50
CA ALA B 153 0.15 -2.48 40.94
C ALA B 153 0.89 -1.22 41.42
N PHE B 154 2.03 -0.95 40.80
CA PHE B 154 2.83 0.20 41.19
C PHE B 154 2.20 1.57 40.91
N GLN B 155 0.93 1.59 40.55
CA GLN B 155 0.28 2.87 40.31
C GLN B 155 -0.02 3.50 41.65
N SER B 156 -0.07 2.64 42.68
CA SER B 156 -0.33 3.08 44.04
C SER B 156 1.05 3.28 44.68
N PRO B 157 1.42 4.52 44.98
CA PRO B 157 2.74 4.70 45.59
C PRO B 157 2.83 3.78 46.80
N GLN B 158 1.70 3.62 47.47
CA GLN B 158 1.54 2.76 48.63
C GLN B 158 2.40 1.48 48.44
N VAL B 159 2.20 0.77 47.33
CA VAL B 159 2.94 -0.48 47.07
C VAL B 159 4.45 -0.33 46.86
N GLY B 160 4.88 0.79 46.28
CA GLY B 160 6.30 0.97 46.05
C GLY B 160 7.15 1.06 47.31
N VAL B 161 6.75 1.87 48.27
CA VAL B 161 7.52 2.03 49.49
C VAL B 161 7.51 0.75 50.32
N LEU B 162 6.41 0.00 50.30
CA LEU B 162 6.36 -1.22 51.09
C LEU B 162 7.40 -2.21 50.58
N GLU B 163 7.59 -2.25 49.27
CA GLU B 163 8.58 -3.14 48.69
C GLU B 163 9.93 -2.76 49.26
N ASN B 164 10.29 -1.49 49.10
CA ASN B 164 11.56 -0.98 49.59
C ASN B 164 11.69 -1.06 51.09
N LEU B 165 10.55 -1.08 51.80
CA LEU B 165 10.58 -1.18 53.26
C LEU B 165 11.16 -2.54 53.58
N HIS B 166 10.47 -3.58 53.17
CA HIS B 166 10.95 -4.94 53.43
C HIS B 166 12.39 -5.13 52.95
N ALA B 167 12.83 -4.30 52.01
CA ALA B 167 14.19 -4.42 51.51
C ALA B 167 15.15 -3.67 52.41
N ALA B 168 14.64 -2.67 53.13
CA ALA B 168 15.47 -1.89 54.03
C ALA B 168 15.37 -2.46 55.44
N ALA B 169 14.34 -3.26 55.68
CA ALA B 169 14.14 -3.83 56.99
C ALA B 169 14.73 -5.22 57.10
N TYR B 170 15.20 -5.77 55.99
CA TYR B 170 15.76 -7.09 56.05
C TYR B 170 16.95 -7.31 55.13
N LYS B 171 17.69 -8.39 55.39
CA LYS B 171 18.85 -8.76 54.61
C LYS B 171 18.51 -9.98 53.76
N THR B 172 17.38 -10.64 54.09
CA THR B 172 16.96 -11.83 53.37
C THR B 172 15.48 -12.17 53.47
N ALA B 173 15.12 -13.33 52.93
CA ALA B 173 13.76 -13.87 52.93
C ALA B 173 12.63 -12.86 52.76
N LEU B 174 12.31 -12.16 53.85
CA LEU B 174 11.26 -11.15 53.81
C LEU B 174 11.74 -9.94 53.00
N ALA B 175 13.05 -9.81 52.83
CA ALA B 175 13.60 -8.70 52.07
C ALA B 175 13.24 -8.84 50.59
N ASN B 176 12.85 -10.05 50.20
CA ASN B 176 12.49 -10.31 48.81
C ASN B 176 11.22 -9.61 48.39
N PRO B 177 11.24 -8.98 47.20
CA PRO B 177 10.12 -8.26 46.62
C PRO B 177 8.95 -9.20 46.33
N LEU B 178 7.74 -8.65 46.37
CA LEU B 178 6.53 -9.42 46.13
C LEU B 178 6.19 -9.45 44.64
N TYR B 179 6.85 -8.58 43.89
CA TYR B 179 6.65 -8.49 42.45
C TYR B 179 7.98 -8.70 41.75
N CYS B 180 8.00 -9.68 40.86
CA CYS B 180 9.20 -10.01 40.11
C CYS B 180 10.02 -8.80 39.71
N PRO B 181 11.31 -8.78 40.08
CA PRO B 181 12.16 -7.64 39.71
C PRO B 181 12.29 -7.57 38.19
N ASP B 182 12.53 -6.36 37.71
CA ASP B 182 12.65 -6.12 36.27
C ASP B 182 13.64 -6.99 35.52
N TYR B 183 14.92 -6.94 35.93
CA TYR B 183 15.97 -7.71 35.28
C TYR B 183 15.63 -9.19 35.11
N ARG B 184 14.70 -9.71 35.92
CA ARG B 184 14.36 -11.11 35.79
C ARG B 184 13.17 -11.47 34.92
N ILE B 185 12.45 -10.47 34.44
CA ILE B 185 11.29 -10.73 33.56
C ILE B 185 11.79 -11.42 32.31
N GLY B 186 11.14 -12.52 31.94
CA GLY B 186 11.54 -13.26 30.77
C GLY B 186 12.68 -14.25 31.00
N LYS B 187 13.20 -14.30 32.23
CA LYS B 187 14.31 -15.20 32.55
C LYS B 187 13.94 -16.33 33.49
N ILE B 188 12.72 -16.34 33.97
CA ILE B 188 12.26 -17.40 34.84
C ILE B 188 12.11 -18.62 33.94
N THR B 189 12.27 -19.83 34.47
CA THR B 189 12.17 -21.03 33.63
C THR B 189 11.19 -22.06 34.16
N SER B 190 10.74 -22.95 33.27
CA SER B 190 9.81 -24.01 33.67
C SER B 190 10.45 -24.84 34.78
N GLU B 191 11.79 -24.93 34.74
CA GLU B 191 12.53 -25.67 35.77
C GLU B 191 12.17 -25.03 37.09
N GLN B 192 12.60 -23.79 37.24
CA GLN B 192 12.36 -23.01 38.45
C GLN B 192 10.94 -23.08 38.95
N LEU B 193 9.96 -22.99 38.06
CA LEU B 193 8.59 -23.06 38.51
C LEU B 193 8.33 -24.44 39.08
N HIS B 194 8.77 -25.47 38.36
CA HIS B 194 8.59 -26.85 38.81
C HIS B 194 9.25 -27.09 40.14
N HIS B 195 10.54 -26.77 40.23
CA HIS B 195 11.27 -26.95 41.48
C HIS B 195 10.60 -26.19 42.59
N PHE B 196 10.23 -24.94 42.33
CA PHE B 196 9.58 -24.15 43.37
C PHE B 196 8.34 -24.85 43.89
N VAL B 197 7.52 -25.39 42.99
CA VAL B 197 6.32 -26.08 43.40
C VAL B 197 6.62 -27.39 44.12
N GLN B 198 7.50 -28.21 43.54
CA GLN B 198 7.86 -29.49 44.14
C GLN B 198 8.43 -29.29 45.55
N ASN B 199 9.23 -28.24 45.75
CA ASN B 199 9.85 -27.98 47.04
C ASN B 199 9.03 -27.18 48.06
N ASN B 200 7.81 -26.76 47.71
CA ASN B 200 7.01 -25.97 48.65
C ASN B 200 5.57 -26.41 48.77
N PHE B 201 4.96 -26.80 47.66
CA PHE B 201 3.57 -27.24 47.67
C PHE B 201 3.51 -28.69 48.16
N THR B 202 3.87 -28.90 49.42
CA THR B 202 3.89 -30.21 50.03
C THR B 202 2.78 -30.34 51.08
N SER B 203 2.14 -31.50 51.13
CA SER B 203 1.03 -31.76 52.05
C SER B 203 1.15 -31.21 53.47
N ALA B 204 2.36 -31.11 54.00
CA ALA B 204 2.54 -30.60 55.34
C ALA B 204 2.62 -29.08 55.39
N ARG B 205 2.50 -28.45 54.22
CA ARG B 205 2.57 -27.00 54.13
C ARG B 205 1.28 -26.46 53.53
N MET B 206 0.36 -27.37 53.22
CA MET B 206 -0.91 -27.02 52.62
C MET B 206 -2.14 -27.35 53.46
N ALA B 207 -3.18 -26.54 53.31
CA ALA B 207 -4.44 -26.71 54.01
C ALA B 207 -5.56 -26.59 52.99
N LEU B 208 -6.54 -27.47 53.08
CA LEU B 208 -7.67 -27.43 52.15
C LEU B 208 -8.91 -26.91 52.86
N VAL B 209 -9.00 -25.59 53.01
CA VAL B 209 -10.15 -24.95 53.68
C VAL B 209 -11.37 -25.00 52.77
N GLY B 210 -12.52 -24.58 53.28
CA GLY B 210 -13.70 -24.61 52.43
C GLY B 210 -15.06 -24.28 53.04
N ILE B 211 -15.48 -23.02 52.90
CA ILE B 211 -16.76 -22.58 53.41
C ILE B 211 -17.86 -23.05 52.46
N GLY B 212 -19.07 -23.22 52.99
CA GLY B 212 -20.18 -23.65 52.18
C GLY B 212 -20.21 -25.11 51.75
N VAL B 213 -19.52 -25.97 52.49
CA VAL B 213 -19.50 -27.38 52.16
C VAL B 213 -19.46 -28.27 53.40
N LYS B 214 -19.87 -29.53 53.24
CA LYS B 214 -19.89 -30.51 54.32
C LYS B 214 -18.47 -31.07 54.48
N HIS B 215 -18.03 -31.24 55.72
CA HIS B 215 -16.68 -31.72 55.98
C HIS B 215 -16.30 -33.09 55.41
N SER B 216 -17.22 -34.04 55.43
CA SER B 216 -16.92 -35.37 54.90
C SER B 216 -16.53 -35.26 53.43
N ASP B 217 -17.28 -34.45 52.70
CA ASP B 217 -17.08 -34.23 51.27
C ASP B 217 -15.74 -33.58 50.97
N LEU B 218 -15.45 -32.46 51.64
CA LEU B 218 -14.20 -31.77 51.42
C LEU B 218 -13.03 -32.68 51.79
N LYS B 219 -13.28 -33.64 52.70
CA LYS B 219 -12.25 -34.57 53.13
C LYS B 219 -12.02 -35.70 52.13
N GLN B 220 -13.10 -36.28 51.61
CA GLN B 220 -12.97 -37.36 50.63
C GLN B 220 -12.21 -36.85 49.41
N VAL B 221 -12.30 -35.55 49.17
CA VAL B 221 -11.61 -34.92 48.05
C VAL B 221 -10.11 -34.90 48.35
N ALA B 222 -9.73 -34.16 49.39
CA ALA B 222 -8.34 -34.02 49.81
C ALA B 222 -7.57 -35.34 49.73
N GLU B 223 -8.28 -36.42 50.01
CA GLU B 223 -7.71 -37.77 49.99
C GLU B 223 -7.41 -38.31 48.60
N GLN B 224 -8.40 -38.98 48.03
CA GLN B 224 -8.27 -39.61 46.71
C GLN B 224 -7.65 -38.78 45.58
N PHE B 225 -7.51 -37.47 45.76
CA PHE B 225 -6.95 -36.67 44.69
C PHE B 225 -5.69 -35.88 44.94
N LEU B 226 -5.58 -35.23 46.09
CA LEU B 226 -4.36 -34.47 46.37
C LEU B 226 -3.16 -35.41 46.35
N ASN B 227 -2.50 -35.47 45.18
CA ASN B 227 -1.34 -36.35 44.97
C ASN B 227 -0.04 -35.90 45.65
N ILE B 228 0.63 -34.87 45.13
CA ILE B 228 1.88 -34.38 45.73
C ILE B 228 1.79 -34.52 47.25
N ARG B 229 2.28 -35.66 47.75
CA ARG B 229 2.22 -35.99 49.16
C ARG B 229 3.21 -35.29 50.09
N SER B 230 3.30 -35.86 51.28
CA SER B 230 4.14 -35.43 52.39
C SER B 230 5.42 -34.66 52.07
N GLY B 231 5.92 -33.97 53.08
CA GLY B 231 7.13 -33.20 52.93
C GLY B 231 7.04 -31.84 53.60
N ALA B 232 8.16 -31.15 53.62
CA ALA B 232 8.25 -29.82 54.19
C ALA B 232 9.21 -29.07 53.28
N GLY B 233 9.84 -29.81 52.38
CA GLY B 233 10.78 -29.25 51.43
C GLY B 233 11.57 -28.06 51.89
N THR B 234 12.02 -27.25 50.93
CA THR B 234 12.82 -26.05 51.21
C THR B 234 12.29 -25.28 52.42
N SER B 235 13.21 -24.86 53.28
CA SER B 235 12.85 -24.09 54.46
C SER B 235 13.44 -22.71 54.32
N SER B 236 12.61 -21.69 54.53
CA SER B 236 13.06 -20.31 54.41
C SER B 236 14.18 -19.99 55.39
N ALA B 237 15.11 -19.14 54.96
CA ALA B 237 16.20 -18.74 55.84
C ALA B 237 15.57 -17.85 56.92
N LYS B 238 16.22 -17.73 58.07
CA LYS B 238 15.70 -16.89 59.13
C LYS B 238 15.62 -15.44 58.65
N ALA B 239 14.65 -14.72 59.21
CA ALA B 239 14.47 -13.33 58.84
C ALA B 239 15.45 -12.43 59.60
N THR B 240 16.60 -12.18 59.00
CA THR B 240 17.61 -11.33 59.60
C THR B 240 17.16 -9.88 59.47
N TYR B 241 17.23 -9.10 60.54
CA TYR B 241 16.84 -7.70 60.48
C TYR B 241 18.04 -6.81 60.11
N TRP B 242 17.84 -5.93 59.13
CA TRP B 242 18.92 -5.05 58.70
C TRP B 242 18.83 -3.63 59.29
N GLY B 243 17.69 -2.97 59.09
CA GLY B 243 17.54 -1.62 59.61
C GLY B 243 18.20 -0.63 58.69
N GLY B 244 17.81 -0.66 57.42
CA GLY B 244 18.37 0.25 56.44
C GLY B 244 17.39 1.34 56.07
N GLU B 245 17.85 2.27 55.25
CA GLU B 245 17.01 3.37 54.83
C GLU B 245 17.12 3.55 53.32
N ILE B 246 16.05 3.18 52.62
CA ILE B 246 15.99 3.29 51.19
C ILE B 246 15.14 4.50 50.82
N ARG B 247 15.70 5.45 50.09
CA ARG B 247 14.95 6.64 49.71
C ARG B 247 14.76 6.71 48.20
N GLU B 248 13.58 7.11 47.74
CA GLU B 248 13.32 7.22 46.30
C GLU B 248 12.88 8.60 45.83
N GLN B 249 13.83 9.33 45.22
CA GLN B 249 13.56 10.66 44.69
C GLN B 249 12.90 10.47 43.33
N ASN B 250 11.65 10.88 43.20
CA ASN B 250 10.97 10.72 41.92
C ASN B 250 10.07 11.87 41.52
N GLY B 251 10.17 13.01 42.19
CA GLY B 251 9.34 14.14 41.82
C GLY B 251 7.93 14.32 42.39
N HIS B 252 7.17 13.23 42.55
CA HIS B 252 5.81 13.27 43.11
C HIS B 252 5.57 14.37 44.12
N SER B 253 4.47 15.10 43.97
CA SER B 253 4.15 16.19 44.89
C SER B 253 3.91 15.64 46.30
N LEU B 254 3.46 14.39 46.38
CA LEU B 254 3.22 13.76 47.66
C LEU B 254 4.34 12.79 48.04
N VAL B 255 4.79 12.89 49.28
CA VAL B 255 5.84 12.04 49.81
C VAL B 255 5.27 10.96 50.72
N HIS B 256 5.52 9.70 50.40
CA HIS B 256 5.06 8.59 51.23
C HIS B 256 6.26 8.14 52.04
N ALA B 257 6.10 8.07 53.36
CA ALA B 257 7.18 7.65 54.23
C ALA B 257 6.69 6.62 55.22
N ALA B 258 7.57 5.67 55.55
CA ALA B 258 7.22 4.63 56.50
C ALA B 258 8.45 4.34 57.35
N VAL B 259 8.29 4.47 58.65
CA VAL B 259 9.36 4.22 59.60
C VAL B 259 8.89 3.11 60.51
N VAL B 260 9.61 2.00 60.50
CA VAL B 260 9.23 0.89 61.34
C VAL B 260 10.39 0.29 62.12
N THR B 261 10.06 -0.69 62.95
CA THR B 261 11.02 -1.39 63.78
C THR B 261 10.56 -2.84 63.83
N GLU B 262 11.46 -3.72 64.26
CA GLU B 262 11.09 -5.12 64.35
C GLU B 262 9.97 -5.22 65.38
N GLY B 263 8.85 -5.82 64.99
CA GLY B 263 7.74 -5.95 65.90
C GLY B 263 7.44 -7.39 66.24
N ALA B 264 6.22 -7.66 66.66
CA ALA B 264 5.83 -9.00 67.04
C ALA B 264 5.63 -9.88 65.81
N ALA B 265 5.64 -11.19 66.04
CA ALA B 265 5.44 -12.16 64.98
C ALA B 265 4.08 -12.81 65.18
N VAL B 266 3.66 -13.61 64.22
CA VAL B 266 2.38 -14.31 64.28
C VAL B 266 2.37 -15.14 65.54
N GLY B 267 1.19 -15.34 66.12
CA GLY B 267 1.09 -16.14 67.32
C GLY B 267 2.01 -15.71 68.45
N SER B 268 2.46 -14.46 68.41
CA SER B 268 3.35 -13.93 69.44
C SER B 268 2.50 -13.27 70.53
N ALA B 269 2.94 -13.40 71.77
CA ALA B 269 2.23 -12.82 72.90
C ALA B 269 2.26 -11.30 72.79
N GLU B 270 3.38 -10.79 72.29
CA GLU B 270 3.57 -9.35 72.14
C GLU B 270 2.75 -8.82 70.96
N ALA B 271 2.19 -9.74 70.18
CA ALA B 271 1.37 -9.38 69.01
C ALA B 271 0.18 -8.54 69.44
N ASN B 272 -0.76 -9.16 70.14
CA ASN B 272 -1.95 -8.50 70.63
C ASN B 272 -1.61 -7.13 71.23
N ALA B 273 -0.44 -7.02 71.85
CA ALA B 273 0.00 -5.76 72.46
C ALA B 273 0.11 -4.67 71.40
N PHE B 274 0.88 -4.96 70.35
CA PHE B 274 1.08 -4.03 69.24
C PHE B 274 -0.22 -3.69 68.55
N SER B 275 -0.98 -4.71 68.18
CA SER B 275 -2.26 -4.51 67.52
C SER B 275 -3.06 -3.45 68.25
N VAL B 276 -3.03 -3.50 69.58
CA VAL B 276 -3.75 -2.52 70.39
C VAL B 276 -3.06 -1.16 70.35
N LEU B 277 -1.74 -1.17 70.36
CA LEU B 277 -1.01 0.09 70.30
C LEU B 277 -1.29 0.72 68.93
N GLN B 278 -1.63 -0.15 67.99
CA GLN B 278 -1.94 0.29 66.63
C GLN B 278 -3.16 1.20 66.70
N HIS B 279 -4.29 0.63 67.12
CA HIS B 279 -5.53 1.39 67.22
C HIS B 279 -5.41 2.62 68.12
N VAL B 280 -4.61 2.52 69.17
CA VAL B 280 -4.43 3.65 70.06
C VAL B 280 -3.81 4.82 69.29
N LEU B 281 -2.80 4.52 68.50
CA LEU B 281 -2.13 5.53 67.69
C LEU B 281 -3.01 5.91 66.50
N GLY B 282 -3.82 4.95 66.09
CA GLY B 282 -4.72 5.17 64.98
C GLY B 282 -4.39 4.33 63.75
N ALA B 283 -5.34 3.53 63.30
CA ALA B 283 -5.11 2.70 62.13
C ALA B 283 -6.29 2.78 61.15
N GLY B 284 -6.38 3.90 60.43
CA GLY B 284 -7.46 4.06 59.45
C GLY B 284 -8.71 4.73 59.97
N PRO B 285 -9.34 5.61 59.17
CA PRO B 285 -10.56 6.34 59.54
C PRO B 285 -11.83 5.48 59.62
N LEU B 286 -12.73 5.86 60.51
CA LEU B 286 -13.98 5.14 60.68
C LEU B 286 -15.16 5.97 60.24
N ILE B 287 -14.93 7.27 60.07
CA ILE B 287 -15.97 8.20 59.64
C ILE B 287 -15.56 8.86 58.32
N LYS B 288 -16.38 8.68 57.28
CA LYS B 288 -16.12 9.24 55.96
C LYS B 288 -15.78 10.74 55.96
N ARG B 289 -14.65 11.09 55.37
CA ARG B 289 -14.18 12.48 55.31
C ARG B 289 -14.07 13.09 56.69
N GLY B 290 -14.26 12.25 57.71
CA GLY B 290 -14.20 12.76 59.06
C GLY B 290 -12.79 12.76 59.60
N SER B 291 -12.57 13.57 60.62
CA SER B 291 -11.27 13.65 61.29
C SER B 291 -11.21 12.47 62.26
N SER B 292 -10.00 12.07 62.64
CA SER B 292 -9.88 10.96 63.58
C SER B 292 -9.37 11.51 64.90
N VAL B 293 -10.27 11.70 65.85
CA VAL B 293 -9.89 12.22 67.16
C VAL B 293 -9.31 11.09 68.02
N THR B 294 -9.93 9.91 67.91
CA THR B 294 -9.50 8.71 68.64
C THR B 294 -8.10 8.28 68.19
N SER B 295 -7.60 8.91 67.13
CA SER B 295 -6.28 8.62 66.59
C SER B 295 -5.28 9.62 67.14
N LYS B 296 -4.43 9.15 68.04
CA LYS B 296 -3.45 10.01 68.65
C LYS B 296 -2.46 10.49 67.62
N LEU B 297 -2.01 9.55 66.79
CA LEU B 297 -1.04 9.85 65.74
C LEU B 297 -1.60 10.86 64.76
N TYR B 298 -2.82 10.61 64.28
CA TYR B 298 -3.46 11.52 63.34
C TYR B 298 -3.55 12.91 63.96
N GLN B 299 -4.22 12.97 65.11
CA GLN B 299 -4.39 14.22 65.84
C GLN B 299 -3.06 14.92 66.10
N GLY B 300 -2.02 14.15 66.39
CA GLY B 300 -0.72 14.73 66.65
C GLY B 300 -0.23 15.47 65.44
N VAL B 301 -0.16 14.75 64.31
CA VAL B 301 0.32 15.33 63.07
C VAL B 301 -0.55 16.50 62.67
N ALA B 302 -1.85 16.35 62.87
CA ALA B 302 -2.82 17.38 62.55
C ALA B 302 -2.38 18.71 63.14
N LYS B 303 -2.04 18.71 64.42
CA LYS B 303 -1.62 19.93 65.09
C LYS B 303 -0.28 20.45 64.57
N ALA B 304 0.47 19.58 63.89
CA ALA B 304 1.80 19.95 63.36
C ALA B 304 1.75 20.63 62.00
N THR B 305 1.13 19.96 61.02
CA THR B 305 1.02 20.51 59.68
C THR B 305 -0.30 21.24 59.52
N THR B 306 -0.47 21.93 58.40
CA THR B 306 -1.71 22.67 58.12
C THR B 306 -2.38 22.16 56.85
N GLN B 307 -1.56 21.66 55.94
CA GLN B 307 -2.04 21.15 54.67
C GLN B 307 -2.48 19.70 54.80
N PRO B 308 -3.16 19.19 53.76
CA PRO B 308 -3.65 17.81 53.72
C PRO B 308 -2.52 16.79 53.87
N PHE B 309 -2.85 15.66 54.50
CA PHE B 309 -1.89 14.61 54.76
C PHE B 309 -2.64 13.41 55.30
N ASP B 310 -1.90 12.39 55.68
CA ASP B 310 -2.47 11.21 56.27
C ASP B 310 -1.38 10.51 57.04
N ALA B 311 -1.76 9.85 58.13
CA ALA B 311 -0.81 9.14 58.98
C ALA B 311 -1.49 7.97 59.66
N SER B 312 -0.84 6.82 59.68
CA SER B 312 -1.43 5.65 60.32
C SER B 312 -0.42 4.76 61.00
N ALA B 313 -0.93 3.87 61.84
CA ALA B 313 -0.09 2.93 62.53
C ALA B 313 0.08 1.75 61.60
N PHE B 314 1.33 1.44 61.27
CA PHE B 314 1.64 0.32 60.40
C PHE B 314 2.01 -0.88 61.28
N ASN B 315 1.46 -2.05 60.95
CA ASN B 315 1.75 -3.23 61.73
C ASN B 315 1.59 -4.54 60.97
N VAL B 316 2.71 -5.25 60.79
CA VAL B 316 2.72 -6.53 60.10
C VAL B 316 3.29 -7.63 60.98
N ASN B 317 2.60 -8.78 60.99
CA ASN B 317 3.05 -9.91 61.78
C ASN B 317 3.37 -11.08 60.84
N TYR B 318 4.62 -11.51 60.85
CA TYR B 318 5.07 -12.63 60.01
C TYR B 318 5.38 -13.86 60.85
N SER B 319 5.64 -14.98 60.18
CA SER B 319 5.96 -16.23 60.84
C SER B 319 7.07 -16.07 61.89
N ASP B 320 8.24 -15.61 61.46
CA ASP B 320 9.35 -15.43 62.38
C ASP B 320 9.81 -13.99 62.56
N SER B 321 8.86 -13.05 62.46
CA SER B 321 9.18 -11.65 62.60
C SER B 321 7.97 -10.78 62.29
N GLY B 322 8.18 -9.47 62.33
CA GLY B 322 7.11 -8.54 62.05
C GLY B 322 7.67 -7.14 62.04
N LEU B 323 6.86 -6.19 61.58
CA LEU B 323 7.30 -4.79 61.54
C LEU B 323 6.24 -3.93 62.16
N PHE B 324 6.67 -2.88 62.84
CA PHE B 324 5.75 -1.95 63.48
C PHE B 324 6.25 -0.52 63.40
N GLY B 325 5.33 0.40 63.12
CA GLY B 325 5.68 1.80 63.02
C GLY B 325 4.54 2.59 62.44
N PHE B 326 4.86 3.68 61.75
CA PHE B 326 3.82 4.50 61.17
C PHE B 326 4.09 4.75 59.69
N TYR B 327 3.04 5.14 58.96
CA TYR B 327 3.14 5.43 57.53
C TYR B 327 2.55 6.82 57.31
N THR B 328 3.24 7.66 56.55
CA THR B 328 2.74 9.02 56.35
C THR B 328 2.79 9.62 54.94
N ILE B 329 1.63 10.04 54.45
CA ILE B 329 1.53 10.69 53.14
C ILE B 329 1.41 12.19 53.40
N SER B 330 2.22 12.99 52.73
CA SER B 330 2.18 14.43 52.94
C SER B 330 2.83 15.25 51.84
N GLN B 331 2.44 16.52 51.73
CA GLN B 331 3.03 17.38 50.73
C GLN B 331 4.51 17.43 51.00
N ALA B 332 5.31 17.41 49.94
CA ALA B 332 6.76 17.43 50.05
C ALA B 332 7.31 18.38 51.11
N ALA B 333 7.01 19.68 50.98
CA ALA B 333 7.55 20.65 51.92
C ALA B 333 7.14 20.46 53.38
N HIS B 334 6.19 19.56 53.64
CA HIS B 334 5.74 19.34 55.02
C HIS B 334 6.04 17.95 55.54
N ALA B 335 6.76 17.16 54.76
CA ALA B 335 7.10 15.80 55.20
C ALA B 335 7.91 15.88 56.49
N GLY B 336 8.77 16.89 56.59
CA GLY B 336 9.58 17.06 57.77
C GLY B 336 8.70 17.15 59.00
N GLU B 337 7.93 18.24 59.09
CA GLU B 337 7.05 18.45 60.22
C GLU B 337 6.11 17.27 60.43
N VAL B 338 5.60 16.69 59.35
CA VAL B 338 4.68 15.59 59.51
C VAL B 338 5.29 14.32 60.08
N ILE B 339 6.51 13.98 59.65
CA ILE B 339 7.12 12.77 60.16
C ILE B 339 7.57 12.94 61.61
N ARG B 340 8.17 14.10 61.92
CA ARG B 340 8.63 14.38 63.27
C ARG B 340 7.46 14.20 64.20
N ALA B 341 6.36 14.87 63.88
CA ALA B 341 5.14 14.82 64.67
C ALA B 341 4.73 13.38 64.88
N ALA B 342 4.79 12.56 63.83
CA ALA B 342 4.42 11.17 63.95
C ALA B 342 5.34 10.46 64.97
N MET B 343 6.59 10.93 65.05
CA MET B 343 7.57 10.38 65.99
C MET B 343 7.25 10.82 67.41
N ASN B 344 7.27 12.13 67.63
CA ASN B 344 6.99 12.68 68.95
C ASN B 344 5.77 12.01 69.56
N GLN B 345 4.83 11.64 68.72
CA GLN B 345 3.62 11.00 69.20
C GLN B 345 3.82 9.55 69.61
N LEU B 346 4.92 8.96 69.16
CA LEU B 346 5.23 7.57 69.51
C LEU B 346 6.07 7.57 70.78
N LYS B 347 6.93 8.58 70.91
CA LYS B 347 7.76 8.72 72.08
C LYS B 347 6.83 9.09 73.24
N ALA B 348 5.96 10.06 72.99
CA ALA B 348 5.01 10.52 74.00
C ALA B 348 4.17 9.35 74.51
N ALA B 349 4.02 8.32 73.69
CA ALA B 349 3.23 7.16 74.05
C ALA B 349 4.06 6.14 74.79
N ALA B 350 5.36 6.14 74.56
CA ALA B 350 6.27 5.19 75.20
C ALA B 350 6.62 5.70 76.60
N GLN B 351 6.32 6.96 76.86
CA GLN B 351 6.60 7.55 78.15
C GLN B 351 5.32 7.60 78.97
N GLY B 352 4.47 6.59 78.80
CA GLY B 352 3.23 6.54 79.54
C GLY B 352 2.12 7.47 79.10
N GLY B 353 2.21 7.99 77.87
CA GLY B 353 1.19 8.88 77.37
C GLY B 353 -0.02 8.11 76.87
N VAL B 354 -0.41 7.07 77.61
CA VAL B 354 -1.55 6.24 77.24
C VAL B 354 -2.56 6.08 78.37
N THR B 355 -3.72 6.72 78.22
CA THR B 355 -4.78 6.62 79.21
C THR B 355 -5.28 5.19 79.30
N GLU B 356 -5.91 4.84 80.41
CA GLU B 356 -6.44 3.49 80.59
C GLU B 356 -7.71 3.36 79.72
N GLU B 357 -8.22 4.50 79.30
CA GLU B 357 -9.42 4.54 78.46
C GLU B 357 -9.02 4.30 77.01
N ASP B 358 -7.94 4.94 76.59
CA ASP B 358 -7.46 4.80 75.22
C ASP B 358 -7.33 3.32 74.96
N VAL B 359 -6.80 2.61 75.94
CA VAL B 359 -6.62 1.17 75.83
C VAL B 359 -7.96 0.46 75.74
N THR B 360 -8.98 1.05 76.35
CA THR B 360 -10.32 0.47 76.32
C THR B 360 -10.95 0.69 74.95
N LYS B 361 -10.90 1.92 74.47
CA LYS B 361 -11.46 2.24 73.16
C LYS B 361 -10.87 1.34 72.09
N ALA B 362 -9.54 1.34 72.01
CA ALA B 362 -8.82 0.53 71.04
C ALA B 362 -9.33 -0.89 71.04
N LYS B 363 -9.25 -1.55 72.19
CA LYS B 363 -9.70 -2.92 72.34
C LYS B 363 -11.06 -3.17 71.69
N ASN B 364 -11.91 -2.16 71.68
CA ASN B 364 -13.23 -2.31 71.09
C ASN B 364 -13.11 -2.19 69.58
N GLN B 365 -12.39 -1.16 69.13
CA GLN B 365 -12.18 -0.93 67.71
C GLN B 365 -11.55 -2.17 67.10
N LEU B 366 -10.63 -2.78 67.83
CA LEU B 366 -9.94 -3.98 67.37
C LEU B 366 -10.87 -5.19 67.29
N LYS B 367 -11.73 -5.35 68.30
CA LYS B 367 -12.67 -6.46 68.32
C LYS B 367 -13.71 -6.30 67.22
N ALA B 368 -14.22 -5.08 67.08
CA ALA B 368 -15.21 -4.77 66.07
C ALA B 368 -14.56 -5.00 64.71
N THR B 369 -13.44 -4.32 64.48
CA THR B 369 -12.70 -4.45 63.23
C THR B 369 -12.53 -5.93 62.89
N TYR B 370 -12.08 -6.71 63.86
CA TYR B 370 -11.89 -8.15 63.66
C TYR B 370 -13.22 -8.78 63.25
N LEU B 371 -14.24 -8.56 64.04
CA LEU B 371 -15.56 -9.13 63.80
C LEU B 371 -16.23 -8.74 62.47
N MET B 372 -15.99 -7.50 62.02
CA MET B 372 -16.57 -7.05 60.76
C MET B 372 -15.78 -7.69 59.62
N SER B 373 -14.48 -7.80 59.82
CA SER B 373 -13.58 -8.38 58.84
C SER B 373 -13.75 -9.89 58.72
N VAL B 374 -15.00 -10.35 58.72
CA VAL B 374 -15.28 -11.78 58.60
C VAL B 374 -16.68 -11.99 58.03
N GLU B 375 -17.38 -10.89 57.74
CA GLU B 375 -18.72 -10.94 57.16
C GLU B 375 -18.60 -11.35 55.69
N THR B 376 -17.42 -11.08 55.13
CA THR B 376 -17.08 -11.38 53.74
C THR B 376 -16.76 -12.87 53.59
N ALA B 377 -17.37 -13.54 52.62
CA ALA B 377 -17.08 -14.96 52.40
C ALA B 377 -15.56 -15.07 52.33
N GLN B 378 -14.96 -14.17 51.56
CA GLN B 378 -13.52 -14.12 51.38
C GLN B 378 -12.80 -13.93 52.71
N GLY B 379 -13.26 -12.94 53.49
CA GLY B 379 -12.64 -12.66 54.78
C GLY B 379 -12.72 -13.81 55.77
N LEU B 380 -13.84 -14.52 55.76
CA LEU B 380 -14.05 -15.65 56.65
C LEU B 380 -13.12 -16.80 56.25
N LEU B 381 -13.15 -17.17 54.98
CA LEU B 381 -12.31 -18.26 54.48
C LEU B 381 -10.86 -17.97 54.80
N ASN B 382 -10.48 -16.72 54.63
CA ASN B 382 -9.11 -16.34 54.91
C ASN B 382 -8.81 -16.61 56.38
N GLU B 383 -9.68 -16.12 57.26
CA GLU B 383 -9.54 -16.29 58.70
C GLU B 383 -9.39 -17.77 59.08
N ILE B 384 -10.39 -18.57 58.73
CA ILE B 384 -10.38 -20.00 59.00
C ILE B 384 -9.07 -20.67 58.55
N GLY B 385 -8.78 -20.57 57.26
CA GLY B 385 -7.59 -21.19 56.70
C GLY B 385 -6.25 -20.71 57.22
N SER B 386 -6.18 -19.45 57.63
CA SER B 386 -4.93 -18.91 58.14
C SER B 386 -4.49 -19.68 59.37
N GLU B 387 -5.46 -20.03 60.20
CA GLU B 387 -5.21 -20.79 61.42
C GLU B 387 -4.88 -22.23 61.06
N ALA B 388 -5.83 -22.90 60.43
CA ALA B 388 -5.65 -24.28 60.03
C ALA B 388 -4.33 -24.57 59.28
N LEU B 389 -3.56 -23.53 58.99
CA LEU B 389 -2.28 -23.71 58.28
C LEU B 389 -1.10 -23.46 59.22
N LEU B 390 -1.13 -22.32 59.89
CA LEU B 390 -0.08 -21.96 60.84
C LEU B 390 -0.51 -22.35 62.25
N SER B 391 -1.20 -23.49 62.38
CA SER B 391 -1.68 -23.95 63.67
C SER B 391 -2.30 -25.34 63.58
N GLY B 392 -3.51 -25.42 63.04
CA GLY B 392 -4.19 -26.70 62.91
C GLY B 392 -5.40 -26.67 63.82
N THR B 393 -5.70 -25.49 64.34
CA THR B 393 -6.82 -25.31 65.25
C THR B 393 -7.56 -24.02 64.98
N HIS B 394 -8.79 -23.92 65.48
CA HIS B 394 -9.59 -22.72 65.30
C HIS B 394 -9.90 -22.00 66.61
N THR B 395 -9.12 -20.96 66.90
CA THR B 395 -9.31 -20.15 68.09
C THR B 395 -10.72 -19.56 68.04
N ALA B 396 -11.56 -19.93 69.01
CA ALA B 396 -12.93 -19.41 69.06
C ALA B 396 -12.92 -17.89 69.16
N PRO B 397 -13.97 -17.22 68.65
CA PRO B 397 -14.03 -15.76 68.70
C PRO B 397 -13.96 -15.20 70.13
N SER B 398 -14.58 -15.91 71.07
CA SER B 398 -14.57 -15.48 72.47
C SER B 398 -13.15 -15.53 73.02
N VAL B 399 -12.39 -16.53 72.58
CA VAL B 399 -11.02 -16.72 73.01
C VAL B 399 -10.15 -15.57 72.51
N VAL B 400 -10.27 -15.26 71.22
CA VAL B 400 -9.49 -14.19 70.63
C VAL B 400 -9.87 -12.87 71.29
N ALA B 401 -11.11 -12.79 71.75
CA ALA B 401 -11.59 -11.61 72.44
C ALA B 401 -10.91 -11.57 73.79
N GLN B 402 -10.93 -12.72 74.48
CA GLN B 402 -10.31 -12.86 75.79
C GLN B 402 -8.83 -12.48 75.75
N LYS B 403 -8.17 -12.82 74.66
CA LYS B 403 -6.75 -12.54 74.47
C LYS B 403 -6.50 -11.07 74.21
N ILE B 404 -7.41 -10.44 73.48
CA ILE B 404 -7.26 -9.04 73.14
C ILE B 404 -7.37 -8.09 74.35
N ASP B 405 -8.51 -8.07 75.04
CA ASP B 405 -8.68 -7.19 76.19
C ASP B 405 -7.71 -7.51 77.31
N SER B 406 -7.24 -8.74 77.37
CA SER B 406 -6.29 -9.15 78.40
C SER B 406 -4.92 -8.54 78.09
N VAL B 407 -4.92 -7.24 77.81
CA VAL B 407 -3.70 -6.51 77.48
C VAL B 407 -3.64 -5.25 78.34
N THR B 408 -2.72 -5.24 79.30
CA THR B 408 -2.57 -4.11 80.22
C THR B 408 -2.18 -2.82 79.53
N SER B 409 -2.37 -1.72 80.25
CA SER B 409 -2.01 -0.41 79.75
C SER B 409 -0.49 -0.34 79.67
N ALA B 410 0.17 -1.22 80.42
CA ALA B 410 1.63 -1.26 80.44
C ALA B 410 2.15 -1.90 79.15
N ASP B 411 1.60 -3.06 78.81
CA ASP B 411 1.99 -3.78 77.60
C ASP B 411 2.09 -2.80 76.44
N VAL B 412 1.06 -1.96 76.34
CA VAL B 412 0.98 -0.95 75.29
C VAL B 412 2.13 0.07 75.37
N VAL B 413 2.40 0.59 76.57
CA VAL B 413 3.47 1.57 76.70
C VAL B 413 4.83 0.91 76.49
N ASN B 414 4.88 -0.40 76.65
CA ASN B 414 6.11 -1.15 76.44
C ASN B 414 6.34 -1.29 74.95
N ALA B 415 5.30 -1.72 74.24
CA ALA B 415 5.36 -1.87 72.79
C ALA B 415 5.94 -0.58 72.26
N ALA B 416 5.35 0.54 72.68
CA ALA B 416 5.80 1.86 72.26
C ALA B 416 7.29 2.02 72.52
N LYS B 417 7.72 1.66 73.73
CA LYS B 417 9.13 1.74 74.11
C LYS B 417 9.99 0.99 73.09
N LYS B 418 9.66 -0.29 72.90
CA LYS B 418 10.38 -1.15 71.97
C LYS B 418 10.65 -0.45 70.65
N PHE B 419 9.73 0.41 70.23
CA PHE B 419 9.87 1.14 68.99
C PHE B 419 10.86 2.29 69.14
N VAL B 420 10.63 3.14 70.11
CA VAL B 420 11.51 4.30 70.31
C VAL B 420 12.94 3.86 70.56
N SER B 421 13.10 2.63 71.02
CA SER B 421 14.41 2.07 71.32
C SER B 421 15.03 1.28 70.17
N GLY B 422 14.29 0.28 69.64
CA GLY B 422 14.79 -0.55 68.55
C GLY B 422 15.42 0.13 67.34
N LYS B 423 16.16 -0.64 66.55
CA LYS B 423 16.82 -0.11 65.35
C LYS B 423 15.76 0.09 64.29
N LYS B 424 15.65 1.31 63.81
CA LYS B 424 14.64 1.65 62.81
C LYS B 424 15.14 1.56 61.38
N SER B 425 14.22 1.20 60.49
CA SER B 425 14.50 1.11 59.06
C SER B 425 13.42 1.98 58.42
N MET B 426 13.81 2.79 57.45
CA MET B 426 12.87 3.69 56.80
C MET B 426 12.85 3.63 55.27
N ALA B 427 11.64 3.74 54.71
CA ALA B 427 11.46 3.71 53.28
C ALA B 427 10.59 4.92 52.90
N ALA B 428 11.08 5.77 52.01
CA ALA B 428 10.34 6.94 51.59
C ALA B 428 10.48 7.17 50.07
N SER B 429 9.49 7.84 49.46
CA SER B 429 9.51 8.13 48.03
C SER B 429 8.62 9.31 47.60
N GLY B 430 9.20 10.22 46.83
CA GLY B 430 8.49 11.39 46.35
C GLY B 430 9.52 12.49 46.17
N ASP B 431 9.16 13.73 46.46
CA ASP B 431 10.15 14.80 46.35
C ASP B 431 10.74 14.95 47.74
N LEU B 432 11.68 14.04 48.05
CA LEU B 432 12.32 13.98 49.35
C LEU B 432 13.21 15.19 49.71
N GLY B 433 13.15 16.24 48.91
CA GLY B 433 13.97 17.42 49.19
C GLY B 433 13.87 17.97 50.60
N SER B 434 12.78 17.68 51.31
CA SER B 434 12.59 18.18 52.67
C SER B 434 12.26 17.06 53.64
N THR B 435 12.47 15.82 53.21
CA THR B 435 12.19 14.67 54.05
C THR B 435 13.42 14.35 54.88
N PRO B 436 13.24 14.12 56.19
CA PRO B 436 14.37 13.81 57.06
C PRO B 436 14.95 12.41 56.88
N PHE B 437 16.22 12.27 57.26
CA PHE B 437 16.90 10.99 57.19
C PHE B 437 16.69 10.25 58.51
N LEU B 438 16.62 8.93 58.45
CA LEU B 438 16.42 8.12 59.64
C LEU B 438 17.26 8.56 60.84
N ASP B 439 18.43 9.14 60.60
CA ASP B 439 19.27 9.58 61.71
C ASP B 439 18.97 11.00 62.18
N GLU B 440 17.92 11.61 61.66
CA GLU B 440 17.56 12.97 62.07
C GLU B 440 16.24 12.91 62.83
N LEU B 441 15.81 11.68 63.14
CA LEU B 441 14.57 11.47 63.89
C LEU B 441 14.86 11.09 65.34
N MET C 1 -6.46 -12.35 10.89
CA MET C 1 -5.53 -11.22 10.61
C MET C 1 -5.96 -9.99 11.39
N ALA C 2 -7.00 -9.32 10.90
CA ALA C 2 -7.55 -8.12 11.53
C ALA C 2 -9.02 -8.38 11.86
N PRO C 3 -9.62 -7.54 12.72
CA PRO C 3 -11.04 -7.74 13.06
C PRO C 3 -11.99 -7.76 11.85
N ASN C 4 -12.25 -6.60 11.22
CA ASN C 4 -13.15 -6.57 10.06
C ASN C 4 -12.45 -6.81 8.74
N ILE C 5 -13.11 -7.60 7.89
CA ILE C 5 -12.61 -7.99 6.57
C ILE C 5 -12.52 -6.85 5.56
N ARG C 6 -12.93 -5.65 5.97
CA ARG C 6 -12.91 -4.49 5.09
C ARG C 6 -11.50 -3.88 5.08
N LYS C 7 -10.68 -4.27 6.06
CA LYS C 7 -9.32 -3.76 6.19
C LYS C 7 -8.25 -4.80 5.84
N SER C 8 -8.49 -6.06 6.21
CA SER C 8 -7.55 -7.15 5.95
C SER C 8 -7.43 -7.55 4.47
N HIS C 9 -8.56 -7.90 3.85
CA HIS C 9 -8.62 -8.31 2.43
C HIS C 9 -7.77 -7.40 1.53
N PRO C 10 -6.94 -7.96 0.64
CA PRO C 10 -6.08 -7.18 -0.26
C PRO C 10 -6.79 -6.30 -1.29
N LEU C 11 -8.09 -6.54 -1.49
CA LEU C 11 -8.87 -5.75 -2.44
C LEU C 11 -9.85 -4.78 -1.77
N LEU C 12 -10.71 -5.30 -0.88
CA LEU C 12 -11.67 -4.45 -0.18
C LEU C 12 -10.90 -3.33 0.49
N LYS C 13 -9.76 -3.69 1.07
CA LYS C 13 -8.89 -2.73 1.74
C LYS C 13 -8.70 -1.51 0.82
N MET C 14 -8.57 -1.76 -0.49
CA MET C 14 -8.38 -0.68 -1.44
C MET C 14 -9.67 0.12 -1.61
N ILE C 15 -10.79 -0.60 -1.71
CA ILE C 15 -12.10 0.02 -1.86
C ILE C 15 -12.45 0.83 -0.62
N ASN C 16 -11.96 0.37 0.52
CA ASN C 16 -12.22 1.04 1.78
C ASN C 16 -11.37 2.29 1.93
N ASN C 17 -10.08 2.18 1.64
CA ASN C 17 -9.20 3.33 1.79
C ASN C 17 -9.36 4.40 0.70
N SER C 18 -10.42 4.30 -0.09
CA SER C 18 -10.64 5.26 -1.15
C SER C 18 -12.10 5.64 -1.38
N LEU C 19 -13.01 4.93 -0.74
CA LEU C 19 -14.43 5.24 -0.92
C LEU C 19 -15.29 5.03 0.32
N ILE C 20 -14.67 4.73 1.45
CA ILE C 20 -15.45 4.49 2.65
C ILE C 20 -14.81 5.08 3.89
N ASP C 21 -13.65 4.58 4.27
CA ASP C 21 -12.95 5.06 5.46
C ASP C 21 -11.94 6.14 5.13
N LEU C 22 -11.92 6.56 3.87
CA LEU C 22 -11.03 7.60 3.39
C LEU C 22 -11.38 8.95 4.03
N PRO C 23 -10.40 9.57 4.69
CA PRO C 23 -10.58 10.88 5.35
C PRO C 23 -10.80 12.04 4.37
N ALA C 24 -11.96 12.69 4.49
CA ALA C 24 -12.28 13.83 3.63
C ALA C 24 -12.51 15.11 4.43
N PRO C 25 -12.12 16.26 3.87
CA PRO C 25 -12.32 17.52 4.58
C PRO C 25 -13.82 17.70 4.82
N SER C 26 -14.19 18.13 6.01
CA SER C 26 -15.61 18.29 6.32
C SER C 26 -16.25 19.46 5.57
N ASN C 27 -15.44 20.38 5.08
CA ASN C 27 -15.99 21.55 4.42
C ASN C 27 -15.89 21.67 2.91
N ILE C 28 -15.62 20.57 2.20
CA ILE C 28 -15.53 20.69 0.76
C ILE C 28 -16.91 20.95 0.16
N SER C 29 -16.96 21.89 -0.80
CA SER C 29 -18.19 22.31 -1.46
C SER C 29 -18.57 21.51 -2.68
N ALA C 30 -19.58 21.99 -3.39
CA ALA C 30 -20.07 21.33 -4.60
C ALA C 30 -19.01 21.29 -5.70
N TRP C 31 -18.04 22.19 -5.67
CA TRP C 31 -17.03 22.16 -6.71
C TRP C 31 -16.19 20.89 -6.64
N TRP C 32 -16.33 20.16 -5.54
CA TRP C 32 -15.57 18.93 -5.36
C TRP C 32 -16.37 17.73 -5.86
N ASN C 33 -17.52 17.99 -6.45
CA ASN C 33 -18.36 16.93 -6.95
C ASN C 33 -18.02 16.55 -8.37
N PHE C 34 -17.16 17.31 -9.00
CA PHE C 34 -16.87 17.02 -10.39
C PHE C 34 -15.93 15.85 -10.67
N GLY C 35 -15.09 15.49 -9.71
CA GLY C 35 -14.21 14.35 -9.91
C GLY C 35 -15.03 13.08 -10.09
N SER C 36 -15.95 12.84 -9.16
CA SER C 36 -16.77 11.65 -9.23
C SER C 36 -17.66 11.67 -10.46
N LEU C 37 -18.14 12.85 -10.85
CA LEU C 37 -18.97 12.93 -12.04
C LEU C 37 -18.11 12.63 -13.23
N LEU C 38 -16.84 13.03 -13.19
CA LEU C 38 -15.96 12.76 -14.30
C LEU C 38 -15.76 11.28 -14.43
N ALA C 39 -15.58 10.61 -13.28
CA ALA C 39 -15.38 9.15 -13.25
C ALA C 39 -16.63 8.45 -13.78
N VAL C 40 -17.80 8.86 -13.30
CA VAL C 40 -19.04 8.25 -13.76
C VAL C 40 -19.24 8.54 -15.25
N CYS C 41 -18.87 9.75 -15.64
CA CYS C 41 -18.97 10.20 -17.01
C CYS C 41 -18.16 9.25 -17.88
N LEU C 42 -16.97 8.93 -17.42
CA LEU C 42 -16.10 8.04 -18.15
C LEU C 42 -16.66 6.62 -18.26
N MET C 43 -17.24 6.10 -17.17
CA MET C 43 -17.78 4.75 -17.23
C MET C 43 -18.91 4.72 -18.23
N THR C 44 -19.70 5.77 -18.26
CA THR C 44 -20.83 5.87 -19.17
C THR C 44 -20.43 6.03 -20.65
N GLN C 45 -19.36 6.75 -20.93
CA GLN C 45 -18.94 6.90 -22.30
C GLN C 45 -18.45 5.58 -22.82
N ILE C 46 -17.64 4.91 -22.00
CA ILE C 46 -17.09 3.61 -22.37
C ILE C 46 -18.22 2.63 -22.61
N LEU C 47 -19.23 2.67 -21.74
CA LEU C 47 -20.35 1.78 -21.87
C LEU C 47 -21.12 2.05 -23.15
N THR C 48 -21.66 3.25 -23.31
CA THR C 48 -22.41 3.58 -24.53
C THR C 48 -21.51 3.43 -25.76
N GLY C 49 -20.21 3.70 -25.58
CA GLY C 49 -19.27 3.58 -26.68
C GLY C 49 -19.21 2.17 -27.23
N LEU C 50 -19.09 1.19 -26.34
CA LEU C 50 -19.02 -0.23 -26.72
C LEU C 50 -20.32 -0.64 -27.37
N LEU C 51 -21.44 -0.22 -26.80
CA LEU C 51 -22.72 -0.55 -27.39
C LEU C 51 -22.83 -0.01 -28.82
N LEU C 52 -22.26 1.16 -29.09
CA LEU C 52 -22.31 1.71 -30.46
C LEU C 52 -21.30 1.02 -31.33
N ALA C 53 -20.14 0.70 -30.76
CA ALA C 53 -19.08 0.03 -31.50
C ALA C 53 -19.51 -1.31 -32.06
N MET C 54 -20.47 -1.94 -31.40
CA MET C 54 -20.93 -3.24 -31.86
C MET C 54 -21.79 -3.21 -33.10
N HIS C 55 -22.04 -2.02 -33.62
CA HIS C 55 -22.84 -1.86 -34.81
C HIS C 55 -22.18 -0.95 -35.82
N TYR C 56 -21.02 -0.44 -35.47
CA TYR C 56 -20.32 0.47 -36.34
C TYR C 56 -19.43 -0.25 -37.33
N THR C 57 -19.19 0.38 -38.46
CA THR C 57 -18.30 -0.20 -39.47
C THR C 57 -17.37 0.90 -39.90
N ALA C 58 -16.07 0.72 -39.66
CA ALA C 58 -15.08 1.72 -40.01
C ALA C 58 -14.60 1.60 -41.43
N ASP C 59 -15.37 2.16 -42.33
CA ASP C 59 -15.02 2.17 -43.74
C ASP C 59 -15.72 3.38 -44.30
N THR C 60 -15.00 4.16 -45.11
CA THR C 60 -15.62 5.35 -45.67
C THR C 60 -16.96 5.05 -46.34
N SER C 61 -17.05 3.90 -46.98
CA SER C 61 -18.30 3.54 -47.66
C SER C 61 -19.43 3.04 -46.77
N LEU C 62 -19.17 2.81 -45.49
CA LEU C 62 -20.24 2.30 -44.61
C LEU C 62 -20.41 3.05 -43.30
N ALA C 63 -19.41 3.84 -42.93
CA ALA C 63 -19.45 4.60 -41.68
C ALA C 63 -20.75 5.41 -41.47
N PHE C 64 -20.98 6.35 -42.35
CA PHE C 64 -22.15 7.19 -42.24
C PHE C 64 -23.39 6.35 -42.09
N SER C 65 -23.56 5.37 -42.96
CA SER C 65 -24.79 4.57 -42.87
C SER C 65 -24.81 3.58 -41.71
N SER C 66 -23.65 3.12 -41.26
CA SER C 66 -23.66 2.18 -40.13
C SER C 66 -24.23 2.91 -38.90
N VAL C 67 -23.90 4.20 -38.79
CA VAL C 67 -24.38 5.03 -37.72
C VAL C 67 -25.87 5.30 -37.89
N ALA C 68 -26.30 5.44 -39.15
CA ALA C 68 -27.72 5.68 -39.39
C ALA C 68 -28.49 4.40 -39.13
N HIS C 69 -27.90 3.27 -39.52
CA HIS C 69 -28.53 1.98 -39.32
C HIS C 69 -28.73 1.80 -37.82
N THR C 70 -27.67 2.11 -37.06
CA THR C 70 -27.73 1.99 -35.61
C THR C 70 -28.89 2.81 -35.05
N CYS C 71 -29.02 4.04 -35.49
CA CYS C 71 -30.10 4.91 -35.00
C CYS C 71 -31.45 4.47 -35.45
N ARG C 72 -31.53 4.01 -36.69
CA ARG C 72 -32.80 3.59 -37.26
C ARG C 72 -33.26 2.14 -37.03
N ASN C 73 -32.34 1.19 -36.82
CA ASN C 73 -32.76 -0.19 -36.63
C ASN C 73 -32.48 -0.82 -35.29
N VAL C 74 -31.30 -0.54 -34.74
CA VAL C 74 -30.94 -1.10 -33.46
C VAL C 74 -31.91 -0.65 -32.37
N GLN C 75 -32.33 -1.57 -31.51
CA GLN C 75 -33.26 -1.25 -30.43
C GLN C 75 -32.59 -0.22 -29.56
N TYR C 76 -33.21 0.96 -29.45
CA TYR C 76 -32.66 2.07 -28.67
C TYR C 76 -31.30 2.53 -29.17
N GLY C 77 -31.01 2.24 -30.43
CA GLY C 77 -29.76 2.68 -30.97
C GLY C 77 -29.73 4.19 -30.92
N TRP C 78 -30.86 4.82 -31.25
CA TRP C 78 -30.95 6.26 -31.25
C TRP C 78 -30.65 6.84 -29.89
N LEU C 79 -31.13 6.18 -28.85
CA LEU C 79 -30.93 6.62 -27.48
C LEU C 79 -29.45 6.53 -27.11
N ILE C 80 -28.86 5.38 -27.40
CA ILE C 80 -27.46 5.18 -27.09
C ILE C 80 -26.62 6.21 -27.85
N ARG C 81 -26.89 6.37 -29.14
CA ARG C 81 -26.17 7.33 -29.96
C ARG C 81 -26.30 8.71 -29.30
N ASN C 82 -27.53 9.12 -28.97
CA ASN C 82 -27.70 10.39 -28.32
C ASN C 82 -26.87 10.50 -27.05
N LEU C 83 -27.08 9.57 -26.13
CA LEU C 83 -26.34 9.58 -24.88
C LEU C 83 -24.83 9.65 -25.06
N HIS C 84 -24.29 8.91 -26.03
CA HIS C 84 -22.85 8.93 -26.25
C HIS C 84 -22.39 10.29 -26.75
N ALA C 85 -23.08 10.81 -27.76
CA ALA C 85 -22.71 12.09 -28.36
C ALA C 85 -22.89 13.21 -27.38
N ASN C 86 -24.01 13.21 -26.68
CA ASN C 86 -24.22 14.26 -25.70
C ASN C 86 -23.37 14.06 -24.45
N GLY C 87 -23.02 12.81 -24.16
CA GLY C 87 -22.19 12.52 -23.01
C GLY C 87 -20.82 13.18 -23.14
N ALA C 88 -20.35 13.31 -24.38
CA ALA C 88 -19.07 13.93 -24.64
C ALA C 88 -19.09 15.38 -24.14
N SER C 89 -20.22 16.08 -24.31
CA SER C 89 -20.31 17.45 -23.82
C SER C 89 -20.40 17.47 -22.32
N PHE C 90 -21.17 16.55 -21.75
CA PHE C 90 -21.32 16.50 -20.29
C PHE C 90 -19.93 16.30 -19.73
N PHE C 91 -19.15 15.46 -20.42
CA PHE C 91 -17.79 15.18 -19.98
C PHE C 91 -16.98 16.44 -19.90
N PHE C 92 -16.95 17.22 -20.99
CA PHE C 92 -16.20 18.48 -21.04
C PHE C 92 -16.73 19.58 -20.09
N ILE C 93 -18.05 19.71 -19.97
CA ILE C 93 -18.58 20.70 -19.05
C ILE C 93 -17.94 20.34 -17.72
N CYS C 94 -18.14 19.11 -17.29
CA CYS C 94 -17.59 18.66 -16.02
C CYS C 94 -16.08 18.86 -15.90
N ILE C 95 -15.35 18.65 -16.98
CA ILE C 95 -13.92 18.82 -16.86
C ILE C 95 -13.51 20.28 -16.72
N PHE C 96 -14.23 21.19 -17.37
CA PHE C 96 -13.88 22.60 -17.26
C PHE C 96 -14.20 23.13 -15.86
N LEU C 97 -15.29 22.63 -15.28
CA LEU C 97 -15.62 23.03 -13.92
C LEU C 97 -14.60 22.40 -12.94
N HIS C 98 -14.13 21.19 -13.26
CA HIS C 98 -13.16 20.49 -12.42
C HIS C 98 -11.87 21.32 -12.45
N ILE C 99 -11.42 21.69 -13.64
CA ILE C 99 -10.20 22.50 -13.77
C ILE C 99 -10.36 23.87 -13.11
N GLY C 100 -11.50 24.52 -13.34
CA GLY C 100 -11.72 25.83 -12.76
C GLY C 100 -11.50 25.80 -11.28
N ARG C 101 -12.25 24.92 -10.63
CA ARG C 101 -12.19 24.71 -9.19
C ARG C 101 -10.72 24.65 -8.75
N GLY C 102 -9.93 23.83 -9.43
CA GLY C 102 -8.54 23.69 -9.04
C GLY C 102 -7.70 24.94 -9.18
N LEU C 103 -8.04 25.74 -10.18
CA LEU C 103 -7.31 26.97 -10.40
C LEU C 103 -7.69 27.96 -9.31
N TYR C 104 -8.98 28.06 -9.01
CA TYR C 104 -9.47 28.97 -7.98
C TYR C 104 -9.07 28.59 -6.55
N TYR C 105 -8.86 27.30 -6.29
CA TYR C 105 -8.50 26.86 -4.94
C TYR C 105 -7.08 26.36 -4.78
N GLY C 106 -6.26 26.60 -5.79
CA GLY C 106 -4.87 26.25 -5.73
C GLY C 106 -4.61 24.79 -5.54
N SER C 107 -5.50 23.97 -6.09
CA SER C 107 -5.36 22.53 -5.98
C SER C 107 -4.10 22.10 -6.70
N TYR C 108 -3.72 22.88 -7.71
CA TYR C 108 -2.54 22.62 -8.54
C TYR C 108 -1.26 22.58 -7.72
N LEU C 109 -1.34 22.95 -6.45
CA LEU C 109 -0.15 22.89 -5.63
C LEU C 109 0.14 21.42 -5.35
N TYR C 110 -0.80 20.56 -5.74
CA TYR C 110 -0.64 19.10 -5.65
C TYR C 110 -0.10 18.76 -7.03
N LYS C 111 1.13 19.18 -7.30
CA LYS C 111 1.74 18.99 -8.59
C LYS C 111 1.47 17.72 -9.40
N GLU C 112 1.68 16.54 -8.83
CA GLU C 112 1.46 15.30 -9.60
C GLU C 112 -0.02 15.07 -9.89
N THR C 113 -0.87 15.32 -8.91
CA THR C 113 -2.28 15.14 -9.16
C THR C 113 -2.64 16.11 -10.29
N TRP C 114 -2.11 17.33 -10.24
CA TRP C 114 -2.37 18.33 -11.27
C TRP C 114 -1.83 17.90 -12.63
N ASN C 115 -0.55 17.54 -12.73
CA ASN C 115 -0.01 17.13 -14.01
C ASN C 115 -0.71 15.89 -14.60
N THR C 116 -1.05 14.89 -13.79
CA THR C 116 -1.74 13.74 -14.36
C THR C 116 -3.09 14.25 -14.87
N GLY C 117 -3.62 15.27 -14.20
CA GLY C 117 -4.89 15.85 -14.61
C GLY C 117 -4.77 16.49 -15.99
N VAL C 118 -3.69 17.21 -16.24
CA VAL C 118 -3.52 17.83 -17.54
C VAL C 118 -3.45 16.72 -18.58
N ILE C 119 -2.77 15.63 -18.25
CA ILE C 119 -2.68 14.51 -19.18
C ILE C 119 -4.08 13.93 -19.48
N LEU C 120 -4.91 13.83 -18.44
CA LEU C 120 -6.25 13.32 -18.63
C LEU C 120 -7.01 14.18 -19.61
N LEU C 121 -6.85 15.49 -19.46
CA LEU C 121 -7.49 16.47 -20.36
C LEU C 121 -6.99 16.32 -21.80
N LEU C 122 -5.69 16.21 -21.99
CA LEU C 122 -5.17 16.04 -23.35
C LEU C 122 -5.69 14.74 -23.95
N THR C 123 -5.67 13.66 -23.18
CA THR C 123 -6.15 12.40 -23.73
C THR C 123 -7.64 12.50 -24.05
N LEU C 124 -8.41 13.15 -23.18
CA LEU C 124 -9.85 13.31 -23.42
C LEU C 124 -10.14 14.07 -24.71
N MET C 125 -9.31 15.06 -25.01
CA MET C 125 -9.47 15.85 -26.23
C MET C 125 -9.16 15.01 -27.45
N ALA C 126 -8.03 14.30 -27.43
CA ALA C 126 -7.68 13.44 -28.56
C ALA C 126 -8.80 12.42 -28.78
N THR C 127 -9.31 11.87 -27.69
CA THR C 127 -10.37 10.89 -27.82
C THR C 127 -11.57 11.52 -28.54
N ALA C 128 -12.10 12.61 -27.99
CA ALA C 128 -13.25 13.25 -28.61
C ALA C 128 -12.98 13.66 -30.05
N PHE C 129 -11.74 14.09 -30.34
CA PHE C 129 -11.38 14.49 -31.68
C PHE C 129 -11.50 13.36 -32.67
N VAL C 130 -10.85 12.23 -32.39
CA VAL C 130 -10.93 11.06 -33.28
C VAL C 130 -12.31 10.42 -33.25
N GLY C 131 -13.03 10.53 -32.13
CA GLY C 131 -14.35 9.97 -32.11
C GLY C 131 -15.26 10.71 -33.06
N TYR C 132 -15.10 12.04 -33.10
CA TYR C 132 -15.91 12.90 -33.94
C TYR C 132 -15.82 12.55 -35.42
N VAL C 133 -14.71 11.96 -35.84
CA VAL C 133 -14.56 11.61 -37.24
C VAL C 133 -15.36 10.38 -37.65
N LEU C 134 -15.58 9.47 -36.72
CA LEU C 134 -16.25 8.21 -37.02
C LEU C 134 -17.56 8.22 -37.81
N PRO C 135 -18.46 9.17 -37.53
CA PRO C 135 -19.71 9.14 -38.31
C PRO C 135 -19.46 9.49 -39.77
N TRP C 136 -18.31 10.10 -40.03
CA TRP C 136 -17.90 10.45 -41.38
C TRP C 136 -18.91 11.35 -42.10
N GLY C 137 -19.31 12.42 -41.40
CA GLY C 137 -20.18 13.43 -41.97
C GLY C 137 -19.30 14.56 -42.55
N GLN C 138 -19.90 15.68 -42.93
CA GLN C 138 -19.09 16.75 -43.53
C GLN C 138 -18.12 17.41 -42.57
N MET C 139 -18.57 17.71 -41.36
CA MET C 139 -17.71 18.35 -40.38
C MET C 139 -16.71 17.35 -39.86
N SER C 140 -17.05 16.07 -39.94
CA SER C 140 -16.16 15.00 -39.48
C SER C 140 -14.92 15.06 -40.34
N PHE C 141 -15.14 14.93 -41.63
CA PHE C 141 -14.06 14.95 -42.59
C PHE C 141 -13.32 16.30 -42.65
N TRP C 142 -14.04 17.41 -42.73
CA TRP C 142 -13.36 18.68 -42.84
C TRP C 142 -12.64 19.11 -41.58
N GLY C 143 -13.18 18.75 -40.43
CA GLY C 143 -12.50 19.07 -39.19
C GLY C 143 -11.19 18.30 -39.19
N ALA C 144 -11.29 17.01 -39.51
CA ALA C 144 -10.10 16.17 -39.55
C ALA C 144 -9.04 16.78 -40.50
N THR C 145 -9.50 17.21 -41.66
CA THR C 145 -8.66 17.79 -42.69
C THR C 145 -8.00 19.09 -42.29
N VAL C 146 -8.81 20.02 -41.79
CA VAL C 146 -8.27 21.29 -41.35
C VAL C 146 -7.19 21.06 -40.28
N ILE C 147 -7.59 20.51 -39.14
CA ILE C 147 -6.67 20.28 -38.05
C ILE C 147 -5.44 19.47 -38.35
N THR C 148 -5.55 18.30 -38.97
CA THR C 148 -4.35 17.52 -39.25
C THR C 148 -3.37 18.22 -40.22
N ASN C 149 -3.87 19.06 -41.11
CA ASN C 149 -2.97 19.76 -42.03
C ASN C 149 -2.14 20.80 -41.33
N LEU C 150 -2.60 21.27 -40.18
CA LEU C 150 -1.86 22.28 -39.46
C LEU C 150 -0.44 21.81 -39.22
N PHE C 151 -0.29 20.53 -38.95
CA PHE C 151 1.03 20.02 -38.64
C PHE C 151 2.02 19.89 -39.76
N SER C 152 1.57 20.02 -41.00
CA SER C 152 2.51 19.94 -42.10
C SER C 152 3.34 21.23 -42.07
N ALA C 153 3.01 22.11 -41.13
CA ALA C 153 3.70 23.40 -40.94
C ALA C 153 4.88 23.29 -39.97
N ILE C 154 5.03 22.13 -39.34
CA ILE C 154 6.17 21.93 -38.45
C ILE C 154 7.36 21.86 -39.39
N PRO C 155 8.49 22.46 -39.01
CA PRO C 155 9.67 22.43 -39.88
C PRO C 155 10.32 21.06 -40.19
N TYR C 156 10.61 20.86 -41.47
CA TYR C 156 11.29 19.64 -41.91
C TYR C 156 10.53 18.31 -41.81
N ILE C 157 10.08 17.97 -40.60
CA ILE C 157 9.36 16.73 -40.38
C ILE C 157 7.86 16.90 -40.51
N GLY C 158 7.45 18.08 -40.95
CA GLY C 158 6.04 18.39 -41.09
C GLY C 158 5.24 17.44 -41.95
N HIS C 159 5.34 17.63 -43.26
CA HIS C 159 4.61 16.80 -44.22
C HIS C 159 4.73 15.31 -43.92
N THR C 160 5.88 14.90 -43.42
CA THR C 160 6.13 13.51 -43.09
C THR C 160 5.20 13.01 -42.00
N LEU C 161 5.26 13.65 -40.83
CA LEU C 161 4.43 13.27 -39.70
C LEU C 161 2.94 13.21 -40.10
N VAL C 162 2.49 14.19 -40.87
CA VAL C 162 1.11 14.26 -41.31
C VAL C 162 0.71 13.12 -42.22
N GLU C 163 1.51 12.89 -43.27
CA GLU C 163 1.21 11.83 -44.22
C GLU C 163 1.30 10.48 -43.57
N TRP C 164 2.08 10.42 -42.51
CA TRP C 164 2.23 9.18 -41.78
C TRP C 164 0.90 8.97 -41.04
N ALA C 165 0.48 9.98 -40.31
CA ALA C 165 -0.77 9.93 -39.56
C ALA C 165 -1.97 9.57 -40.43
N TRP C 166 -2.07 10.18 -41.61
CA TRP C 166 -3.16 9.92 -42.55
C TRP C 166 -3.12 8.51 -43.16
N GLY C 167 -1.91 7.97 -43.29
CA GLY C 167 -1.73 6.68 -43.90
C GLY C 167 -1.89 6.83 -45.40
N GLY C 168 -1.61 8.03 -45.90
CA GLY C 168 -1.76 8.31 -47.31
C GLY C 168 -1.61 9.79 -47.60
N PHE C 169 -2.30 10.26 -48.63
CA PHE C 169 -2.14 11.66 -49.01
C PHE C 169 -3.21 12.64 -48.56
N SER C 170 -4.26 12.10 -47.95
CA SER C 170 -5.34 12.93 -47.47
C SER C 170 -6.12 12.13 -46.46
N VAL C 171 -7.08 12.77 -45.81
CA VAL C 171 -7.87 12.07 -44.85
C VAL C 171 -8.70 11.13 -45.69
N ASP C 172 -8.45 9.85 -45.54
CA ASP C 172 -9.19 8.87 -46.32
C ASP C 172 -9.44 7.63 -45.48
N ASN C 173 -9.88 6.56 -46.11
CA ASN C 173 -10.20 5.35 -45.39
C ASN C 173 -9.16 4.82 -44.43
N PRO C 174 -7.87 4.91 -44.81
CA PRO C 174 -6.91 4.38 -43.84
C PRO C 174 -6.77 5.23 -42.60
N THR C 175 -7.33 6.43 -42.66
CA THR C 175 -7.28 7.34 -41.53
C THR C 175 -8.44 6.98 -40.62
N LEU C 176 -9.60 6.75 -41.24
CA LEU C 176 -10.77 6.38 -40.49
C LEU C 176 -10.52 5.13 -39.69
N THR C 177 -10.04 4.06 -40.33
CA THR C 177 -9.84 2.83 -39.58
C THR C 177 -8.87 2.96 -38.43
N ARG C 178 -7.82 3.76 -38.57
CA ARG C 178 -6.89 3.91 -37.45
C ARG C 178 -7.49 4.84 -36.40
N PHE C 179 -8.38 5.73 -36.80
CA PHE C 179 -8.99 6.64 -35.82
C PHE C 179 -9.98 5.87 -34.96
N PHE C 180 -10.64 4.87 -35.55
CA PHE C 180 -11.58 4.03 -34.81
C PHE C 180 -10.78 3.26 -33.75
N ALA C 181 -9.65 2.69 -34.16
CA ALA C 181 -8.79 1.94 -33.26
C ALA C 181 -8.36 2.84 -32.11
N LEU C 182 -7.91 4.04 -32.43
CA LEU C 182 -7.50 4.99 -31.42
C LEU C 182 -8.66 5.38 -30.51
N HIS C 183 -9.84 5.60 -31.10
CA HIS C 183 -10.96 6.04 -30.30
C HIS C 183 -11.39 4.97 -29.33
N PHE C 184 -11.20 3.71 -29.71
CA PHE C 184 -11.59 2.59 -28.86
C PHE C 184 -10.56 2.47 -27.73
N LEU C 185 -9.30 2.66 -28.08
CA LEU C 185 -8.18 2.55 -27.15
C LEU C 185 -8.00 3.65 -26.10
N LEU C 186 -7.86 4.91 -26.51
CA LEU C 186 -7.65 6.02 -25.57
C LEU C 186 -8.51 6.06 -24.31
N PRO C 187 -9.82 5.81 -24.43
CA PRO C 187 -10.64 5.84 -23.20
C PRO C 187 -10.10 4.92 -22.11
N PHE C 188 -9.55 3.79 -22.52
CA PHE C 188 -8.98 2.86 -21.54
C PHE C 188 -7.73 3.49 -20.92
N ALA C 189 -6.95 4.19 -21.72
CA ALA C 189 -5.78 4.88 -21.17
C ALA C 189 -6.30 5.93 -20.19
N ILE C 190 -7.42 6.57 -20.52
CA ILE C 190 -7.98 7.56 -19.61
C ILE C 190 -8.32 6.92 -18.28
N ALA C 191 -9.00 5.77 -18.33
CA ALA C 191 -9.35 5.04 -17.11
C ALA C 191 -8.09 4.70 -16.31
N GLY C 192 -7.06 4.21 -17.01
CA GLY C 192 -5.82 3.88 -16.33
C GLY C 192 -5.17 5.07 -15.63
N ILE C 193 -4.89 6.13 -16.39
CA ILE C 193 -4.29 7.35 -15.84
C ILE C 193 -5.16 7.94 -14.74
N THR C 194 -6.46 7.76 -14.83
CA THR C 194 -7.33 8.25 -13.76
C THR C 194 -6.95 7.53 -12.45
N ILE C 195 -6.64 6.24 -12.50
CA ILE C 195 -6.25 5.55 -11.28
C ILE C 195 -5.03 6.23 -10.71
N ILE C 196 -4.04 6.53 -11.57
CA ILE C 196 -2.81 7.24 -11.11
C ILE C 196 -3.19 8.61 -10.48
N HIS C 197 -4.06 9.35 -11.15
CA HIS C 197 -4.55 10.65 -10.71
C HIS C 197 -4.97 10.50 -9.24
N LEU C 198 -5.94 9.63 -8.97
CA LEU C 198 -6.42 9.41 -7.60
C LEU C 198 -5.34 8.86 -6.65
N THR C 199 -4.38 8.09 -7.17
CA THR C 199 -3.32 7.56 -6.33
C THR C 199 -2.46 8.70 -5.81
N PHE C 200 -2.04 9.60 -6.68
CA PHE C 200 -1.26 10.76 -6.24
C PHE C 200 -2.12 11.58 -5.31
N LEU C 201 -3.37 11.79 -5.67
CA LEU C 201 -4.26 12.57 -4.84
C LEU C 201 -4.30 12.05 -3.41
N HIS C 202 -4.46 10.75 -3.24
CA HIS C 202 -4.53 10.16 -1.89
C HIS C 202 -3.30 10.35 -1.05
N GLU C 203 -2.20 10.74 -1.67
CA GLU C 203 -0.95 10.97 -0.95
C GLU C 203 -1.14 12.15 0.01
N SER C 204 -1.92 13.13 -0.41
CA SER C 204 -2.18 14.34 0.37
C SER C 204 -3.58 14.42 0.92
N GLY C 205 -4.54 13.93 0.14
CA GLY C 205 -5.92 14.01 0.54
C GLY C 205 -6.42 15.25 -0.16
N SER C 206 -7.71 15.56 -0.01
CA SER C 206 -8.27 16.73 -0.67
C SER C 206 -7.94 18.05 -0.03
N ASN C 207 -7.90 19.07 -0.88
CA ASN C 207 -7.67 20.42 -0.47
C ASN C 207 -9.10 20.86 -0.12
N ASN C 208 -9.30 22.02 0.50
CA ASN C 208 -10.67 22.43 0.81
C ASN C 208 -10.86 23.93 0.47
N PRO C 209 -12.12 24.40 0.43
CA PRO C 209 -12.30 25.82 0.08
C PRO C 209 -11.64 26.93 0.91
N LEU C 210 -11.24 26.69 2.14
CA LEU C 210 -10.58 27.77 2.88
C LEU C 210 -9.07 27.66 2.71
N GLY C 211 -8.61 26.59 2.05
CA GLY C 211 -7.19 26.39 1.83
C GLY C 211 -6.29 26.21 3.05
N ILE C 212 -6.85 25.87 4.19
CA ILE C 212 -6.05 25.65 5.40
C ILE C 212 -6.22 24.19 5.80
N SER C 213 -5.30 23.69 6.60
CA SER C 213 -5.32 22.28 6.99
C SER C 213 -6.62 21.80 7.61
N SER C 214 -7.20 20.74 7.05
CA SER C 214 -8.45 20.20 7.58
C SER C 214 -8.29 18.94 8.42
N ASP C 215 -7.07 18.68 8.91
CA ASP C 215 -6.79 17.50 9.74
C ASP C 215 -7.52 17.55 11.07
N SER C 216 -7.86 18.77 11.47
CA SER C 216 -8.56 19.01 12.72
C SER C 216 -10.03 18.67 12.58
N ASP C 217 -10.48 18.50 11.34
CA ASP C 217 -11.89 18.20 11.08
C ASP C 217 -12.11 17.36 9.82
N LYS C 218 -11.87 16.06 9.91
CA LYS C 218 -12.08 15.19 8.77
C LYS C 218 -13.23 14.24 9.02
N ILE C 219 -13.92 13.85 7.95
CA ILE C 219 -15.07 12.94 8.05
C ILE C 219 -14.89 11.81 7.04
N PRO C 220 -15.50 10.65 7.29
CA PRO C 220 -15.35 9.55 6.33
C PRO C 220 -16.09 9.86 5.03
N PHE C 221 -15.50 9.46 3.91
CA PHE C 221 -16.08 9.68 2.61
C PHE C 221 -17.53 9.22 2.63
N HIS C 222 -17.76 8.01 3.17
CA HIS C 222 -19.12 7.45 3.28
C HIS C 222 -19.61 7.62 4.73
N PRO C 223 -20.88 8.05 4.91
CA PRO C 223 -21.91 8.39 3.92
C PRO C 223 -21.95 9.82 3.42
N TYR C 224 -21.18 10.71 4.05
CA TYR C 224 -21.20 12.13 3.67
C TYR C 224 -21.03 12.47 2.20
N TYR C 225 -19.92 12.01 1.61
CA TYR C 225 -19.66 12.28 0.22
C TYR C 225 -20.22 11.26 -0.76
N SER C 226 -20.50 10.05 -0.29
CA SER C 226 -21.09 9.09 -1.20
C SER C 226 -22.50 9.67 -1.48
N PHE C 227 -23.15 10.21 -0.46
CA PHE C 227 -24.48 10.78 -0.67
C PHE C 227 -24.41 12.11 -1.41
N LYS C 228 -23.50 12.99 -1.00
CA LYS C 228 -23.36 14.28 -1.65
C LYS C 228 -23.07 14.09 -3.14
N ASP C 229 -22.19 13.16 -3.45
CA ASP C 229 -21.85 12.91 -4.85
C ASP C 229 -23.01 12.28 -5.64
N ILE C 230 -23.77 11.37 -5.02
CA ILE C 230 -24.91 10.76 -5.73
C ILE C 230 -25.92 11.84 -6.02
N LEU C 231 -26.13 12.75 -5.07
CA LEU C 231 -27.06 13.84 -5.26
C LEU C 231 -26.55 14.72 -6.40
N GLY C 232 -25.25 15.01 -6.34
CA GLY C 232 -24.62 15.82 -7.36
C GLY C 232 -24.76 15.17 -8.72
N LEU C 233 -24.81 13.84 -8.74
CA LEU C 233 -24.96 13.09 -9.99
C LEU C 233 -26.32 13.37 -10.62
N THR C 234 -27.40 13.23 -9.84
CA THR C 234 -28.77 13.47 -10.35
C THR C 234 -29.05 14.93 -10.67
N LEU C 235 -28.42 15.83 -9.93
CA LEU C 235 -28.63 17.24 -10.22
C LEU C 235 -28.08 17.56 -11.61
N MET C 236 -26.90 17.04 -11.94
CA MET C 236 -26.35 17.31 -13.26
C MET C 236 -27.07 16.47 -14.31
N LEU C 237 -27.20 15.18 -14.04
CA LEU C 237 -27.87 14.26 -14.95
C LEU C 237 -29.23 14.74 -15.48
N THR C 238 -29.90 15.63 -14.76
CA THR C 238 -31.20 16.14 -15.22
C THR C 238 -31.01 17.04 -16.46
N PRO C 239 -30.20 18.11 -16.35
CA PRO C 239 -30.01 18.96 -17.53
C PRO C 239 -29.48 18.12 -18.71
N PHE C 240 -28.60 17.18 -18.42
CA PHE C 240 -28.02 16.29 -19.44
C PHE C 240 -29.15 15.61 -20.24
N LEU C 241 -29.93 14.77 -19.57
CA LEU C 241 -31.01 14.06 -20.22
C LEU C 241 -32.05 14.96 -20.84
N THR C 242 -32.33 16.10 -20.20
CA THR C 242 -33.31 17.06 -20.73
C THR C 242 -32.87 17.52 -22.12
N LEU C 243 -31.56 17.65 -22.27
CA LEU C 243 -30.95 18.05 -23.53
C LEU C 243 -30.98 16.88 -24.51
N ALA C 244 -30.45 15.74 -24.09
CA ALA C 244 -30.39 14.57 -24.96
C ALA C 244 -31.77 14.04 -25.37
N LEU C 245 -32.81 14.41 -24.64
CA LEU C 245 -34.14 13.92 -24.98
C LEU C 245 -35.07 14.97 -25.54
N PHE C 246 -34.91 16.22 -25.12
CA PHE C 246 -35.79 17.25 -25.64
C PHE C 246 -35.20 18.12 -26.72
N SER C 247 -33.87 18.08 -26.86
CA SER C 247 -33.18 18.87 -27.86
C SER C 247 -31.88 18.12 -28.21
N PRO C 248 -32.02 16.95 -28.84
CA PRO C 248 -30.94 16.05 -29.26
C PRO C 248 -29.81 16.67 -30.09
N ASN C 249 -30.17 17.59 -30.97
CA ASN C 249 -29.18 18.22 -31.86
C ASN C 249 -28.86 19.66 -31.55
N LEU C 250 -29.28 20.14 -30.39
CA LEU C 250 -29.00 21.52 -30.04
C LEU C 250 -27.53 21.90 -30.20
N LEU C 251 -26.63 21.01 -29.78
CA LEU C 251 -25.21 21.30 -29.84
C LEU C 251 -24.48 20.83 -31.10
N GLY C 252 -25.15 20.05 -31.94
CA GLY C 252 -24.48 19.55 -33.11
C GLY C 252 -24.59 20.36 -34.37
N ASP C 253 -23.63 20.17 -35.26
CA ASP C 253 -23.59 20.87 -36.53
C ASP C 253 -24.44 20.15 -37.55
N PRO C 254 -25.40 20.84 -38.17
CA PRO C 254 -26.27 20.24 -39.18
C PRO C 254 -25.46 19.68 -40.33
N GLU C 255 -24.31 20.28 -40.54
CA GLU C 255 -23.40 19.88 -41.60
C GLU C 255 -23.00 18.39 -41.50
N ASN C 256 -23.11 17.84 -40.29
CA ASN C 256 -22.75 16.45 -40.10
C ASN C 256 -23.83 15.45 -40.47
N PHE C 257 -24.98 15.95 -40.92
CA PHE C 257 -26.03 15.07 -41.40
C PHE C 257 -25.89 14.92 -42.91
N THR C 258 -24.71 15.21 -43.42
CA THR C 258 -24.43 15.11 -44.83
C THR C 258 -23.17 14.31 -44.96
N PRO C 259 -23.20 13.25 -45.77
CA PRO C 259 -21.99 12.46 -45.92
C PRO C 259 -20.77 13.29 -46.39
N ALA C 260 -19.62 12.98 -45.80
CA ALA C 260 -18.37 13.64 -46.13
C ALA C 260 -18.20 13.71 -47.65
N ASN C 261 -17.76 14.85 -48.15
CA ASN C 261 -17.53 15.05 -49.58
C ASN C 261 -16.26 15.86 -49.76
N PRO C 262 -15.17 15.20 -50.18
CA PRO C 262 -13.89 15.88 -50.39
C PRO C 262 -13.92 17.02 -51.40
N LEU C 263 -14.97 17.11 -52.20
CA LEU C 263 -15.05 18.14 -53.22
C LEU C 263 -16.11 19.16 -52.89
N VAL C 264 -16.29 19.47 -51.62
CA VAL C 264 -17.27 20.46 -51.23
C VAL C 264 -16.95 20.91 -49.84
N THR C 265 -16.24 22.02 -49.75
CA THR C 265 -15.88 22.55 -48.46
C THR C 265 -17.08 23.22 -47.80
N PRO C 266 -17.34 22.88 -46.52
CA PRO C 266 -18.47 23.55 -45.90
C PRO C 266 -18.08 25.04 -45.74
N PRO C 267 -19.07 25.92 -45.72
CA PRO C 267 -18.77 27.36 -45.59
C PRO C 267 -18.13 27.71 -44.23
N HIS C 268 -18.56 27.04 -43.17
CA HIS C 268 -18.03 27.34 -41.85
C HIS C 268 -17.56 26.12 -41.09
N ILE C 269 -16.29 25.79 -41.27
CA ILE C 269 -15.63 24.70 -40.61
C ILE C 269 -15.30 25.10 -39.18
N LYS C 270 -16.12 24.69 -38.23
CA LYS C 270 -15.85 25.03 -36.84
C LYS C 270 -16.08 23.79 -35.97
N PRO C 271 -15.38 23.71 -34.84
CA PRO C 271 -15.52 22.57 -33.93
C PRO C 271 -16.73 22.54 -33.04
N GLU C 272 -16.71 21.60 -32.10
CA GLU C 272 -17.76 21.45 -31.12
C GLU C 272 -17.51 22.54 -30.09
N TRP C 273 -18.56 22.95 -29.40
CA TRP C 273 -18.39 24.03 -28.46
C TRP C 273 -17.14 23.96 -27.60
N TYR C 274 -16.83 22.77 -27.09
CA TYR C 274 -15.69 22.60 -26.18
C TYR C 274 -14.31 22.77 -26.78
N PHE C 275 -14.24 23.04 -28.08
CA PHE C 275 -12.96 23.24 -28.76
C PHE C 275 -12.86 24.66 -29.33
N LEU C 276 -14.01 25.34 -29.40
CA LEU C 276 -14.12 26.68 -29.96
C LEU C 276 -13.08 27.64 -29.41
N PHE C 277 -12.99 27.75 -28.09
CA PHE C 277 -12.01 28.64 -27.49
C PHE C 277 -10.63 28.43 -28.06
N ALA C 278 -10.24 27.20 -28.36
CA ALA C 278 -8.91 26.90 -28.89
C ALA C 278 -8.84 27.20 -30.38
N TYR C 279 -9.96 27.01 -31.03
CA TYR C 279 -10.03 27.29 -32.45
C TYR C 279 -9.81 28.80 -32.63
N ALA C 280 -10.38 29.60 -31.72
CA ALA C 280 -10.26 31.05 -31.76
C ALA C 280 -8.80 31.43 -31.65
N ILE C 281 -8.13 30.87 -30.64
CA ILE C 281 -6.72 31.17 -30.45
C ILE C 281 -5.94 30.75 -31.67
N LEU C 282 -6.35 29.67 -32.29
CA LEU C 282 -5.65 29.18 -33.47
C LEU C 282 -5.60 30.24 -34.55
N ARG C 283 -6.78 30.74 -34.88
CA ARG C 283 -6.96 31.72 -35.92
C ARG C 283 -6.51 33.12 -35.56
N SER C 284 -6.18 33.33 -34.29
CA SER C 284 -5.74 34.65 -33.87
C SER C 284 -4.36 34.96 -34.44
N ILE C 285 -3.53 33.95 -34.60
CA ILE C 285 -2.19 34.17 -35.13
C ILE C 285 -2.12 33.83 -36.60
N PRO C 286 -2.16 34.85 -37.46
CA PRO C 286 -2.08 34.59 -38.90
C PRO C 286 -0.62 34.20 -39.19
N ASN C 287 -0.41 32.93 -39.51
CA ASN C 287 0.91 32.36 -39.78
C ASN C 287 0.78 30.92 -39.36
N LYS C 288 0.66 30.02 -40.33
CA LYS C 288 0.46 28.63 -40.00
C LYS C 288 1.23 28.10 -38.80
N LEU C 289 2.54 28.35 -38.72
CA LEU C 289 3.33 27.82 -37.61
C LEU C 289 3.02 28.43 -36.26
N GLY C 290 2.87 29.74 -36.21
CA GLY C 290 2.58 30.41 -34.96
C GLY C 290 1.22 30.01 -34.42
N GLY C 291 0.26 29.86 -35.31
CA GLY C 291 -1.07 29.48 -34.88
C GLY C 291 -1.07 28.11 -34.22
N VAL C 292 -0.37 27.15 -34.84
CA VAL C 292 -0.30 25.81 -34.30
C VAL C 292 0.33 25.85 -32.93
N LEU C 293 1.41 26.58 -32.78
CA LEU C 293 2.01 26.66 -31.48
C LEU C 293 1.03 27.30 -30.51
N ALA C 294 0.43 28.41 -30.93
CA ALA C 294 -0.51 29.11 -30.09
C ALA C 294 -1.63 28.17 -29.66
N LEU C 295 -2.04 27.29 -30.56
CA LEU C 295 -3.10 26.34 -30.28
C LEU C 295 -2.62 25.38 -29.19
N ALA C 296 -1.51 24.72 -29.46
CA ALA C 296 -0.89 23.79 -28.54
C ALA C 296 -0.77 24.46 -27.17
N ALA C 297 -0.17 25.64 -27.14
CA ALA C 297 0.02 26.37 -25.90
C ALA C 297 -1.26 26.69 -25.14
N SER C 298 -2.37 26.85 -25.86
CA SER C 298 -3.62 27.17 -25.20
C SER C 298 -3.99 26.15 -24.14
N VAL C 299 -3.51 24.92 -24.30
CA VAL C 299 -3.82 23.88 -23.33
C VAL C 299 -2.57 23.51 -22.53
N LEU C 300 -1.43 23.42 -23.21
CA LEU C 300 -0.20 23.09 -22.51
C LEU C 300 0.10 24.14 -21.43
N ILE C 301 -0.49 25.32 -21.55
CA ILE C 301 -0.27 26.39 -20.59
C ILE C 301 -0.55 25.88 -19.16
N LEU C 302 -1.51 24.96 -19.05
CA LEU C 302 -1.88 24.35 -17.76
C LEU C 302 -0.73 23.69 -16.97
N PHE C 303 0.32 23.25 -17.67
CA PHE C 303 1.47 22.67 -17.00
C PHE C 303 2.30 23.72 -16.26
N LEU C 304 2.09 25.00 -16.56
CA LEU C 304 2.86 26.06 -15.92
C LEU C 304 2.22 26.65 -14.66
N ILE C 305 0.90 26.49 -14.53
CA ILE C 305 0.19 27.05 -13.38
C ILE C 305 0.86 26.81 -12.02
N PRO C 306 1.28 25.55 -11.73
CA PRO C 306 1.94 25.30 -10.44
C PRO C 306 3.17 26.18 -10.20
N PHE C 307 3.81 26.65 -11.26
CA PHE C 307 4.99 27.48 -11.11
C PHE C 307 4.73 28.96 -11.03
N LEU C 308 3.50 29.38 -11.31
CA LEU C 308 3.20 30.80 -11.26
C LEU C 308 2.42 31.23 -10.02
N HIS C 309 2.48 30.43 -8.96
CA HIS C 309 1.78 30.73 -7.72
C HIS C 309 2.68 31.58 -6.82
N LYS C 310 2.25 32.80 -6.53
CA LYS C 310 3.05 33.68 -5.70
C LYS C 310 2.40 33.98 -4.40
N SER C 311 1.09 33.80 -4.34
CA SER C 311 0.37 34.07 -3.09
C SER C 311 0.86 33.26 -1.89
N LYS C 312 0.70 33.83 -0.70
CA LYS C 312 1.11 33.15 0.51
C LYS C 312 -0.03 32.29 1.03
N GLN C 313 -1.17 32.44 0.39
CA GLN C 313 -2.35 31.69 0.73
C GLN C 313 -2.62 30.78 -0.45
N ARG C 314 -3.25 29.63 -0.20
CA ARG C 314 -3.50 28.64 -1.24
C ARG C 314 -4.62 28.96 -2.21
N THR C 315 -5.78 29.31 -1.68
CA THR C 315 -6.96 29.61 -2.47
C THR C 315 -7.13 31.11 -2.78
N MET C 316 -8.20 31.43 -3.48
CA MET C 316 -8.47 32.82 -3.80
C MET C 316 -9.66 33.24 -2.94
N THR C 317 -10.04 32.39 -1.98
CA THR C 317 -11.18 32.72 -1.14
C THR C 317 -11.02 34.07 -0.48
N PHE C 318 -9.83 34.33 0.05
CA PHE C 318 -9.55 35.56 0.76
C PHE C 318 -8.64 36.49 -0.05
N ARG C 319 -8.75 36.41 -1.37
CA ARG C 319 -7.95 37.22 -2.28
C ARG C 319 -8.85 37.88 -3.31
N PRO C 320 -9.50 39.00 -2.93
CA PRO C 320 -10.42 39.74 -3.78
C PRO C 320 -9.87 40.17 -5.15
N LEU C 321 -8.63 40.64 -5.20
CA LEU C 321 -8.08 41.03 -6.50
C LEU C 321 -7.96 39.82 -7.42
N SER C 322 -7.42 38.71 -6.91
CA SER C 322 -7.28 37.50 -7.69
C SER C 322 -8.63 36.95 -8.12
N GLN C 323 -9.65 37.14 -7.28
CA GLN C 323 -11.00 36.67 -7.60
C GLN C 323 -11.58 37.36 -8.83
N THR C 324 -11.37 38.65 -8.97
CA THR C 324 -11.92 39.33 -10.13
C THR C 324 -11.08 38.95 -11.33
N LEU C 325 -9.78 38.81 -11.13
CA LEU C 325 -8.93 38.42 -12.24
C LEU C 325 -9.38 37.04 -12.73
N PHE C 326 -9.79 36.20 -11.78
CA PHE C 326 -10.25 34.85 -12.10
C PHE C 326 -11.52 34.91 -12.96
N TRP C 327 -12.49 35.74 -12.60
CA TRP C 327 -13.72 35.85 -13.37
C TRP C 327 -13.50 36.59 -14.70
N LEU C 328 -12.43 37.38 -14.79
CA LEU C 328 -12.13 38.06 -16.04
C LEU C 328 -11.74 36.94 -17.00
N LEU C 329 -10.83 36.09 -16.53
CA LEU C 329 -10.37 34.92 -17.28
C LEU C 329 -11.52 34.07 -17.76
N VAL C 330 -12.45 33.76 -16.86
CA VAL C 330 -13.58 32.94 -17.25
C VAL C 330 -14.36 33.66 -18.36
N ALA C 331 -14.63 34.95 -18.17
CA ALA C 331 -15.34 35.74 -19.20
C ALA C 331 -14.51 35.75 -20.49
N ASN C 332 -13.20 35.88 -20.33
CA ASN C 332 -12.27 35.86 -21.46
C ASN C 332 -12.53 34.59 -22.31
N LEU C 333 -12.64 33.43 -21.65
CA LEU C 333 -12.92 32.15 -22.32
C LEU C 333 -14.29 32.08 -23.02
N LEU C 334 -15.32 32.71 -22.44
CA LEU C 334 -16.61 32.74 -23.12
C LEU C 334 -16.41 33.53 -24.41
N ILE C 335 -15.71 34.65 -24.31
CA ILE C 335 -15.48 35.44 -25.51
C ILE C 335 -14.74 34.64 -26.58
N LEU C 336 -13.68 33.93 -26.19
CA LEU C 336 -12.94 33.13 -27.17
C LEU C 336 -13.87 32.06 -27.78
N THR C 337 -14.69 31.43 -26.94
CA THR C 337 -15.62 30.40 -27.39
C THR C 337 -16.50 31.02 -28.45
N TRP C 338 -17.03 32.20 -28.16
CA TRP C 338 -17.89 32.91 -29.10
C TRP C 338 -17.12 33.26 -30.38
N ILE C 339 -15.92 33.81 -30.23
CA ILE C 339 -15.15 34.16 -31.41
C ILE C 339 -14.90 32.92 -32.25
N GLY C 340 -14.61 31.80 -31.59
CA GLY C 340 -14.34 30.55 -32.31
C GLY C 340 -15.47 30.06 -33.21
N SER C 341 -16.70 30.44 -32.88
CA SER C 341 -17.86 30.06 -33.67
C SER C 341 -18.24 31.09 -34.78
N GLN C 342 -17.49 32.18 -34.85
CA GLN C 342 -17.77 33.21 -35.84
C GLN C 342 -16.82 33.15 -37.00
N PRO C 343 -17.21 33.72 -38.14
CA PRO C 343 -16.34 33.71 -39.32
C PRO C 343 -15.14 34.57 -39.04
N VAL C 344 -14.10 34.42 -39.85
CA VAL C 344 -12.88 35.20 -39.66
C VAL C 344 -13.01 36.53 -40.42
N GLU C 345 -13.66 37.50 -39.78
CA GLU C 345 -13.89 38.82 -40.33
C GLU C 345 -13.93 39.90 -39.26
N HIS C 346 -13.89 41.15 -39.71
CA HIS C 346 -13.97 42.25 -38.76
C HIS C 346 -15.41 42.24 -38.27
N PRO C 347 -15.66 42.55 -36.98
CA PRO C 347 -14.74 42.92 -35.90
C PRO C 347 -14.20 41.71 -35.15
N PHE C 348 -14.70 40.54 -35.50
CA PHE C 348 -14.31 39.29 -34.87
C PHE C 348 -12.81 39.03 -34.89
N ILE C 349 -12.12 39.42 -35.97
CA ILE C 349 -10.69 39.20 -36.04
C ILE C 349 -9.92 39.94 -34.96
N ILE C 350 -10.16 41.24 -34.83
CA ILE C 350 -9.45 42.00 -33.81
C ILE C 350 -9.86 41.54 -32.40
N ILE C 351 -11.16 41.41 -32.14
CA ILE C 351 -11.64 40.94 -30.85
C ILE C 351 -10.94 39.61 -30.52
N GLY C 352 -10.78 38.78 -31.55
CA GLY C 352 -10.15 37.50 -31.36
C GLY C 352 -8.74 37.63 -30.86
N GLN C 353 -7.97 38.52 -31.47
CA GLN C 353 -6.59 38.71 -31.05
C GLN C 353 -6.47 39.35 -29.67
N MET C 354 -7.47 40.12 -29.29
CA MET C 354 -7.42 40.74 -27.99
C MET C 354 -7.65 39.69 -26.91
N ALA C 355 -8.68 38.89 -27.10
CA ALA C 355 -9.01 37.83 -26.14
C ALA C 355 -7.91 36.76 -26.09
N SER C 356 -7.28 36.48 -27.23
CA SER C 356 -6.21 35.48 -27.21
C SER C 356 -5.04 36.03 -26.46
N LEU C 357 -4.77 37.30 -26.68
CA LEU C 357 -3.65 37.97 -26.04
C LEU C 357 -3.86 38.14 -24.56
N SER C 358 -5.08 38.49 -24.16
CA SER C 358 -5.35 38.68 -22.74
C SER C 358 -5.41 37.35 -22.01
N TYR C 359 -5.71 36.30 -22.75
CA TYR C 359 -5.79 34.97 -22.16
C TYR C 359 -4.42 34.61 -21.57
N PHE C 360 -3.39 34.72 -22.39
CA PHE C 360 -2.04 34.39 -21.95
C PHE C 360 -1.46 35.40 -20.97
N THR C 361 -1.86 36.66 -21.11
CA THR C 361 -1.35 37.69 -20.22
C THR C 361 -1.81 37.41 -18.81
N ILE C 362 -3.11 37.16 -18.67
CA ILE C 362 -3.70 36.87 -17.37
C ILE C 362 -3.08 35.68 -16.64
N LEU C 363 -2.79 34.60 -17.37
CA LEU C 363 -2.19 33.44 -16.73
C LEU C 363 -0.69 33.57 -16.52
N LEU C 364 0.02 34.11 -17.51
CA LEU C 364 1.45 34.25 -17.38
C LEU C 364 1.92 35.48 -16.61
N ILE C 365 1.29 36.63 -16.83
CA ILE C 365 1.72 37.85 -16.15
C ILE C 365 0.89 38.37 -14.99
N LEU C 366 -0.39 38.62 -15.21
CA LEU C 366 -1.21 39.16 -14.15
C LEU C 366 -1.39 38.31 -12.91
N PHE C 367 -1.79 37.06 -13.05
CA PHE C 367 -1.97 36.23 -11.87
C PHE C 367 -0.77 36.22 -10.94
N PRO C 368 0.42 35.93 -11.47
CA PRO C 368 1.54 35.95 -10.54
C PRO C 368 1.82 37.36 -9.99
N THR C 369 1.54 38.38 -10.78
CA THR C 369 1.78 39.74 -10.34
C THR C 369 0.80 40.19 -9.26
N ILE C 370 -0.48 40.01 -9.52
CA ILE C 370 -1.47 40.41 -8.53
C ILE C 370 -1.25 39.63 -7.24
N GLY C 371 -0.80 38.37 -7.36
CA GLY C 371 -0.57 37.53 -6.19
C GLY C 371 0.45 38.13 -5.25
N THR C 372 1.55 38.59 -5.83
CA THR C 372 2.62 39.24 -5.09
C THR C 372 2.08 40.54 -4.46
N LEU C 373 1.41 41.33 -5.28
CA LEU C 373 0.82 42.56 -4.83
C LEU C 373 -0.04 42.33 -3.58
N GLU C 374 -0.91 41.32 -3.65
CA GLU C 374 -1.74 40.99 -2.50
C GLU C 374 -0.90 40.57 -1.29
N ASN C 375 0.28 39.99 -1.51
CA ASN C 375 1.08 39.59 -0.38
C ASN C 375 1.52 40.83 0.37
N LYS C 376 1.79 41.91 -0.38
CA LYS C 376 2.22 43.15 0.21
C LYS C 376 1.06 43.79 0.95
N MET C 377 -0.14 43.69 0.43
CA MET C 377 -1.28 44.28 1.11
C MET C 377 -1.72 43.54 2.37
N LEU C 378 -1.04 42.44 2.70
CA LEU C 378 -1.34 41.69 3.92
C LEU C 378 -0.17 41.91 4.86
N ASN C 379 0.75 42.75 4.40
CA ASN C 379 1.95 43.08 5.15
C ASN C 379 2.83 41.85 5.30
N TYR C 380 3.05 41.18 4.17
CA TYR C 380 3.86 39.97 4.08
C TYR C 380 4.98 40.19 3.06
N GLY D 1 -23.92 40.34 -50.42
CA GLY D 1 -23.03 39.13 -50.57
C GLY D 1 -23.16 38.15 -49.42
N GLU D 2 -23.10 38.67 -48.19
CA GLU D 2 -23.20 37.87 -46.97
C GLU D 2 -24.60 38.01 -46.39
N LEU D 3 -25.50 38.61 -47.16
CA LEU D 3 -26.87 38.83 -46.75
C LEU D 3 -27.69 37.56 -46.93
N GLU D 4 -28.51 37.25 -45.93
CA GLU D 4 -29.37 36.09 -46.01
C GLU D 4 -30.63 36.27 -45.18
N LEU D 5 -31.74 35.84 -45.73
CA LEU D 5 -33.03 35.94 -45.05
C LEU D 5 -33.24 34.68 -44.21
N HIS D 6 -33.58 34.86 -42.94
CA HIS D 6 -33.81 33.72 -42.06
C HIS D 6 -35.30 33.40 -41.92
N PRO D 7 -35.67 32.12 -42.05
CA PRO D 7 -37.08 31.76 -41.94
C PRO D 7 -37.69 32.08 -40.60
N PRO D 8 -39.00 32.16 -40.55
CA PRO D 8 -39.65 32.46 -39.29
C PRO D 8 -39.91 31.17 -38.55
N ALA D 9 -40.40 31.25 -37.32
CA ALA D 9 -40.67 30.04 -36.56
C ALA D 9 -42.13 29.69 -36.60
N PHE D 10 -42.50 28.69 -37.40
CA PHE D 10 -43.91 28.31 -37.42
C PHE D 10 -44.27 27.45 -36.23
N PRO D 11 -45.51 27.52 -35.77
CA PRO D 11 -45.95 26.74 -34.62
C PRO D 11 -46.32 25.30 -34.98
N TRP D 12 -45.34 24.49 -35.36
CA TRP D 12 -45.64 23.09 -35.70
C TRP D 12 -46.30 22.39 -34.52
N SER D 13 -47.20 21.46 -34.80
CA SER D 13 -47.90 20.73 -33.75
C SER D 13 -46.96 19.76 -33.02
N HIS D 14 -45.77 19.56 -33.56
CA HIS D 14 -44.80 18.66 -32.94
C HIS D 14 -43.62 19.45 -32.38
N GLY D 15 -43.84 20.73 -32.12
CA GLY D 15 -42.77 21.56 -31.59
C GLY D 15 -42.63 21.52 -30.09
N GLY D 16 -43.74 21.30 -29.40
CA GLY D 16 -43.69 21.23 -27.95
C GLY D 16 -42.82 20.08 -27.47
N PRO D 17 -42.11 20.25 -26.36
CA PRO D 17 -41.26 19.15 -25.88
C PRO D 17 -42.08 17.89 -25.61
N LEU D 18 -43.35 18.07 -25.26
CA LEU D 18 -44.21 16.93 -24.99
C LEU D 18 -45.19 16.62 -26.11
N SER D 19 -45.06 17.31 -27.22
CA SER D 19 -46.01 17.09 -28.30
C SER D 19 -45.49 16.27 -29.45
N ALA D 20 -46.22 15.20 -29.73
CA ALA D 20 -45.87 14.28 -30.81
C ALA D 20 -46.19 14.85 -32.19
N LEU D 21 -45.96 14.02 -33.21
CA LEU D 21 -46.22 14.35 -34.58
C LEU D 21 -47.70 14.11 -34.86
N ASP D 22 -48.28 14.87 -35.78
CA ASP D 22 -49.67 14.62 -36.14
C ASP D 22 -49.52 13.59 -37.24
N HIS D 23 -49.83 12.34 -36.92
CA HIS D 23 -49.65 11.28 -37.88
C HIS D 23 -50.52 11.41 -39.10
N SER D 24 -51.60 12.14 -38.96
CA SER D 24 -52.50 12.37 -40.10
C SER D 24 -51.74 13.23 -41.12
N SER D 25 -51.06 14.26 -40.60
CA SER D 25 -50.27 15.15 -41.43
C SER D 25 -49.08 14.40 -42.00
N VAL D 26 -48.49 13.51 -41.23
CA VAL D 26 -47.35 12.75 -41.75
C VAL D 26 -47.77 11.86 -42.90
N ARG D 27 -48.94 11.23 -42.78
CA ARG D 27 -49.45 10.34 -43.82
C ARG D 27 -49.63 11.14 -45.12
N ARG D 28 -50.18 12.34 -45.02
CA ARG D 28 -50.37 13.18 -46.21
C ARG D 28 -49.00 13.54 -46.76
N GLY D 29 -48.12 14.00 -45.87
CA GLY D 29 -46.78 14.36 -46.29
C GLY D 29 -46.10 13.28 -47.10
N PHE D 30 -46.41 12.02 -46.78
CA PHE D 30 -45.81 10.89 -47.49
C PHE D 30 -46.30 10.87 -48.92
N GLN D 31 -47.57 11.20 -49.10
CA GLN D 31 -48.16 11.22 -50.43
C GLN D 31 -47.46 12.25 -51.28
N VAL D 32 -47.34 13.46 -50.74
CA VAL D 32 -46.65 14.50 -51.46
C VAL D 32 -45.32 13.93 -51.93
N TYR D 33 -44.50 13.47 -50.99
CA TYR D 33 -43.19 12.94 -51.35
C TYR D 33 -43.32 11.90 -52.45
N LYS D 34 -44.13 10.88 -52.18
CA LYS D 34 -44.31 9.80 -53.12
C LYS D 34 -44.71 10.29 -54.50
N GLN D 35 -45.71 11.16 -54.57
CA GLN D 35 -46.20 11.66 -55.86
C GLN D 35 -45.53 12.89 -56.45
N VAL D 36 -44.73 13.60 -55.68
CA VAL D 36 -44.07 14.80 -56.18
C VAL D 36 -42.55 14.79 -56.02
N CYS D 37 -42.07 14.84 -54.78
CA CYS D 37 -40.64 14.89 -54.52
C CYS D 37 -39.84 13.65 -54.95
N SER D 38 -40.44 12.49 -54.76
CA SER D 38 -39.76 11.24 -55.07
C SER D 38 -39.36 11.16 -56.54
N ALA D 39 -39.77 12.14 -57.32
CA ALA D 39 -39.44 12.15 -58.74
C ALA D 39 -37.99 12.51 -58.94
N CYS D 40 -37.44 13.30 -58.04
CA CYS D 40 -36.05 13.71 -58.16
C CYS D 40 -35.28 13.45 -56.89
N HIS D 41 -35.99 13.41 -55.78
CA HIS D 41 -35.33 13.20 -54.50
C HIS D 41 -35.37 11.77 -53.98
N SER D 42 -34.19 11.28 -53.59
CA SER D 42 -34.08 9.95 -53.03
C SER D 42 -34.31 10.09 -51.52
N MET D 43 -34.64 8.97 -50.88
CA MET D 43 -34.84 8.93 -49.43
C MET D 43 -34.35 7.58 -48.99
N ASP D 44 -33.06 7.38 -49.22
CA ASP D 44 -32.36 6.13 -48.94
C ASP D 44 -32.54 5.41 -47.63
N TYR D 45 -32.79 6.14 -46.55
CA TYR D 45 -32.91 5.51 -45.25
C TYR D 45 -34.28 5.08 -44.77
N VAL D 46 -35.32 5.29 -45.56
CA VAL D 46 -36.64 4.84 -45.14
C VAL D 46 -37.10 3.67 -46.02
N ALA D 47 -37.78 2.72 -45.39
CA ALA D 47 -38.28 1.54 -46.08
C ALA D 47 -39.78 1.50 -45.84
N PHE D 48 -40.51 0.84 -46.74
CA PHE D 48 -41.94 0.77 -46.59
C PHE D 48 -42.38 0.20 -45.26
N ARG D 49 -41.64 -0.77 -44.73
CA ARG D 49 -42.00 -1.34 -43.44
C ARG D 49 -42.08 -0.26 -42.35
N ASN D 50 -41.29 0.79 -42.50
CA ASN D 50 -41.25 1.90 -41.57
C ASN D 50 -42.57 2.64 -41.43
N LEU D 51 -43.40 2.58 -42.47
CA LEU D 51 -44.69 3.25 -42.46
C LEU D 51 -45.70 2.51 -41.60
N ILE D 52 -45.55 1.20 -41.51
CA ILE D 52 -46.46 0.37 -40.72
C ILE D 52 -46.61 0.78 -39.26
N GLY D 53 -47.81 1.17 -38.87
CA GLY D 53 -48.03 1.54 -37.48
C GLY D 53 -47.66 2.98 -37.20
N VAL D 54 -47.36 3.71 -38.25
CA VAL D 54 -47.01 5.12 -38.12
C VAL D 54 -48.00 5.95 -38.92
N THR D 55 -48.12 5.62 -40.20
CA THR D 55 -49.03 6.31 -41.08
C THR D 55 -49.91 5.34 -41.87
N HIS D 56 -49.42 4.13 -42.07
CA HIS D 56 -50.18 3.15 -42.82
C HIS D 56 -50.39 1.82 -42.13
N THR D 57 -51.26 1.04 -42.74
CA THR D 57 -51.65 -0.29 -42.33
C THR D 57 -50.59 -1.21 -42.89
N GLU D 58 -50.51 -2.43 -42.40
CA GLU D 58 -49.52 -3.34 -42.94
C GLU D 58 -49.91 -3.72 -44.38
N ALA D 59 -51.20 -3.75 -44.64
CA ALA D 59 -51.69 -4.08 -45.97
C ALA D 59 -51.34 -2.93 -46.91
N GLU D 60 -51.63 -1.70 -46.48
CA GLU D 60 -51.35 -0.50 -47.27
C GLU D 60 -49.87 -0.44 -47.59
N ALA D 61 -49.04 -0.73 -46.60
CA ALA D 61 -47.60 -0.70 -46.79
C ALA D 61 -47.16 -1.73 -47.80
N LYS D 62 -47.70 -2.94 -47.67
CA LYS D 62 -47.33 -4.00 -48.59
C LYS D 62 -47.74 -3.64 -50.02
N ALA D 63 -48.89 -2.97 -50.17
CA ALA D 63 -49.40 -2.55 -51.47
C ALA D 63 -48.47 -1.50 -52.10
N LEU D 64 -48.16 -0.48 -51.30
CA LEU D 64 -47.28 0.59 -51.72
C LEU D 64 -45.94 0.10 -52.22
N ALA D 65 -45.39 -0.92 -51.56
CA ALA D 65 -44.09 -1.44 -51.96
C ALA D 65 -44.16 -2.22 -53.25
N GLU D 66 -45.28 -2.88 -53.48
CA GLU D 66 -45.46 -3.68 -54.69
C GLU D 66 -45.61 -2.83 -55.95
N GLU D 67 -45.93 -1.56 -55.77
CA GLU D 67 -46.09 -0.63 -56.88
C GLU D 67 -44.74 -0.39 -57.52
N VAL D 68 -43.70 -0.85 -56.84
CA VAL D 68 -42.33 -0.65 -57.30
C VAL D 68 -41.64 -1.93 -57.78
N GLU D 69 -40.79 -1.78 -58.78
CA GLU D 69 -40.01 -2.89 -59.31
C GLU D 69 -38.60 -2.68 -58.79
N VAL D 70 -38.07 -3.67 -58.10
CA VAL D 70 -36.72 -3.52 -57.60
C VAL D 70 -35.82 -4.48 -58.34
N GLN D 71 -34.55 -4.15 -58.42
CA GLN D 71 -33.60 -4.99 -59.10
C GLN D 71 -32.99 -6.00 -58.15
N ASP D 72 -33.26 -7.27 -58.37
CA ASP D 72 -32.71 -8.32 -57.53
C ASP D 72 -31.73 -9.09 -58.41
N GLY D 73 -31.10 -10.12 -57.84
CA GLY D 73 -30.15 -10.91 -58.60
C GLY D 73 -28.84 -11.11 -57.88
N PRO D 74 -27.91 -11.87 -58.46
CA PRO D 74 -28.05 -12.53 -59.76
C PRO D 74 -28.90 -13.79 -59.66
N ASP D 75 -29.33 -14.30 -60.81
CA ASP D 75 -30.12 -15.51 -60.87
C ASP D 75 -29.21 -16.71 -61.14
N GLU D 76 -29.79 -17.77 -61.69
CA GLU D 76 -29.01 -18.97 -62.03
C GLU D 76 -27.87 -18.68 -62.98
N ASN D 77 -28.11 -17.81 -63.95
CA ASN D 77 -27.09 -17.51 -64.93
C ASN D 77 -26.31 -16.26 -64.58
N GLY D 78 -26.46 -15.82 -63.34
CA GLY D 78 -25.75 -14.63 -62.89
C GLY D 78 -26.28 -13.39 -63.56
N GLU D 79 -27.59 -13.37 -63.75
CA GLU D 79 -28.24 -12.23 -64.38
C GLU D 79 -29.05 -11.42 -63.38
N LEU D 80 -29.07 -10.11 -63.57
CA LEU D 80 -29.86 -9.25 -62.69
C LEU D 80 -31.29 -9.39 -63.21
N PHE D 81 -32.27 -8.98 -62.42
CA PHE D 81 -33.66 -9.10 -62.87
C PHE D 81 -34.58 -8.29 -61.99
N MET D 82 -35.77 -8.02 -62.48
CA MET D 82 -36.73 -7.23 -61.73
C MET D 82 -37.66 -8.10 -60.90
N ARG D 83 -38.30 -7.47 -59.92
CA ARG D 83 -39.27 -8.15 -59.07
C ARG D 83 -40.07 -7.06 -58.37
N PRO D 84 -41.28 -7.41 -57.91
CA PRO D 84 -42.13 -6.43 -57.22
C PRO D 84 -41.55 -6.17 -55.83
N GLY D 85 -41.77 -4.98 -55.30
CA GLY D 85 -41.21 -4.67 -54.00
C GLY D 85 -41.86 -5.35 -52.81
N LYS D 86 -41.07 -5.49 -51.74
CA LYS D 86 -41.51 -6.08 -50.47
C LYS D 86 -41.40 -4.92 -49.50
N ILE D 87 -41.99 -5.05 -48.31
CA ILE D 87 -41.92 -3.96 -47.36
C ILE D 87 -40.55 -3.79 -46.73
N SER D 88 -39.61 -4.63 -47.13
CA SER D 88 -38.26 -4.56 -46.59
C SER D 88 -37.39 -3.69 -47.52
N ASP D 89 -37.95 -3.30 -48.65
CA ASP D 89 -37.20 -2.48 -49.58
C ASP D 89 -37.28 -1.04 -49.16
N TYR D 90 -36.25 -0.28 -49.51
CA TYR D 90 -36.24 1.12 -49.17
C TYR D 90 -36.84 1.89 -50.33
N PHE D 91 -37.31 3.10 -50.06
CA PHE D 91 -37.86 3.94 -51.12
C PHE D 91 -36.83 3.98 -52.26
N PRO D 92 -37.31 3.81 -53.49
CA PRO D 92 -36.54 3.80 -54.74
C PRO D 92 -35.79 5.07 -55.11
N LYS D 93 -34.56 4.90 -55.56
CA LYS D 93 -33.74 6.02 -55.97
C LYS D 93 -34.23 6.42 -57.36
N PRO D 94 -34.36 7.74 -57.62
CA PRO D 94 -34.81 8.24 -58.93
C PRO D 94 -33.71 8.10 -59.98
N TYR D 95 -32.46 8.10 -59.54
CA TYR D 95 -31.31 7.96 -60.44
C TYR D 95 -30.31 6.95 -59.86
N PRO D 96 -29.48 6.36 -60.71
CA PRO D 96 -28.45 5.37 -60.37
C PRO D 96 -27.31 5.94 -59.52
N ASN D 97 -26.84 7.11 -59.95
CA ASN D 97 -25.74 7.81 -59.30
C ASN D 97 -25.98 9.30 -59.46
N PRO D 98 -25.29 10.12 -58.65
CA PRO D 98 -25.44 11.57 -58.71
C PRO D 98 -25.16 12.19 -60.08
N GLU D 99 -24.23 11.58 -60.82
CA GLU D 99 -23.88 12.07 -62.14
C GLU D 99 -25.14 12.11 -63.02
N ALA D 100 -25.94 11.04 -62.92
CA ALA D 100 -27.17 10.93 -63.69
C ALA D 100 -28.20 11.89 -63.12
N ALA D 101 -28.16 12.07 -61.81
CA ALA D 101 -29.09 12.96 -61.17
C ALA D 101 -28.88 14.37 -61.72
N ARG D 102 -27.63 14.84 -61.67
CA ARG D 102 -27.27 16.18 -62.15
C ARG D 102 -27.60 16.27 -63.62
N ALA D 103 -27.22 15.25 -64.35
CA ALA D 103 -27.45 15.17 -65.78
C ALA D 103 -28.90 15.54 -66.10
N ALA D 104 -29.82 15.08 -65.27
CA ALA D 104 -31.23 15.34 -65.48
C ALA D 104 -31.78 16.59 -64.79
N ASN D 105 -30.92 17.36 -64.12
CA ASN D 105 -31.41 18.54 -63.42
C ASN D 105 -30.54 19.74 -63.67
N ASN D 106 -29.94 19.81 -64.86
CA ASN D 106 -29.07 20.92 -65.21
C ASN D 106 -27.85 20.94 -64.34
N GLY D 107 -27.18 19.81 -64.23
CA GLY D 107 -25.98 19.77 -63.41
C GLY D 107 -26.20 20.05 -61.94
N ALA D 108 -27.46 20.19 -61.54
CA ALA D 108 -27.81 20.43 -60.13
C ALA D 108 -28.07 19.07 -59.50
N LEU D 109 -27.83 18.94 -58.20
CA LEU D 109 -28.05 17.66 -57.56
C LEU D 109 -29.08 17.69 -56.46
N PRO D 110 -30.26 17.13 -56.71
CA PRO D 110 -31.26 17.15 -55.63
C PRO D 110 -30.81 16.14 -54.57
N PRO D 111 -30.50 16.63 -53.36
CA PRO D 111 -30.05 15.80 -52.23
C PRO D 111 -31.08 14.77 -51.68
N ASP D 112 -30.57 13.75 -51.01
CA ASP D 112 -31.41 12.72 -50.40
C ASP D 112 -32.15 13.46 -49.29
N LEU D 113 -33.45 13.21 -49.15
CA LEU D 113 -34.22 13.89 -48.12
C LEU D 113 -34.32 13.22 -46.76
N SER D 114 -33.67 12.08 -46.59
CA SER D 114 -33.76 11.35 -45.33
C SER D 114 -33.44 12.16 -44.09
N TYR D 115 -32.40 12.99 -44.16
CA TYR D 115 -32.04 13.81 -43.01
C TYR D 115 -32.08 15.31 -43.31
N ILE D 116 -32.74 15.70 -44.39
CA ILE D 116 -32.73 17.09 -44.75
C ILE D 116 -33.13 18.10 -43.68
N VAL D 117 -34.19 17.84 -42.92
CA VAL D 117 -34.59 18.81 -41.91
C VAL D 117 -33.55 18.96 -40.79
N ASN D 118 -32.52 18.10 -40.80
CA ASN D 118 -31.50 18.21 -39.77
C ASN D 118 -30.20 18.62 -40.45
N ALA D 119 -30.16 18.50 -41.76
CA ALA D 119 -28.96 18.86 -42.48
C ALA D 119 -28.98 20.33 -42.89
N ARG D 120 -30.02 21.03 -42.46
CA ARG D 120 -30.19 22.43 -42.77
C ARG D 120 -30.56 23.21 -41.54
N HIS D 121 -29.97 24.39 -41.38
CA HIS D 121 -30.34 25.22 -40.22
C HIS D 121 -31.76 25.64 -40.52
N GLY D 122 -32.58 25.70 -39.49
CA GLY D 122 -33.96 26.11 -39.68
C GLY D 122 -34.86 24.90 -39.76
N GLY D 123 -34.33 23.78 -40.21
CA GLY D 123 -35.14 22.59 -40.30
C GLY D 123 -36.40 22.77 -41.11
N GLU D 124 -37.53 22.28 -40.59
CA GLU D 124 -38.79 22.38 -41.31
C GLU D 124 -39.24 23.81 -41.56
N ASP D 125 -38.84 24.72 -40.70
CA ASP D 125 -39.19 26.13 -40.90
C ASP D 125 -38.49 26.62 -42.16
N TYR D 126 -37.26 26.15 -42.38
CA TYR D 126 -36.51 26.52 -43.57
C TYR D 126 -37.14 25.90 -44.82
N VAL D 127 -37.33 24.58 -44.80
CA VAL D 127 -37.90 23.90 -45.94
C VAL D 127 -39.28 24.45 -46.30
N PHE D 128 -40.07 24.76 -45.29
CA PHE D 128 -41.40 25.30 -45.58
C PHE D 128 -41.27 26.69 -46.24
N SER D 129 -40.48 27.57 -45.62
CA SER D 129 -40.25 28.90 -46.16
C SER D 129 -39.76 28.83 -47.59
N LEU D 130 -38.79 27.96 -47.84
CA LEU D 130 -38.22 27.80 -49.16
C LEU D 130 -39.25 27.41 -50.21
N LEU D 131 -40.02 26.37 -49.92
CA LEU D 131 -41.02 25.86 -50.83
C LEU D 131 -42.10 26.88 -51.17
N THR D 132 -42.48 27.67 -50.19
CA THR D 132 -43.51 28.67 -50.39
C THR D 132 -42.94 30.07 -50.60
N GLY D 133 -41.62 30.19 -50.69
CA GLY D 133 -41.02 31.50 -50.83
C GLY D 133 -40.51 31.96 -52.19
N TYR D 134 -40.79 31.20 -53.24
CA TYR D 134 -40.32 31.62 -54.55
C TYR D 134 -40.95 32.96 -54.96
N CYS D 135 -40.16 33.80 -55.63
CA CYS D 135 -40.65 35.09 -56.05
C CYS D 135 -39.65 35.64 -57.05
N ASP D 136 -39.94 36.83 -57.58
CA ASP D 136 -39.06 37.44 -58.57
C ASP D 136 -37.88 38.16 -57.97
N PRO D 137 -36.75 38.15 -58.66
CA PRO D 137 -35.55 38.82 -58.16
C PRO D 137 -35.73 40.32 -58.04
N PRO D 138 -35.17 40.91 -56.97
CA PRO D 138 -35.26 42.36 -56.76
C PRO D 138 -34.39 43.08 -57.78
N ALA D 139 -34.56 44.40 -57.88
CA ALA D 139 -33.78 45.20 -58.81
C ALA D 139 -32.29 44.99 -58.64
N GLY D 140 -31.56 44.97 -59.76
CA GLY D 140 -30.12 44.80 -59.71
C GLY D 140 -29.63 43.37 -59.70
N VAL D 141 -30.54 42.44 -59.48
CA VAL D 141 -30.20 41.03 -59.42
C VAL D 141 -30.64 40.25 -60.64
N VAL D 142 -29.73 39.46 -61.20
CA VAL D 142 -30.05 38.64 -62.35
C VAL D 142 -29.76 37.17 -62.01
N VAL D 143 -30.72 36.31 -62.28
CA VAL D 143 -30.57 34.89 -62.00
C VAL D 143 -30.13 34.22 -63.30
N ARG D 144 -29.04 33.45 -63.28
CA ARG D 144 -28.60 32.82 -64.53
C ARG D 144 -29.57 31.74 -65.00
N GLU D 145 -29.60 31.56 -66.32
CA GLU D 145 -30.49 30.58 -66.94
C GLU D 145 -30.41 29.23 -66.24
N GLY D 146 -31.59 28.66 -65.96
CA GLY D 146 -31.63 27.37 -65.32
C GLY D 146 -31.83 27.45 -63.83
N LEU D 147 -31.60 28.64 -63.26
CA LEU D 147 -31.79 28.84 -61.84
C LEU D 147 -33.05 29.65 -61.59
N HIS D 148 -33.63 29.49 -60.42
CA HIS D 148 -34.86 30.17 -60.04
C HIS D 148 -34.60 30.97 -58.78
N TYR D 149 -35.23 32.11 -58.66
CA TYR D 149 -34.98 32.94 -57.51
C TYR D 149 -35.81 32.52 -56.31
N ASN D 150 -35.12 32.35 -55.19
CA ASN D 150 -35.74 32.00 -53.94
C ASN D 150 -34.93 32.78 -52.92
N PRO D 151 -35.57 33.72 -52.25
CA PRO D 151 -34.83 34.52 -51.26
C PRO D 151 -34.32 33.68 -50.09
N TYR D 152 -34.99 32.59 -49.78
CA TYR D 152 -34.57 31.74 -48.68
C TYR D 152 -33.37 30.82 -48.95
N PHE D 153 -33.02 30.63 -50.20
CA PHE D 153 -31.90 29.77 -50.53
C PHE D 153 -30.65 30.61 -50.49
N PRO D 154 -29.55 30.07 -49.94
CA PRO D 154 -28.35 30.89 -49.94
C PRO D 154 -27.91 31.26 -51.36
N GLY D 155 -27.62 32.53 -51.57
CA GLY D 155 -27.21 33.01 -52.88
C GLY D 155 -28.44 33.37 -53.69
N GLN D 156 -29.60 33.01 -53.13
CA GLN D 156 -30.92 33.22 -53.71
C GLN D 156 -31.25 32.58 -55.06
N ALA D 157 -30.28 31.96 -55.71
CA ALA D 157 -30.56 31.29 -56.99
C ALA D 157 -30.50 29.78 -56.80
N ILE D 158 -31.67 29.14 -56.81
CA ILE D 158 -31.76 27.71 -56.60
C ILE D 158 -31.98 26.92 -57.87
N GLY D 159 -31.43 25.71 -57.92
CA GLY D 159 -31.59 24.86 -59.09
C GLY D 159 -32.88 24.06 -59.14
N MET D 160 -33.75 24.26 -58.16
CA MET D 160 -35.03 23.56 -58.11
C MET D 160 -36.20 24.52 -58.47
N ALA D 161 -36.90 24.21 -59.55
CA ALA D 161 -38.05 25.02 -59.93
C ALA D 161 -39.12 24.77 -58.88
N PRO D 162 -39.97 25.76 -58.61
CA PRO D 162 -41.02 25.58 -57.59
C PRO D 162 -41.69 24.23 -57.80
N PRO D 163 -41.51 23.31 -56.85
CA PRO D 163 -42.06 21.97 -56.90
C PRO D 163 -43.52 21.81 -56.64
N ILE D 164 -44.11 22.73 -55.89
CA ILE D 164 -45.53 22.56 -55.59
C ILE D 164 -46.45 23.76 -55.83
N TYR D 165 -47.64 23.47 -56.34
CA TYR D 165 -48.65 24.49 -56.60
C TYR D 165 -50.01 23.92 -56.22
N ASN D 166 -50.98 24.80 -55.97
CA ASN D 166 -52.31 24.37 -55.57
C ASN D 166 -52.85 23.23 -56.40
N GLU D 167 -53.53 22.31 -55.73
CA GLU D 167 -54.12 21.15 -56.38
C GLU D 167 -53.15 20.36 -57.24
N ILE D 168 -51.85 20.49 -57.00
CA ILE D 168 -50.89 19.72 -57.80
C ILE D 168 -51.13 18.21 -57.55
N LEU D 169 -51.96 17.92 -56.57
CA LEU D 169 -52.31 16.55 -56.22
C LEU D 169 -53.55 16.59 -55.34
N GLU D 170 -54.20 15.44 -55.15
CA GLU D 170 -55.40 15.38 -54.32
C GLU D 170 -55.14 14.50 -53.14
N TYR D 171 -55.43 15.00 -51.94
CA TYR D 171 -55.23 14.22 -50.72
C TYR D 171 -56.39 13.25 -50.65
N ASP D 172 -56.09 11.96 -50.70
CA ASP D 172 -57.18 11.01 -50.66
C ASP D 172 -57.94 10.99 -49.34
N ASP D 173 -57.54 11.84 -48.40
CA ASP D 173 -58.24 11.89 -47.12
C ASP D 173 -59.20 13.06 -47.13
N GLY D 174 -59.34 13.66 -48.31
CA GLY D 174 -60.23 14.80 -48.47
C GLY D 174 -59.78 16.09 -47.79
N THR D 175 -58.52 16.47 -47.99
CA THR D 175 -58.03 17.71 -47.41
C THR D 175 -57.75 18.64 -48.58
N PRO D 176 -58.11 19.94 -48.44
CA PRO D 176 -57.91 20.97 -49.47
C PRO D 176 -56.44 21.17 -49.78
N ALA D 177 -55.98 20.59 -50.88
CA ALA D 177 -54.58 20.68 -51.27
C ALA D 177 -54.05 22.05 -51.75
N THR D 178 -54.11 23.03 -50.85
CA THR D 178 -53.59 24.34 -51.18
C THR D 178 -52.07 24.18 -51.13
N MET D 179 -51.33 25.08 -51.78
CA MET D 179 -49.88 24.94 -51.78
C MET D 179 -49.27 24.94 -50.38
N SER D 180 -49.75 25.80 -49.50
CA SER D 180 -49.17 25.83 -48.17
C SER D 180 -49.56 24.59 -47.37
N GLN D 181 -50.76 24.06 -47.63
CA GLN D 181 -51.19 22.85 -46.92
C GLN D 181 -50.23 21.72 -47.26
N ILE D 182 -49.90 21.63 -48.53
CA ILE D 182 -48.98 20.62 -49.02
C ILE D 182 -47.60 20.76 -48.35
N ALA D 183 -46.99 21.94 -48.46
CA ALA D 183 -45.67 22.14 -47.87
C ALA D 183 -45.68 21.80 -46.39
N LYS D 184 -46.72 22.26 -45.69
CA LYS D 184 -46.86 21.99 -44.28
C LYS D 184 -46.80 20.48 -44.04
N ASP D 185 -47.61 19.71 -44.77
CA ASP D 185 -47.61 18.26 -44.61
C ASP D 185 -46.28 17.60 -44.97
N VAL D 186 -45.73 17.89 -46.14
CA VAL D 186 -44.47 17.26 -46.52
C VAL D 186 -43.35 17.58 -45.53
N CYS D 187 -43.38 18.77 -44.94
CA CYS D 187 -42.36 19.12 -43.98
C CYS D 187 -42.52 18.24 -42.76
N THR D 188 -43.75 18.11 -42.28
CA THR D 188 -44.03 17.25 -41.14
C THR D 188 -43.50 15.83 -41.45
N PHE D 189 -43.79 15.34 -42.64
CA PHE D 189 -43.32 14.02 -43.04
C PHE D 189 -41.79 13.93 -42.94
N LEU D 190 -41.12 14.95 -43.48
CA LEU D 190 -39.65 15.02 -43.47
C LEU D 190 -39.10 15.01 -42.05
N ARG D 191 -39.83 15.63 -41.12
CA ARG D 191 -39.38 15.65 -39.74
C ARG D 191 -39.34 14.21 -39.28
N TRP D 192 -40.40 13.46 -39.59
CA TRP D 192 -40.50 12.07 -39.25
C TRP D 192 -39.41 11.21 -39.92
N ALA D 193 -39.16 11.43 -41.20
CA ALA D 193 -38.13 10.66 -41.88
C ALA D 193 -36.75 10.88 -41.27
N ALA D 194 -36.52 12.06 -40.69
CA ALA D 194 -35.21 12.33 -40.11
C ALA D 194 -35.09 11.67 -38.75
N GLU D 195 -36.22 11.51 -38.07
CA GLU D 195 -36.17 10.91 -36.76
C GLU D 195 -37.45 10.25 -36.33
N PRO D 196 -37.61 8.98 -36.71
CA PRO D 196 -38.74 8.13 -36.42
C PRO D 196 -38.92 7.99 -34.91
N GLU D 197 -37.82 8.15 -34.17
CA GLU D 197 -37.91 7.98 -32.74
C GLU D 197 -38.64 9.16 -32.09
N HIS D 198 -38.76 10.27 -32.82
CA HIS D 198 -39.40 11.47 -32.31
C HIS D 198 -40.43 11.31 -31.19
N ASP D 199 -41.55 10.64 -31.46
CA ASP D 199 -42.59 10.46 -30.45
C ASP D 199 -42.14 9.65 -29.23
N GLN D 200 -41.45 8.55 -29.46
CA GLN D 200 -40.97 7.73 -28.35
C GLN D 200 -40.00 8.53 -27.50
N ARG D 201 -39.13 9.27 -28.18
CA ARG D 201 -38.13 10.11 -27.52
C ARG D 201 -38.79 11.10 -26.57
N LYS D 202 -39.89 11.72 -27.00
CA LYS D 202 -40.57 12.68 -26.17
C LYS D 202 -41.32 12.00 -25.04
N ARG D 203 -41.94 10.86 -25.34
CA ARG D 203 -42.64 10.12 -24.30
C ARG D 203 -41.62 9.78 -23.22
N MET D 204 -40.43 9.39 -23.65
CA MET D 204 -39.35 9.07 -22.71
C MET D 204 -38.94 10.29 -21.90
N GLY D 205 -38.98 11.47 -22.51
CA GLY D 205 -38.59 12.67 -21.81
C GLY D 205 -39.55 12.95 -20.67
N LEU D 206 -40.82 12.63 -20.88
CA LEU D 206 -41.82 12.86 -19.84
C LEU D 206 -41.50 11.99 -18.63
N LYS D 207 -41.27 10.71 -18.86
CA LYS D 207 -40.92 9.82 -17.76
C LYS D 207 -39.62 10.26 -17.09
N MET D 208 -38.62 10.62 -17.90
CA MET D 208 -37.33 11.08 -17.34
C MET D 208 -37.53 12.26 -16.39
N LEU D 209 -38.33 13.26 -16.77
CA LEU D 209 -38.56 14.42 -15.92
C LEU D 209 -39.25 14.08 -14.61
N LEU D 210 -40.36 13.35 -14.67
CA LEU D 210 -41.07 12.95 -13.46
C LEU D 210 -40.15 12.15 -12.52
N ILE D 211 -39.50 11.12 -13.04
CA ILE D 211 -38.62 10.34 -12.19
C ILE D 211 -37.48 11.19 -11.69
N SER D 212 -37.07 12.14 -12.50
CA SER D 212 -35.97 13.04 -12.15
C SER D 212 -36.43 13.94 -11.02
N ALA D 213 -37.62 14.50 -11.15
CA ALA D 213 -38.17 15.39 -10.12
C ALA D 213 -38.25 14.62 -8.81
N LEU D 214 -38.89 13.44 -8.87
CA LEU D 214 -39.06 12.57 -7.70
C LEU D 214 -37.74 12.17 -7.05
N LEU D 215 -36.89 11.49 -7.83
CA LEU D 215 -35.60 11.04 -7.34
C LEU D 215 -34.68 12.14 -6.78
N THR D 216 -34.71 13.33 -7.38
CA THR D 216 -33.85 14.41 -6.89
C THR D 216 -34.31 14.92 -5.53
N SER D 217 -35.62 15.12 -5.36
CA SER D 217 -36.14 15.58 -4.07
C SER D 217 -35.75 14.55 -3.02
N LEU D 218 -36.09 13.28 -3.27
CA LEU D 218 -35.76 12.21 -2.35
C LEU D 218 -34.29 12.22 -1.94
N LEU D 219 -33.39 12.30 -2.91
CA LEU D 219 -31.97 12.31 -2.60
C LEU D 219 -31.52 13.60 -1.91
N TYR D 220 -32.25 14.69 -2.13
CA TYR D 220 -31.87 15.92 -1.49
C TYR D 220 -32.13 15.75 0.00
N TYR D 221 -33.30 15.21 0.35
CA TYR D 221 -33.68 14.94 1.73
C TYR D 221 -32.68 14.01 2.43
N MET D 222 -32.29 12.94 1.76
CA MET D 222 -31.35 11.99 2.34
C MET D 222 -29.98 12.59 2.61
N LYS D 223 -29.52 13.44 1.69
CA LYS D 223 -28.22 14.11 1.80
C LYS D 223 -28.32 15.03 3.02
N ARG D 224 -29.42 15.75 3.10
CA ARG D 224 -29.65 16.68 4.19
C ARG D 224 -29.80 15.98 5.54
N HIS D 225 -30.53 14.86 5.53
CA HIS D 225 -30.75 14.05 6.72
C HIS D 225 -29.42 13.62 7.30
N LYS D 226 -28.53 13.09 6.47
CA LYS D 226 -27.23 12.66 6.95
C LYS D 226 -26.36 13.82 7.43
N TRP D 227 -26.23 14.85 6.61
CA TRP D 227 -25.41 16.00 6.97
C TRP D 227 -25.95 16.78 8.18
N SER D 228 -27.25 16.68 8.43
CA SER D 228 -27.83 17.37 9.57
C SER D 228 -26.93 17.28 10.81
N VAL D 229 -26.28 16.13 10.98
CA VAL D 229 -25.39 15.91 12.11
C VAL D 229 -24.26 16.92 12.20
N LEU D 230 -23.69 17.29 11.05
CA LEU D 230 -22.61 18.26 11.00
C LEU D 230 -23.17 19.68 10.87
N LYS D 231 -24.30 19.81 10.17
CA LYS D 231 -24.88 21.13 10.02
C LYS D 231 -25.23 21.79 11.33
N SER D 232 -25.85 21.04 12.25
CA SER D 232 -26.26 21.58 13.54
C SER D 232 -25.21 21.41 14.63
N ARG D 233 -24.15 20.66 14.35
CA ARG D 233 -23.08 20.43 15.31
C ARG D 233 -22.60 21.72 15.96
N LYS D 234 -22.29 21.64 17.25
CA LYS D 234 -21.78 22.78 18.01
C LYS D 234 -20.51 22.36 18.69
N MET D 235 -19.58 23.27 18.84
CA MET D 235 -18.30 22.99 19.48
C MET D 235 -17.90 24.15 20.41
N ALA D 236 -16.89 23.91 21.25
CA ALA D 236 -16.42 24.89 22.21
C ALA D 236 -14.98 24.61 22.55
N TYR D 237 -14.24 25.68 22.85
CA TYR D 237 -12.83 25.58 23.21
C TYR D 237 -12.74 25.74 24.71
N ARG D 238 -12.38 24.66 25.42
CA ARG D 238 -12.28 24.68 26.87
C ARG D 238 -10.88 24.42 27.43
N PRO D 239 -9.96 25.39 27.27
CA PRO D 239 -8.60 25.19 27.79
C PRO D 239 -8.60 25.19 29.30
N PRO D 240 -7.60 24.57 29.94
CA PRO D 240 -7.58 24.56 31.41
C PRO D 240 -7.29 25.95 31.94
N LYS D 241 -7.21 26.91 31.02
CA LYS D 241 -6.97 28.33 31.29
C LYS D 241 -7.00 28.78 32.77
N VAL E 1 -13.78 22.57 35.51
CA VAL E 1 -13.95 21.09 35.56
C VAL E 1 -15.11 20.62 34.70
N HIS E 2 -15.12 19.34 34.37
CA HIS E 2 -16.17 18.79 33.52
C HIS E 2 -17.57 19.00 34.06
N ASN E 3 -17.69 19.22 35.35
CA ASN E 3 -19.00 19.42 35.94
C ASN E 3 -19.67 20.66 35.38
N ASP E 4 -18.85 21.64 35.01
CA ASP E 4 -19.32 22.90 34.45
C ASP E 4 -19.70 22.83 32.95
N VAL E 5 -19.59 21.64 32.36
CA VAL E 5 -19.90 21.46 30.95
C VAL E 5 -21.32 20.94 30.72
N THR E 6 -22.08 21.62 29.88
CA THR E 6 -23.44 21.20 29.53
C THR E 6 -23.69 21.28 28.03
N VAL E 7 -24.63 20.48 27.57
CA VAL E 7 -24.95 20.42 26.15
C VAL E 7 -25.74 21.62 25.73
N PRO E 8 -25.32 22.29 24.65
CA PRO E 8 -26.06 23.46 24.19
C PRO E 8 -27.49 23.08 23.87
N ASP E 9 -28.33 24.08 23.63
CA ASP E 9 -29.73 23.84 23.33
C ASP E 9 -29.96 23.60 21.84
N PHE E 10 -30.51 22.45 21.50
CA PHE E 10 -30.78 22.12 20.10
C PHE E 10 -32.23 22.35 19.70
N SER E 11 -32.92 23.20 20.44
CA SER E 11 -34.33 23.47 20.14
C SER E 11 -34.50 23.98 18.72
N ALA E 12 -33.52 24.76 18.28
CA ALA E 12 -33.56 25.31 16.95
C ALA E 12 -33.55 24.26 15.86
N TYR E 13 -33.21 23.02 16.21
CA TYR E 13 -33.11 21.93 15.22
C TYR E 13 -33.93 20.66 15.54
N ARG E 14 -34.27 20.48 16.79
CA ARG E 14 -35.03 19.29 17.15
C ARG E 14 -36.30 19.17 16.35
N ARG E 15 -36.69 17.93 16.05
CA ARG E 15 -37.92 17.67 15.35
C ARG E 15 -39.05 17.96 16.35
N GLU E 16 -40.21 18.36 15.86
CA GLU E 16 -41.35 18.69 16.72
C GLU E 16 -41.60 17.72 17.88
N ASP E 17 -41.62 16.41 17.60
CA ASP E 17 -41.89 15.41 18.64
C ASP E 17 -40.90 15.21 19.77
N VAL E 18 -39.71 15.77 19.68
CA VAL E 18 -38.76 15.62 20.74
C VAL E 18 -38.31 16.98 21.24
N MET E 19 -39.16 17.97 21.02
CA MET E 19 -38.89 19.33 21.41
C MET E 19 -39.04 19.54 22.92
N ASP E 20 -40.00 18.84 23.53
CA ASP E 20 -40.29 18.92 24.96
C ASP E 20 -39.48 17.95 25.82
N ALA E 21 -38.66 18.52 26.72
CA ALA E 21 -37.77 17.75 27.58
C ALA E 21 -38.38 16.84 28.63
N THR E 22 -39.69 16.94 28.83
CA THR E 22 -40.39 16.13 29.82
C THR E 22 -41.26 15.02 29.20
N THR E 23 -40.99 14.71 27.94
CA THR E 23 -41.72 13.69 27.20
C THR E 23 -40.81 12.58 26.68
N SER E 24 -41.19 11.34 26.87
CA SER E 24 -40.39 10.24 26.37
C SER E 24 -40.28 10.42 24.87
N SER E 25 -39.05 10.33 24.36
CA SER E 25 -38.82 10.49 22.94
C SER E 25 -38.98 9.18 22.21
N GLN E 26 -39.08 8.07 22.94
CA GLN E 26 -39.26 6.77 22.32
C GLN E 26 -40.62 6.64 21.63
N THR E 27 -41.67 7.17 22.24
CA THR E 27 -42.99 7.05 21.66
C THR E 27 -43.08 7.56 20.22
N SER E 28 -42.30 8.58 19.90
CA SER E 28 -42.32 9.13 18.55
C SER E 28 -41.16 8.65 17.69
N SER E 29 -40.34 7.73 18.20
CA SER E 29 -39.20 7.25 17.46
C SER E 29 -39.56 6.42 16.23
N GLU E 30 -40.49 5.49 16.32
CA GLU E 30 -40.83 4.71 15.14
C GLU E 30 -41.38 5.62 14.06
N ASP E 31 -41.91 6.77 14.46
CA ASP E 31 -42.46 7.74 13.53
C ASP E 31 -41.33 8.44 12.82
N ARG E 32 -40.41 8.98 13.59
CA ARG E 32 -39.27 9.67 13.04
C ARG E 32 -38.40 8.79 12.14
N LYS E 33 -38.19 7.54 12.52
CA LYS E 33 -37.38 6.65 11.70
C LYS E 33 -38.20 6.13 10.54
N GLY E 34 -39.48 5.88 10.77
CA GLY E 34 -40.33 5.39 9.71
C GLY E 34 -40.42 6.37 8.57
N PHE E 35 -40.46 7.66 8.90
CA PHE E 35 -40.54 8.67 7.86
C PHE E 35 -39.30 8.75 7.04
N SER E 36 -38.15 8.85 7.70
CA SER E 36 -36.85 8.95 7.03
C SER E 36 -36.57 7.70 6.21
N TYR E 37 -36.89 6.53 6.76
CA TYR E 37 -36.69 5.29 6.04
C TYR E 37 -37.67 5.17 4.88
N LEU E 38 -38.82 5.82 5.02
CA LEU E 38 -39.80 5.79 3.94
C LEU E 38 -39.29 6.56 2.71
N VAL E 39 -38.56 7.64 2.96
CA VAL E 39 -38.01 8.45 1.88
C VAL E 39 -36.97 7.60 1.17
N THR E 40 -36.07 7.02 1.95
CA THR E 40 -35.02 6.16 1.42
C THR E 40 -35.59 5.01 0.58
N ALA E 41 -36.50 4.23 1.18
CA ALA E 41 -37.11 3.12 0.48
C ALA E 41 -37.70 3.58 -0.86
N THR E 42 -38.27 4.79 -0.87
CA THR E 42 -38.86 5.33 -2.09
C THR E 42 -37.74 5.65 -3.07
N ALA E 43 -36.65 6.23 -2.57
CA ALA E 43 -35.52 6.54 -3.45
C ALA E 43 -35.13 5.27 -4.18
N CYS E 44 -34.99 4.17 -3.44
CA CYS E 44 -34.62 2.87 -4.02
C CYS E 44 -35.60 2.41 -5.09
N VAL E 45 -36.89 2.53 -4.83
CA VAL E 45 -37.87 2.12 -5.80
C VAL E 45 -37.71 2.95 -7.08
N ALA E 46 -37.56 4.27 -6.94
CA ALA E 46 -37.38 5.17 -8.09
C ALA E 46 -36.14 4.72 -8.87
N THR E 47 -35.07 4.44 -8.15
CA THR E 47 -33.84 4.01 -8.77
C THR E 47 -33.97 2.61 -9.36
N ALA E 48 -34.66 1.70 -8.68
CA ALA E 48 -34.80 0.34 -9.21
C ALA E 48 -35.57 0.42 -10.51
N TYR E 49 -36.52 1.34 -10.56
CA TYR E 49 -37.30 1.54 -11.77
C TYR E 49 -36.39 2.04 -12.90
N ALA E 50 -35.65 3.12 -12.63
CA ALA E 50 -34.74 3.69 -13.61
C ALA E 50 -33.72 2.68 -14.13
N ALA E 51 -33.01 2.05 -13.21
CA ALA E 51 -32.00 1.06 -13.58
C ALA E 51 -32.59 -0.05 -14.43
N LYS E 52 -33.67 -0.66 -13.93
CA LYS E 52 -34.30 -1.74 -14.67
C LYS E 52 -34.52 -1.34 -16.14
N ASN E 53 -35.07 -0.15 -16.38
CA ASN E 53 -35.30 0.32 -17.75
C ASN E 53 -34.00 0.50 -18.53
N VAL E 54 -33.08 1.30 -18.02
CA VAL E 54 -31.82 1.50 -18.73
C VAL E 54 -31.18 0.16 -19.08
N VAL E 55 -31.05 -0.72 -18.08
CA VAL E 55 -30.47 -2.05 -18.32
C VAL E 55 -31.24 -2.82 -19.39
N THR E 56 -32.56 -2.78 -19.32
CA THR E 56 -33.35 -3.47 -20.32
C THR E 56 -33.06 -2.92 -21.72
N GLN E 57 -33.07 -1.60 -21.88
CA GLN E 57 -32.81 -0.97 -23.17
C GLN E 57 -31.44 -1.32 -23.71
N PHE E 58 -30.42 -1.26 -22.87
CA PHE E 58 -29.11 -1.59 -23.35
C PHE E 58 -29.04 -3.05 -23.71
N ILE E 59 -29.61 -3.92 -22.88
CA ILE E 59 -29.61 -5.36 -23.17
C ILE E 59 -30.29 -5.61 -24.50
N SER E 60 -31.45 -5.02 -24.71
CA SER E 60 -32.14 -5.26 -25.97
C SER E 60 -31.51 -4.60 -27.18
N SER E 61 -30.54 -3.72 -26.98
CA SER E 61 -29.90 -3.12 -28.15
C SER E 61 -29.07 -4.21 -28.82
N LEU E 62 -28.76 -5.27 -28.06
CA LEU E 62 -27.94 -6.36 -28.59
C LEU E 62 -28.73 -7.47 -29.28
N SER E 63 -30.05 -7.44 -29.21
CA SER E 63 -30.82 -8.48 -29.88
C SER E 63 -31.15 -7.99 -31.28
N ALA E 64 -31.68 -8.85 -32.12
CA ALA E 64 -32.01 -8.52 -33.51
C ALA E 64 -32.58 -7.13 -33.79
N SER E 65 -31.93 -6.40 -34.68
CA SER E 65 -32.37 -5.06 -35.07
C SER E 65 -33.49 -5.15 -36.10
N ALA E 66 -34.21 -4.06 -36.27
CA ALA E 66 -35.35 -3.98 -37.18
C ALA E 66 -35.15 -4.46 -38.61
N ASP E 67 -33.97 -4.23 -39.15
CA ASP E 67 -33.75 -4.65 -40.52
C ASP E 67 -33.62 -6.18 -40.58
N VAL E 68 -33.13 -6.76 -39.50
CA VAL E 68 -32.98 -8.20 -39.40
C VAL E 68 -34.34 -8.87 -39.18
N LEU E 69 -35.13 -8.36 -38.23
CA LEU E 69 -36.45 -8.93 -38.00
C LEU E 69 -37.29 -8.83 -39.28
N ALA E 70 -37.03 -7.81 -40.09
CA ALA E 70 -37.78 -7.62 -41.32
C ALA E 70 -37.56 -8.74 -42.32
N LEU E 71 -36.57 -9.60 -42.04
CA LEU E 71 -36.28 -10.74 -42.91
C LEU E 71 -36.42 -12.02 -42.09
N SER E 72 -36.97 -11.88 -40.90
CA SER E 72 -37.19 -12.99 -39.99
C SER E 72 -38.03 -14.07 -40.61
N LYS E 73 -39.19 -13.68 -41.12
CA LYS E 73 -40.09 -14.65 -41.71
C LYS E 73 -40.66 -14.28 -43.06
N ILE E 74 -41.09 -15.34 -43.76
CA ILE E 74 -41.67 -15.23 -45.08
C ILE E 74 -43.07 -15.85 -45.08
N GLU E 75 -43.99 -15.25 -45.83
CA GLU E 75 -45.36 -15.75 -45.94
C GLU E 75 -45.60 -16.23 -47.37
N ILE E 76 -45.92 -17.52 -47.51
CA ILE E 76 -46.14 -18.14 -48.82
C ILE E 76 -47.61 -18.43 -49.08
N LYS E 77 -48.06 -18.16 -50.31
CA LYS E 77 -49.44 -18.39 -50.69
C LYS E 77 -49.67 -19.80 -51.23
N LEU E 78 -50.29 -20.64 -50.40
CA LEU E 78 -50.60 -22.03 -50.74
C LEU E 78 -51.41 -22.17 -52.03
N SER E 79 -52.33 -21.23 -52.24
CA SER E 79 -53.19 -21.20 -53.41
C SER E 79 -52.55 -20.50 -54.62
N ASP E 80 -51.42 -21.04 -55.07
CA ASP E 80 -50.69 -20.51 -56.21
C ASP E 80 -49.51 -21.44 -56.50
N ILE E 81 -49.51 -22.58 -55.82
CA ILE E 81 -48.48 -23.60 -55.99
C ILE E 81 -49.09 -24.83 -56.65
N PRO E 82 -48.86 -25.01 -57.96
CA PRO E 82 -49.40 -26.15 -58.69
C PRO E 82 -49.03 -27.49 -58.06
N GLU E 83 -49.88 -28.50 -58.30
CA GLU E 83 -49.66 -29.84 -57.76
C GLU E 83 -48.44 -30.55 -58.33
N GLY E 84 -47.82 -31.40 -57.51
CA GLY E 84 -46.65 -32.15 -57.92
C GLY E 84 -45.44 -31.26 -58.13
N LYS E 85 -45.68 -30.03 -58.54
CA LYS E 85 -44.62 -29.06 -58.78
C LYS E 85 -44.08 -28.41 -57.50
N ASN E 86 -42.79 -28.64 -57.26
CA ASN E 86 -42.10 -28.11 -56.10
C ASN E 86 -41.57 -26.70 -56.34
N VAL E 87 -41.75 -25.83 -55.36
CA VAL E 87 -41.29 -24.44 -55.46
C VAL E 87 -40.36 -24.11 -54.29
N ALA E 88 -39.30 -23.37 -54.58
CA ALA E 88 -38.34 -22.99 -53.56
C ALA E 88 -38.21 -21.48 -53.43
N PHE E 89 -38.28 -20.98 -52.20
CA PHE E 89 -38.17 -19.57 -51.93
C PHE E 89 -36.97 -19.34 -51.02
N LYS E 90 -36.56 -18.08 -50.90
CA LYS E 90 -35.42 -17.76 -50.04
C LYS E 90 -35.91 -17.35 -48.65
N TRP E 91 -35.48 -18.10 -47.65
CA TRP E 91 -35.82 -17.85 -46.26
C TRP E 91 -34.55 -17.97 -45.44
N ARG E 92 -34.21 -16.89 -44.74
CA ARG E 92 -33.01 -16.85 -43.93
C ARG E 92 -31.77 -17.32 -44.68
N GLY E 93 -31.56 -16.73 -45.87
CA GLY E 93 -30.41 -17.04 -46.71
C GLY E 93 -30.30 -18.45 -47.24
N LYS E 94 -31.12 -19.34 -46.73
CA LYS E 94 -31.10 -20.73 -47.17
C LYS E 94 -32.39 -21.07 -47.88
N PRO E 95 -32.32 -21.96 -48.88
CA PRO E 95 -33.50 -22.37 -49.64
C PRO E 95 -34.62 -22.94 -48.79
N LEU E 96 -35.86 -22.61 -49.14
CA LEU E 96 -37.05 -23.08 -48.44
C LEU E 96 -37.97 -23.80 -49.43
N PHE E 97 -38.14 -25.11 -49.23
CA PHE E 97 -38.98 -25.90 -50.11
C PHE E 97 -40.44 -26.00 -49.71
N VAL E 98 -41.31 -25.77 -50.69
CA VAL E 98 -42.75 -25.85 -50.50
C VAL E 98 -43.32 -26.59 -51.71
N ARG E 99 -43.51 -27.90 -51.58
CA ARG E 99 -44.04 -28.69 -52.68
C ARG E 99 -45.51 -29.05 -52.47
N HIS E 100 -46.27 -29.02 -53.57
CA HIS E 100 -47.70 -29.36 -53.53
C HIS E 100 -47.84 -30.82 -53.93
N ARG E 101 -48.21 -31.67 -52.98
CA ARG E 101 -48.36 -33.08 -53.28
C ARG E 101 -49.63 -33.37 -54.09
N THR E 102 -49.42 -33.79 -55.34
CA THR E 102 -50.50 -34.10 -56.28
C THR E 102 -51.53 -35.11 -55.77
N GLN E 103 -51.26 -36.38 -56.03
CA GLN E 103 -52.14 -37.47 -55.64
C GLN E 103 -51.30 -38.70 -55.29
N ALA E 104 -50.25 -38.93 -56.06
CA ALA E 104 -49.37 -40.08 -55.85
C ALA E 104 -48.13 -39.73 -55.01
N GLU E 105 -48.32 -38.90 -54.00
CA GLU E 105 -47.23 -38.50 -53.12
C GLU E 105 -47.50 -38.86 -51.66
N ILE E 106 -48.76 -38.75 -51.22
CA ILE E 106 -49.13 -39.12 -49.86
C ILE E 106 -49.37 -40.63 -49.89
N ASN E 107 -49.04 -41.23 -51.03
CA ASN E 107 -49.19 -42.66 -51.25
C ASN E 107 -47.87 -43.30 -51.65
N GLN E 108 -47.39 -42.97 -52.85
CA GLN E 108 -46.15 -43.51 -53.38
C GLN E 108 -44.97 -43.32 -52.41
N GLU E 109 -44.91 -42.16 -51.77
CA GLU E 109 -43.87 -41.86 -50.80
C GLU E 109 -44.45 -41.50 -49.44
N ALA E 110 -45.43 -42.29 -49.00
CA ALA E 110 -46.09 -42.09 -47.71
C ALA E 110 -46.66 -43.41 -47.23
N GLU E 111 -46.29 -44.49 -47.92
CA GLU E 111 -46.72 -45.83 -47.59
C GLU E 111 -45.48 -46.71 -47.50
N VAL E 112 -44.33 -46.10 -47.82
CA VAL E 112 -43.04 -46.78 -47.79
C VAL E 112 -42.87 -47.63 -46.52
N ASP E 113 -42.17 -48.75 -46.67
CA ASP E 113 -41.94 -49.65 -45.54
C ASP E 113 -40.45 -49.79 -45.23
N VAL E 114 -39.82 -48.68 -44.83
CA VAL E 114 -38.41 -48.68 -44.48
C VAL E 114 -38.28 -49.05 -42.99
N SER E 115 -38.37 -50.35 -42.71
CA SER E 115 -38.28 -50.87 -41.35
C SER E 115 -37.40 -50.03 -40.43
N LYS E 116 -36.09 -50.14 -40.61
CA LYS E 116 -35.16 -49.37 -39.80
C LYS E 116 -34.87 -48.02 -40.47
N LEU E 117 -35.43 -46.96 -39.91
CA LEU E 117 -35.25 -45.61 -40.45
C LEU E 117 -34.07 -44.93 -39.75
N ARG E 118 -33.29 -44.17 -40.52
CA ARG E 118 -32.12 -43.48 -39.98
C ARG E 118 -32.49 -42.25 -39.17
N ASP E 119 -33.77 -41.88 -39.22
CA ASP E 119 -34.29 -40.74 -38.47
C ASP E 119 -35.76 -41.03 -38.17
N PRO E 120 -36.17 -40.94 -36.89
CA PRO E 120 -37.56 -41.20 -36.49
C PRO E 120 -38.61 -40.29 -37.12
N GLN E 121 -38.81 -40.45 -38.43
CA GLN E 121 -39.78 -39.64 -39.19
C GLN E 121 -41.19 -40.20 -39.22
N HIS E 122 -42.06 -39.58 -38.42
CA HIS E 122 -43.47 -39.95 -38.28
C HIS E 122 -44.25 -38.65 -38.53
N ASP E 123 -44.90 -38.52 -39.67
CA ASP E 123 -45.65 -37.30 -40.01
C ASP E 123 -46.63 -36.80 -38.95
N LEU E 124 -47.10 -37.69 -38.08
CA LEU E 124 -48.02 -37.29 -37.02
C LEU E 124 -47.23 -36.68 -35.86
N ASP E 125 -45.91 -36.82 -35.92
CA ASP E 125 -45.01 -36.29 -34.89
C ASP E 125 -44.86 -34.78 -35.06
N ARG E 126 -44.34 -34.37 -36.21
CA ARG E 126 -44.12 -32.96 -36.48
C ARG E 126 -44.27 -32.51 -37.94
N VAL E 127 -45.52 -32.24 -38.34
CA VAL E 127 -45.86 -31.78 -39.69
C VAL E 127 -47.24 -31.07 -39.61
N LYS E 128 -48.11 -31.30 -40.58
CA LYS E 128 -49.44 -30.68 -40.60
C LYS E 128 -50.22 -31.01 -41.88
N LYS E 129 -50.25 -30.05 -42.81
CA LYS E 129 -50.96 -30.18 -44.09
C LYS E 129 -50.72 -31.48 -44.86
N PRO E 130 -51.68 -31.86 -45.73
CA PRO E 130 -51.62 -33.07 -46.56
C PRO E 130 -50.81 -32.87 -47.84
N GLU E 131 -51.42 -32.23 -48.83
CA GLU E 131 -50.75 -32.00 -50.10
C GLU E 131 -49.67 -30.94 -49.94
N TRP E 132 -49.33 -30.63 -48.69
CA TRP E 132 -48.30 -29.62 -48.42
C TRP E 132 -47.10 -30.09 -47.61
N VAL E 133 -45.93 -29.99 -48.23
CA VAL E 133 -44.67 -30.36 -47.62
C VAL E 133 -43.74 -29.13 -47.68
N ILE E 134 -43.32 -28.66 -46.51
CA ILE E 134 -42.43 -27.50 -46.42
C ILE E 134 -41.15 -27.87 -45.70
N LEU E 135 -40.05 -27.88 -46.45
CA LEU E 135 -38.74 -28.24 -45.91
C LEU E 135 -37.68 -27.15 -46.06
N VAL E 136 -36.60 -27.31 -45.29
CA VAL E 136 -35.47 -26.39 -45.36
C VAL E 136 -34.55 -27.05 -46.39
N GLY E 137 -34.44 -26.43 -47.56
CA GLY E 137 -33.63 -26.98 -48.62
C GLY E 137 -32.14 -27.12 -48.33
N VAL E 138 -31.80 -27.73 -47.20
CA VAL E 138 -30.40 -27.92 -46.81
C VAL E 138 -30.11 -29.34 -46.35
N CYS E 139 -29.18 -30.00 -47.07
CA CYS E 139 -28.77 -31.36 -46.77
C CYS E 139 -28.07 -31.35 -45.41
N THR E 140 -28.41 -32.30 -44.54
CA THR E 140 -27.82 -32.40 -43.20
C THR E 140 -26.46 -33.07 -43.19
N HIS E 141 -25.84 -33.18 -44.36
CA HIS E 141 -24.52 -33.79 -44.48
C HIS E 141 -23.46 -32.69 -44.38
N LEU E 142 -23.36 -31.87 -45.41
CA LEU E 142 -22.40 -30.78 -45.44
C LEU E 142 -23.02 -29.47 -45.92
N GLY E 143 -24.29 -29.26 -45.57
CA GLY E 143 -24.99 -28.03 -45.93
C GLY E 143 -25.26 -27.72 -47.38
N CYS E 144 -25.50 -28.74 -48.20
CA CYS E 144 -25.79 -28.54 -49.62
C CYS E 144 -27.31 -28.54 -49.82
N VAL E 145 -27.74 -27.98 -50.95
CA VAL E 145 -29.16 -27.88 -51.27
C VAL E 145 -29.65 -28.96 -52.24
N PRO E 146 -30.50 -29.88 -51.76
CA PRO E 146 -31.03 -30.96 -52.61
C PRO E 146 -31.88 -30.39 -53.76
N ILE E 147 -32.03 -31.15 -54.84
CA ILE E 147 -32.81 -30.70 -56.00
C ILE E 147 -34.07 -31.56 -56.20
N ALA E 148 -35.20 -30.90 -56.48
CA ALA E 148 -36.47 -31.59 -56.68
C ALA E 148 -36.69 -32.19 -58.07
N ASN E 149 -35.96 -31.70 -59.07
CA ASN E 149 -36.09 -32.19 -60.45
C ASN E 149 -35.91 -33.71 -60.50
N SER E 150 -34.83 -34.19 -59.90
CA SER E 150 -34.53 -35.62 -59.88
C SER E 150 -35.04 -36.28 -58.62
N GLY E 151 -34.11 -36.77 -57.79
CA GLY E 151 -34.49 -37.44 -56.56
C GLY E 151 -34.78 -38.90 -56.88
N ASP E 152 -33.84 -39.77 -56.53
CA ASP E 152 -33.97 -41.20 -56.77
C ASP E 152 -35.38 -41.64 -56.37
N PHE E 153 -35.77 -41.24 -55.17
CA PHE E 153 -37.08 -41.53 -54.62
C PHE E 153 -38.04 -40.39 -54.97
N GLY E 154 -37.91 -39.90 -56.20
CA GLY E 154 -38.76 -38.83 -56.71
C GLY E 154 -38.77 -37.51 -55.94
N GLY E 155 -38.08 -37.46 -54.82
CA GLY E 155 -38.06 -36.25 -54.03
C GLY E 155 -36.96 -35.27 -54.43
N TYR E 156 -35.93 -35.18 -53.61
CA TYR E 156 -34.83 -34.28 -53.87
C TYR E 156 -33.49 -35.03 -53.93
N TYR E 157 -32.54 -34.46 -54.66
CA TYR E 157 -31.22 -35.05 -54.81
C TYR E 157 -30.09 -34.05 -54.58
N CYS E 158 -29.27 -34.29 -53.55
CA CYS E 158 -28.14 -33.42 -53.22
C CYS E 158 -26.95 -33.84 -54.09
N PRO E 159 -26.63 -33.04 -55.12
CA PRO E 159 -25.52 -33.32 -56.04
C PRO E 159 -24.12 -33.25 -55.41
N CYS E 160 -24.04 -33.08 -54.10
CA CYS E 160 -22.74 -33.02 -53.43
C CYS E 160 -22.16 -34.39 -53.09
N HIS E 161 -22.93 -35.27 -52.45
CA HIS E 161 -22.44 -36.60 -52.12
C HIS E 161 -23.52 -37.67 -52.23
N GLY E 162 -24.51 -37.43 -53.09
CA GLY E 162 -25.58 -38.39 -53.26
C GLY E 162 -26.86 -38.01 -52.53
N SER E 163 -26.89 -38.28 -51.22
CA SER E 163 -28.04 -37.98 -50.38
C SER E 163 -29.36 -37.82 -51.14
N HIS E 164 -30.14 -38.89 -51.18
CA HIS E 164 -31.42 -38.92 -51.86
C HIS E 164 -32.52 -38.75 -50.83
N TYR E 165 -33.44 -37.83 -51.10
CA TYR E 165 -34.55 -37.57 -50.19
C TYR E 165 -35.85 -37.85 -50.93
N ASP E 166 -36.78 -38.53 -50.27
CA ASP E 166 -38.06 -38.86 -50.89
C ASP E 166 -38.94 -37.64 -51.09
N ALA E 167 -40.22 -37.87 -51.32
CA ALA E 167 -41.18 -36.80 -51.53
C ALA E 167 -41.46 -36.06 -50.22
N SER E 168 -41.19 -36.71 -49.09
CA SER E 168 -41.40 -36.11 -47.78
C SER E 168 -40.12 -35.45 -47.29
N GLY E 169 -39.05 -35.60 -48.09
CA GLY E 169 -37.78 -35.01 -47.74
C GLY E 169 -37.06 -35.80 -46.65
N ARG E 170 -36.98 -37.11 -46.84
CA ARG E 170 -36.31 -37.97 -45.88
C ARG E 170 -35.11 -38.64 -46.53
N ILE E 171 -34.00 -38.67 -45.79
CA ILE E 171 -32.78 -39.28 -46.30
C ILE E 171 -33.00 -40.76 -46.57
N ARG E 172 -32.82 -41.15 -47.82
CA ARG E 172 -32.98 -42.54 -48.22
C ARG E 172 -31.60 -43.11 -48.48
N LYS E 173 -31.11 -42.91 -49.71
CA LYS E 173 -29.80 -43.36 -50.11
C LYS E 173 -28.87 -42.16 -50.01
N GLY E 174 -27.84 -42.26 -49.17
CA GLY E 174 -26.91 -41.15 -49.04
C GLY E 174 -26.14 -41.13 -47.73
N PRO E 175 -25.15 -40.24 -47.62
CA PRO E 175 -24.30 -40.09 -46.42
C PRO E 175 -24.90 -39.22 -45.32
N ALA E 176 -25.64 -38.19 -45.70
CA ALA E 176 -26.26 -37.27 -44.73
C ALA E 176 -27.07 -38.01 -43.68
N PRO E 177 -26.79 -37.74 -42.38
CA PRO E 177 -27.50 -38.39 -41.28
C PRO E 177 -29.01 -38.11 -41.19
N TYR E 178 -29.37 -36.98 -40.59
CA TYR E 178 -30.78 -36.61 -40.43
C TYR E 178 -31.51 -36.34 -41.74
N ASN E 179 -32.78 -35.93 -41.61
CA ASN E 179 -33.61 -35.60 -42.76
C ASN E 179 -33.70 -34.08 -42.82
N LEU E 180 -33.85 -33.54 -44.02
CA LEU E 180 -33.96 -32.09 -44.20
C LEU E 180 -34.83 -31.54 -43.08
N GLU E 181 -34.35 -30.48 -42.42
CA GLU E 181 -35.08 -29.87 -41.31
C GLU E 181 -36.43 -29.25 -41.71
N VAL E 182 -37.38 -29.29 -40.79
CA VAL E 182 -38.72 -28.72 -40.99
C VAL E 182 -38.85 -27.58 -39.98
N PRO E 183 -38.78 -26.33 -40.47
CA PRO E 183 -38.88 -25.10 -39.69
C PRO E 183 -40.30 -24.75 -39.22
N THR E 184 -40.39 -23.93 -38.18
CA THR E 184 -41.66 -23.50 -37.64
C THR E 184 -42.53 -22.85 -38.72
N TYR E 185 -43.84 -22.94 -38.55
CA TYR E 185 -44.80 -22.37 -39.50
C TYR E 185 -46.18 -22.22 -38.87
N GLN E 186 -47.19 -21.97 -39.71
CA GLN E 186 -48.57 -21.80 -39.25
C GLN E 186 -49.47 -21.43 -40.41
N PHE E 187 -50.77 -21.70 -40.25
CA PHE E 187 -51.75 -21.40 -41.28
C PHE E 187 -52.92 -20.57 -40.75
N VAL E 188 -52.64 -19.49 -40.02
CA VAL E 188 -53.72 -18.66 -39.49
C VAL E 188 -54.53 -18.10 -40.66
N GLY E 189 -54.10 -18.43 -41.87
CA GLY E 189 -54.77 -18.00 -43.08
C GLY E 189 -54.46 -18.99 -44.18
N ASP E 190 -55.21 -20.09 -44.23
CA ASP E 190 -55.00 -21.14 -45.23
C ASP E 190 -54.38 -20.69 -46.54
N ASP E 191 -55.06 -19.81 -47.27
CA ASP E 191 -54.55 -19.30 -48.54
C ASP E 191 -53.22 -18.55 -48.34
N LEU E 192 -52.58 -18.84 -47.20
CA LEU E 192 -51.30 -18.25 -46.80
C LEU E 192 -50.66 -19.01 -45.64
N VAL E 193 -49.34 -19.15 -45.71
CA VAL E 193 -48.56 -19.82 -44.67
C VAL E 193 -47.41 -18.88 -44.30
N VAL E 194 -47.10 -18.77 -43.01
CA VAL E 194 -46.04 -17.88 -42.56
C VAL E 194 -44.93 -18.63 -41.83
N VAL E 195 -43.92 -19.04 -42.58
CA VAL E 195 -42.78 -19.76 -42.04
C VAL E 195 -41.87 -18.78 -41.33
N GLY E 196 -41.25 -19.22 -40.23
CA GLY E 196 -40.36 -18.35 -39.49
C GLY E 196 -41.03 -17.76 -38.28
N GLY F 10 1.28 59.85 3.72
CA GLY F 10 0.44 60.12 4.96
C GLY F 10 0.00 58.79 5.54
N ARG F 11 -1.28 58.49 5.50
CA ARG F 11 -1.77 57.20 5.99
C ARG F 11 -2.35 56.44 4.81
N LEU F 12 -1.68 56.55 3.66
CA LEU F 12 -2.17 55.88 2.47
C LEU F 12 -2.02 54.38 2.54
N MET F 13 -0.79 53.91 2.72
CA MET F 13 -0.54 52.48 2.83
C MET F 13 -1.43 51.86 3.88
N ASP F 14 -1.69 52.60 4.94
CA ASP F 14 -2.52 52.10 6.02
C ASP F 14 -3.99 52.05 5.64
N ARG F 15 -4.43 52.96 4.76
CA ARG F 15 -5.83 52.97 4.32
C ARG F 15 -6.00 51.75 3.42
N ILE F 16 -5.02 51.50 2.57
CA ILE F 16 -5.09 50.41 1.62
C ILE F 16 -5.11 49.06 2.31
N ARG F 17 -4.15 48.85 3.20
CA ARG F 17 -4.04 47.62 3.94
C ARG F 17 -5.34 47.31 4.68
N LYS F 18 -5.72 48.21 5.57
CA LYS F 18 -6.93 48.02 6.33
C LYS F 18 -8.08 47.70 5.36
N TRP F 19 -8.02 48.25 4.16
CA TRP F 19 -9.08 48.03 3.16
C TRP F 19 -9.04 46.60 2.62
N TYR F 20 -7.85 46.17 2.21
CA TYR F 20 -7.65 44.83 1.68
C TYR F 20 -8.04 43.86 2.77
N TYR F 21 -7.59 44.13 3.99
CA TYR F 21 -7.89 43.27 5.13
C TYR F 21 -9.38 42.99 5.23
N ASN F 22 -10.19 44.01 5.04
CA ASN F 22 -11.63 43.82 5.13
C ASN F 22 -12.18 43.25 3.85
N ALA F 23 -11.48 43.49 2.76
CA ALA F 23 -11.92 43.00 1.49
C ALA F 23 -11.68 41.48 1.48
N ALA F 24 -10.55 41.04 2.03
CA ALA F 24 -10.18 39.63 2.08
C ALA F 24 -11.29 38.86 2.74
N GLY F 25 -11.66 39.26 3.94
CA GLY F 25 -12.76 38.61 4.62
C GLY F 25 -12.53 37.39 5.51
N PHE F 26 -11.28 37.04 5.81
CA PHE F 26 -11.08 35.87 6.67
C PHE F 26 -11.45 36.17 8.08
N ASN F 27 -11.48 37.46 8.40
CA ASN F 27 -11.83 37.88 9.74
C ASN F 27 -13.28 37.52 10.04
N LYS F 28 -14.08 37.27 9.02
CA LYS F 28 -15.48 36.90 9.23
C LYS F 28 -15.61 35.47 9.76
N TYR F 29 -14.51 34.72 9.65
CA TYR F 29 -14.49 33.35 10.13
C TYR F 29 -13.82 33.32 11.50
N GLY F 30 -13.29 34.47 11.90
CA GLY F 30 -12.60 34.55 13.18
C GLY F 30 -11.16 34.12 13.06
N LEU F 31 -10.62 34.11 11.84
CA LEU F 31 -9.24 33.70 11.61
C LEU F 31 -8.31 34.89 11.60
N MET F 32 -7.07 34.67 12.07
CA MET F 32 -6.06 35.71 12.09
C MET F 32 -5.38 35.60 10.74
N ARG F 33 -4.70 36.64 10.31
CA ARG F 33 -4.05 36.60 9.02
C ARG F 33 -3.18 35.35 8.93
N ASP F 34 -2.34 35.14 9.95
CA ASP F 34 -1.44 34.00 9.97
C ASP F 34 -2.14 32.64 9.96
N ASP F 35 -3.42 32.61 10.31
CA ASP F 35 -4.16 31.35 10.28
C ASP F 35 -4.37 30.93 8.83
N THR F 36 -4.39 31.92 7.94
CA THR F 36 -4.65 31.65 6.53
C THR F 36 -3.47 31.29 5.68
N LEU F 37 -2.28 31.22 6.25
CA LEU F 37 -1.08 30.89 5.47
C LEU F 37 -1.07 29.47 4.93
N TYR F 38 -0.58 29.33 3.70
CA TYR F 38 -0.46 28.02 3.08
C TYR F 38 0.72 27.37 3.78
N GLU F 39 0.51 26.16 4.27
CA GLU F 39 1.54 25.46 5.02
C GLU F 39 2.65 24.80 4.21
N ASP F 40 3.57 25.61 3.69
CA ASP F 40 4.68 25.05 2.93
C ASP F 40 5.72 24.58 3.96
N ASP F 41 6.96 24.39 3.54
CA ASP F 41 7.99 23.89 4.46
C ASP F 41 8.36 24.79 5.62
N ASP F 42 8.56 26.07 5.34
CA ASP F 42 8.90 27.03 6.38
C ASP F 42 7.75 27.18 7.36
N VAL F 43 6.55 27.37 6.85
CA VAL F 43 5.42 27.52 7.73
C VAL F 43 5.25 26.32 8.64
N LYS F 44 5.53 25.12 8.13
CA LYS F 44 5.40 23.92 8.95
C LYS F 44 6.39 23.92 10.12
N GLU F 45 7.63 24.29 9.84
CA GLU F 45 8.62 24.34 10.89
C GLU F 45 8.18 25.38 11.90
N ALA F 46 7.85 26.58 11.41
CA ALA F 46 7.39 27.66 12.26
C ALA F 46 6.32 27.19 13.25
N LEU F 47 5.33 26.47 12.74
CA LEU F 47 4.25 25.98 13.58
C LEU F 47 4.74 25.03 14.68
N LYS F 48 5.78 24.28 14.42
CA LYS F 48 6.29 23.35 15.44
C LYS F 48 6.92 24.10 16.62
N ARG F 49 7.35 25.33 16.38
CA ARG F 49 7.97 26.15 17.42
C ARG F 49 6.99 26.93 18.27
N LEU F 50 5.76 27.06 17.80
CA LEU F 50 4.76 27.79 18.56
C LEU F 50 4.53 27.20 19.94
N PRO F 51 4.32 28.06 20.94
CA PRO F 51 4.07 27.61 22.31
C PRO F 51 2.75 26.86 22.28
N GLU F 52 2.59 25.86 23.17
CA GLU F 52 1.36 25.08 23.20
C GLU F 52 0.05 25.89 23.16
N ASP F 53 -0.09 26.89 24.02
CA ASP F 53 -1.31 27.69 24.04
C ASP F 53 -1.63 28.38 22.72
N LEU F 54 -0.63 28.98 22.09
CA LEU F 54 -0.84 29.65 20.80
C LEU F 54 -1.29 28.65 19.78
N TYR F 55 -0.62 27.50 19.78
CA TYR F 55 -0.92 26.40 18.87
C TYR F 55 -2.36 25.87 19.06
N ASN F 56 -2.80 25.66 20.29
CA ASN F 56 -4.14 25.14 20.48
C ASN F 56 -5.21 26.14 20.10
N GLU F 57 -4.90 27.42 20.27
CA GLU F 57 -5.83 28.49 19.93
C GLU F 57 -5.98 28.53 18.41
N ARG F 58 -4.84 28.45 17.72
CA ARG F 58 -4.84 28.46 16.27
C ARG F 58 -5.67 27.33 15.77
N MET F 59 -5.50 26.17 16.39
CA MET F 59 -6.19 24.96 16.00
C MET F 59 -7.69 25.13 16.14
N PHE F 60 -8.13 25.72 17.26
CA PHE F 60 -9.56 25.90 17.44
C PHE F 60 -10.11 26.86 16.40
N ARG F 61 -9.43 27.98 16.21
CA ARG F 61 -9.86 28.99 15.23
C ARG F 61 -10.07 28.36 13.87
N ILE F 62 -9.11 27.52 13.47
CA ILE F 62 -9.21 26.84 12.20
C ILE F 62 -10.34 25.82 12.15
N LYS F 63 -10.42 24.98 13.17
CA LYS F 63 -11.47 23.98 13.19
C LYS F 63 -12.81 24.71 13.09
N ARG F 64 -12.92 25.79 13.86
CA ARG F 64 -14.13 26.59 13.87
C ARG F 64 -14.43 27.10 12.45
N ALA F 65 -13.42 27.65 11.78
CA ALA F 65 -13.59 28.17 10.42
C ALA F 65 -14.13 27.11 9.48
N LEU F 66 -13.54 25.91 9.50
CA LEU F 66 -13.98 24.82 8.65
C LEU F 66 -15.42 24.42 8.92
N ASP F 67 -15.83 24.51 10.18
CA ASP F 67 -17.19 24.15 10.52
C ASP F 67 -18.14 25.21 9.97
N LEU F 68 -17.74 26.48 10.05
CA LEU F 68 -18.54 27.58 9.51
C LEU F 68 -18.62 27.40 7.99
N SER F 69 -17.48 27.07 7.40
CA SER F 69 -17.40 26.85 5.98
C SER F 69 -18.29 25.71 5.49
N LEU F 70 -18.38 24.60 6.23
CA LEU F 70 -19.22 23.50 5.77
C LEU F 70 -20.68 23.87 5.97
N LYS F 71 -20.94 24.79 6.89
CA LYS F 71 -22.29 25.22 7.19
C LYS F 71 -22.73 26.38 6.31
N HIS F 72 -21.76 26.97 5.60
CA HIS F 72 -22.05 28.12 4.74
C HIS F 72 -22.58 29.28 5.58
N ARG F 73 -21.86 29.58 6.66
CA ARG F 73 -22.19 30.66 7.56
C ARG F 73 -20.89 31.39 7.87
N ILE F 74 -20.99 32.47 8.63
CA ILE F 74 -19.82 33.19 9.06
C ILE F 74 -20.15 33.61 10.49
N LEU F 75 -19.24 34.29 11.17
CA LEU F 75 -19.54 34.70 12.52
C LEU F 75 -20.36 35.98 12.49
N PRO F 76 -21.07 36.27 13.60
CA PRO F 76 -21.88 37.49 13.67
C PRO F 76 -20.90 38.66 13.63
N LYS F 77 -21.28 39.72 12.93
CA LYS F 77 -20.43 40.89 12.80
C LYS F 77 -19.63 41.28 14.06
N GLU F 78 -20.19 41.00 15.23
CA GLU F 78 -19.52 41.34 16.49
C GLU F 78 -18.24 40.58 16.70
N GLN F 79 -18.26 39.29 16.35
CA GLN F 79 -17.12 38.43 16.52
C GLN F 79 -16.03 38.55 15.48
N TRP F 80 -16.21 39.42 14.50
CA TRP F 80 -15.18 39.57 13.48
C TRP F 80 -13.89 40.17 14.01
N VAL F 81 -12.77 39.56 13.62
CA VAL F 81 -11.46 40.04 14.02
C VAL F 81 -11.26 41.45 13.45
N LYS F 82 -10.88 42.40 14.30
CA LYS F 82 -10.67 43.75 13.83
C LYS F 82 -9.25 43.94 13.31
N TYR F 83 -9.14 44.65 12.19
CA TYR F 83 -7.83 44.89 11.58
C TYR F 83 -6.74 45.14 12.59
N GLU F 84 -6.97 46.09 13.47
CA GLU F 84 -5.96 46.44 14.44
C GLU F 84 -5.80 45.46 15.61
N GLU F 85 -6.70 44.49 15.75
CA GLU F 85 -6.58 43.53 16.83
C GLU F 85 -6.09 42.17 16.33
N ASP F 86 -5.66 42.11 15.08
CA ASP F 86 -5.17 40.86 14.50
C ASP F 86 -3.76 40.57 14.97
N LYS F 87 -3.61 39.53 15.78
CA LYS F 87 -2.30 39.18 16.31
C LYS F 87 -1.44 38.35 15.35
N PRO F 88 -0.30 38.90 14.91
CA PRO F 88 0.65 38.24 13.99
C PRO F 88 1.53 37.23 14.75
N TYR F 89 0.85 36.27 15.36
CA TYR F 89 1.49 35.26 16.19
C TYR F 89 2.56 34.38 15.56
N LEU F 90 2.57 34.22 14.24
CA LEU F 90 3.56 33.35 13.62
C LEU F 90 4.69 34.07 12.88
N GLU F 91 4.40 35.24 12.34
CA GLU F 91 5.37 36.01 11.57
C GLU F 91 6.77 36.04 12.20
N PRO F 92 6.86 36.17 13.53
CA PRO F 92 8.17 36.20 14.20
C PRO F 92 8.95 34.90 13.98
N TYR F 93 8.30 33.76 14.20
CA TYR F 93 8.94 32.46 14.05
C TYR F 93 9.28 32.19 12.61
N LEU F 94 8.30 32.42 11.74
CA LEU F 94 8.48 32.21 10.32
C LEU F 94 9.70 32.98 9.78
N LYS F 95 9.88 34.21 10.25
CA LYS F 95 11.02 34.99 9.76
C LYS F 95 12.35 34.38 10.17
N GLU F 96 12.42 33.88 11.41
CA GLU F 96 13.63 33.24 11.90
C GLU F 96 13.91 31.95 11.12
N VAL F 97 12.86 31.17 10.87
CA VAL F 97 13.01 29.93 10.11
C VAL F 97 13.59 30.22 8.74
N ILE F 98 13.07 31.25 8.08
CA ILE F 98 13.56 31.61 6.76
C ILE F 98 14.98 32.16 6.82
N ARG F 99 15.30 32.84 7.92
CA ARG F 99 16.63 33.42 8.11
C ARG F 99 17.63 32.29 8.20
N GLU F 100 17.30 31.30 9.02
CA GLU F 100 18.13 30.12 9.24
C GLU F 100 18.36 29.35 7.95
N ARG F 101 17.28 29.14 7.23
CA ARG F 101 17.33 28.42 5.97
C ARG F 101 18.25 29.11 4.97
N LEU F 102 18.08 30.43 4.80
CA LEU F 102 18.92 31.18 3.88
C LEU F 102 20.38 31.14 4.29
N GLU F 103 20.65 31.08 5.60
CA GLU F 103 22.03 30.98 6.06
C GLU F 103 22.62 29.68 5.54
N ARG F 104 21.96 28.56 5.84
CA ARG F 104 22.42 27.26 5.37
C ARG F 104 22.58 27.22 3.87
N GLU F 105 21.57 27.63 3.14
CA GLU F 105 21.65 27.62 1.69
C GLU F 105 22.90 28.34 1.25
N ALA F 106 23.10 29.53 1.79
CA ALA F 106 24.27 30.35 1.47
C ALA F 106 25.59 29.64 1.81
N TRP F 107 25.67 29.12 3.03
CA TRP F 107 26.84 28.42 3.54
C TRP F 107 27.16 27.15 2.74
N ASN F 108 26.15 26.35 2.41
CA ASN F 108 26.39 25.14 1.65
C ASN F 108 26.87 25.41 0.23
N LYS F 109 26.75 26.68 -0.20
CA LYS F 109 27.20 27.10 -1.52
C LYS F 109 28.69 27.39 -1.43
N LYS F 110 29.05 28.24 -0.46
CA LYS F 110 30.46 28.60 -0.24
C LYS F 110 31.36 27.36 -0.23
N ILE G 2 -4.12 3.56 6.92
CA ILE G 2 -4.38 4.19 8.26
C ILE G 2 -4.15 5.71 8.18
N HIS G 3 -5.23 6.46 7.99
CA HIS G 3 -5.16 7.92 7.92
C HIS G 3 -5.93 8.56 9.07
N PHE G 4 -6.70 7.76 9.80
CA PHE G 4 -7.47 8.25 10.95
C PHE G 4 -6.76 7.94 12.27
N GLY G 5 -6.26 9.00 12.91
CA GLY G 5 -5.55 8.85 14.17
C GLY G 5 -4.14 9.39 14.10
N ASN G 6 -3.70 9.76 12.90
CA ASN G 6 -2.35 10.28 12.68
C ASN G 6 -2.38 11.69 12.11
N LEU G 7 -3.59 12.24 11.95
CA LEU G 7 -3.77 13.57 11.35
C LEU G 7 -3.27 14.80 12.10
N ALA G 8 -3.91 15.16 13.21
CA ALA G 8 -3.48 16.35 13.94
C ALA G 8 -3.46 16.21 15.44
N ARG G 9 -2.65 17.06 16.08
CA ARG G 9 -2.52 17.09 17.52
C ARG G 9 -3.54 18.13 17.97
N VAL G 10 -4.66 17.68 18.50
CA VAL G 10 -5.73 18.57 18.92
C VAL G 10 -6.02 18.49 20.41
N ARG G 11 -6.20 19.64 21.04
CA ARG G 11 -6.48 19.64 22.46
C ARG G 11 -7.53 20.63 22.93
N HIS G 12 -8.33 20.18 23.88
CA HIS G 12 -9.35 21.00 24.51
C HIS G 12 -10.54 21.44 23.70
N ILE G 13 -10.97 20.65 22.75
CA ILE G 13 -12.12 21.05 21.97
C ILE G 13 -13.24 20.07 22.20
N ILE G 14 -14.42 20.60 22.57
CA ILE G 14 -15.59 19.76 22.80
C ILE G 14 -16.56 20.01 21.68
N THR G 15 -17.27 18.97 21.24
CA THR G 15 -18.27 19.12 20.19
C THR G 15 -19.52 18.35 20.57
N TYR G 16 -20.68 18.92 20.24
CA TYR G 16 -21.94 18.30 20.57
C TYR G 16 -22.70 18.08 19.30
N SER G 17 -23.25 16.88 19.14
CA SER G 17 -24.01 16.56 17.95
C SER G 17 -25.26 15.73 18.23
N LEU G 18 -26.29 15.89 17.42
CA LEU G 18 -27.53 15.14 17.59
C LEU G 18 -27.72 14.13 16.50
N SER G 19 -28.35 13.00 16.84
CA SER G 19 -28.63 12.00 15.84
C SER G 19 -29.47 12.71 14.77
N PRO G 20 -29.44 12.21 13.53
CA PRO G 20 -30.22 12.80 12.44
C PRO G 20 -31.72 12.62 12.67
N PHE G 21 -32.07 11.62 13.45
CA PHE G 21 -33.48 11.33 13.68
C PHE G 21 -34.10 12.19 14.78
N GLU G 22 -33.26 12.93 15.49
CA GLU G 22 -33.77 13.79 16.56
C GLU G 22 -33.95 15.20 16.02
N GLN G 23 -33.38 15.46 14.84
CA GLN G 23 -33.48 16.79 14.23
C GLN G 23 -34.07 16.82 12.84
N ARG G 24 -34.29 18.04 12.35
CA ARG G 24 -34.88 18.31 11.05
C ARG G 24 -33.77 18.42 10.01
N ALA G 25 -34.06 17.97 8.79
CA ALA G 25 -33.13 17.98 7.67
C ALA G 25 -32.87 19.38 7.11
N ILE G 26 -33.94 20.13 6.93
CA ILE G 26 -33.85 21.49 6.41
C ILE G 26 -34.52 22.43 7.40
N PRO G 27 -33.84 22.77 8.49
CA PRO G 27 -34.45 23.66 9.47
C PRO G 27 -34.29 25.14 9.18
N ASN G 28 -35.22 25.93 9.73
CA ASN G 28 -35.24 27.40 9.63
C ASN G 28 -34.95 27.96 8.26
N ILE G 29 -35.75 27.56 7.27
CA ILE G 29 -35.54 28.02 5.90
C ILE G 29 -35.66 29.53 5.75
N PHE G 30 -36.61 30.12 6.48
CA PHE G 30 -36.80 31.55 6.39
C PHE G 30 -35.99 32.37 7.35
N SER G 31 -35.79 31.87 8.57
CA SER G 31 -35.04 32.64 9.54
C SER G 31 -33.52 32.58 9.39
N ASP G 32 -33.03 31.51 8.76
CA ASP G 32 -31.58 31.30 8.63
C ASP G 32 -31.09 31.01 7.19
N ALA G 33 -31.71 30.03 6.54
CA ALA G 33 -31.31 29.63 5.20
C ALA G 33 -31.32 30.75 4.15
N LEU G 34 -32.51 31.20 3.78
CA LEU G 34 -32.67 32.25 2.77
C LEU G 34 -31.85 33.52 3.05
N PRO G 35 -31.95 34.05 4.27
CA PRO G 35 -31.18 35.24 4.60
C PRO G 35 -29.74 35.05 4.14
N ASN G 36 -29.13 33.93 4.54
CA ASN G 36 -27.76 33.58 4.19
C ASN G 36 -27.55 33.45 2.69
N VAL G 37 -28.51 32.84 2.01
CA VAL G 37 -28.40 32.70 0.56
C VAL G 37 -28.26 34.08 -0.04
N TRP G 38 -29.09 35.00 0.46
CA TRP G 38 -29.04 36.37 0.01
C TRP G 38 -27.69 36.97 0.37
N ARG G 39 -27.27 36.77 1.61
CA ARG G 39 -25.98 37.27 2.08
C ARG G 39 -24.83 36.83 1.17
N ARG G 40 -24.84 35.54 0.80
CA ARG G 40 -23.82 34.95 -0.04
C ARG G 40 -23.84 35.51 -1.45
N PHE G 41 -25.05 35.68 -1.98
CA PHE G 41 -25.23 36.24 -3.31
C PHE G 41 -24.70 37.66 -3.33
N SER G 42 -25.13 38.44 -2.34
CA SER G 42 -24.72 39.82 -2.23
C SER G 42 -23.22 39.99 -2.22
N SER G 43 -22.56 39.27 -1.31
CA SER G 43 -21.12 39.36 -1.16
C SER G 43 -20.29 38.99 -2.40
N GLN G 44 -20.88 38.31 -3.37
CA GLN G 44 -20.14 37.91 -4.57
C GLN G 44 -20.50 38.62 -5.87
N VAL G 45 -21.77 39.00 -6.02
CA VAL G 45 -22.27 39.67 -7.23
C VAL G 45 -21.38 40.71 -7.88
N PHE G 46 -20.76 41.58 -7.09
CA PHE G 46 -19.92 42.59 -7.72
C PHE G 46 -18.52 42.13 -8.05
N LYS G 47 -18.25 40.84 -7.85
CA LYS G 47 -16.95 40.25 -8.17
C LYS G 47 -17.10 39.37 -9.39
N VAL G 48 -18.24 38.71 -9.49
CA VAL G 48 -18.51 37.82 -10.62
C VAL G 48 -19.19 38.55 -11.78
N ALA G 49 -20.30 39.20 -11.50
CA ALA G 49 -21.10 39.89 -12.50
C ALA G 49 -20.37 40.81 -13.47
N PRO G 50 -19.64 41.83 -12.97
CA PRO G 50 -18.93 42.77 -13.82
C PRO G 50 -18.30 42.21 -15.12
N PRO G 51 -17.26 41.37 -15.01
CA PRO G 51 -16.66 40.82 -16.23
C PRO G 51 -17.65 40.08 -17.15
N PHE G 52 -18.70 39.48 -16.59
CA PHE G 52 -19.68 38.80 -17.41
C PHE G 52 -20.53 39.84 -18.12
N LEU G 53 -20.85 40.94 -17.43
CA LEU G 53 -21.63 42.02 -18.03
C LEU G 53 -20.77 42.61 -19.14
N GLY G 54 -19.50 42.87 -18.84
CA GLY G 54 -18.59 43.40 -19.83
C GLY G 54 -18.50 42.49 -21.06
N ALA G 55 -18.50 41.18 -20.83
CA ALA G 55 -18.44 40.22 -21.95
C ALA G 55 -19.69 40.40 -22.80
N TYR G 56 -20.83 40.46 -22.14
CA TYR G 56 -22.10 40.64 -22.85
C TYR G 56 -22.10 41.85 -23.77
N LEU G 57 -21.68 42.99 -23.25
CA LEU G 57 -21.63 44.22 -24.02
C LEU G 57 -20.77 43.97 -25.25
N LEU G 58 -19.53 43.55 -25.04
CA LEU G 58 -18.63 43.29 -26.17
C LEU G 58 -19.31 42.38 -27.21
N TYR G 59 -20.08 41.41 -26.73
CA TYR G 59 -20.76 40.48 -27.59
C TYR G 59 -21.82 41.19 -28.41
N SER G 60 -22.63 42.00 -27.74
CA SER G 60 -23.69 42.78 -28.41
C SER G 60 -23.08 43.73 -29.42
N TRP G 61 -22.11 44.52 -28.99
CA TRP G 61 -21.49 45.43 -29.92
C TRP G 61 -21.02 44.63 -31.13
N GLY G 62 -20.07 43.73 -30.92
CA GLY G 62 -19.55 42.95 -32.02
C GLY G 62 -20.57 42.26 -32.91
N THR G 63 -21.71 41.85 -32.36
CA THR G 63 -22.70 41.18 -33.19
C THR G 63 -23.40 42.21 -34.07
N GLN G 64 -23.77 43.35 -33.47
CA GLN G 64 -24.43 44.42 -34.21
C GLN G 64 -23.50 45.09 -35.21
N GLU G 65 -22.26 45.31 -34.79
CA GLU G 65 -21.29 45.94 -35.66
C GLU G 65 -21.04 45.07 -36.88
N PHE G 66 -21.28 43.78 -36.75
CA PHE G 66 -21.06 42.85 -37.85
C PHE G 66 -22.19 42.87 -38.85
N GLU G 67 -23.42 42.99 -38.34
CA GLU G 67 -24.60 43.04 -39.18
C GLU G 67 -24.70 44.38 -39.87
N ARG G 68 -24.19 45.41 -39.20
CA ARG G 68 -24.21 46.76 -39.72
C ARG G 68 -23.29 46.86 -40.91
N LEU G 69 -22.17 46.16 -40.87
CA LEU G 69 -21.24 46.21 -41.98
C LEU G 69 -21.76 45.41 -43.17
N LYS G 70 -22.86 44.71 -42.99
CA LYS G 70 -23.44 43.92 -44.08
C LYS G 70 -24.45 44.74 -44.89
N ARG G 71 -25.02 45.75 -44.24
CA ARG G 71 -25.99 46.65 -44.87
C ARG G 71 -25.24 47.49 -45.87
N LYS G 72 -25.99 48.17 -46.75
CA LYS G 72 -25.36 49.01 -47.76
C LYS G 72 -25.38 50.46 -47.34
N ASN G 73 -24.32 51.17 -47.71
CA ASN G 73 -24.18 52.58 -47.43
C ASN G 73 -24.66 53.36 -48.65
N PRO G 74 -25.79 54.06 -48.52
CA PRO G 74 -26.34 54.83 -49.65
C PRO G 74 -25.34 55.78 -50.30
N ALA G 75 -24.33 56.16 -49.53
CA ALA G 75 -23.31 57.07 -50.02
C ALA G 75 -22.35 56.46 -51.02
N ASP G 76 -22.74 55.36 -51.67
CA ASP G 76 -21.87 54.75 -52.67
C ASP G 76 -22.61 54.75 -53.98
N TYR G 77 -23.88 55.13 -53.93
CA TYR G 77 -24.72 55.14 -55.12
C TYR G 77 -25.41 56.47 -55.39
N GLU G 78 -25.04 57.51 -54.64
CA GLU G 78 -25.65 58.82 -54.82
C GLU G 78 -25.32 59.53 -56.13
N ASN G 79 -24.45 58.97 -56.94
CA ASN G 79 -24.13 59.63 -58.18
C ASN G 79 -23.93 58.60 -59.26
N ASP G 80 -24.71 57.53 -59.19
CA ASP G 80 -24.62 56.43 -60.14
C ASP G 80 -25.59 56.56 -61.30
N GLN G 81 -26.21 57.73 -61.43
CA GLN G 81 -27.16 58.00 -62.52
C GLN G 81 -26.73 57.39 -63.86
CA GLU H 8 -71.03 27.33 -57.16
C GLU H 8 -70.23 28.17 -56.18
N GLU H 9 -70.79 28.37 -54.98
CA GLU H 9 -70.15 29.17 -53.93
C GLU H 9 -69.03 28.39 -53.20
N GLU H 10 -68.01 28.00 -53.96
CA GLU H 10 -66.88 27.26 -53.43
C GLU H 10 -65.69 27.38 -54.38
N GLU H 11 -64.61 27.98 -53.88
CA GLU H 11 -63.40 28.21 -54.66
C GLU H 11 -62.16 27.86 -53.84
N LEU H 12 -61.20 27.15 -54.43
CA LEU H 12 -59.98 26.78 -53.70
C LEU H 12 -59.00 27.93 -53.54
N VAL H 13 -58.98 28.52 -52.35
CA VAL H 13 -58.08 29.64 -52.06
C VAL H 13 -57.06 29.24 -51.01
N ASP H 14 -55.81 29.62 -51.23
CA ASP H 14 -54.76 29.28 -50.28
C ASP H 14 -54.68 30.31 -49.16
N PRO H 15 -54.99 29.88 -47.93
CA PRO H 15 -54.93 30.83 -46.83
C PRO H 15 -53.62 31.61 -46.78
N LEU H 16 -52.57 31.01 -47.31
CA LEU H 16 -51.28 31.69 -47.31
C LEU H 16 -51.37 33.03 -48.02
N THR H 17 -51.89 33.01 -49.24
CA THR H 17 -52.01 34.25 -50.02
C THR H 17 -52.92 35.27 -49.34
N THR H 18 -53.96 34.78 -48.67
CA THR H 18 -54.88 35.65 -47.96
C THR H 18 -54.17 36.35 -46.80
N ILE H 19 -53.51 35.57 -45.95
CA ILE H 19 -52.81 36.10 -44.80
C ILE H 19 -51.63 36.98 -45.21
N ARG H 20 -51.09 36.76 -46.39
CA ARG H 20 -49.98 37.56 -46.86
C ARG H 20 -50.49 38.98 -47.12
N GLU H 21 -51.68 39.08 -47.69
CA GLU H 21 -52.26 40.39 -47.98
C GLU H 21 -52.52 41.12 -46.67
N HIS H 22 -53.26 40.48 -45.78
CA HIS H 22 -53.57 41.06 -44.48
C HIS H 22 -52.32 41.58 -43.76
N CYS H 23 -51.23 40.83 -43.85
CA CYS H 23 -49.99 41.22 -43.19
C CYS H 23 -49.26 42.35 -43.89
N GLU H 24 -49.35 42.41 -45.21
CA GLU H 24 -48.67 43.47 -45.94
C GLU H 24 -49.30 44.81 -45.64
N GLN H 25 -50.49 44.78 -45.02
CA GLN H 25 -51.20 45.99 -44.64
C GLN H 25 -50.97 46.20 -43.16
N THR H 26 -49.72 46.06 -42.76
CA THR H 26 -49.29 46.23 -41.37
C THR H 26 -48.30 47.37 -41.40
N GLU H 27 -48.31 48.18 -40.35
CA GLU H 27 -47.41 49.31 -40.29
C GLU H 27 -45.96 48.92 -40.64
N LYS H 28 -45.49 47.81 -40.07
CA LYS H 28 -44.11 47.36 -40.29
C LYS H 28 -43.78 47.01 -41.73
N CYS H 29 -44.70 46.33 -42.40
CA CYS H 29 -44.51 45.94 -43.81
C CYS H 29 -44.66 47.16 -44.70
N VAL H 30 -45.72 47.92 -44.45
CA VAL H 30 -46.01 49.11 -45.23
C VAL H 30 -44.76 49.98 -45.32
N LYS H 31 -44.04 50.11 -44.22
CA LYS H 31 -42.84 50.92 -44.23
C LYS H 31 -41.73 50.25 -45.03
N ALA H 32 -41.55 48.94 -44.83
CA ALA H 32 -40.52 48.15 -45.51
C ALA H 32 -40.77 48.08 -46.99
N ARG H 33 -42.05 47.95 -47.33
CA ARG H 33 -42.51 47.88 -48.71
C ARG H 33 -42.21 49.21 -49.40
N GLU H 34 -42.32 50.28 -48.63
CA GLU H 34 -42.07 51.62 -49.10
C GLU H 34 -40.61 51.88 -49.45
N ARG H 35 -39.70 51.44 -48.60
CA ARG H 35 -38.27 51.63 -48.87
C ARG H 35 -37.82 50.75 -50.03
N LEU H 36 -38.57 49.68 -50.26
CA LEU H 36 -38.27 48.74 -51.32
C LEU H 36 -38.62 49.39 -52.66
N GLU H 37 -39.85 49.89 -52.75
CA GLU H 37 -40.30 50.54 -53.97
C GLU H 37 -39.38 51.69 -54.37
N LEU H 38 -38.84 52.42 -53.39
CA LEU H 38 -37.94 53.52 -53.70
C LEU H 38 -36.63 53.02 -54.28
N CYS H 39 -36.08 51.98 -53.66
CA CYS H 39 -34.81 51.41 -54.13
C CYS H 39 -35.00 50.93 -55.56
N ASP H 40 -36.07 50.18 -55.76
CA ASP H 40 -36.40 49.64 -57.08
C ASP H 40 -36.37 50.81 -58.05
N ALA H 41 -37.13 51.84 -57.70
CA ALA H 41 -37.23 53.05 -58.49
C ALA H 41 -35.88 53.56 -58.99
N ARG H 42 -34.99 53.92 -58.07
CA ARG H 42 -33.71 54.45 -58.52
C ARG H 42 -32.78 53.43 -59.14
N VAL H 43 -32.88 52.18 -58.71
CA VAL H 43 -32.00 51.18 -59.27
C VAL H 43 -32.42 50.90 -60.72
N SER H 44 -33.73 50.88 -60.95
CA SER H 44 -34.27 50.63 -62.28
C SER H 44 -33.99 51.79 -63.24
N SER H 45 -33.97 53.01 -62.70
CA SER H 45 -33.74 54.19 -63.52
C SER H 45 -32.27 54.55 -63.72
N ARG H 46 -31.37 53.61 -63.54
CA ARG H 46 -29.96 53.92 -63.72
C ARG H 46 -29.28 52.91 -64.61
N SER H 47 -28.30 53.35 -65.38
CA SER H 47 -27.61 52.45 -66.29
C SER H 47 -26.22 52.03 -65.81
N HIS H 48 -25.78 52.54 -64.67
CA HIS H 48 -24.45 52.20 -64.20
C HIS H 48 -24.31 52.01 -62.69
N THR H 49 -25.41 51.64 -62.01
CA THR H 49 -25.38 51.45 -60.56
C THR H 49 -25.15 49.99 -60.07
N GLU H 50 -24.11 49.82 -59.28
CA GLU H 50 -23.79 48.51 -58.70
C GLU H 50 -24.82 48.10 -57.65
N GLU H 51 -25.70 49.03 -57.31
CA GLU H 51 -26.72 48.82 -56.29
C GLU H 51 -27.76 47.76 -56.62
N GLN H 52 -28.27 47.11 -55.56
CA GLN H 52 -29.31 46.06 -55.66
C GLN H 52 -30.27 46.23 -54.49
N CYS H 53 -31.49 45.72 -54.61
CA CYS H 53 -32.46 45.90 -53.53
C CYS H 53 -32.73 44.70 -52.63
N THR H 54 -31.79 43.76 -52.63
CA THR H 54 -31.90 42.56 -51.82
C THR H 54 -32.21 42.93 -50.36
N GLU H 55 -31.37 43.78 -49.80
CA GLU H 55 -31.54 44.22 -48.43
C GLU H 55 -32.96 44.73 -48.15
N GLU H 56 -33.47 45.58 -49.02
CA GLU H 56 -34.80 46.13 -48.81
C GLU H 56 -35.85 45.05 -48.96
N LEU H 57 -35.67 44.15 -49.93
CA LEU H 57 -36.62 43.07 -50.14
C LEU H 57 -36.62 42.14 -48.93
N PHE H 58 -35.42 41.85 -48.41
CA PHE H 58 -35.32 40.99 -47.25
C PHE H 58 -36.00 41.62 -46.04
N ASP H 59 -35.77 42.91 -45.81
CA ASP H 59 -36.42 43.55 -44.67
C ASP H 59 -37.93 43.38 -44.81
N PHE H 60 -38.44 43.44 -46.04
CA PHE H 60 -39.88 43.31 -46.25
C PHE H 60 -40.37 41.91 -45.98
N LEU H 61 -39.72 40.94 -46.62
CA LEU H 61 -40.09 39.53 -46.48
C LEU H 61 -39.99 39.10 -45.03
N HIS H 62 -38.97 39.58 -44.35
CA HIS H 62 -38.77 39.23 -42.96
C HIS H 62 -39.96 39.68 -42.15
N ALA H 63 -40.31 40.95 -42.28
CA ALA H 63 -41.44 41.52 -41.55
C ALA H 63 -42.73 40.77 -41.88
N ARG H 64 -43.01 40.63 -43.17
CA ARG H 64 -44.22 39.97 -43.61
C ARG H 64 -44.26 38.52 -43.13
N ASP H 65 -43.27 37.76 -43.54
CA ASP H 65 -43.21 36.35 -43.20
C ASP H 65 -43.27 36.05 -41.70
N HIS H 66 -42.73 36.94 -40.88
CA HIS H 66 -42.79 36.70 -39.44
C HIS H 66 -44.24 36.85 -39.00
N CYS H 67 -44.97 37.70 -39.70
CA CYS H 67 -46.37 37.96 -39.39
C CYS H 67 -47.22 36.77 -39.84
N VAL H 68 -46.93 36.27 -41.04
CA VAL H 68 -47.66 35.15 -41.59
C VAL H 68 -47.56 33.91 -40.72
N ALA H 69 -46.37 33.67 -40.17
CA ALA H 69 -46.15 32.49 -39.34
C ALA H 69 -47.11 32.46 -38.14
N HIS H 70 -47.39 33.64 -37.61
CA HIS H 70 -48.26 33.79 -36.45
C HIS H 70 -49.69 33.32 -36.68
N LYS H 71 -50.16 33.43 -37.92
CA LYS H 71 -51.54 33.10 -38.24
C LYS H 71 -51.78 31.96 -39.23
N LEU H 72 -50.83 31.68 -40.10
CA LEU H 72 -51.02 30.64 -41.10
C LEU H 72 -51.46 29.25 -40.66
N PHE H 73 -50.74 28.63 -39.73
CA PHE H 73 -51.12 27.27 -39.33
C PHE H 73 -52.50 27.11 -38.72
N ASN H 74 -53.10 28.21 -38.29
CA ASN H 74 -54.45 28.15 -37.73
C ASN H 74 -55.45 27.73 -38.81
N LYS H 75 -55.17 28.19 -40.04
CA LYS H 75 -56.03 27.91 -41.18
C LYS H 75 -55.64 26.72 -42.04
N LEU H 76 -54.83 25.82 -41.52
CA LEU H 76 -54.41 24.64 -42.28
C LEU H 76 -54.69 23.39 -41.46
N LYS H 77 -54.85 22.26 -42.12
CA LYS H 77 -55.10 21.01 -41.42
C LYS H 77 -53.77 20.34 -41.03
N UNK I 1 -14.60 -12.22 40.13
CA UNK I 1 -15.62 -12.46 39.07
C UNK I 1 -16.93 -11.69 39.27
N UNK I 2 -16.87 -10.57 39.97
CA UNK I 2 -18.07 -9.76 40.22
C UNK I 2 -17.78 -8.36 40.79
N UNK I 3 -16.63 -7.80 40.42
CA UNK I 3 -16.22 -6.47 40.87
C UNK I 3 -14.72 -6.26 40.60
N UNK I 4 -14.32 -5.03 40.31
CA UNK I 4 -12.91 -4.79 40.06
C UNK I 4 -12.54 -3.71 39.05
N UNK I 5 -12.77 -3.99 37.76
CA UNK I 5 -12.41 -3.04 36.70
C UNK I 5 -10.98 -2.55 36.89
N UNK I 6 -9.99 -3.23 36.33
CA UNK I 6 -8.61 -2.81 36.53
C UNK I 6 -8.07 -1.73 35.62
N UNK I 7 -7.29 -0.85 36.24
CA UNK I 7 -6.65 0.28 35.58
C UNK I 7 -5.79 -0.06 34.35
N UNK I 8 -5.12 0.96 33.77
CA UNK I 8 -4.24 0.88 32.59
C UNK I 8 -2.98 1.77 32.66
N UNK I 9 -1.81 1.14 32.57
CA UNK I 9 -0.56 1.88 32.62
C UNK I 9 0.21 1.91 31.32
N UNK I 10 1.48 2.30 31.39
CA UNK I 10 2.34 2.38 30.21
C UNK I 10 3.39 1.26 30.19
N UNK I 11 4.10 1.13 29.08
CA UNK I 11 5.09 0.08 29.00
C UNK I 11 6.53 0.52 28.95
N UNK I 12 6.79 1.58 28.19
CA UNK I 12 8.15 2.10 28.02
C UNK I 12 8.99 1.89 29.27
N UNK I 13 8.47 2.39 30.38
CA UNK I 13 9.13 2.30 31.66
C UNK I 13 8.27 3.00 32.69
N UNK I 14 6.99 2.62 32.68
CA UNK I 14 6.02 3.22 33.58
C UNK I 14 5.17 4.25 32.85
N UNK I 15 4.13 4.74 33.52
CA UNK I 15 3.26 5.73 32.92
C UNK I 15 3.54 7.13 33.44
CA ARG I 16 -6.65 10.26 39.90
C ARG I 16 -5.84 10.71 41.10
N PRO I 17 -5.45 12.01 41.13
CA PRO I 17 -4.66 12.58 42.23
C PRO I 17 -5.49 12.99 43.46
N LEU I 18 -4.87 12.89 44.64
CA LEU I 18 -5.52 13.25 45.89
C LEU I 18 -4.93 14.56 46.43
N LEU I 19 -5.77 15.57 46.58
CA LEU I 19 -5.36 16.90 47.03
C LEU I 19 -5.73 17.29 48.47
N CYS I 20 -6.87 16.83 48.97
CA CYS I 20 -7.30 17.17 50.33
C CYS I 20 -7.26 15.99 51.31
N ARG I 21 -7.28 16.29 52.61
CA ARG I 21 -7.24 15.27 53.65
C ARG I 21 -8.36 14.25 53.53
N GLU I 22 -9.55 14.72 53.14
CA GLU I 22 -10.72 13.86 52.99
C GLU I 22 -10.49 12.70 52.00
N SER I 23 -9.70 12.97 50.94
CA SER I 23 -9.41 11.98 49.91
C SER I 23 -8.24 11.04 50.25
N MET I 24 -7.22 11.60 50.90
CA MET I 24 -6.04 10.82 51.26
C MET I 24 -6.23 9.89 52.46
N SER I 25 -7.22 10.16 53.31
CA SER I 25 -7.46 9.35 54.51
C SER I 25 -7.71 7.87 54.21
N GLY I 26 -6.84 7.01 54.77
CA GLY I 26 -6.93 5.57 54.58
C GLY I 26 -5.94 5.06 53.54
N ARG I 27 -5.17 5.99 52.98
CA ARG I 27 -4.17 5.68 51.96
C ARG I 27 -2.82 5.25 52.52
N SER I 28 -2.63 5.43 53.83
CA SER I 28 -1.37 5.04 54.47
C SER I 28 -1.42 3.53 54.68
N ALA I 29 -0.28 2.86 54.54
CA ALA I 29 -0.26 1.40 54.72
C ALA I 29 -0.83 1.06 56.08
N ARG I 30 -1.72 0.09 56.14
CA ARG I 30 -2.34 -0.31 57.41
C ARG I 30 -1.59 -1.52 57.99
N ARG I 31 -1.37 -2.53 57.15
CA ARG I 31 -0.69 -3.75 57.55
C ARG I 31 0.22 -4.29 56.43
N ASP I 32 0.23 -5.61 56.25
CA ASP I 32 1.04 -6.25 55.23
C ASP I 32 0.55 -5.95 53.80
N LEU I 33 1.37 -6.30 52.82
CA LEU I 33 0.98 -6.08 51.43
C LEU I 33 0.61 -7.42 50.77
N VAL I 34 -0.60 -7.49 50.23
CA VAL I 34 -1.04 -8.71 49.56
C VAL I 34 -1.06 -8.46 48.05
N ALA I 35 -1.16 -9.53 47.28
CA ALA I 35 -1.21 -9.42 45.84
C ALA I 35 -2.19 -10.47 45.36
N GLY I 36 -3.12 -10.10 44.50
CA GLY I 36 -4.07 -11.05 44.00
C GLY I 36 -4.10 -11.07 42.49
N ILE I 37 -4.62 -12.17 41.94
CA ILE I 37 -4.73 -12.30 40.51
C ILE I 37 -5.84 -13.29 40.25
N SER I 38 -6.65 -13.01 39.24
CA SER I 38 -7.78 -13.86 38.95
C SER I 38 -7.75 -14.32 37.50
N LEU I 39 -8.67 -15.19 37.13
CA LEU I 39 -8.74 -15.68 35.76
C LEU I 39 -9.75 -14.81 34.99
N ASN I 40 -10.81 -14.36 35.67
CA ASN I 40 -11.83 -13.53 35.02
C ASN I 40 -12.23 -12.33 35.87
N ALA I 41 -11.26 -11.69 36.48
CA ALA I 41 -11.56 -10.54 37.30
C ALA I 41 -10.29 -9.72 37.45
N PRO I 42 -10.44 -8.44 37.84
CA PRO I 42 -9.32 -7.53 38.03
C PRO I 42 -8.30 -7.96 39.06
N ALA I 43 -7.03 -7.72 38.74
CA ALA I 43 -5.93 -8.05 39.64
C ALA I 43 -5.95 -7.05 40.79
N SER I 44 -5.94 -7.56 42.03
CA SER I 44 -5.98 -6.73 43.22
C SER I 44 -4.66 -6.48 43.94
N VAL I 45 -4.69 -5.57 44.90
CA VAL I 45 -3.52 -5.21 45.69
C VAL I 45 -3.98 -4.42 46.94
N ARG I 46 -3.53 -4.84 48.13
CA ARG I 46 -3.89 -4.17 49.38
C ARG I 46 -2.76 -3.31 49.94
N ALA J 1 -51.22 4.55 13.24
CA ALA J 1 -50.13 5.38 12.67
C ALA J 1 -49.43 4.58 11.59
N LEU J 2 -49.53 5.04 10.34
CA LEU J 2 -48.91 4.32 9.24
C LEU J 2 -47.41 4.31 9.32
N LEU J 3 -46.83 5.44 9.69
CA LEU J 3 -45.40 5.54 9.77
C LEU J 3 -44.85 4.50 10.72
N ARG J 4 -45.48 4.35 11.87
CA ARG J 4 -45.01 3.37 12.82
C ARG J 4 -45.20 1.96 12.29
N GLN J 5 -46.36 1.73 11.68
CA GLN J 5 -46.66 0.42 11.14
C GLN J 5 -45.67 0.09 10.03
N ALA J 6 -45.47 1.07 9.17
CA ALA J 6 -44.54 0.95 8.06
C ALA J 6 -43.17 0.61 8.60
N TYR J 7 -42.76 1.35 9.61
CA TYR J 7 -41.47 1.12 10.22
C TYR J 7 -41.36 -0.30 10.75
N SER J 8 -42.28 -0.68 11.64
CA SER J 8 -42.24 -2.01 12.21
C SER J 8 -42.32 -3.15 11.20
N ALA J 9 -43.28 -3.07 10.30
CA ALA J 9 -43.50 -4.10 9.31
C ALA J 9 -42.50 -4.14 8.15
N LEU J 10 -42.16 -2.96 7.62
CA LEU J 10 -41.30 -2.87 6.45
C LEU J 10 -39.84 -2.44 6.59
N PHE J 11 -39.61 -1.29 7.20
CA PHE J 11 -38.27 -0.73 7.31
C PHE J 11 -37.33 -1.17 8.41
N ARG J 12 -37.84 -1.89 9.41
CA ARG J 12 -36.97 -2.30 10.52
C ARG J 12 -35.98 -3.38 10.13
N ARG J 13 -36.49 -4.52 9.70
CA ARG J 13 -35.62 -5.62 9.29
C ARG J 13 -35.14 -5.37 7.86
N THR J 14 -33.83 -5.46 7.68
CA THR J 14 -33.23 -5.23 6.36
C THR J 14 -33.81 -6.15 5.28
N SER J 15 -34.20 -7.35 5.67
CA SER J 15 -34.79 -8.30 4.73
C SER J 15 -36.11 -7.78 4.19
N THR J 16 -36.95 -7.30 5.09
CA THR J 16 -38.25 -6.77 4.69
C THR J 16 -38.10 -5.44 3.96
N PHE J 17 -37.04 -4.69 4.27
CA PHE J 17 -36.82 -3.42 3.59
C PHE J 17 -36.54 -3.69 2.12
N ALA J 18 -35.79 -4.75 1.83
CA ALA J 18 -35.47 -5.09 0.44
C ALA J 18 -36.72 -5.61 -0.26
N LEU J 19 -37.49 -6.41 0.46
CA LEU J 19 -38.70 -6.96 -0.11
C LEU J 19 -39.67 -5.83 -0.45
N THR J 20 -39.68 -4.79 0.38
CA THR J 20 -40.55 -3.64 0.14
C THR J 20 -40.11 -2.87 -1.09
N VAL J 21 -38.80 -2.76 -1.29
CA VAL J 21 -38.30 -2.04 -2.45
C VAL J 21 -38.64 -2.79 -3.73
N VAL J 22 -38.43 -4.11 -3.73
CA VAL J 22 -38.74 -4.92 -4.89
C VAL J 22 -40.23 -4.88 -5.19
N LEU J 23 -41.04 -5.31 -4.22
CA LEU J 23 -42.47 -5.30 -4.42
C LEU J 23 -42.94 -3.87 -4.71
N GLY J 24 -42.26 -2.91 -4.08
CA GLY J 24 -42.62 -1.51 -4.28
C GLY J 24 -42.36 -1.09 -5.70
N ALA J 25 -41.24 -1.57 -6.25
CA ALA J 25 -40.87 -1.25 -7.62
C ALA J 25 -41.86 -1.87 -8.60
N VAL J 26 -42.12 -3.16 -8.46
CA VAL J 26 -43.05 -3.86 -9.35
C VAL J 26 -44.37 -3.10 -9.45
N LEU J 27 -44.87 -2.60 -8.33
CA LEU J 27 -46.12 -1.87 -8.31
C LEU J 27 -45.97 -0.45 -8.83
N PHE J 28 -44.84 0.18 -8.54
CA PHE J 28 -44.58 1.54 -9.00
C PHE J 28 -44.47 1.57 -10.50
N GLU J 29 -43.77 0.60 -11.08
CA GLU J 29 -43.61 0.58 -12.52
C GLU J 29 -44.97 0.54 -13.20
N ARG J 30 -45.72 -0.53 -12.93
CA ARG J 30 -47.05 -0.73 -13.49
C ARG J 30 -47.88 0.57 -13.46
N ALA J 31 -47.95 1.19 -12.30
CA ALA J 31 -48.69 2.41 -12.15
C ALA J 31 -48.08 3.59 -12.90
N PHE J 32 -46.79 3.81 -12.68
CA PHE J 32 -46.11 4.93 -13.31
C PHE J 32 -46.19 4.92 -14.82
N ASP J 33 -46.01 3.75 -15.43
CA ASP J 33 -46.06 3.70 -16.88
C ASP J 33 -47.46 4.07 -17.37
N GLN J 34 -48.46 3.32 -16.93
CA GLN J 34 -49.84 3.59 -17.32
C GLN J 34 -50.16 5.05 -17.20
N GLY J 35 -49.71 5.68 -16.12
CA GLY J 35 -49.98 7.08 -15.92
C GLY J 35 -49.29 7.99 -16.93
N ALA J 36 -47.99 7.82 -17.12
CA ALA J 36 -47.24 8.65 -18.05
C ALA J 36 -47.79 8.48 -19.46
N ASP J 37 -47.98 7.24 -19.88
CA ASP J 37 -48.51 6.98 -21.20
C ASP J 37 -49.86 7.65 -21.31
N ALA J 38 -50.63 7.60 -20.24
CA ALA J 38 -51.96 8.19 -20.20
C ALA J 38 -51.86 9.68 -20.45
N ILE J 39 -50.94 10.33 -19.75
CA ILE J 39 -50.73 11.76 -19.90
C ILE J 39 -50.24 12.10 -21.30
N PHE J 40 -49.27 11.32 -21.80
CA PHE J 40 -48.75 11.60 -23.10
C PHE J 40 -49.82 11.56 -24.19
N GLU J 41 -50.66 10.54 -24.16
CA GLU J 41 -51.69 10.43 -25.18
C GLU J 41 -52.75 11.48 -25.07
N HIS J 42 -53.05 11.94 -23.86
CA HIS J 42 -54.07 12.96 -23.73
C HIS J 42 -53.52 14.25 -24.32
N LEU J 43 -52.28 14.56 -23.99
CA LEU J 43 -51.66 15.77 -24.49
C LEU J 43 -51.46 15.69 -26.00
N ASN J 44 -51.79 14.54 -26.59
CA ASN J 44 -51.62 14.38 -28.02
C ASN J 44 -52.80 13.74 -28.73
N GLU J 45 -54.01 14.14 -28.35
CA GLU J 45 -55.24 13.60 -28.93
C GLU J 45 -55.36 13.64 -30.44
N GLY J 46 -55.76 12.52 -31.01
CA GLY J 46 -55.95 12.43 -32.44
C GLY J 46 -54.71 12.59 -33.31
N LYS J 47 -53.53 12.56 -32.70
CA LYS J 47 -52.32 12.72 -33.47
C LYS J 47 -51.59 11.42 -33.66
N LEU J 48 -51.78 10.52 -32.71
CA LEU J 48 -51.10 9.23 -32.76
C LEU J 48 -51.84 8.22 -33.62
N TRP J 49 -51.08 7.27 -34.17
CA TRP J 49 -51.67 6.24 -35.02
C TRP J 49 -52.78 5.51 -34.25
N LYS J 50 -52.51 5.25 -32.98
CA LYS J 50 -53.47 4.61 -32.13
C LYS J 50 -54.83 5.26 -32.37
N HIS J 51 -54.82 6.60 -32.47
CA HIS J 51 -56.02 7.41 -32.66
C HIS J 51 -56.68 7.39 -34.03
N ILE J 52 -55.89 7.51 -35.09
CA ILE J 52 -56.44 7.54 -36.45
C ILE J 52 -56.56 6.17 -37.10
N LYS J 53 -55.85 5.21 -36.54
CA LYS J 53 -55.82 3.84 -37.04
C LYS J 53 -57.14 3.27 -37.59
N HIS J 54 -58.24 3.52 -36.90
CA HIS J 54 -59.53 2.96 -37.33
C HIS J 54 -59.94 3.27 -38.76
N LYS J 55 -59.55 4.43 -39.26
CA LYS J 55 -59.90 4.84 -40.61
C LYS J 55 -59.42 3.91 -41.75
N TYR J 56 -58.33 3.20 -41.52
CA TYR J 56 -57.79 2.33 -42.56
C TYR J 56 -57.77 0.90 -42.05
N GLU J 57 -58.14 0.78 -40.78
CA GLU J 57 -58.17 -0.50 -40.08
C GLU J 57 -59.48 -1.22 -40.38
N ALA J 58 -59.51 -1.98 -41.47
CA ALA J 58 -60.72 -2.74 -41.85
C ALA J 58 -61.92 -1.85 -42.22
N SER J 59 -61.64 -0.69 -42.79
CA SER J 59 -62.70 0.25 -43.21
C SER J 59 -62.33 0.93 -44.53
N GLU J 60 -61.63 0.19 -45.40
CA GLU J 60 -61.22 0.70 -46.70
C GLU J 60 -61.04 -0.44 -47.73
N GLU J 61 -61.42 -0.15 -48.97
CA GLU J 61 -61.35 -1.10 -50.09
C GLU J 61 -62.10 -2.41 -49.86
N THR K 3 53.07 31.54 14.16
CA THR K 3 52.22 30.91 13.10
C THR K 3 52.37 29.39 13.07
N TYR K 4 51.36 28.74 12.50
CA TYR K 4 51.32 27.29 12.36
C TYR K 4 52.56 26.79 11.64
N ALA K 5 52.82 27.40 10.48
CA ALA K 5 53.97 27.06 9.64
C ALA K 5 55.26 26.94 10.44
N GLN K 6 55.58 28.00 11.16
CA GLN K 6 56.80 28.05 11.97
C GLN K 6 56.86 27.01 13.06
N THR K 7 55.79 26.91 13.84
CA THR K 7 55.76 25.92 14.92
C THR K 7 56.14 24.55 14.39
N LEU K 8 55.75 24.28 13.14
CA LEU K 8 56.06 23.00 12.53
C LEU K 8 57.56 22.84 12.28
N GLN K 9 58.18 23.93 11.83
CA GLN K 9 59.61 23.92 11.54
C GLN K 9 60.44 23.77 12.80
N ASN K 10 60.04 24.45 13.86
CA ASN K 10 60.78 24.38 15.11
C ASN K 10 60.64 23.10 15.90
N ILE K 11 60.04 22.07 15.30
CA ILE K 11 59.90 20.82 16.04
C ILE K 11 61.22 20.07 16.00
N PRO K 12 61.76 19.72 17.17
CA PRO K 12 63.03 19.00 17.24
C PRO K 12 63.07 17.78 16.32
N GLU K 13 64.19 17.66 15.59
CA GLU K 13 64.36 16.57 14.65
C GLU K 13 64.49 15.21 15.30
N THR K 14 64.12 14.18 14.56
CA THR K 14 64.22 12.82 15.05
C THR K 14 65.59 12.27 14.65
N ASN K 15 66.35 11.81 15.63
CA ASN K 15 67.68 11.28 15.36
C ASN K 15 67.65 9.78 15.18
N VAL K 16 68.22 9.31 14.08
CA VAL K 16 68.27 7.89 13.80
C VAL K 16 69.71 7.47 13.52
N THR K 17 70.15 6.40 14.19
CA THR K 17 71.49 5.89 13.98
C THR K 17 71.39 4.38 14.05
N THR K 18 72.22 3.74 13.24
CA THR K 18 72.19 2.29 13.18
C THR K 18 73.36 1.59 13.88
N LEU K 19 73.03 0.61 14.71
CA LEU K 19 74.05 -0.17 15.39
C LEU K 19 74.48 -1.19 14.34
N ASP K 20 75.78 -1.45 14.27
CA ASP K 20 76.34 -2.37 13.31
C ASP K 20 75.66 -3.75 13.33
N ASN K 21 74.99 -4.09 14.42
CA ASN K 21 74.31 -5.39 14.49
C ASN K 21 72.97 -5.37 13.74
N GLY K 22 72.64 -4.20 13.17
CA GLY K 22 71.41 -4.07 12.41
C GLY K 22 70.25 -3.34 13.06
N LEU K 23 70.39 -3.00 14.34
CA LEU K 23 69.32 -2.30 15.05
C LEU K 23 69.41 -0.79 14.83
N ARG K 24 68.24 -0.16 14.73
CA ARG K 24 68.17 1.29 14.53
C ARG K 24 67.65 1.94 15.78
N VAL K 25 68.29 3.04 16.17
CA VAL K 25 67.87 3.75 17.36
C VAL K 25 67.42 5.14 16.95
N ALA K 26 66.19 5.48 17.32
CA ALA K 26 65.61 6.78 16.99
C ALA K 26 64.97 7.44 18.20
N SER K 27 64.89 8.76 18.16
CA SER K 27 64.31 9.48 19.26
C SER K 27 64.04 10.95 18.96
N GLU K 28 63.11 11.52 19.72
CA GLU K 28 62.76 12.93 19.61
C GLU K 28 62.88 13.47 21.02
N GLU K 29 63.87 14.34 21.20
CA GLU K 29 64.13 14.92 22.51
C GLU K 29 63.30 16.17 22.74
N SER K 30 62.55 16.12 23.84
CA SER K 30 61.70 17.23 24.24
C SER K 30 62.20 17.64 25.61
N SER K 31 61.63 18.71 26.15
CA SER K 31 62.03 19.20 27.45
C SER K 31 61.18 18.54 28.55
N GLN K 32 60.78 17.29 28.34
CA GLN K 32 59.93 16.63 29.33
C GLN K 32 60.57 15.66 30.31
N PRO K 33 60.30 15.86 31.61
CA PRO K 33 60.78 15.09 32.76
C PRO K 33 60.35 13.63 32.74
N THR K 34 59.40 13.35 31.88
CA THR K 34 58.89 12.00 31.76
C THR K 34 59.17 11.57 30.31
N CYS K 35 59.18 10.26 30.06
CA CYS K 35 59.46 9.79 28.71
C CYS K 35 58.92 8.39 28.40
N THR K 36 59.08 7.99 27.13
CA THR K 36 58.66 6.68 26.66
C THR K 36 59.71 6.14 25.71
N VAL K 37 60.13 4.91 25.96
CA VAL K 37 61.10 4.27 25.09
C VAL K 37 60.60 2.85 24.96
N GLY K 38 60.76 2.29 23.77
CA GLY K 38 60.30 0.94 23.53
C GLY K 38 60.87 0.45 22.21
N VAL K 39 60.65 -0.82 21.96
CA VAL K 39 61.14 -1.42 20.74
C VAL K 39 59.96 -1.88 19.88
N TRP K 40 59.95 -1.40 18.63
CA TRP K 40 58.92 -1.73 17.66
C TRP K 40 59.51 -2.79 16.74
N ILE K 41 58.85 -3.93 16.67
CA ILE K 41 59.34 -5.04 15.86
C ILE K 41 58.52 -5.33 14.60
N GLY K 42 59.21 -5.58 13.50
CA GLY K 42 58.53 -5.91 12.26
C GLY K 42 58.08 -7.36 12.27
N ALA K 43 57.25 -7.73 13.24
CA ALA K 43 56.71 -9.09 13.37
C ALA K 43 55.22 -9.05 13.69
N GLY K 44 54.54 -10.17 13.51
CA GLY K 44 53.12 -10.24 13.78
C GLY K 44 52.51 -11.52 13.24
N SER K 45 51.19 -11.64 13.26
CA SER K 45 50.52 -12.84 12.79
C SER K 45 50.73 -13.11 11.29
N ARG K 46 51.02 -12.05 10.53
CA ARG K 46 51.25 -12.24 9.10
C ARG K 46 52.51 -13.07 8.88
N TYR K 47 53.46 -12.94 9.81
CA TYR K 47 54.71 -13.69 9.73
C TYR K 47 54.52 -15.10 10.26
N GLU K 48 53.37 -15.38 10.87
CA GLU K 48 53.13 -16.71 11.40
C GLU K 48 52.72 -17.62 10.26
N ASN K 49 52.47 -18.87 10.58
CA ASN K 49 52.05 -19.86 9.59
C ASN K 49 50.85 -20.58 10.18
N GLU K 50 50.34 -21.54 9.44
CA GLU K 50 49.17 -22.28 9.86
C GLU K 50 49.34 -23.03 11.18
N LYS K 51 50.58 -23.37 11.53
CA LYS K 51 50.81 -24.13 12.76
C LYS K 51 51.28 -23.33 13.97
N ASN K 52 51.84 -22.14 13.74
CA ASN K 52 52.29 -21.33 14.87
C ASN K 52 51.45 -20.06 15.04
N ASN K 53 50.36 -19.97 14.27
CA ASN K 53 49.44 -18.83 14.34
C ASN K 53 49.04 -18.62 15.80
N GLY K 54 49.30 -17.44 16.32
CA GLY K 54 48.95 -17.13 17.70
C GLY K 54 50.17 -17.13 18.61
N ALA K 55 51.31 -17.51 18.06
CA ALA K 55 52.56 -17.55 18.81
C ALA K 55 52.95 -16.15 19.26
N GLY K 56 53.09 -15.23 18.32
CA GLY K 56 53.44 -13.86 18.67
C GLY K 56 52.54 -13.27 19.74
N TYR K 57 51.30 -13.74 19.79
CA TYR K 57 50.33 -13.25 20.78
C TYR K 57 50.61 -13.95 22.10
N PHE K 58 50.91 -15.25 22.01
CA PHE K 58 51.22 -16.08 23.16
C PHE K 58 52.50 -15.52 23.77
N VAL K 59 53.40 -15.02 22.90
CA VAL K 59 54.66 -14.42 23.32
C VAL K 59 54.41 -13.07 23.98
N GLU K 60 53.33 -12.41 23.60
CA GLU K 60 53.01 -11.11 24.16
C GLU K 60 52.57 -11.29 25.62
N HIS K 61 51.96 -12.43 25.89
CA HIS K 61 51.50 -12.76 27.24
C HIS K 61 52.61 -13.15 28.20
N LEU K 62 53.76 -13.54 27.65
CA LEU K 62 54.90 -13.93 28.45
C LEU K 62 55.96 -12.84 28.53
N ALA K 63 56.06 -12.04 27.49
CA ALA K 63 57.04 -10.97 27.45
C ALA K 63 57.20 -10.22 28.76
N PHE K 64 56.16 -10.23 29.60
CA PHE K 64 56.18 -9.52 30.88
C PHE K 64 56.27 -10.39 32.13
N LYS K 65 56.09 -11.70 31.99
CA LYS K 65 56.16 -12.59 33.15
C LYS K 65 57.59 -12.98 33.54
N GLY K 66 58.51 -12.04 33.35
CA GLY K 66 59.90 -12.27 33.73
C GLY K 66 60.85 -12.83 32.70
N THR K 67 62.11 -12.46 32.83
CA THR K 67 63.17 -12.91 31.94
C THR K 67 64.04 -13.90 32.70
N LYS K 68 65.15 -14.32 32.08
CA LYS K 68 66.06 -15.26 32.71
C LYS K 68 66.92 -14.57 33.75
N LYS K 69 67.34 -13.34 33.46
CA LYS K 69 68.16 -12.60 34.41
C LYS K 69 67.38 -12.31 35.69
N ARG K 70 66.08 -12.01 35.57
CA ARG K 70 65.26 -11.72 36.75
C ARG K 70 63.84 -12.24 36.60
N PRO K 71 63.49 -13.30 37.35
CA PRO K 71 62.18 -13.96 37.37
C PRO K 71 60.97 -13.03 37.56
N CYS K 72 59.78 -13.59 37.34
CA CYS K 72 58.50 -12.86 37.42
C CYS K 72 58.42 -11.81 38.54
N ALA K 73 58.18 -12.26 39.77
CA ALA K 73 58.06 -11.36 40.91
C ALA K 73 59.13 -10.26 40.86
N ALA K 74 60.38 -10.66 40.68
CA ALA K 74 61.49 -9.72 40.63
C ALA K 74 61.29 -8.66 39.56
N PHE K 75 60.96 -9.11 38.36
CA PHE K 75 60.75 -8.21 37.22
C PHE K 75 59.68 -7.17 37.49
N GLU K 76 58.46 -7.64 37.78
CA GLU K 76 57.36 -6.74 38.04
C GLU K 76 57.74 -5.75 39.13
N LYS K 77 58.18 -6.28 40.27
CA LYS K 77 58.55 -5.44 41.38
C LYS K 77 59.57 -4.35 41.03
N GLU K 78 60.46 -4.63 40.08
CA GLU K 78 61.46 -3.64 39.69
C GLU K 78 60.89 -2.51 38.85
N VAL K 79 59.91 -2.83 38.02
CA VAL K 79 59.27 -1.83 37.17
C VAL K 79 58.29 -1.00 37.98
N GLU K 80 57.40 -1.69 38.70
CA GLU K 80 56.41 -1.02 39.53
C GLU K 80 57.08 -0.02 40.46
N SER K 81 58.04 -0.50 41.26
CA SER K 81 58.74 0.32 42.23
C SER K 81 59.42 1.59 41.70
N MET K 82 59.57 1.70 40.39
CA MET K 82 60.20 2.90 39.84
C MET K 82 59.15 3.81 39.20
N GLY K 83 57.89 3.40 39.31
CA GLY K 83 56.79 4.16 38.77
C GLY K 83 56.64 4.08 37.27
N ALA K 84 57.34 3.13 36.65
CA ALA K 84 57.29 2.96 35.20
C ALA K 84 56.09 2.13 34.75
N HIS K 85 55.59 2.47 33.57
CA HIS K 85 54.45 1.76 32.98
C HIS K 85 54.94 0.91 31.84
N PHE K 86 54.66 -0.39 31.92
CA PHE K 86 55.09 -1.30 30.88
C PHE K 86 53.91 -1.81 30.08
N ASN K 87 53.92 -1.51 28.79
CA ASN K 87 52.84 -1.96 27.91
C ASN K 87 53.37 -2.37 26.55
N GLY K 88 52.50 -3.00 25.77
CA GLY K 88 52.87 -3.46 24.44
C GLY K 88 51.71 -4.10 23.71
N TYR K 89 51.91 -4.45 22.45
CA TYR K 89 50.86 -5.07 21.67
C TYR K 89 51.43 -5.83 20.50
N THR K 90 50.55 -6.47 19.75
CA THR K 90 50.97 -7.23 18.59
C THR K 90 49.84 -7.20 17.55
N SER K 91 50.16 -6.79 16.33
CA SER K 91 49.18 -6.72 15.26
C SER K 91 49.50 -7.78 14.21
N ARG K 92 49.12 -7.52 12.97
CA ARG K 92 49.38 -8.48 11.89
C ARG K 92 50.79 -8.32 11.31
N GLU K 93 51.29 -7.09 11.26
CA GLU K 93 52.61 -6.82 10.70
C GLU K 93 53.50 -6.04 11.64
N GLN K 94 53.06 -5.81 12.87
CA GLN K 94 53.86 -5.02 13.79
C GLN K 94 53.60 -5.41 15.24
N THR K 95 54.66 -5.38 16.05
CA THR K 95 54.60 -5.72 17.47
C THR K 95 55.39 -4.64 18.19
N ALA K 96 55.05 -4.37 19.45
CA ALA K 96 55.79 -3.37 20.19
C ALA K 96 55.70 -3.58 21.70
N PHE K 97 56.79 -3.25 22.39
CA PHE K 97 56.86 -3.34 23.84
C PHE K 97 57.51 -2.01 24.19
N TYR K 98 56.80 -1.19 24.96
CA TYR K 98 57.34 0.11 25.32
C TYR K 98 57.09 0.44 26.78
N ILE K 99 57.89 1.35 27.32
CA ILE K 99 57.78 1.75 28.71
C ILE K 99 57.73 3.26 28.91
N LYS K 100 56.94 3.67 29.88
CA LYS K 100 56.76 5.07 30.24
C LYS K 100 57.38 5.24 31.62
N ALA K 101 58.39 6.09 31.71
CA ALA K 101 59.05 6.37 32.97
C ALA K 101 59.64 7.77 32.92
N LEU K 102 60.37 8.14 33.96
CA LEU K 102 61.00 9.45 34.02
C LEU K 102 62.25 9.36 33.16
N SER K 103 62.59 10.45 32.48
CA SER K 103 63.77 10.46 31.62
C SER K 103 65.02 9.99 32.38
N LYS K 104 65.03 10.28 33.69
CA LYS K 104 66.10 9.90 34.59
C LYS K 104 66.42 8.41 34.52
N ASP K 105 65.42 7.58 34.26
CA ASP K 105 65.63 6.15 34.19
C ASP K 105 65.75 5.60 32.78
N MET K 106 65.86 6.50 31.81
CA MET K 106 65.98 6.10 30.40
C MET K 106 66.92 4.91 30.19
N PRO K 107 68.11 4.92 30.81
CA PRO K 107 69.04 3.80 30.64
C PRO K 107 68.61 2.50 31.33
N LYS K 108 68.12 2.58 32.56
CA LYS K 108 67.67 1.38 33.26
C LYS K 108 66.51 0.76 32.50
N VAL K 109 65.73 1.61 31.84
CA VAL K 109 64.60 1.17 31.05
C VAL K 109 65.14 0.35 29.89
N VAL K 110 66.00 0.97 29.08
CA VAL K 110 66.59 0.33 27.91
C VAL K 110 67.11 -1.07 28.23
N GLU K 111 67.70 -1.23 29.42
CA GLU K 111 68.22 -2.50 29.85
C GLU K 111 67.08 -3.49 30.04
N LEU K 112 65.99 -3.02 30.65
CA LEU K 112 64.82 -3.85 30.88
C LEU K 112 64.22 -4.30 29.56
N LEU K 113 64.12 -3.36 28.63
CA LEU K 113 63.57 -3.66 27.31
C LEU K 113 64.35 -4.81 26.71
N ALA K 114 65.61 -4.53 26.39
CA ALA K 114 66.50 -5.51 25.80
C ALA K 114 66.40 -6.85 26.54
N ASP K 115 66.28 -6.80 27.85
CA ASP K 115 66.18 -8.02 28.63
C ASP K 115 64.92 -8.79 28.25
N VAL K 116 63.84 -8.06 27.98
CA VAL K 116 62.55 -8.65 27.62
C VAL K 116 62.50 -9.33 26.26
N VAL K 117 62.90 -8.57 25.22
CA VAL K 117 62.90 -9.07 23.85
C VAL K 117 63.97 -10.14 23.63
N GLN K 118 65.10 -10.02 24.32
CA GLN K 118 66.19 -10.97 24.17
C GLN K 118 66.20 -12.17 25.11
N ASN K 119 65.75 -11.98 26.34
CA ASN K 119 65.79 -13.08 27.32
C ASN K 119 64.50 -13.57 27.96
N CYS K 120 63.39 -13.49 27.25
CA CYS K 120 62.13 -13.97 27.82
C CYS K 120 62.35 -15.36 28.46
N ALA K 121 61.96 -15.51 29.71
CA ALA K 121 62.11 -16.78 30.43
C ALA K 121 61.36 -17.94 29.80
N LEU K 122 60.16 -17.69 29.32
CA LEU K 122 59.37 -18.76 28.72
C LEU K 122 59.21 -19.91 29.71
N GLU K 123 58.93 -19.57 30.96
CA GLU K 123 58.75 -20.56 32.02
C GLU K 123 57.66 -21.56 31.67
N GLU K 124 57.99 -22.84 31.65
CA GLU K 124 57.04 -23.90 31.32
C GLU K 124 55.75 -23.88 32.13
N SER K 125 55.84 -23.51 33.41
CA SER K 125 54.65 -23.47 34.26
C SER K 125 53.77 -22.28 33.90
N GLN K 126 54.41 -21.20 33.45
CA GLN K 126 53.73 -19.97 33.07
C GLN K 126 52.89 -20.19 31.80
N ILE K 127 53.53 -20.79 30.79
CA ILE K 127 52.88 -21.07 29.53
C ILE K 127 51.54 -21.81 29.71
N GLU K 128 51.47 -22.73 30.66
CA GLU K 128 50.24 -23.47 30.88
C GLU K 128 49.17 -22.61 31.50
N LYS K 129 49.59 -21.53 32.14
CA LYS K 129 48.65 -20.61 32.77
C LYS K 129 48.13 -19.58 31.77
N GLU K 130 49.03 -19.01 30.96
CA GLU K 130 48.66 -18.03 29.95
C GLU K 130 47.82 -18.69 28.87
N ARG K 131 47.88 -20.01 28.84
CA ARG K 131 47.13 -20.81 27.89
C ARG K 131 45.65 -20.70 28.24
N GLY K 132 45.34 -20.77 29.53
CA GLY K 132 43.97 -20.65 29.98
C GLY K 132 43.46 -19.22 29.87
N VAL K 133 44.35 -18.26 30.13
CA VAL K 133 44.04 -16.84 30.06
C VAL K 133 43.69 -16.42 28.64
N ILE K 134 44.54 -16.78 27.69
CA ILE K 134 44.31 -16.45 26.30
C ILE K 134 43.00 -17.05 25.85
N LEU K 135 42.72 -18.29 26.22
CA LEU K 135 41.46 -18.93 25.84
C LEU K 135 40.24 -18.14 26.34
N GLN K 136 40.38 -17.40 27.43
CA GLN K 136 39.26 -16.61 27.93
C GLN K 136 39.19 -15.33 27.14
N GLU K 137 40.33 -14.70 26.92
CA GLU K 137 40.35 -13.46 26.17
C GLU K 137 39.72 -13.68 24.81
N LEU K 138 39.72 -14.92 24.34
CA LEU K 138 39.12 -15.22 23.04
C LEU K 138 37.62 -15.13 23.18
N LYS K 139 37.10 -15.72 24.25
CA LYS K 139 35.66 -15.69 24.48
C LYS K 139 35.19 -14.27 24.74
N GLU K 140 36.03 -13.46 25.39
CA GLU K 140 35.65 -12.08 25.67
C GLU K 140 35.62 -11.31 24.35
N MET K 141 36.70 -11.38 23.58
CA MET K 141 36.78 -10.68 22.30
C MET K 141 35.75 -11.17 21.32
N ASP K 142 35.19 -12.33 21.58
CA ASP K 142 34.21 -12.92 20.69
C ASP K 142 32.92 -12.14 20.78
N ASN K 143 32.75 -11.42 21.88
CA ASN K 143 31.55 -10.65 22.06
C ASN K 143 31.76 -9.20 21.68
N ASP K 144 32.83 -8.91 20.95
CA ASP K 144 33.08 -7.56 20.49
C ASP K 144 32.86 -7.50 18.97
N MET K 145 31.60 -7.40 18.59
CA MET K 145 31.18 -7.37 17.20
C MET K 145 32.08 -6.57 16.27
N THR K 146 32.58 -5.43 16.74
CA THR K 146 33.42 -4.60 15.89
C THR K 146 34.70 -5.31 15.47
N ASN K 147 35.33 -6.01 16.41
CA ASN K 147 36.55 -6.74 16.09
C ASN K 147 36.23 -8.08 15.41
N VAL K 148 35.11 -8.69 15.77
CA VAL K 148 34.70 -9.92 15.11
C VAL K 148 34.55 -9.62 13.62
N THR K 149 34.02 -8.42 13.33
CA THR K 149 33.76 -7.97 11.98
C THR K 149 35.03 -7.69 11.19
N PHE K 150 35.96 -6.92 11.75
CA PHE K 150 37.19 -6.67 11.01
C PHE K 150 38.03 -7.94 10.80
N ASP K 151 37.90 -8.91 11.71
CA ASP K 151 38.63 -10.15 11.55
C ASP K 151 38.02 -10.83 10.33
N TYR K 152 36.71 -10.96 10.33
CA TYR K 152 36.03 -11.57 9.21
C TYR K 152 36.34 -10.82 7.91
N LEU K 153 36.46 -9.51 7.99
CA LEU K 153 36.76 -8.73 6.79
C LEU K 153 38.11 -9.19 6.23
N HIS K 154 39.08 -9.40 7.12
CA HIS K 154 40.42 -9.86 6.69
C HIS K 154 40.30 -11.31 6.23
N ALA K 155 39.59 -12.11 7.01
CA ALA K 155 39.43 -13.51 6.69
C ALA K 155 38.99 -13.70 5.26
N THR K 156 38.19 -12.78 4.74
CA THR K 156 37.69 -12.95 3.39
C THR K 156 38.39 -12.04 2.39
N ALA K 157 38.70 -10.81 2.79
CA ALA K 157 39.36 -9.91 1.87
C ALA K 157 40.68 -10.52 1.43
N PHE K 158 41.31 -11.25 2.35
CA PHE K 158 42.60 -11.87 2.07
C PHE K 158 42.53 -13.38 2.23
N GLN K 159 41.35 -13.94 1.99
CA GLN K 159 41.14 -15.37 2.10
C GLN K 159 42.26 -16.12 1.43
N GLY K 160 42.66 -17.23 2.07
CA GLY K 160 43.71 -18.04 1.51
C GLY K 160 45.10 -17.46 1.61
N THR K 161 45.32 -16.50 2.49
CA THR K 161 46.66 -15.94 2.65
C THR K 161 47.02 -15.76 4.12
N ALA K 162 48.18 -15.16 4.37
CA ALA K 162 48.66 -14.92 5.72
C ALA K 162 47.81 -13.85 6.40
N LEU K 163 47.55 -12.77 5.68
CA LEU K 163 46.75 -11.68 6.23
C LEU K 163 45.32 -12.09 6.60
N ALA K 164 44.90 -13.28 6.20
CA ALA K 164 43.56 -13.76 6.49
C ALA K 164 43.43 -14.26 7.92
N ARG K 165 44.55 -14.35 8.64
CA ARG K 165 44.53 -14.84 10.01
C ARG K 165 44.40 -13.76 11.08
N THR K 166 43.78 -14.13 12.20
CA THR K 166 43.60 -13.22 13.33
C THR K 166 44.94 -13.13 14.07
N VAL K 167 45.11 -12.10 14.88
CA VAL K 167 46.35 -11.93 15.61
C VAL K 167 46.44 -12.88 16.80
N GLU K 168 45.31 -13.19 17.42
CA GLU K 168 45.30 -14.08 18.58
C GLU K 168 45.49 -15.56 18.22
N GLY K 169 45.25 -15.92 16.96
CA GLY K 169 45.42 -17.31 16.60
C GLY K 169 44.17 -18.14 16.83
N THR K 170 44.30 -19.45 16.59
CA THR K 170 43.17 -20.37 16.72
C THR K 170 43.10 -21.08 18.05
N THR K 171 41.94 -21.64 18.35
CA THR K 171 41.76 -22.38 19.58
C THR K 171 42.72 -23.55 19.62
N GLU K 172 42.93 -24.20 18.47
CA GLU K 172 43.84 -25.32 18.42
C GLU K 172 45.28 -24.86 18.62
N ASN K 173 45.75 -23.96 17.78
CA ASN K 173 47.10 -23.44 17.92
C ASN K 173 47.42 -23.05 19.37
N ILE K 174 46.46 -22.44 20.05
CA ILE K 174 46.66 -22.00 21.42
C ILE K 174 46.63 -23.13 22.43
N LYS K 175 45.86 -24.16 22.14
CA LYS K 175 45.76 -25.30 23.03
C LYS K 175 46.98 -26.21 22.91
N HIS K 176 47.73 -26.06 21.82
CA HIS K 176 48.89 -26.92 21.61
C HIS K 176 50.25 -26.28 21.43
N LEU K 177 50.32 -24.96 21.21
CA LEU K 177 51.63 -24.33 21.03
C LEU K 177 52.56 -24.77 22.15
N THR K 178 53.85 -24.91 21.82
CA THR K 178 54.85 -25.38 22.77
C THR K 178 55.95 -24.39 23.12
N ARG K 179 56.57 -24.64 24.26
CA ARG K 179 57.66 -23.82 24.76
C ARG K 179 58.62 -23.59 23.59
N ALA K 180 58.75 -24.62 22.75
CA ALA K 180 59.64 -24.56 21.59
C ALA K 180 59.17 -23.53 20.58
N ASP K 181 57.93 -23.71 20.11
CA ASP K 181 57.32 -22.85 19.11
C ASP K 181 57.47 -21.38 19.49
N LEU K 182 57.24 -21.10 20.77
CA LEU K 182 57.35 -19.75 21.28
C LEU K 182 58.80 -19.31 21.22
N ALA K 183 59.68 -20.18 21.71
CA ALA K 183 61.10 -19.93 21.71
C ALA K 183 61.53 -19.67 20.27
N SER K 184 61.13 -20.59 19.41
CA SER K 184 61.42 -20.51 18.00
C SER K 184 60.98 -19.19 17.41
N TYR K 185 59.69 -18.84 17.62
CA TYR K 185 59.12 -17.60 17.12
C TYR K 185 60.01 -16.41 17.47
N ILE K 186 60.36 -16.32 18.74
CA ILE K 186 61.18 -15.24 19.26
C ILE K 186 62.55 -15.21 18.60
N ASP K 187 63.19 -16.38 18.58
CA ASP K 187 64.52 -16.51 18.00
C ASP K 187 64.50 -16.23 16.50
N THR K 188 63.38 -16.55 15.87
CA THR K 188 63.23 -16.34 14.43
C THR K 188 62.91 -14.90 14.05
N HIS K 189 62.08 -14.24 14.84
CA HIS K 189 61.64 -12.87 14.52
C HIS K 189 62.21 -11.67 15.25
N PHE K 190 62.42 -11.76 16.56
CA PHE K 190 62.95 -10.62 17.29
C PHE K 190 64.44 -10.47 17.03
N LYS K 191 64.80 -9.78 15.95
CA LYS K 191 66.20 -9.61 15.59
C LYS K 191 66.55 -8.19 15.17
N ALA K 192 67.64 -7.68 15.73
CA ALA K 192 68.13 -6.32 15.49
C ALA K 192 67.78 -5.63 14.17
N PRO K 193 68.04 -6.28 13.03
CA PRO K 193 67.70 -5.61 11.76
C PRO K 193 66.21 -5.32 11.59
N ARG K 194 65.39 -6.18 12.18
CA ARG K 194 63.94 -6.06 12.12
C ARG K 194 63.35 -5.31 13.33
N MET K 195 64.19 -4.72 14.16
CA MET K 195 63.75 -3.98 15.33
C MET K 195 64.15 -2.51 15.28
N VAL K 196 63.45 -1.71 16.06
CA VAL K 196 63.72 -0.29 16.18
C VAL K 196 63.52 0.11 17.64
N LEU K 197 64.52 0.77 18.20
CA LEU K 197 64.44 1.23 19.59
C LEU K 197 64.17 2.72 19.47
N ALA K 198 62.94 3.10 19.79
CA ALA K 198 62.56 4.50 19.70
C ALA K 198 62.28 5.03 21.08
N ALA K 199 62.49 6.33 21.23
CA ALA K 199 62.26 6.97 22.51
C ALA K 199 61.90 8.41 22.27
N ALA K 200 61.05 8.95 23.15
CA ALA K 200 60.64 10.34 23.05
C ALA K 200 60.46 10.86 24.47
N GLY K 201 60.72 12.16 24.64
CA GLY K 201 60.62 12.78 25.95
C GLY K 201 61.91 13.53 26.19
N GLY K 202 62.36 13.59 27.44
CA GLY K 202 63.60 14.29 27.74
C GLY K 202 64.79 13.33 27.75
N ILE K 203 65.24 12.92 26.56
CA ILE K 203 66.33 11.98 26.48
C ILE K 203 67.39 12.41 25.49
N SER K 204 68.63 12.09 25.81
CA SER K 204 69.76 12.40 24.95
C SER K 204 69.93 11.24 23.96
N HIS K 205 69.83 11.57 22.68
CA HIS K 205 69.96 10.55 21.64
C HIS K 205 71.21 9.74 21.96
N LYS K 206 72.29 10.46 22.28
CA LYS K 206 73.58 9.86 22.62
C LYS K 206 73.40 8.87 23.76
N GLU K 207 73.09 9.39 24.95
CA GLU K 207 72.90 8.54 26.11
C GLU K 207 72.03 7.34 25.77
N LEU K 208 71.14 7.52 24.81
CA LEU K 208 70.25 6.44 24.40
C LEU K 208 71.04 5.38 23.63
N VAL K 209 71.67 5.79 22.54
CA VAL K 209 72.45 4.89 21.71
C VAL K 209 73.60 4.22 22.51
N ASP K 210 74.18 4.95 23.43
CA ASP K 210 75.26 4.39 24.25
C ASP K 210 74.67 3.24 25.06
N ALA K 211 73.58 3.53 25.76
CA ALA K 211 72.92 2.52 26.56
C ALA K 211 72.46 1.38 25.67
N ALA K 212 72.24 1.70 24.39
CA ALA K 212 71.78 0.73 23.40
C ALA K 212 72.88 -0.25 23.03
N ARG K 213 74.01 0.29 22.58
CA ARG K 213 75.17 -0.53 22.19
C ARG K 213 75.49 -1.52 23.28
N GLN K 214 75.31 -1.07 24.52
CA GLN K 214 75.59 -1.85 25.69
C GLN K 214 74.67 -3.05 25.96
N HIS K 215 73.38 -2.91 25.68
CA HIS K 215 72.45 -4.03 25.93
C HIS K 215 71.91 -4.72 24.69
N PHE K 216 72.15 -4.12 23.53
CA PHE K 216 71.74 -4.68 22.25
C PHE K 216 73.03 -4.95 21.49
N SER K 217 73.84 -5.85 22.06
CA SER K 217 75.15 -6.24 21.53
C SER K 217 75.07 -7.24 20.37
N GLY K 218 74.36 -8.35 20.59
CA GLY K 218 74.20 -9.39 19.60
C GLY K 218 74.54 -9.03 18.16
N VAL K 219 75.71 -9.47 17.69
CA VAL K 219 76.14 -9.18 16.33
C VAL K 219 75.89 -10.34 15.38
N SER K 220 75.77 -10.00 14.10
CA SER K 220 75.53 -10.98 13.06
C SER K 220 76.83 -11.34 12.34
N PHE K 221 76.91 -12.58 11.86
CA PHE K 221 78.08 -13.08 11.15
C PHE K 221 77.85 -13.23 9.66
N THR K 222 76.78 -13.94 9.33
CA THR K 222 76.43 -14.17 7.94
C THR K 222 75.65 -12.98 7.36
N TYR K 223 75.54 -12.95 6.02
CA TYR K 223 74.81 -11.90 5.33
C TYR K 223 73.31 -12.10 5.55
N LYS K 224 72.90 -13.33 5.81
CA LYS K 224 71.50 -13.62 6.03
C LYS K 224 70.97 -12.89 7.26
N GLU K 225 71.70 -12.98 8.37
CA GLU K 225 71.29 -12.33 9.61
C GLU K 225 71.02 -10.83 9.46
N ASP K 226 71.74 -10.17 8.55
CA ASP K 226 71.56 -8.73 8.31
C ASP K 226 70.47 -8.47 7.30
N ALA K 227 69.82 -9.54 6.83
CA ALA K 227 68.78 -9.39 5.82
C ALA K 227 67.36 -9.45 6.37
N VAL K 228 66.57 -8.45 5.99
CA VAL K 228 65.17 -8.37 6.39
C VAL K 228 64.37 -9.12 5.32
N PRO K 229 63.67 -10.18 5.71
CA PRO K 229 62.85 -11.03 4.83
C PRO K 229 61.63 -10.36 4.18
N ILE K 230 61.53 -10.51 2.86
CA ILE K 230 60.41 -9.96 2.11
C ILE K 230 59.31 -11.01 2.17
N LEU K 231 58.12 -10.58 2.57
CA LEU K 231 56.99 -11.49 2.71
C LEU K 231 56.27 -11.78 1.41
N PRO K 232 55.73 -13.01 1.28
CA PRO K 232 55.01 -13.34 0.05
C PRO K 232 53.73 -12.48 0.01
N ARG K 233 53.47 -11.88 -1.14
CA ARG K 233 52.31 -11.02 -1.32
C ARG K 233 50.95 -11.70 -1.10
N CYS K 234 50.01 -10.95 -0.52
CA CYS K 234 48.67 -11.46 -0.25
C CYS K 234 47.65 -10.99 -1.28
N ARG K 235 46.96 -11.95 -1.88
CA ARG K 235 45.96 -11.69 -2.90
C ARG K 235 44.62 -11.24 -2.33
N PHE K 236 44.16 -10.10 -2.82
CA PHE K 236 42.89 -9.53 -2.41
C PHE K 236 41.73 -10.20 -3.16
N THR K 237 40.59 -10.36 -2.50
CA THR K 237 39.45 -10.98 -3.16
C THR K 237 38.12 -10.29 -2.88
N GLY K 238 37.51 -9.78 -3.94
CA GLY K 238 36.21 -9.16 -3.79
C GLY K 238 35.32 -10.30 -3.40
N SER K 239 34.72 -10.21 -2.21
CA SER K 239 33.86 -11.29 -1.76
C SER K 239 33.17 -10.87 -0.49
N GLU K 240 32.36 -11.76 0.05
CA GLU K 240 31.63 -11.44 1.26
C GLU K 240 31.52 -12.65 2.15
N ILE K 241 31.32 -12.37 3.43
CA ILE K 241 31.11 -13.40 4.43
C ILE K 241 29.99 -12.83 5.29
N ARG K 242 28.96 -13.63 5.48
CA ARG K 242 27.83 -13.19 6.26
C ARG K 242 27.61 -14.09 7.44
N ALA K 243 27.85 -13.53 8.62
CA ALA K 243 27.66 -14.27 9.85
C ALA K 243 26.34 -13.78 10.40
N ARG K 244 25.29 -14.55 10.21
CA ARG K 244 23.99 -14.13 10.68
C ARG K 244 23.54 -14.71 12.00
N ASP K 245 23.06 -13.81 12.86
CA ASP K 245 22.54 -14.14 14.18
C ASP K 245 21.48 -13.07 14.45
N ASP K 246 20.21 -13.42 14.21
CA ASP K 246 19.16 -12.45 14.44
C ASP K 246 18.98 -12.15 15.92
N ALA K 247 19.51 -13.01 16.79
CA ALA K 247 19.38 -12.77 18.21
C ALA K 247 20.28 -11.62 18.68
N LEU K 248 21.15 -11.12 17.82
CA LEU K 248 22.00 -9.99 18.21
C LEU K 248 21.20 -8.71 18.03
N PRO K 249 21.34 -7.76 18.96
CA PRO K 249 20.63 -6.48 18.94
C PRO K 249 20.87 -5.57 17.71
N VAL K 250 22.12 -5.39 17.33
CA VAL K 250 22.41 -4.56 16.18
C VAL K 250 23.34 -5.26 15.19
N ALA K 251 23.24 -4.90 13.93
CA ALA K 251 24.09 -5.49 12.93
C ALA K 251 25.33 -4.64 12.68
N HIS K 252 26.41 -5.31 12.31
CA HIS K 252 27.67 -4.66 11.98
C HIS K 252 27.98 -4.99 10.53
N VAL K 253 28.49 -4.01 9.79
CA VAL K 253 28.81 -4.21 8.39
C VAL K 253 30.08 -3.44 8.07
N ALA K 254 31.04 -4.10 7.43
CA ALA K 254 32.28 -3.46 7.04
C ALA K 254 32.47 -3.78 5.57
N LEU K 255 32.89 -2.80 4.80
CA LEU K 255 33.08 -2.99 3.37
C LEU K 255 34.36 -2.29 2.96
N ALA K 256 35.18 -2.94 2.17
CA ALA K 256 36.42 -2.30 1.77
C ALA K 256 36.99 -2.79 0.45
N VAL K 257 37.80 -1.94 -0.15
CA VAL K 257 38.45 -2.26 -1.40
C VAL K 257 39.94 -2.31 -1.04
N GLU K 258 40.76 -2.88 -1.92
CA GLU K 258 42.19 -2.96 -1.63
C GLU K 258 42.93 -1.62 -1.66
N GLY K 259 43.78 -1.41 -0.65
CA GLY K 259 44.57 -0.20 -0.51
C GLY K 259 45.98 -0.34 -1.07
N PRO K 260 46.71 0.77 -1.28
CA PRO K 260 48.07 0.75 -1.81
C PRO K 260 49.24 0.28 -0.94
N GLY K 261 49.18 0.46 0.38
CA GLY K 261 50.31 0.02 1.19
C GLY K 261 51.23 1.18 1.55
N TRP K 262 51.65 1.22 2.81
CA TRP K 262 52.49 2.27 3.38
C TRP K 262 53.23 3.21 2.44
N ALA K 263 54.13 2.67 1.65
CA ALA K 263 54.96 3.45 0.75
C ALA K 263 54.29 4.40 -0.23
N ASP K 264 53.06 4.09 -0.64
CA ASP K 264 52.38 4.91 -1.64
C ASP K 264 51.87 6.28 -1.19
N PRO K 265 52.25 7.35 -1.94
CA PRO K 265 51.86 8.73 -1.64
C PRO K 265 50.35 8.94 -1.67
N ASP K 266 49.66 8.11 -2.44
CA ASP K 266 48.21 8.21 -2.53
C ASP K 266 47.56 8.09 -1.16
N ASN K 267 48.19 7.33 -0.26
CA ASN K 267 47.63 7.16 1.07
C ASN K 267 47.30 8.50 1.70
N VAL K 268 48.04 9.52 1.31
CA VAL K 268 47.79 10.85 1.82
C VAL K 268 46.41 11.29 1.34
N VAL K 269 46.17 11.16 0.03
CA VAL K 269 44.90 11.54 -0.57
C VAL K 269 43.78 10.67 -0.02
N LEU K 270 44.03 9.37 0.08
CA LEU K 270 43.00 8.49 0.60
C LEU K 270 42.54 8.96 1.97
N HIS K 271 43.49 9.33 2.83
CA HIS K 271 43.12 9.79 4.16
C HIS K 271 42.31 11.06 4.11
N VAL K 272 42.64 11.94 3.16
CA VAL K 272 41.91 13.20 2.97
C VAL K 272 40.48 12.83 2.57
N ALA K 273 40.37 11.80 1.75
CA ALA K 273 39.07 11.33 1.29
C ALA K 273 38.25 10.88 2.51
N ASN K 274 38.79 9.97 3.30
CA ASN K 274 38.08 9.51 4.47
C ASN K 274 37.65 10.65 5.37
N ALA K 275 38.41 11.75 5.36
CA ALA K 275 38.07 12.90 6.20
C ALA K 275 36.80 13.57 5.68
N ILE K 276 36.61 13.58 4.36
CA ILE K 276 35.41 14.17 3.79
C ILE K 276 34.20 13.39 4.29
N ILE K 277 34.27 12.07 4.22
CA ILE K 277 33.18 11.23 4.69
C ILE K 277 33.16 11.21 6.20
N GLY K 278 34.33 11.12 6.82
CA GLY K 278 34.42 11.12 8.27
C GLY K 278 33.78 10.02 9.09
N ARG K 279 33.23 10.39 10.24
CA ARG K 279 32.61 9.42 11.11
C ARG K 279 31.47 9.98 11.93
N TYR K 280 30.76 9.10 12.62
CA TYR K 280 29.62 9.50 13.40
C TYR K 280 29.26 8.48 14.46
N ASP K 281 28.46 8.94 15.41
CA ASP K 281 27.98 8.12 16.50
C ASP K 281 26.95 8.96 17.26
N ARG K 282 25.83 8.34 17.61
CA ARG K 282 24.74 9.01 18.31
C ARG K 282 25.08 10.02 19.39
N THR K 283 26.34 10.17 19.78
CA THR K 283 26.66 11.13 20.83
C THR K 283 27.32 12.40 20.28
N PHE K 284 27.42 12.51 18.97
CA PHE K 284 27.99 13.70 18.38
C PHE K 284 26.93 14.78 18.53
N GLY K 285 27.30 15.87 19.17
CA GLY K 285 26.37 16.96 19.40
C GLY K 285 26.00 17.73 18.14
N GLY K 286 26.92 17.79 17.19
CA GLY K 286 26.65 18.52 15.95
C GLY K 286 25.40 18.02 15.27
N GLY K 287 25.03 16.76 15.54
CA GLY K 287 23.84 16.18 14.96
C GLY K 287 23.58 16.50 13.49
N LYS K 288 22.37 16.93 13.19
CA LYS K 288 21.97 17.27 11.82
C LYS K 288 22.77 18.37 11.10
N HIS K 289 23.64 19.07 11.81
CA HIS K 289 24.43 20.12 11.16
C HIS K 289 25.86 19.72 10.83
N LEU K 290 26.22 18.48 11.16
CA LEU K 290 27.55 17.99 10.89
C LEU K 290 27.84 18.18 9.41
N SER K 291 29.07 18.54 9.10
CA SER K 291 29.47 18.77 7.72
C SER K 291 29.47 17.50 6.88
N SER K 292 29.71 16.35 7.53
CA SER K 292 29.72 15.08 6.82
C SER K 292 28.34 14.77 6.29
N ARG K 293 28.19 14.72 4.98
CA ARG K 293 26.90 14.42 4.40
C ARG K 293 26.35 13.09 4.92
N LEU K 294 27.18 12.06 4.98
CA LEU K 294 26.71 10.77 5.45
C LEU K 294 26.27 10.89 6.90
N ALA K 295 26.98 11.70 7.66
CA ALA K 295 26.65 11.93 9.07
C ALA K 295 25.28 12.57 9.20
N ALA K 296 25.05 13.61 8.38
CA ALA K 296 23.78 14.35 8.37
C ALA K 296 22.64 13.40 8.03
N LEU K 297 22.81 12.60 6.98
CA LEU K 297 21.79 11.63 6.56
C LEU K 297 21.51 10.64 7.68
N ALA K 298 22.56 10.07 8.24
CA ALA K 298 22.41 9.11 9.34
C ALA K 298 21.53 9.72 10.43
N VAL K 299 21.79 10.99 10.73
CA VAL K 299 21.03 11.70 11.75
C VAL K 299 19.59 11.93 11.32
N GLU K 300 19.40 12.67 10.23
CA GLU K 300 18.07 12.95 9.73
C GLU K 300 17.24 11.68 9.66
N HIS K 301 17.74 10.65 8.99
CA HIS K 301 16.99 9.40 8.83
C HIS K 301 17.25 8.28 9.81
N LYS K 302 17.92 8.57 10.92
CA LYS K 302 18.19 7.53 11.94
C LYS K 302 18.76 6.27 11.25
N LEU K 303 19.81 6.46 10.46
CA LEU K 303 20.41 5.37 9.71
C LEU K 303 21.31 4.38 10.45
N CYS K 304 21.93 4.79 11.55
CA CYS K 304 22.83 3.89 12.25
C CYS K 304 23.19 4.41 13.62
N HIS K 305 23.78 3.55 14.43
CA HIS K 305 24.24 3.95 15.75
C HIS K 305 25.62 4.59 15.62
N SER K 306 26.34 4.22 14.56
CA SER K 306 27.68 4.77 14.31
C SER K 306 28.28 4.25 13.01
N PHE K 307 29.30 4.94 12.54
CA PHE K 307 29.98 4.51 11.32
C PHE K 307 31.34 5.17 11.28
N GLN K 308 32.31 4.46 10.71
CA GLN K 308 33.69 4.97 10.59
C GLN K 308 34.32 4.62 9.24
N THR K 309 35.23 5.48 8.81
CA THR K 309 35.95 5.24 7.57
C THR K 309 37.34 4.90 8.02
N PHE K 310 38.02 4.06 7.26
CA PHE K 310 39.37 3.68 7.63
C PHE K 310 40.23 3.43 6.43
N ASN K 311 41.55 3.55 6.62
CA ASN K 311 42.53 3.30 5.57
C ASN K 311 43.70 2.54 6.20
N THR K 312 43.46 1.26 6.49
CA THR K 312 44.44 0.39 7.10
C THR K 312 45.53 -0.01 6.15
N SER K 313 46.73 0.48 6.37
CA SER K 313 47.86 0.18 5.51
C SER K 313 48.70 -1.00 5.98
N TYR K 314 49.39 -1.60 5.01
CA TYR K 314 50.29 -2.72 5.24
C TYR K 314 51.47 -2.48 4.30
N SER K 315 52.51 -3.29 4.42
CA SER K 315 53.68 -3.13 3.57
C SER K 315 53.37 -3.11 2.06
N ASP K 316 52.81 -4.23 1.58
CA ASP K 316 52.47 -4.43 0.17
C ASP K 316 50.99 -4.24 -0.21
N THR K 317 50.12 -3.99 0.75
CA THR K 317 48.70 -3.84 0.45
C THR K 317 47.96 -2.98 1.48
N GLY K 318 46.66 -3.22 1.66
CA GLY K 318 45.87 -2.47 2.61
C GLY K 318 44.36 -2.65 2.47
N LEU K 319 43.60 -1.94 3.30
CA LEU K 319 42.14 -1.99 3.27
C LEU K 319 41.53 -0.60 3.43
N PHE K 320 40.91 -0.11 2.37
CA PHE K 320 40.27 1.20 2.38
C PHE K 320 38.77 0.93 2.40
N GLY K 321 38.08 1.31 3.46
CA GLY K 321 36.65 1.05 3.52
C GLY K 321 35.90 1.82 4.59
N PHE K 322 34.81 1.22 5.07
CA PHE K 322 34.00 1.82 6.12
C PHE K 322 33.22 0.73 6.88
N HIS K 323 32.91 1.05 8.12
CA HIS K 323 32.19 0.14 9.00
C HIS K 323 31.06 0.88 9.70
N PHE K 324 29.90 0.22 9.83
CA PHE K 324 28.78 0.84 10.49
C PHE K 324 27.95 -0.14 11.30
N VAL K 325 27.28 0.40 12.31
CA VAL K 325 26.44 -0.36 13.20
C VAL K 325 25.04 0.18 13.09
N ALA K 326 24.09 -0.68 12.76
CA ALA K 326 22.71 -0.23 12.60
C ALA K 326 21.71 -1.25 13.08
N ASP K 327 20.46 -0.83 13.16
CA ASP K 327 19.39 -1.72 13.57
C ASP K 327 19.01 -2.54 12.37
N PRO K 328 18.51 -3.75 12.60
CA PRO K 328 18.13 -4.62 11.48
C PRO K 328 17.40 -3.94 10.33
N LEU K 329 16.45 -3.07 10.65
CA LEU K 329 15.66 -2.42 9.61
C LEU K 329 16.18 -1.14 8.93
N SER K 330 17.43 -0.76 9.20
CA SER K 330 17.97 0.41 8.54
C SER K 330 19.30 0.09 7.85
N ILE K 331 19.66 -1.18 7.80
CA ILE K 331 20.92 -1.55 7.17
C ILE K 331 20.93 -1.13 5.72
N ASP K 332 19.85 -1.48 5.02
CA ASP K 332 19.77 -1.18 3.61
C ASP K 332 19.95 0.29 3.24
N ASP K 333 19.22 1.19 3.89
CA ASP K 333 19.36 2.60 3.59
C ASP K 333 20.76 3.13 3.91
N MET K 334 21.30 2.73 5.05
CA MET K 334 22.64 3.15 5.47
C MET K 334 23.67 2.79 4.41
N MET K 335 23.66 1.51 4.03
CA MET K 335 24.58 1.02 3.02
C MET K 335 24.39 1.82 1.75
N PHE K 336 23.13 2.01 1.36
CA PHE K 336 22.78 2.76 0.17
C PHE K 336 23.39 4.16 0.18
N CYS K 337 23.25 4.86 1.30
CA CYS K 337 23.79 6.20 1.42
C CYS K 337 25.31 6.20 1.48
N ALA K 338 25.84 5.22 2.22
CA ALA K 338 27.28 5.11 2.36
C ALA K 338 27.92 4.95 0.99
N GLN K 339 27.56 3.89 0.26
CA GLN K 339 28.14 3.71 -1.06
C GLN K 339 27.91 4.97 -1.89
N GLY K 340 26.80 5.65 -1.65
CA GLY K 340 26.53 6.87 -2.39
C GLY K 340 27.62 7.90 -2.18
N GLU K 341 28.06 8.02 -0.95
CA GLU K 341 29.09 8.98 -0.64
C GLU K 341 30.42 8.64 -1.28
N TRP K 342 30.69 7.34 -1.42
CA TRP K 342 31.93 6.91 -2.06
C TRP K 342 31.89 7.37 -3.51
N MET K 343 30.75 7.12 -4.16
CA MET K 343 30.59 7.51 -5.55
C MET K 343 30.74 9.02 -5.71
N ARG K 344 30.32 9.77 -4.69
CA ARG K 344 30.44 11.21 -4.77
C ARG K 344 31.92 11.57 -4.79
N LEU K 345 32.71 10.87 -3.97
CA LEU K 345 34.15 11.08 -3.90
C LEU K 345 34.78 10.98 -5.29
N CYS K 346 34.51 9.88 -5.97
CA CYS K 346 35.07 9.68 -7.29
C CYS K 346 34.58 10.68 -8.33
N THR K 347 33.32 11.07 -8.23
CA THR K 347 32.75 11.92 -9.26
C THR K 347 32.51 13.39 -9.02
N SER K 348 32.22 13.79 -7.80
CA SER K 348 31.92 15.20 -7.60
C SER K 348 32.41 15.89 -6.34
N THR K 349 33.66 15.64 -5.98
CA THR K 349 34.22 16.29 -4.80
C THR K 349 34.38 17.78 -5.05
N THR K 350 34.24 18.58 -4.00
CA THR K 350 34.32 20.03 -4.07
C THR K 350 35.56 20.58 -3.41
N GLU K 351 36.08 21.69 -3.91
CA GLU K 351 37.26 22.28 -3.29
C GLU K 351 36.93 22.59 -1.84
N SER K 352 35.68 23.00 -1.58
CA SER K 352 35.24 23.32 -0.23
C SER K 352 35.42 22.10 0.64
N GLU K 353 34.94 20.94 0.16
CA GLU K 353 35.03 19.69 0.90
C GLU K 353 36.46 19.33 1.25
N VAL K 354 37.33 19.30 0.24
CA VAL K 354 38.72 18.95 0.48
C VAL K 354 39.40 19.97 1.37
N LYS K 355 39.09 21.24 1.15
CA LYS K 355 39.66 22.33 1.93
C LYS K 355 39.45 22.02 3.42
N ARG K 356 38.25 21.53 3.75
CA ARG K 356 37.91 21.21 5.11
C ARG K 356 38.48 19.86 5.52
N ALA K 357 38.44 18.89 4.61
CA ALA K 357 38.97 17.56 4.91
C ALA K 357 40.44 17.68 5.27
N LYS K 358 41.13 18.61 4.61
CA LYS K 358 42.56 18.82 4.86
C LYS K 358 42.79 19.35 6.27
N ASN K 359 42.01 20.33 6.70
CA ASN K 359 42.19 20.86 8.03
C ASN K 359 41.92 19.80 9.06
N HIS K 360 40.90 18.98 8.82
CA HIS K 360 40.58 17.93 9.78
C HIS K 360 41.74 16.95 9.84
N LEU K 361 42.32 16.65 8.68
CA LEU K 361 43.43 15.73 8.63
C LEU K 361 44.64 16.30 9.36
N ARG K 362 44.95 17.57 9.13
CA ARG K 362 46.09 18.19 9.81
C ARG K 362 45.92 18.03 11.31
N SER K 363 44.79 18.48 11.83
CA SER K 363 44.50 18.35 13.24
C SER K 363 44.65 16.90 13.68
N ALA K 364 44.32 15.97 12.80
CA ALA K 364 44.43 14.56 13.12
C ALA K 364 45.88 14.12 13.29
N MET K 365 46.74 14.47 12.34
CA MET K 365 48.15 14.08 12.43
C MET K 365 48.79 14.70 13.66
N VAL K 366 48.49 15.97 13.91
CA VAL K 366 49.03 16.67 15.05
C VAL K 366 48.56 15.99 16.34
N ALA K 367 47.30 15.58 16.36
CA ALA K 367 46.75 14.95 17.54
C ALA K 367 47.35 13.57 17.82
N GLN K 368 47.99 12.98 16.82
CA GLN K 368 48.62 11.67 17.00
C GLN K 368 49.97 11.76 17.69
N LEU K 369 50.41 13.00 17.92
CA LEU K 369 51.68 13.23 18.56
C LEU K 369 51.45 14.01 19.85
N ASP K 370 50.41 13.61 20.56
CA ASP K 370 50.05 14.25 21.80
C ASP K 370 50.51 13.39 22.97
N GLY K 371 51.76 13.57 23.36
CA GLY K 371 52.33 12.80 24.44
C GLY K 371 53.59 12.10 23.98
N THR K 372 54.25 11.39 24.89
CA THR K 372 55.46 10.70 24.52
C THR K 372 55.15 9.35 23.87
N THR K 373 54.29 8.56 24.50
CA THR K 373 53.93 7.27 23.94
C THR K 373 53.48 7.43 22.48
N PRO K 374 52.53 8.36 22.21
CA PRO K 374 52.10 8.52 20.82
C PRO K 374 53.19 9.04 19.88
N VAL K 375 54.14 9.81 20.39
CA VAL K 375 55.22 10.29 19.52
C VAL K 375 56.17 9.15 19.26
N CYS K 376 56.37 8.33 20.28
CA CYS K 376 57.26 7.19 20.20
C CYS K 376 56.67 6.12 19.29
N GLU K 377 55.36 5.96 19.33
CA GLU K 377 54.65 4.98 18.51
C GLU K 377 54.84 5.35 17.04
N THR K 378 54.85 6.65 16.77
CA THR K 378 55.01 7.17 15.43
C THR K 378 56.38 6.86 14.88
N ILE K 379 57.41 7.17 15.68
CA ILE K 379 58.78 6.92 15.29
C ILE K 379 58.99 5.44 15.03
N GLY K 380 58.58 4.60 16.00
CA GLY K 380 58.72 3.17 15.86
C GLY K 380 58.15 2.69 14.53
N SER K 381 57.01 3.25 14.17
CA SER K 381 56.30 2.90 12.95
C SER K 381 56.90 3.54 11.70
N HIS K 382 57.07 4.85 11.70
CA HIS K 382 57.65 5.50 10.54
C HIS K 382 58.92 4.82 10.05
N LEU K 383 59.80 4.47 10.97
CA LEU K 383 61.03 3.80 10.59
C LEU K 383 60.74 2.43 10.01
N LEU K 384 60.00 1.64 10.77
CA LEU K 384 59.64 0.29 10.37
C LEU K 384 58.89 0.23 9.04
N ASN K 385 58.10 1.26 8.71
CA ASN K 385 57.34 1.26 7.46
C ASN K 385 57.86 2.13 6.34
N TYR K 386 58.36 3.32 6.66
CA TYR K 386 58.88 4.20 5.61
C TYR K 386 60.41 4.15 5.61
N GLY K 387 60.96 3.55 6.66
CA GLY K 387 62.39 3.46 6.80
C GLY K 387 62.97 4.82 7.13
N ARG K 388 62.17 5.67 7.75
CA ARG K 388 62.59 7.01 8.15
C ARG K 388 61.43 7.73 8.82
N ARG K 389 61.71 8.92 9.31
CA ARG K 389 60.68 9.68 9.97
C ARG K 389 60.16 10.76 9.03
N ILE K 390 58.84 10.88 8.97
CA ILE K 390 58.20 11.90 8.16
C ILE K 390 57.64 12.89 9.18
N SER K 391 58.21 14.09 9.17
CA SER K 391 57.82 15.15 10.10
C SER K 391 56.48 15.75 9.73
N LEU K 392 55.83 16.37 10.71
CA LEU K 392 54.55 17.00 10.45
C LEU K 392 54.77 18.03 9.37
N GLU K 393 55.92 18.70 9.40
CA GLU K 393 56.18 19.69 8.38
C GLU K 393 56.06 19.10 6.98
N GLU K 394 56.47 17.84 6.83
CA GLU K 394 56.39 17.19 5.52
C GLU K 394 54.94 16.77 5.23
N TRP K 395 54.35 16.01 6.16
CA TRP K 395 52.97 15.57 5.99
C TRP K 395 52.16 16.76 5.53
N ASP K 396 52.29 17.88 6.24
CA ASP K 396 51.56 19.11 5.92
C ASP K 396 51.80 19.55 4.49
N SER K 397 53.05 19.46 4.05
CA SER K 397 53.39 19.85 2.69
C SER K 397 52.59 18.99 1.71
N ARG K 398 52.60 17.67 1.93
CA ARG K 398 51.88 16.73 1.08
C ARG K 398 50.38 16.95 1.12
N ILE K 399 49.83 17.05 2.34
CA ILE K 399 48.41 17.29 2.54
C ILE K 399 47.95 18.57 1.86
N SER K 400 48.77 19.62 1.87
CA SER K 400 48.40 20.87 1.24
C SER K 400 48.33 20.83 -0.29
N ALA K 401 49.02 19.87 -0.89
CA ALA K 401 49.05 19.75 -2.34
C ALA K 401 47.81 19.05 -2.88
N VAL K 402 47.03 18.46 -1.99
CA VAL K 402 45.81 17.75 -2.36
C VAL K 402 44.69 18.72 -2.73
N ASP K 403 44.00 18.43 -3.83
CA ASP K 403 42.91 19.27 -4.29
C ASP K 403 41.77 18.39 -4.78
N ALA K 404 40.60 18.98 -4.97
CA ALA K 404 39.42 18.25 -5.44
C ALA K 404 39.81 17.27 -6.54
N ARG K 405 40.25 17.83 -7.66
CA ARG K 405 40.66 17.08 -8.83
C ARG K 405 41.49 15.84 -8.48
N MET K 406 42.38 16.00 -7.51
CA MET K 406 43.25 14.90 -7.10
C MET K 406 42.51 13.84 -6.28
N VAL K 407 41.59 14.28 -5.43
CA VAL K 407 40.85 13.34 -4.62
C VAL K 407 40.01 12.46 -5.52
N ARG K 408 39.41 13.08 -6.53
CA ARG K 408 38.56 12.35 -7.46
C ARG K 408 39.35 11.29 -8.20
N ASP K 409 40.51 11.67 -8.74
CA ASP K 409 41.32 10.72 -9.50
C ASP K 409 41.78 9.56 -8.64
N VAL K 410 42.32 9.87 -7.47
CA VAL K 410 42.80 8.82 -6.59
C VAL K 410 41.65 7.90 -6.20
N CYS K 411 40.53 8.46 -5.75
CA CYS K 411 39.40 7.65 -5.34
C CYS K 411 38.86 6.80 -6.47
N SER K 412 38.73 7.41 -7.64
CA SER K 412 38.23 6.68 -8.81
C SER K 412 39.13 5.47 -9.01
N LYS K 413 40.43 5.74 -8.95
CA LYS K 413 41.45 4.72 -9.14
C LYS K 413 41.37 3.56 -8.16
N TYR K 414 40.94 3.81 -6.93
CA TYR K 414 40.87 2.73 -5.95
C TYR K 414 39.50 2.19 -5.65
N ILE K 415 38.47 3.01 -5.87
CA ILE K 415 37.10 2.61 -5.56
C ILE K 415 36.18 2.29 -6.73
N TYR K 416 36.15 3.18 -7.71
CA TYR K 416 35.26 3.02 -8.83
C TYR K 416 35.29 1.68 -9.57
N ASP K 417 34.13 1.04 -9.59
CA ASP K 417 33.90 -0.24 -10.25
C ASP K 417 34.81 -1.36 -9.76
N LYS K 418 35.05 -1.41 -8.46
CA LYS K 418 35.90 -2.45 -7.89
C LYS K 418 35.08 -3.47 -7.15
N CYS K 419 35.53 -4.72 -7.15
CA CYS K 419 34.80 -5.76 -6.41
C CYS K 419 35.27 -5.60 -4.97
N PRO K 420 34.37 -5.18 -4.09
CA PRO K 420 34.75 -4.99 -2.69
C PRO K 420 34.67 -6.26 -1.85
N ALA K 421 35.18 -6.15 -0.64
CA ALA K 421 35.15 -7.26 0.30
C ALA K 421 34.13 -6.86 1.35
N LEU K 422 33.23 -7.76 1.65
CA LEU K 422 32.20 -7.45 2.61
C LEU K 422 32.06 -8.43 3.78
N ALA K 423 31.93 -7.89 4.98
CA ALA K 423 31.74 -8.71 6.17
C ALA K 423 30.53 -8.16 6.90
N ALA K 424 29.60 -9.03 7.25
CA ALA K 424 28.41 -8.61 7.96
C ALA K 424 28.10 -9.60 9.05
N VAL K 425 27.81 -9.06 10.23
CA VAL K 425 27.51 -9.86 11.41
C VAL K 425 26.30 -9.32 12.17
N GLY K 426 25.42 -10.22 12.59
CA GLY K 426 24.23 -9.81 13.34
C GLY K 426 22.96 -10.14 12.60
N PRO K 427 21.88 -9.38 12.85
CA PRO K 427 20.56 -9.55 12.21
C PRO K 427 20.62 -8.82 10.86
N ILE K 428 21.37 -9.41 9.93
CA ILE K 428 21.62 -8.82 8.62
C ILE K 428 20.71 -9.18 7.44
N GLU K 429 19.50 -9.67 7.71
CA GLU K 429 18.60 -10.04 6.63
C GLU K 429 18.29 -8.90 5.67
N GLN K 430 18.17 -7.68 6.18
CA GLN K 430 17.84 -6.55 5.31
C GLN K 430 18.96 -6.11 4.39
N LEU K 431 20.21 -6.45 4.72
CA LEU K 431 21.34 -6.10 3.87
C LEU K 431 21.41 -7.26 2.94
N LEU K 432 21.55 -7.06 1.65
CA LEU K 432 21.63 -8.26 0.87
C LEU K 432 22.18 -8.17 -0.53
N ASP K 433 22.55 -9.33 -1.04
CA ASP K 433 23.08 -9.53 -2.35
C ASP K 433 24.38 -8.84 -2.69
N TYR K 434 25.43 -9.65 -2.88
CA TYR K 434 26.73 -9.11 -3.23
C TYR K 434 26.57 -8.32 -4.52
N ASN K 435 25.80 -8.90 -5.44
CA ASN K 435 25.55 -8.27 -6.72
C ASN K 435 25.06 -6.85 -6.59
N ARG K 436 24.04 -6.63 -5.76
CA ARG K 436 23.50 -5.29 -5.56
C ARG K 436 24.57 -4.36 -5.02
N ILE K 437 25.33 -4.82 -4.04
CA ILE K 437 26.38 -3.99 -3.47
C ILE K 437 27.42 -3.67 -4.53
N ARG K 438 27.77 -4.68 -5.33
CA ARG K 438 28.77 -4.50 -6.37
C ARG K 438 28.30 -3.39 -7.32
N SER K 439 27.00 -3.30 -7.51
CA SER K 439 26.46 -2.28 -8.40
C SER K 439 26.50 -0.90 -7.78
N GLY K 440 26.58 -0.83 -6.47
CA GLY K 440 26.65 0.46 -5.84
C GLY K 440 28.06 0.99 -6.02
N MET K 441 28.87 0.23 -6.75
CA MET K 441 30.25 0.61 -6.97
C MET K 441 30.51 1.47 -8.20
N TYR K 442 29.45 1.89 -8.88
CA TYR K 442 29.61 2.74 -10.03
C TYR K 442 28.38 3.58 -10.34
N TRP K 443 28.61 4.68 -11.05
CA TRP K 443 27.62 5.67 -11.44
C TRP K 443 27.11 6.39 -10.17
N ILE K 444 27.58 7.63 -9.97
CA ILE K 444 27.22 8.44 -8.80
C ILE K 444 25.79 8.24 -8.29
N CYS L 20 63.74 29.13 16.00
CA CYS L 20 63.61 30.39 16.80
C CYS L 20 62.94 30.15 18.17
N PRO L 21 61.61 29.87 18.21
CA PRO L 21 60.89 29.64 19.47
C PRO L 21 61.69 29.01 20.62
N GLY L 22 61.35 29.38 21.85
CA GLY L 22 62.07 28.85 23.00
C GLY L 22 61.29 28.67 24.29
N ALA L 23 61.95 28.94 25.42
CA ALA L 23 61.35 28.82 26.77
C ALA L 23 60.50 30.02 27.12
N GLU L 24 59.21 29.76 27.31
CA GLU L 24 58.22 30.78 27.66
C GLU L 24 57.82 30.56 29.12
N ASP L 25 57.09 31.52 29.69
CA ASP L 25 56.65 31.38 31.08
C ASP L 25 55.14 31.55 31.25
N LEU L 26 54.59 30.65 32.05
CA LEU L 26 53.17 30.55 32.35
C LEU L 26 52.51 31.73 33.05
N GLU L 27 52.22 32.79 32.29
CA GLU L 27 51.58 33.98 32.85
C GLU L 27 50.17 33.72 33.33
N ILE L 28 49.65 34.61 34.17
CA ILE L 28 48.32 34.41 34.74
C ILE L 28 47.73 35.66 35.39
N THR L 29 47.04 36.47 34.60
CA THR L 29 46.40 37.70 35.08
C THR L 29 45.11 37.38 35.85
N LYS L 30 44.38 38.43 36.22
CA LYS L 30 43.10 38.34 36.93
C LYS L 30 42.43 39.70 36.81
N LEU L 31 41.35 39.75 36.04
CA LEU L 31 40.61 40.98 35.82
C LEU L 31 39.84 41.44 37.04
N PRO L 32 39.50 42.73 37.09
CA PRO L 32 38.74 43.34 38.19
C PRO L 32 37.53 42.53 38.66
N ASN L 33 36.87 41.85 37.72
CA ASN L 33 35.69 41.05 38.03
C ASN L 33 35.98 39.68 38.64
N GLY L 34 37.26 39.37 38.82
CA GLY L 34 37.65 38.10 39.40
C GLY L 34 37.85 36.99 38.39
N LEU L 35 37.79 37.34 37.11
CA LEU L 35 37.97 36.38 36.03
C LEU L 35 39.45 36.08 35.85
N ILE L 36 39.88 34.87 36.19
CA ILE L 36 41.28 34.51 36.06
C ILE L 36 41.63 34.05 34.64
N ILE L 37 42.80 34.45 34.16
CA ILE L 37 43.28 34.10 32.84
C ILE L 37 44.66 33.42 32.88
N ALA L 38 44.72 32.12 32.68
CA ALA L 38 45.98 31.38 32.67
C ALA L 38 46.45 31.33 31.22
N SER L 39 47.74 31.14 30.99
CA SER L 39 48.26 31.11 29.63
C SER L 39 49.66 30.54 29.51
N LEU L 40 49.90 29.73 28.48
CA LEU L 40 51.21 29.13 28.25
C LEU L 40 51.44 28.87 26.78
N GLU L 41 52.54 29.43 26.27
CA GLU L 41 52.92 29.25 24.88
C GLU L 41 54.01 28.18 24.76
N ASN L 42 53.63 26.98 24.30
CA ASN L 42 54.58 25.88 24.13
C ASN L 42 54.82 25.64 22.64
N PHE L 43 54.55 26.67 21.85
CA PHE L 43 54.71 26.63 20.40
C PHE L 43 54.22 25.38 19.69
N SER L 44 53.28 24.68 20.30
CA SER L 44 52.70 23.48 19.70
C SER L 44 51.95 23.96 18.46
N PRO L 45 51.99 23.17 17.38
CA PRO L 45 51.30 23.54 16.14
C PRO L 45 49.78 23.66 16.34
N ALA L 46 49.32 23.22 17.52
CA ALA L 46 47.91 23.25 17.85
C ALA L 46 47.66 23.98 19.14
N SER L 47 46.52 24.65 19.20
CA SER L 47 46.12 25.37 20.40
C SER L 47 44.98 24.60 21.05
N ARG L 48 44.67 24.97 22.28
CA ARG L 48 43.59 24.36 23.04
C ARG L 48 43.18 25.36 24.12
N ILE L 49 42.11 26.09 23.87
CA ILE L 49 41.61 27.09 24.81
C ILE L 49 40.45 26.51 25.60
N GLY L 50 40.23 27.02 26.80
CA GLY L 50 39.13 26.51 27.60
C GLY L 50 38.54 27.47 28.61
N VAL L 51 37.32 27.19 29.03
CA VAL L 51 36.63 28.00 30.01
C VAL L 51 36.27 27.06 31.15
N PHE L 52 36.97 27.21 32.27
CA PHE L 52 36.69 26.37 33.43
C PHE L 52 35.69 27.11 34.28
N ILE L 53 34.77 26.36 34.87
CA ILE L 53 33.73 26.97 35.66
C ILE L 53 33.36 26.15 36.87
N LYS L 54 32.99 26.87 37.94
CA LYS L 54 32.56 26.26 39.18
C LYS L 54 31.07 26.01 39.07
N ALA L 55 30.68 24.88 38.49
CA ALA L 55 29.29 24.56 38.32
C ALA L 55 29.11 23.03 38.21
N GLY L 56 27.91 22.53 38.44
CA GLY L 56 27.71 21.10 38.33
C GLY L 56 26.52 20.63 39.13
N SER L 57 26.20 19.34 38.98
CA SER L 57 25.08 18.74 39.67
C SER L 57 25.10 19.03 41.17
N ARG L 58 26.20 19.61 41.63
CA ARG L 58 26.36 19.92 43.04
C ARG L 58 25.46 21.10 43.44
N TYR L 59 25.27 22.03 42.51
CA TYR L 59 24.45 23.20 42.76
C TYR L 59 22.98 22.99 42.40
N GLU L 60 22.65 21.77 42.00
CA GLU L 60 21.28 21.46 41.62
C GLU L 60 20.47 21.23 42.88
N THR L 61 19.18 21.49 42.76
CA THR L 61 18.24 21.31 43.86
C THR L 61 17.25 20.26 43.40
N THR L 62 16.55 19.64 44.33
CA THR L 62 15.57 18.62 43.99
C THR L 62 14.65 19.16 42.88
N ALA L 63 14.48 20.49 42.89
CA ALA L 63 13.64 21.17 41.91
C ALA L 63 14.16 21.16 40.45
N ASN L 64 15.46 21.34 40.26
CA ASN L 64 16.03 21.41 38.93
C ASN L 64 17.04 20.34 38.56
N LEU L 65 17.00 19.20 39.24
CA LEU L 65 17.92 18.10 38.95
C LEU L 65 18.10 17.84 37.46
N GLY L 66 19.30 17.43 37.08
CA GLY L 66 19.55 17.13 35.68
C GLY L 66 19.81 18.32 34.79
N THR L 67 19.44 19.51 35.25
CA THR L 67 19.65 20.71 34.44
C THR L 67 21.12 20.93 34.04
N ALA L 68 22.03 20.53 34.91
CA ALA L 68 23.47 20.68 34.62
C ALA L 68 23.85 19.69 33.50
N HIS L 69 23.28 18.48 33.56
CA HIS L 69 23.53 17.46 32.55
C HIS L 69 23.06 17.97 31.18
N LEU L 70 21.80 18.40 31.12
CA LEU L 70 21.24 18.90 29.88
C LEU L 70 22.06 20.09 29.37
N LEU L 71 22.54 20.92 30.28
CA LEU L 71 23.33 22.07 29.89
C LEU L 71 24.57 21.56 29.14
N ARG L 72 25.13 20.47 29.63
CA ARG L 72 26.30 19.84 29.04
C ARG L 72 26.04 19.45 27.59
N LEU L 73 24.88 18.84 27.33
CA LEU L 73 24.52 18.42 25.99
C LEU L 73 24.07 19.58 25.12
N ALA L 74 23.72 20.70 25.75
CA ALA L 74 23.21 21.86 25.03
C ALA L 74 24.27 22.76 24.40
N SER L 75 25.53 22.41 24.58
CA SER L 75 26.60 23.21 24.02
C SER L 75 26.43 23.61 22.54
N PRO L 76 25.83 22.73 21.71
CA PRO L 76 25.65 23.11 20.30
C PRO L 76 24.41 23.90 19.89
N LEU L 77 23.53 24.22 20.86
CA LEU L 77 22.30 24.98 20.59
C LEU L 77 22.60 26.45 20.23
N THR L 78 21.72 27.05 19.42
CA THR L 78 21.93 28.43 18.98
C THR L 78 22.20 29.40 20.13
N THR L 79 23.07 30.37 19.84
CA THR L 79 23.47 31.39 20.79
C THR L 79 23.10 32.73 20.20
N LYS L 80 23.29 33.80 20.97
CA LYS L 80 22.93 35.13 20.48
C LYS L 80 23.82 35.63 19.35
N GLY L 81 25.00 35.04 19.22
CA GLY L 81 25.91 35.47 18.17
C GLY L 81 26.04 34.50 17.02
N ALA L 82 25.96 33.21 17.32
CA ALA L 82 26.06 32.20 16.27
C ALA L 82 24.90 31.22 16.37
N SER L 83 24.54 30.62 15.23
CA SER L 83 23.45 29.66 15.20
C SER L 83 23.94 28.22 15.35
N SER L 84 23.01 27.35 15.75
CA SER L 84 23.27 25.94 15.94
C SER L 84 24.01 25.41 14.72
N PHE L 85 23.57 25.86 13.56
CA PHE L 85 24.18 25.47 12.30
C PHE L 85 25.61 26.03 12.15
N ARG L 86 25.77 27.34 12.32
CA ARG L 86 27.08 27.93 12.16
C ARG L 86 28.12 27.47 13.18
N ILE L 87 27.69 27.19 14.40
CA ILE L 87 28.62 26.71 15.41
C ILE L 87 29.29 25.44 14.89
N THR L 88 28.49 24.39 14.65
CA THR L 88 29.02 23.13 14.16
C THR L 88 29.78 23.27 12.84
N ARG L 89 29.16 23.88 11.84
CA ARG L 89 29.81 24.05 10.54
C ARG L 89 31.08 24.89 10.67
N GLY L 90 30.98 26.03 11.36
CA GLY L 90 32.11 26.91 11.53
C GLY L 90 33.35 26.28 12.15
N ILE L 91 33.14 25.51 13.21
CA ILE L 91 34.23 24.84 13.88
C ILE L 91 34.82 23.75 12.98
N GLU L 92 33.96 22.88 12.46
CA GLU L 92 34.40 21.81 11.57
C GLU L 92 35.15 22.33 10.36
N ALA L 93 34.80 23.54 9.91
CA ALA L 93 35.41 24.16 8.73
C ALA L 93 36.91 24.33 8.85
N VAL L 94 37.38 24.55 10.08
CA VAL L 94 38.81 24.73 10.32
C VAL L 94 39.36 23.54 11.09
N GLY L 95 38.70 22.39 10.94
CA GLY L 95 39.12 21.17 11.58
C GLY L 95 39.26 21.34 13.08
N GLY L 96 38.33 22.07 13.69
CA GLY L 96 38.42 22.26 15.12
C GLY L 96 37.54 21.27 15.86
N SER L 97 37.43 21.46 17.16
CA SER L 97 36.60 20.61 17.99
C SER L 97 36.06 21.46 19.15
N LEU L 98 35.01 20.96 19.78
CA LEU L 98 34.37 21.67 20.89
C LEU L 98 33.71 20.64 21.77
N SER L 99 34.07 20.62 23.04
CA SER L 99 33.50 19.65 23.96
C SER L 99 33.33 20.22 25.38
N VAL L 100 32.50 19.55 26.17
CA VAL L 100 32.24 19.98 27.53
C VAL L 100 32.43 18.79 28.46
N TYR L 101 33.40 18.89 29.37
CA TYR L 101 33.66 17.82 30.33
C TYR L 101 33.20 18.37 31.63
N SER L 102 32.78 17.52 32.56
CA SER L 102 32.35 18.04 33.83
C SER L 102 32.22 17.01 34.95
N THR L 103 32.45 17.48 36.17
CA THR L 103 32.36 16.67 37.38
C THR L 103 31.17 17.20 38.16
N ARG L 104 31.00 16.75 39.40
CA ARG L 104 29.88 17.22 40.17
C ARG L 104 30.05 18.70 40.52
N GLU L 105 31.25 19.25 40.37
CA GLU L 105 31.42 20.65 40.74
C GLU L 105 32.22 21.55 39.82
N LYS L 106 32.51 21.09 38.62
CA LYS L 106 33.24 21.92 37.67
C LYS L 106 32.83 21.56 36.25
N MET L 107 32.77 22.56 35.38
CA MET L 107 32.41 22.34 34.01
C MET L 107 33.43 23.02 33.11
N THR L 108 33.97 22.28 32.15
CA THR L 108 34.94 22.84 31.25
C THR L 108 34.44 22.84 29.81
N TYR L 109 34.55 24.00 29.16
CA TYR L 109 34.16 24.13 27.77
C TYR L 109 35.44 24.42 27.05
N CYS L 110 35.95 23.44 26.30
CA CYS L 110 37.18 23.71 25.57
C CYS L 110 37.09 23.36 24.09
N VAL L 111 37.97 24.01 23.33
CA VAL L 111 38.04 23.83 21.89
C VAL L 111 39.51 23.65 21.51
N GLU L 112 39.76 22.90 20.44
CA GLU L 112 41.12 22.70 19.94
C GLU L 112 41.11 23.08 18.48
N CYS L 113 42.28 23.37 17.94
CA CYS L 113 42.41 23.74 16.53
C CYS L 113 43.83 24.15 16.25
N LEU L 114 44.16 24.25 14.97
CA LEU L 114 45.51 24.66 14.59
C LEU L 114 45.68 26.12 14.98
N ARG L 115 46.90 26.50 15.33
CA ARG L 115 47.22 27.85 15.76
C ARG L 115 46.56 28.94 14.96
N ASP L 116 46.56 28.76 13.65
CA ASP L 116 45.99 29.79 12.78
C ASP L 116 44.49 29.92 12.74
N HIS L 117 43.77 29.26 13.64
CA HIS L 117 42.34 29.36 13.63
C HIS L 117 41.75 29.71 14.98
N VAL L 118 42.63 29.87 15.96
CA VAL L 118 42.20 30.20 17.31
C VAL L 118 41.16 31.30 17.33
N ASP L 119 41.44 32.42 16.68
CA ASP L 119 40.50 33.52 16.66
C ASP L 119 39.11 33.11 16.14
N THR L 120 39.07 32.18 15.20
CA THR L 120 37.81 31.73 14.62
C THR L 120 37.04 30.81 15.56
N VAL L 121 37.72 29.84 16.13
CA VAL L 121 37.11 28.91 17.06
C VAL L 121 36.72 29.61 18.36
N MET L 122 37.40 30.71 18.65
CA MET L 122 37.16 31.44 19.88
C MET L 122 35.76 32.01 19.98
N GLU L 123 35.28 32.56 18.87
CA GLU L 123 33.95 33.16 18.82
C GLU L 123 32.90 32.19 19.34
N TYR L 124 32.87 30.99 18.78
CA TYR L 124 31.89 30.01 19.19
C TYR L 124 32.03 29.65 20.67
N LEU L 125 33.26 29.49 21.14
CA LEU L 125 33.48 29.16 22.54
C LEU L 125 32.87 30.25 23.43
N LEU L 126 33.22 31.49 23.11
CA LEU L 126 32.75 32.66 23.82
C LEU L 126 31.21 32.69 23.80
N ASN L 127 30.63 32.52 22.60
CA ASN L 127 29.18 32.51 22.42
C ASN L 127 28.48 31.44 23.25
N VAL L 128 28.94 30.20 23.15
CA VAL L 128 28.33 29.10 23.89
C VAL L 128 28.26 29.29 25.40
N THR L 129 29.37 29.70 26.01
CA THR L 129 29.43 29.88 27.46
C THR L 129 28.83 31.18 28.02
N THR L 130 28.79 32.23 27.21
CA THR L 130 28.26 33.50 27.71
C THR L 130 26.99 34.01 27.04
N ALA L 131 26.60 33.45 25.89
CA ALA L 131 25.40 33.94 25.22
C ALA L 131 24.36 32.92 24.79
N PRO L 132 24.19 31.81 25.55
CA PRO L 132 23.18 30.84 25.10
C PRO L 132 21.79 31.47 24.98
N GLU L 133 20.92 30.84 24.18
CA GLU L 133 19.55 31.33 24.00
C GLU L 133 18.54 30.32 24.54
N PHE L 134 18.92 29.04 24.54
CA PHE L 134 18.07 27.95 25.01
C PHE L 134 16.66 28.04 24.47
N ARG L 135 16.54 28.22 23.16
CA ARG L 135 15.22 28.30 22.54
C ARG L 135 14.45 27.05 22.92
N PRO L 136 13.22 27.25 23.40
CA PRO L 136 12.34 26.14 23.82
C PRO L 136 12.30 24.97 22.87
N TRP L 137 12.04 25.20 21.59
CA TRP L 137 11.96 24.09 20.66
C TRP L 137 13.30 23.34 20.59
N GLU L 138 14.40 24.08 20.48
CA GLU L 138 15.72 23.45 20.42
C GLU L 138 15.91 22.60 21.67
N VAL L 139 15.54 23.18 22.81
CA VAL L 139 15.66 22.51 24.08
C VAL L 139 14.76 21.29 24.17
N THR L 140 13.57 21.40 23.61
CA THR L 140 12.64 20.28 23.67
C THR L 140 13.13 19.08 22.88
N ASP L 141 13.68 19.35 21.70
CA ASP L 141 14.17 18.28 20.84
C ASP L 141 15.43 17.64 21.41
N LEU L 142 16.18 18.43 22.16
CA LEU L 142 17.41 17.94 22.74
C LEU L 142 17.24 16.97 23.90
N GLN L 143 16.21 17.18 24.71
CA GLN L 143 16.01 16.33 25.87
C GLN L 143 15.95 14.82 25.72
N PRO L 144 15.27 14.32 24.70
CA PRO L 144 15.24 12.85 24.58
C PRO L 144 16.65 12.26 24.48
N GLN L 145 17.62 13.15 24.26
CA GLN L 145 19.02 12.79 24.15
C GLN L 145 19.64 12.41 25.50
N LEU L 146 19.11 12.94 26.59
CA LEU L 146 19.65 12.63 27.91
C LEU L 146 19.46 11.14 28.10
N LYS L 147 18.39 10.61 27.54
CA LYS L 147 18.10 9.19 27.67
C LYS L 147 19.20 8.35 27.03
N VAL L 148 19.65 8.75 25.85
CA VAL L 148 20.69 8.08 25.09
C VAL L 148 22.03 8.22 25.80
N ASP L 149 22.51 9.46 25.87
CA ASP L 149 23.76 9.82 26.52
C ASP L 149 23.97 9.00 27.78
N LYS L 150 22.92 8.95 28.59
CA LYS L 150 22.94 8.24 29.85
C LYS L 150 23.01 6.72 29.67
N ALA L 151 22.28 6.19 28.69
CA ALA L 151 22.31 4.75 28.43
C ALA L 151 23.69 4.25 28.05
N VAL L 152 24.44 5.00 27.23
CA VAL L 152 25.75 4.53 26.84
C VAL L 152 26.71 4.62 28.02
N ALA L 153 26.59 5.68 28.81
CA ALA L 153 27.47 5.84 29.96
C ALA L 153 27.30 4.66 30.93
N PHE L 154 26.06 4.31 31.22
CA PHE L 154 25.75 3.23 32.15
C PHE L 154 26.04 1.84 31.62
N GLN L 155 26.81 1.76 30.56
CA GLN L 155 27.17 0.45 30.03
C GLN L 155 28.32 -0.07 30.89
N SER L 156 29.02 0.87 31.52
CA SER L 156 30.14 0.57 32.41
C SER L 156 29.56 0.47 33.82
N PRO L 157 29.51 -0.73 34.41
CA PRO L 157 28.95 -0.83 35.76
C PRO L 157 29.68 0.18 36.62
N GLN L 158 30.95 0.36 36.30
CA GLN L 158 31.82 1.31 36.99
C GLN L 158 31.00 2.60 37.34
N VAL L 159 30.36 3.21 36.34
CA VAL L 159 29.58 4.46 36.52
C VAL L 159 28.32 4.36 37.39
N GLY L 160 27.64 3.22 37.35
CA GLY L 160 26.45 3.07 38.16
C GLY L 160 26.69 3.10 39.67
N VAL L 161 27.68 2.36 40.16
CA VAL L 161 27.94 2.33 41.60
C VAL L 161 28.48 3.66 42.11
N LEU L 162 29.25 4.36 41.28
CA LEU L 162 29.77 5.66 41.71
C LEU L 162 28.63 6.65 41.93
N GLU L 163 27.59 6.55 41.10
CA GLU L 163 26.43 7.42 41.26
C GLU L 163 25.82 7.11 42.62
N ASN L 164 25.51 5.83 42.85
CA ASN L 164 24.92 5.41 44.11
C ASN L 164 25.84 5.61 45.31
N LEU L 165 27.15 5.71 45.05
CA LEU L 165 28.11 5.94 46.14
C LEU L 165 27.87 7.35 46.64
N HIS L 166 28.04 8.34 45.77
CA HIS L 166 27.81 9.73 46.16
C HIS L 166 26.42 9.95 46.77
N ALA L 167 25.50 9.03 46.46
CA ALA L 167 24.13 9.13 46.97
C ALA L 167 24.06 8.52 48.38
N ALA L 168 24.90 7.52 48.61
CA ALA L 168 24.94 6.86 49.91
C ALA L 168 25.91 7.57 50.84
N ALA L 169 26.86 8.32 50.28
CA ALA L 169 27.86 9.03 51.07
C ALA L 169 27.44 10.45 51.42
N TYR L 170 26.34 10.91 50.86
CA TYR L 170 25.91 12.27 51.16
C TYR L 170 24.41 12.43 51.24
N LYS L 171 24.00 13.55 51.84
CA LYS L 171 22.60 13.89 52.01
C LYS L 171 22.25 15.03 51.05
N THR L 172 23.27 15.67 50.49
CA THR L 172 23.06 16.79 49.56
C THR L 172 24.23 17.08 48.61
N ALA L 173 24.12 18.22 47.91
CA ALA L 173 25.12 18.70 46.95
C ALA L 173 25.86 17.62 46.17
N LEU L 174 26.83 17.00 46.81
CA LEU L 174 27.60 15.95 46.16
C LEU L 174 26.76 14.70 45.97
N ALA L 175 25.65 14.62 46.69
CA ALA L 175 24.78 13.45 46.60
C ALA L 175 24.05 13.44 45.26
N ASN L 176 24.03 14.60 44.61
CA ASN L 176 23.35 14.73 43.33
C ASN L 176 24.03 13.98 42.21
N PRO L 177 23.25 13.20 41.44
CA PRO L 177 23.74 12.40 40.32
C PRO L 177 24.42 13.28 39.28
N LEU L 178 25.30 12.69 38.48
CA LEU L 178 26.02 13.41 37.44
C LEU L 178 25.28 13.30 36.11
N TYR L 179 24.32 12.38 36.07
CA TYR L 179 23.49 12.15 34.89
C TYR L 179 22.03 12.32 35.25
N CYS L 180 21.38 13.25 34.55
CA CYS L 180 19.98 13.55 34.75
C CYS L 180 19.15 12.33 35.10
N PRO L 181 18.42 12.41 36.24
CA PRO L 181 17.59 11.27 36.64
C PRO L 181 16.48 11.06 35.63
N ASP L 182 16.05 9.82 35.53
CA ASP L 182 15.01 9.45 34.59
C ASP L 182 13.73 10.28 34.67
N TYR L 183 13.08 10.29 35.82
CA TYR L 183 11.83 11.04 35.96
C TYR L 183 11.91 12.49 35.48
N ARG L 184 13.12 13.05 35.38
CA ARG L 184 13.24 14.42 34.95
C ARG L 184 13.49 14.67 33.46
N ILE L 185 13.75 13.60 32.71
CA ILE L 185 14.00 13.75 31.29
C ILE L 185 12.76 14.36 30.66
N GLY L 186 12.97 15.39 29.85
CA GLY L 186 11.87 16.03 29.18
C GLY L 186 11.17 17.08 30.03
N LYS L 187 11.58 17.23 31.29
CA LYS L 187 10.94 18.21 32.17
C LYS L 187 11.80 19.42 32.51
N ILE L 188 13.03 19.43 32.03
CA ILE L 188 13.91 20.56 32.27
C ILE L 188 13.38 21.69 31.38
N THR L 189 13.55 22.94 31.81
CA THR L 189 13.04 24.05 31.02
C THR L 189 14.07 25.09 30.67
N SER L 190 13.77 25.88 29.64
CA SER L 190 14.70 26.92 29.21
C SER L 190 14.92 27.85 30.37
N GLU L 191 13.89 28.02 31.20
CA GLU L 191 14.04 28.93 32.32
C GLU L 191 15.14 28.40 33.24
N GLN L 192 15.02 27.12 33.60
CA GLN L 192 16.00 26.46 34.46
C GLN L 192 17.41 26.53 33.87
N LEU L 193 17.54 26.30 32.58
CA LEU L 193 18.84 26.37 31.98
C LEU L 193 19.37 27.78 32.15
N HIS L 194 18.54 28.76 31.81
CA HIS L 194 18.95 30.16 31.92
C HIS L 194 19.33 30.54 33.33
N HIS L 195 18.45 30.24 34.28
CA HIS L 195 18.74 30.57 35.66
C HIS L 195 20.02 29.89 36.12
N PHE L 196 20.19 28.62 35.77
CA PHE L 196 21.40 27.91 36.18
C PHE L 196 22.64 28.63 35.67
N VAL L 197 22.62 29.03 34.40
CA VAL L 197 23.77 29.74 33.85
C VAL L 197 23.96 31.13 34.45
N GLN L 198 22.87 31.90 34.56
CA GLN L 198 22.98 33.25 35.12
C GLN L 198 23.50 33.22 36.56
N ASN L 199 23.10 32.22 37.33
CA ASN L 199 23.50 32.09 38.73
C ASN L 199 24.83 31.36 39.03
N ASN L 200 25.52 30.87 37.99
CA ASN L 200 26.77 30.14 38.22
C ASN L 200 27.92 30.55 37.30
N PHE L 201 27.62 30.78 36.03
CA PHE L 201 28.63 31.19 35.07
C PHE L 201 28.93 32.68 35.27
N THR L 202 29.50 33.01 36.42
CA THR L 202 29.83 34.39 36.74
C THR L 202 31.36 34.60 36.76
N SER L 203 31.80 35.76 36.28
CA SER L 203 33.24 36.05 36.18
C SER L 203 34.14 35.61 37.33
N ALA L 204 33.62 35.59 38.54
CA ALA L 204 34.43 35.20 39.67
C ALA L 204 34.41 33.69 39.89
N ARG L 205 33.75 32.95 39.00
CA ARG L 205 33.67 31.51 39.13
C ARG L 205 34.24 30.85 37.90
N MET L 206 34.70 31.69 36.96
CA MET L 206 35.26 31.23 35.70
C MET L 206 36.71 31.61 35.45
N ALA L 207 37.39 30.74 34.72
CA ALA L 207 38.79 30.94 34.34
C ALA L 207 38.93 30.67 32.86
N LEU L 208 39.65 31.54 32.17
CA LEU L 208 39.86 31.37 30.73
C LEU L 208 41.30 30.90 30.49
N VAL L 209 41.53 29.60 30.64
CA VAL L 209 42.85 28.99 30.43
C VAL L 209 43.18 28.96 28.93
N GLY L 210 44.36 28.49 28.56
CA GLY L 210 44.68 28.45 27.14
C GLY L 210 46.10 28.13 26.71
N ILE L 211 46.38 26.86 26.48
CA ILE L 211 47.69 26.41 26.03
C ILE L 211 47.87 26.76 24.56
N GLY L 212 49.10 26.93 24.12
CA GLY L 212 49.34 27.24 22.72
C GLY L 212 49.00 28.64 22.26
N VAL L 213 48.99 29.60 23.19
CA VAL L 213 48.67 30.99 22.82
C VAL L 213 49.41 32.02 23.67
N LYS L 214 49.56 33.21 23.10
CA LYS L 214 50.25 34.31 23.77
C LYS L 214 49.28 34.90 24.79
N HIS L 215 49.78 35.16 26.00
CA HIS L 215 48.93 35.67 27.05
C HIS L 215 48.23 37.00 26.81
N SER L 216 48.87 37.94 26.12
CA SER L 216 48.23 39.22 25.86
C SER L 216 46.97 38.98 25.05
N ASP L 217 47.08 38.10 24.06
CA ASP L 217 45.96 37.77 23.17
C ASP L 217 44.79 37.12 23.91
N LEU L 218 45.07 36.05 24.64
CA LEU L 218 44.02 35.37 25.37
C LEU L 218 43.37 36.33 26.37
N LYS L 219 44.12 37.33 26.80
CA LYS L 219 43.61 38.31 27.75
C LYS L 219 42.70 39.35 27.09
N GLN L 220 43.12 39.89 25.95
CA GLN L 220 42.33 40.89 25.24
C GLN L 220 40.96 40.29 24.89
N VAL L 221 40.93 38.97 24.74
CA VAL L 221 39.69 38.25 24.43
C VAL L 221 38.80 38.27 25.66
N ALA L 222 39.26 37.63 26.73
CA ALA L 222 38.53 37.53 27.98
C ALA L 222 37.81 38.81 28.41
N GLU L 223 38.52 39.92 28.36
CA GLU L 223 37.97 41.21 28.76
C GLU L 223 36.94 41.78 27.79
N GLN L 224 37.46 42.46 26.77
CA GLN L 224 36.67 43.10 25.74
C GLN L 224 35.64 42.20 25.07
N PHE L 225 35.38 41.02 25.66
CA PHE L 225 34.42 40.08 25.10
C PHE L 225 33.47 39.40 26.09
N LEU L 226 33.98 38.86 27.19
CA LEU L 226 33.10 38.18 28.15
C LEU L 226 32.17 39.19 28.87
N ASN L 227 30.86 38.88 28.90
CA ASN L 227 29.87 39.77 29.52
C ASN L 227 29.05 39.28 30.72
N ILE L 228 28.48 38.06 30.68
CA ILE L 228 27.74 37.60 31.87
C ILE L 228 28.83 37.74 32.92
N ARG L 229 28.57 38.49 33.97
CA ARG L 229 29.61 38.70 34.97
C ARG L 229 29.24 38.84 36.42
N SER L 230 30.19 39.45 37.12
CA SER L 230 30.18 39.78 38.53
C SER L 230 29.54 38.81 39.51
N GLY L 231 30.14 38.74 40.70
CA GLY L 231 29.62 37.90 41.75
C GLY L 231 29.95 36.44 41.68
N ALA L 232 29.40 35.70 42.62
CA ALA L 232 29.61 34.26 42.70
C ALA L 232 28.26 33.57 42.71
N GLY L 233 27.20 34.32 42.50
CA GLY L 233 25.85 33.76 42.47
C GLY L 233 25.58 32.65 43.47
N THR L 234 24.62 31.78 43.13
CA THR L 234 24.25 30.64 43.97
C THR L 234 25.47 29.95 44.59
N SER L 235 25.37 29.65 45.88
CA SER L 235 26.45 28.96 46.56
C SER L 235 25.96 27.58 46.97
N SER L 236 26.76 26.57 46.68
CA SER L 236 26.39 25.21 47.02
C SER L 236 26.23 25.02 48.53
N ALA L 237 25.28 24.17 48.89
CA ALA L 237 25.06 23.87 50.30
C ALA L 237 26.27 23.07 50.75
N LYS L 238 26.56 23.07 52.04
CA LYS L 238 27.69 22.30 52.56
C LYS L 238 27.48 20.81 52.27
N ALA L 239 28.58 20.09 52.14
CA ALA L 239 28.50 18.67 51.86
C ALA L 239 28.30 17.87 53.15
N THR L 240 27.05 17.61 53.49
CA THR L 240 26.71 16.85 54.69
C THR L 240 26.99 15.39 54.42
N TYR L 241 27.67 14.72 55.33
CA TYR L 241 27.97 13.30 55.14
C TYR L 241 26.85 12.42 55.71
N TRP L 242 26.40 11.44 54.94
CA TRP L 242 25.32 10.58 55.42
C TRP L 242 25.81 9.23 55.94
N GLY L 243 26.56 8.50 55.11
CA GLY L 243 27.04 7.20 55.52
C GLY L 243 25.95 6.14 55.34
N GLY L 244 25.45 6.04 54.12
CA GLY L 244 24.40 5.08 53.83
C GLY L 244 24.93 3.90 53.04
N GLU L 245 24.05 2.96 52.76
CA GLU L 245 24.42 1.80 52.00
C GLU L 245 23.34 1.48 50.99
N ILE L 246 23.65 1.76 49.73
CA ILE L 246 22.73 1.52 48.63
C ILE L 246 23.17 0.25 47.91
N ARG L 247 22.28 -0.73 47.81
CA ARG L 247 22.62 -1.98 47.15
C ARG L 247 21.75 -2.22 45.91
N GLU L 248 22.36 -2.64 44.81
CA GLU L 248 21.60 -2.88 43.59
C GLU L 248 21.65 -4.31 43.06
N GLN L 249 20.57 -5.05 43.30
CA GLN L 249 20.45 -6.43 42.85
C GLN L 249 20.05 -6.40 41.38
N ASN L 250 20.93 -6.86 40.49
CA ASN L 250 20.61 -6.84 39.07
C ASN L 250 21.06 -8.06 38.26
N GLY L 251 21.45 -9.14 38.93
CA GLY L 251 21.85 -10.33 38.21
C GLY L 251 23.29 -10.50 37.72
N HIS L 252 23.93 -9.42 37.26
CA HIS L 252 25.32 -9.48 36.77
C HIS L 252 26.22 -10.50 37.47
N SER L 253 26.95 -11.28 36.69
CA SER L 253 27.84 -12.30 37.26
C SER L 253 28.94 -11.65 38.10
N LEU L 254 29.28 -10.41 37.75
CA LEU L 254 30.30 -9.69 38.49
C LEU L 254 29.66 -8.67 39.40
N VAL L 255 30.18 -8.60 40.62
CA VAL L 255 29.70 -7.67 41.64
C VAL L 255 30.72 -6.56 41.83
N HIS L 256 30.27 -5.32 41.65
CA HIS L 256 31.14 -4.16 41.85
C HIS L 256 30.75 -3.61 43.21
N ALA L 257 31.74 -3.38 44.07
CA ALA L 257 31.50 -2.86 45.40
C ALA L 257 32.51 -1.77 45.74
N ALA L 258 32.04 -0.78 46.48
CA ALA L 258 32.91 0.32 46.87
C ALA L 258 32.55 0.75 48.28
N VAL L 259 33.53 0.67 49.18
CA VAL L 259 33.35 1.05 50.57
C VAL L 259 34.28 2.22 50.84
N VAL L 260 33.70 3.37 51.20
CA VAL L 260 34.50 4.55 51.48
C VAL L 260 34.11 5.24 52.76
N THR L 261 34.86 6.30 53.07
CA THR L 261 34.67 7.09 54.26
C THR L 261 34.99 8.52 53.88
N GLU L 262 34.59 9.46 54.72
CA GLU L 262 34.90 10.85 54.45
C GLU L 262 36.43 10.91 54.35
N GLY L 263 36.92 11.47 53.25
CA GLY L 263 38.35 11.57 53.04
C GLY L 263 38.81 12.99 53.29
N ALA L 264 39.64 13.51 52.38
CA ALA L 264 40.17 14.87 52.52
C ALA L 264 39.74 15.77 51.38
N ALA L 265 39.65 17.06 51.66
CA ALA L 265 39.24 18.03 50.66
C ALA L 265 40.41 18.38 49.77
N VAL L 266 40.15 19.22 48.78
CA VAL L 266 41.18 19.66 47.86
C VAL L 266 41.93 20.79 48.58
N GLY L 267 43.15 21.09 48.15
CA GLY L 267 43.92 22.15 48.78
C GLY L 267 44.26 21.84 50.24
N SER L 268 43.86 20.65 50.70
CA SER L 268 44.09 20.20 52.07
C SER L 268 45.48 19.55 52.24
N ALA L 269 46.08 19.75 53.41
CA ALA L 269 47.39 19.19 53.70
C ALA L 269 47.24 17.66 53.77
N GLU L 270 46.15 17.24 54.42
CA GLU L 270 45.81 15.84 54.59
C GLU L 270 45.59 15.12 53.25
N ALA L 271 45.48 15.89 52.17
CA ALA L 271 45.27 15.32 50.83
C ALA L 271 46.38 14.35 50.48
N ASN L 272 47.56 14.92 50.25
CA ASN L 272 48.77 14.18 49.90
C ASN L 272 48.95 12.90 50.70
N ALA L 273 48.54 12.94 51.96
CA ALA L 273 48.65 11.76 52.80
C ALA L 273 47.87 10.59 52.20
N PHE L 274 46.59 10.85 51.89
CA PHE L 274 45.72 9.85 51.29
C PHE L 274 46.20 9.39 49.92
N SER L 275 46.52 10.36 49.07
CA SER L 275 47.00 10.06 47.72
C SER L 275 48.09 9.02 47.83
N VAL L 276 49.01 9.23 48.77
CA VAL L 276 50.11 8.30 48.99
C VAL L 276 49.60 6.97 49.55
N LEU L 277 48.65 7.01 50.48
CA LEU L 277 48.10 5.78 51.02
C LEU L 277 47.41 5.04 49.88
N GLN L 278 47.00 5.81 48.88
CA GLN L 278 46.33 5.25 47.71
C GLN L 278 47.30 4.31 47.00
N HIS L 279 48.41 4.87 46.52
CA HIS L 279 49.42 4.08 45.82
C HIS L 279 49.96 2.92 46.66
N VAL L 280 50.13 3.14 47.96
CA VAL L 280 50.61 2.09 48.84
C VAL L 280 49.67 0.89 48.78
N LEU L 281 48.37 1.16 48.86
CA LEU L 281 47.36 0.12 48.81
C LEU L 281 47.20 -0.38 47.38
N GLY L 282 47.56 0.48 46.44
CA GLY L 282 47.47 0.13 45.04
C GLY L 282 46.36 0.85 44.30
N ALA L 283 46.73 1.58 43.24
CA ALA L 283 45.74 2.30 42.46
C ALA L 283 45.96 2.11 40.97
N GLY L 284 45.56 0.95 40.45
CA GLY L 284 45.72 0.68 39.03
C GLY L 284 47.02 0.01 38.62
N PRO L 285 46.98 -0.97 37.71
CA PRO L 285 48.16 -1.71 37.24
C PRO L 285 49.11 -0.87 36.37
N LEU L 286 50.40 -1.20 36.43
CA LEU L 286 51.41 -0.47 35.65
C LEU L 286 52.02 -1.39 34.59
N ILE L 287 51.76 -2.69 34.71
CA ILE L 287 52.28 -3.69 33.77
C ILE L 287 51.11 -4.47 33.14
N LYS L 288 51.00 -4.39 31.83
CA LYS L 288 49.93 -5.05 31.08
C LYS L 288 49.73 -6.52 31.45
N ARG L 289 48.49 -6.89 31.80
CA ARG L 289 48.18 -8.26 32.18
C ARG L 289 49.03 -8.74 33.33
N GLY L 290 49.86 -7.85 33.86
CA GLY L 290 50.74 -8.21 34.95
C GLY L 290 50.08 -8.13 36.31
N SER L 291 50.61 -8.86 37.28
CA SER L 291 50.08 -8.83 38.64
C SER L 291 50.67 -7.58 39.30
N SER L 292 50.02 -7.10 40.34
CA SER L 292 50.50 -5.91 41.02
C SER L 292 51.02 -6.33 42.39
N VAL L 293 52.34 -6.49 42.49
CA VAL L 293 52.97 -6.88 43.74
C VAL L 293 53.06 -5.66 44.66
N THR L 294 53.44 -4.52 44.08
CA THR L 294 53.56 -3.25 44.80
C THR L 294 52.20 -2.83 45.38
N SER L 295 51.16 -3.55 44.98
CA SER L 295 49.81 -3.27 45.45
C SER L 295 49.47 -4.18 46.63
N LYS L 296 49.46 -3.60 47.83
CA LYS L 296 49.15 -4.35 49.03
C LYS L 296 47.72 -4.89 48.96
N LEU L 297 46.81 -4.00 48.60
CA LEU L 297 45.40 -4.35 48.49
C LEU L 297 45.20 -5.45 47.46
N TYR L 298 45.75 -5.26 46.27
CA TYR L 298 45.62 -6.27 45.22
C TYR L 298 46.15 -7.60 45.74
N GLN L 299 47.42 -7.59 46.15
CA GLN L 299 48.08 -8.77 46.68
C GLN L 299 47.30 -9.40 47.82
N GLY L 300 46.73 -8.57 48.68
CA GLY L 300 45.96 -9.11 49.77
C GLY L 300 44.79 -9.93 49.27
N VAL L 301 43.96 -9.31 48.43
CA VAL L 301 42.78 -9.98 47.89
C VAL L 301 43.19 -11.21 47.11
N ALA L 302 44.29 -11.09 46.37
CA ALA L 302 44.80 -12.18 45.56
C ALA L 302 44.94 -13.44 46.41
N LYS L 303 45.54 -13.30 47.59
CA LYS L 303 45.73 -14.43 48.48
C LYS L 303 44.40 -14.95 49.01
N ALA L 304 43.37 -14.11 48.97
CA ALA L 304 42.05 -14.48 49.49
C ALA L 304 41.17 -15.29 48.51
N THR L 305 40.97 -14.74 47.32
CA THR L 305 40.16 -15.41 46.30
C THR L 305 41.06 -16.19 45.35
N THR L 306 40.44 -16.99 44.48
CA THR L 306 41.19 -17.79 43.51
C THR L 306 40.79 -17.43 42.08
N GLN L 307 39.57 -16.93 41.94
CA GLN L 307 39.05 -16.55 40.63
C GLN L 307 39.43 -15.13 40.29
N PRO L 308 39.21 -14.73 39.02
CA PRO L 308 39.52 -13.38 38.54
C PRO L 308 38.76 -12.32 39.32
N PHE L 309 39.38 -11.16 39.47
CA PHE L 309 38.80 -10.05 40.23
C PHE L 309 39.68 -8.84 39.98
N ASP L 310 39.37 -7.78 40.72
CA ASP L 310 40.15 -6.56 40.67
C ASP L 310 39.82 -5.75 41.91
N ALA L 311 40.82 -5.02 42.41
CA ALA L 311 40.64 -4.21 43.62
C ALA L 311 41.57 -3.03 43.53
N SER L 312 41.08 -1.84 43.91
CA SER L 312 41.91 -0.64 43.88
C SER L 312 41.58 0.32 44.98
N ALA L 313 42.46 1.30 45.16
CA ALA L 313 42.28 2.32 46.16
C ALA L 313 41.49 3.44 45.50
N PHE L 314 40.33 3.72 46.06
CA PHE L 314 39.46 4.77 45.55
C PHE L 314 39.73 6.06 46.32
N ASN L 315 39.92 7.17 45.62
CA ASN L 315 40.18 8.44 46.29
C ASN L 315 39.73 9.66 45.50
N VAL L 316 38.77 10.38 46.07
CA VAL L 316 38.24 11.60 45.46
C VAL L 316 38.36 12.80 46.38
N ASN L 317 38.86 13.90 45.84
CA ASN L 317 39.01 15.13 46.60
C ASN L 317 38.12 16.23 46.04
N TYR L 318 37.17 16.70 46.86
CA TYR L 318 36.24 17.75 46.46
C TYR L 318 36.52 19.07 47.17
N SER L 319 35.79 20.11 46.78
CA SER L 319 35.98 21.43 47.36
C SER L 319 35.92 21.41 48.87
N ASP L 320 34.81 20.93 49.41
CA ASP L 320 34.62 20.88 50.85
C ASP L 320 34.44 19.47 51.38
N SER L 321 35.14 18.51 50.78
CA SER L 321 35.05 17.13 51.23
C SER L 321 35.73 16.19 50.25
N GLY L 322 35.63 14.90 50.52
CA GLY L 322 36.24 13.92 49.64
C GLY L 322 35.84 12.54 50.13
N LEU L 323 36.19 11.52 49.36
CA LEU L 323 35.88 10.15 49.75
C LEU L 323 37.12 9.29 49.56
N PHE L 324 37.31 8.33 50.46
CA PHE L 324 38.45 7.42 50.37
C PHE L 324 38.03 6.01 50.78
N GLY L 325 38.54 5.04 50.02
CA GLY L 325 38.23 3.64 50.29
C GLY L 325 38.77 2.80 49.16
N PHE L 326 38.14 1.66 48.95
CA PHE L 326 38.56 0.76 47.91
C PHE L 326 37.36 0.37 47.03
N TYR L 327 37.65 -0.13 45.84
CA TYR L 327 36.61 -0.52 44.88
C TYR L 327 36.96 -1.94 44.43
N THR L 328 35.97 -2.84 44.39
CA THR L 328 36.27 -4.21 44.03
C THR L 328 35.33 -4.97 43.11
N ILE L 329 35.85 -5.41 41.97
CA ILE L 329 35.09 -6.18 41.00
C ILE L 329 35.38 -7.66 41.26
N SER L 330 34.34 -8.48 41.35
CA SER L 330 34.58 -9.90 41.62
C SER L 330 33.39 -10.79 41.32
N GLN L 331 33.65 -12.08 41.10
CA GLN L 331 32.55 -12.98 40.82
C GLN L 331 31.61 -12.97 42.03
N ALA L 332 30.32 -13.03 41.76
CA ALA L 332 29.32 -13.01 42.81
C ALA L 332 29.68 -13.82 44.05
N ALA L 333 29.81 -15.13 43.89
CA ALA L 333 30.10 -15.99 45.03
C ALA L 333 31.38 -15.67 45.81
N HIS L 334 32.24 -14.83 45.24
CA HIS L 334 33.48 -14.50 45.95
C HIS L 334 33.57 -13.05 46.42
N ALA L 335 32.49 -12.31 46.27
CA ALA L 335 32.49 -10.92 46.70
C ALA L 335 32.74 -10.85 48.19
N GLY L 336 32.20 -11.83 48.92
CA GLY L 336 32.39 -11.87 50.36
C GLY L 336 33.88 -11.90 50.70
N GLU L 337 34.54 -12.98 50.31
CA GLU L 337 35.96 -13.10 50.59
C GLU L 337 36.77 -11.94 50.03
N VAL L 338 36.44 -11.49 48.83
CA VAL L 338 37.17 -10.39 48.22
C VAL L 338 37.05 -9.04 48.93
N ILE L 339 35.85 -8.70 49.39
CA ILE L 339 35.70 -7.42 50.08
C ILE L 339 36.33 -7.46 51.47
N ARG L 340 36.15 -8.58 52.17
CA ARG L 340 36.73 -8.76 53.50
C ARG L 340 38.22 -8.52 53.38
N ALA L 341 38.84 -9.26 52.47
CA ALA L 341 40.27 -9.17 52.21
C ALA L 341 40.68 -7.71 52.01
N ALA L 342 39.91 -7.00 51.21
CA ALA L 342 40.22 -5.60 50.93
C ALA L 342 40.21 -4.80 52.25
N MET L 343 39.32 -5.20 53.16
CA MET L 343 39.20 -4.55 54.46
C MET L 343 40.41 -4.86 55.34
N ASN L 344 40.61 -6.15 55.62
CA ASN L 344 41.72 -6.60 56.46
C ASN L 344 42.99 -5.92 56.02
N GLN L 345 43.14 -5.72 54.72
CA GLN L 345 44.32 -5.06 54.20
C GLN L 345 44.39 -3.57 54.51
N LEU L 346 43.26 -3.00 54.91
CA LEU L 346 43.21 -1.59 55.25
C LEU L 346 43.47 -1.44 56.74
N LYS L 347 42.93 -2.38 57.51
CA LYS L 347 43.12 -2.39 58.95
C LYS L 347 44.58 -2.69 59.22
N ALA L 348 45.10 -3.72 58.55
CA ALA L 348 46.49 -4.11 58.68
C ALA L 348 47.42 -2.94 58.39
N ALA L 349 46.94 -1.98 57.60
CA ALA L 349 47.73 -0.81 57.25
C ALA L 349 47.58 0.31 58.27
N ALA L 350 46.43 0.34 58.93
CA ALA L 350 46.17 1.36 59.93
C ALA L 350 46.88 1.00 61.23
N GLN L 351 47.30 -0.26 61.32
CA GLN L 351 47.99 -0.75 62.51
C GLN L 351 49.50 -0.78 62.26
N GLY L 352 50.00 0.22 61.52
CA GLY L 352 51.42 0.29 61.23
C GLY L 352 51.96 -0.71 60.22
N GLY L 353 51.07 -1.31 59.43
CA GLY L 353 51.51 -2.28 58.44
C GLY L 353 52.04 -1.63 57.18
N VAL L 354 52.80 -0.54 57.36
CA VAL L 354 53.35 0.22 56.25
C VAL L 354 54.86 0.44 56.40
N THR L 355 55.65 -0.23 55.55
CA THR L 355 57.10 -0.09 55.55
C THR L 355 57.49 1.34 55.17
N GLU L 356 58.68 1.77 55.57
CA GLU L 356 59.13 3.10 55.23
C GLU L 356 59.47 3.11 53.74
N GLU L 357 59.61 1.90 53.19
CA GLU L 357 59.94 1.74 51.78
C GLU L 357 58.67 1.88 50.95
N ASP L 358 57.60 1.23 51.39
CA ASP L 358 56.33 1.30 50.70
C ASP L 358 56.02 2.77 50.45
N VAL L 359 56.22 3.57 51.49
CA VAL L 359 55.98 4.99 51.40
C VAL L 359 56.89 5.63 50.37
N THR L 360 58.08 5.06 50.19
CA THR L 360 59.02 5.61 49.22
C THR L 360 58.60 5.24 47.80
N LYS L 361 58.25 3.97 47.59
CA LYS L 361 57.81 3.51 46.28
C LYS L 361 56.62 4.34 45.81
N ALA L 362 55.60 4.39 46.67
CA ALA L 362 54.38 5.15 46.39
C ALA L 362 54.71 6.56 45.92
N LYS L 363 55.40 7.32 46.77
CA LYS L 363 55.79 8.68 46.43
C LYS L 363 56.37 8.84 45.02
N ASN L 364 57.01 7.79 44.51
CA ASN L 364 57.58 7.85 43.18
C ASN L 364 56.50 7.59 42.17
N GLN L 365 55.70 6.55 42.40
CA GLN L 365 54.60 6.20 41.50
C GLN L 365 53.68 7.41 41.38
N LEU L 366 53.47 8.10 42.49
CA LEU L 366 52.62 9.27 42.51
C LEU L 366 53.21 10.43 41.71
N LYS L 367 54.50 10.69 41.89
CA LYS L 367 55.17 11.76 41.17
C LYS L 367 55.21 11.46 39.67
N ALA L 368 55.50 10.21 39.34
CA ALA L 368 55.57 9.77 37.95
C ALA L 368 54.18 9.92 37.35
N THR L 369 53.21 9.24 37.97
CA THR L 369 51.82 9.29 37.54
C THR L 369 51.43 10.75 37.29
N TYR L 370 51.71 11.62 38.25
CA TYR L 370 51.40 13.04 38.09
C TYR L 370 52.09 13.60 36.84
N LEU L 371 53.40 13.44 36.77
CA LEU L 371 54.19 13.94 35.66
C LEU L 371 53.79 13.44 34.28
N MET L 372 53.38 12.17 34.21
CA MET L 372 52.97 11.58 32.93
C MET L 372 51.60 12.14 32.56
N SER L 373 50.77 12.33 33.58
CA SER L 373 49.42 12.85 33.42
C SER L 373 49.43 14.33 33.10
N VAL L 374 50.30 14.75 32.18
CA VAL L 374 50.40 16.15 31.80
C VAL L 374 51.06 16.25 30.43
N GLU L 375 51.41 15.10 29.86
CA GLU L 375 52.03 15.09 28.53
C GLU L 375 50.94 15.41 27.49
N THR L 376 49.70 15.05 27.86
CA THR L 376 48.50 15.26 27.04
C THR L 376 48.11 16.73 27.04
N ALA L 377 47.85 17.29 25.87
CA ALA L 377 47.45 18.70 25.78
C ALA L 377 46.27 18.86 26.74
N GLN L 378 45.35 17.91 26.64
CA GLN L 378 44.18 17.89 27.48
C GLN L 378 44.56 17.85 28.95
N GLY L 379 45.42 16.90 29.30
CA GLY L 379 45.85 16.76 30.69
C GLY L 379 46.53 17.99 31.27
N LEU L 380 47.33 18.66 30.44
CA LEU L 380 48.05 19.86 30.85
C LEU L 380 47.10 21.03 31.09
N LEU L 381 46.22 21.29 30.12
CA LEU L 381 45.25 22.38 30.23
C LEU L 381 44.40 22.15 31.46
N ASN L 382 44.02 20.90 31.69
CA ASN L 382 43.21 20.58 32.84
C ASN L 382 43.98 20.96 34.09
N GLU L 383 45.21 20.49 34.19
CA GLU L 383 46.06 20.80 35.34
C GLU L 383 46.12 22.32 35.58
N ILE L 384 46.62 23.06 34.59
CA ILE L 384 46.74 24.51 34.66
C ILE L 384 45.46 25.18 35.13
N GLY L 385 44.38 24.97 34.40
CA GLY L 385 43.11 25.57 34.74
C GLY L 385 42.51 25.18 36.08
N SER L 386 42.74 23.94 36.52
CA SER L 386 42.19 23.51 37.79
C SER L 386 42.66 24.40 38.92
N GLU L 387 43.93 24.79 38.86
CA GLU L 387 44.53 25.67 39.86
C GLU L 387 44.01 27.08 39.70
N ALA L 388 44.25 27.66 38.53
CA ALA L 388 43.82 29.03 38.25
C ALA L 388 42.33 29.29 38.58
N LEU L 389 41.59 28.25 38.94
CA LEU L 389 40.18 28.41 39.28
C LEU L 389 39.96 28.28 40.79
N LEU L 390 40.45 27.18 41.36
CA LEU L 390 40.33 26.95 42.80
C LEU L 390 41.58 27.44 43.50
N SER L 391 42.12 28.56 43.04
CA SER L 391 43.35 29.13 43.60
C SER L 391 43.70 30.49 43.01
N GLY L 392 44.21 30.49 41.79
CA GLY L 392 44.59 31.73 41.14
C GLY L 392 46.10 31.76 41.01
N THR L 393 46.71 30.62 41.29
CA THR L 393 48.16 30.46 41.23
C THR L 393 48.58 29.12 40.64
N HIS L 394 49.83 29.04 40.18
CA HIS L 394 50.35 27.82 39.62
C HIS L 394 51.47 27.19 40.45
N THR L 395 51.12 26.17 41.24
CA THR L 395 52.08 25.45 42.07
C THR L 395 53.11 24.81 41.14
N ALA L 396 54.36 25.25 41.25
CA ALA L 396 55.43 24.70 40.42
C ALA L 396 55.55 23.18 40.62
N PRO L 397 56.03 22.45 39.60
CA PRO L 397 56.17 21.00 39.72
C PRO L 397 57.09 20.57 40.87
N SER L 398 58.14 21.35 41.10
CA SER L 398 59.08 21.04 42.18
C SER L 398 58.40 21.17 43.55
N VAL L 399 57.50 22.15 43.64
CA VAL L 399 56.76 22.41 44.87
C VAL L 399 55.81 21.26 45.18
N VAL L 400 55.05 20.84 44.16
CA VAL L 400 54.11 19.75 44.34
C VAL L 400 54.88 18.47 44.70
N ALA L 401 56.12 18.40 44.21
CA ALA L 401 56.99 17.26 44.49
C ALA L 401 57.41 17.37 45.95
N GLN L 402 57.86 18.55 46.34
CA GLN L 402 58.28 18.81 47.70
C GLN L 402 57.17 18.48 48.69
N LYS L 403 55.93 18.77 48.29
CA LYS L 403 54.75 18.52 49.12
C LYS L 403 54.44 17.04 49.23
N ILE L 404 54.63 16.32 48.12
CA ILE L 404 54.33 14.90 48.11
C ILE L 404 55.26 14.05 48.99
N ASP L 405 56.57 14.08 48.74
CA ASP L 405 57.48 13.28 49.56
C ASP L 405 57.50 13.72 51.01
N SER L 406 57.18 14.99 51.26
CA SER L 406 57.16 15.50 52.63
C SER L 406 55.96 14.90 53.37
N VAL L 407 55.82 13.58 53.27
CA VAL L 407 54.72 12.88 53.93
C VAL L 407 55.28 11.70 54.71
N THR L 408 55.25 11.83 56.04
CA THR L 408 55.77 10.79 56.91
C THR L 408 55.05 9.45 56.76
N SER L 409 55.70 8.41 57.27
CA SER L 409 55.16 7.05 57.26
C SER L 409 54.00 7.02 58.24
N ALA L 410 53.99 7.98 59.15
CA ALA L 410 52.92 8.08 60.14
C ALA L 410 51.65 8.58 59.48
N ASP L 411 51.75 9.72 58.79
CA ASP L 411 50.62 10.33 58.08
C ASP L 411 49.81 9.25 57.38
N VAL L 412 50.53 8.37 56.67
CA VAL L 412 49.93 7.29 55.94
C VAL L 412 49.17 6.33 56.85
N VAL L 413 49.78 5.93 57.95
CA VAL L 413 49.13 5.00 58.86
C VAL L 413 47.96 5.68 59.55
N ASN L 414 47.99 7.01 59.61
CA ASN L 414 46.91 7.78 60.22
C ASN L 414 45.73 7.79 59.26
N ALA L 415 46.01 8.15 58.01
CA ALA L 415 45.00 8.16 56.97
C ALA L 415 44.27 6.84 57.10
N ALA L 416 45.03 5.75 57.07
CA ALA L 416 44.45 4.42 57.17
C ALA L 416 43.54 4.32 58.38
N LYS L 417 44.02 4.83 59.52
CA LYS L 417 43.24 4.80 60.76
C LYS L 417 41.89 5.47 60.53
N LYS L 418 41.94 6.72 60.06
CA LYS L 418 40.75 7.52 59.78
C LYS L 418 39.68 6.74 59.03
N PHE L 419 40.12 5.80 58.19
CA PHE L 419 39.19 4.99 57.43
C PHE L 419 38.59 3.88 58.30
N VAL L 420 39.44 3.10 58.95
CA VAL L 420 38.97 2.00 59.77
C VAL L 420 38.06 2.50 60.89
N SER L 421 38.22 3.78 61.23
CA SER L 421 37.44 4.39 62.29
C SER L 421 36.16 5.11 61.81
N GLY L 422 36.32 6.00 60.84
CA GLY L 422 35.19 6.77 60.30
C GLY L 422 33.96 5.99 59.89
N LYS L 423 32.84 6.72 59.74
CA LYS L 423 31.58 6.11 59.34
C LYS L 423 31.69 5.81 57.86
N LYS L 424 31.46 4.54 57.51
CA LYS L 424 31.55 4.10 56.13
C LYS L 424 30.22 4.09 55.39
N SER L 425 30.27 4.36 54.09
CA SER L 425 29.10 4.32 53.24
C SER L 425 29.51 3.36 52.13
N MET L 426 28.60 2.47 51.74
CA MET L 426 28.89 1.48 50.71
C MET L 426 27.90 1.43 49.56
N ALA L 427 28.42 1.22 48.35
CA ALA L 427 27.60 1.12 47.16
C ALA L 427 28.01 -0.16 46.43
N ALA L 428 27.06 -1.05 46.17
CA ALA L 428 27.34 -2.30 45.48
C ALA L 428 26.23 -2.65 44.46
N SER L 429 26.58 -3.39 43.40
CA SER L 429 25.61 -3.80 42.38
C SER L 429 26.02 -5.05 41.58
N GLY L 430 25.10 -6.00 41.48
CA GLY L 430 25.35 -7.23 40.74
C GLY L 430 24.50 -8.29 41.40
N ASP L 431 24.99 -9.52 41.47
CA ASP L 431 24.22 -10.58 42.14
C ASP L 431 24.75 -10.58 43.58
N LEU L 432 24.25 -9.62 44.35
CA LEU L 432 24.67 -9.43 45.74
C LEU L 432 24.30 -10.57 46.71
N GLY L 433 23.80 -11.67 46.17
CA GLY L 433 23.41 -12.80 47.01
C GLY L 433 24.43 -13.23 48.03
N SER L 434 25.71 -12.92 47.80
CA SER L 434 26.77 -13.30 48.71
C SER L 434 27.62 -12.11 49.10
N THR L 435 27.12 -10.91 48.83
CA THR L 435 27.85 -9.70 49.17
C THR L 435 27.51 -9.29 50.59
N PRO L 436 28.53 -8.92 51.38
CA PRO L 436 28.29 -8.51 52.76
C PRO L 436 27.68 -7.12 52.91
N PHE L 437 26.98 -6.91 54.02
CA PHE L 437 26.40 -5.61 54.32
C PHE L 437 27.42 -4.78 55.09
N LEU L 438 27.39 -3.47 54.89
CA LEU L 438 28.31 -2.57 55.55
C LEU L 438 28.52 -2.88 57.04
N ASP L 439 27.50 -3.42 57.72
CA ASP L 439 27.65 -3.72 59.14
C ASP L 439 28.25 -5.10 59.43
N GLU L 440 28.66 -5.80 58.37
CA GLU L 440 29.25 -7.13 58.51
C GLU L 440 30.74 -7.03 58.19
N LEU L 441 31.23 -5.80 58.05
CA LEU L 441 32.63 -5.57 57.74
C LEU L 441 33.38 -5.05 58.98
N ALA M 2 12.38 9.73 3.15
CA ALA M 2 13.18 8.50 2.85
C ALA M 2 14.41 8.84 1.99
N PRO M 3 15.54 8.13 2.22
CA PRO M 3 16.79 8.33 1.48
C PRO M 3 16.68 8.21 -0.06
N ASN M 4 16.49 6.99 -0.58
CA ASN M 4 16.37 6.82 -2.03
C ASN M 4 14.95 6.97 -2.56
N ILE M 5 14.85 7.68 -3.69
CA ILE M 5 13.58 7.98 -4.35
C ILE M 5 12.88 6.75 -4.94
N ARG M 6 13.50 5.59 -4.82
CA ARG M 6 12.91 4.36 -5.35
C ARG M 6 11.89 3.80 -4.37
N LYS M 7 11.93 4.29 -3.14
CA LYS M 7 11.02 3.84 -2.08
C LYS M 7 9.96 4.89 -1.73
N SER M 8 10.36 6.16 -1.70
CA SER M 8 9.45 7.25 -1.35
C SER M 8 8.35 7.53 -2.39
N HIS M 9 8.76 7.79 -3.63
CA HIS M 9 7.82 8.07 -4.73
C HIS M 9 6.63 7.12 -4.72
N PRO M 10 5.40 7.64 -4.87
CA PRO M 10 4.19 6.82 -4.87
C PRO M 10 4.05 5.83 -6.03
N LEU M 11 4.85 6.02 -7.09
CA LEU M 11 4.80 5.12 -8.25
C LEU M 11 6.01 4.18 -8.34
N LEU M 12 7.21 4.75 -8.33
CA LEU M 12 8.43 3.93 -8.39
C LEU M 12 8.36 2.90 -7.28
N LYS M 13 7.88 3.33 -6.12
CA LYS M 13 7.72 2.46 -4.96
C LYS M 13 7.00 1.18 -5.37
N MET M 14 6.01 1.31 -6.27
CA MET M 14 5.26 0.15 -6.75
C MET M 14 6.13 -0.68 -7.69
N ILE M 15 6.87 -0.02 -8.57
CA ILE M 15 7.76 -0.67 -9.52
C ILE M 15 8.89 -1.38 -8.78
N ASN M 16 9.26 -0.82 -7.64
CA ASN M 16 10.33 -1.38 -6.82
C ASN M 16 9.85 -2.59 -6.03
N ASN M 17 8.69 -2.49 -5.39
CA ASN M 17 8.17 -3.59 -4.59
C ASN M 17 7.58 -4.75 -5.40
N SER M 18 7.82 -4.75 -6.71
CA SER M 18 7.30 -5.82 -7.54
C SER M 18 8.23 -6.27 -8.67
N LEU M 19 9.32 -5.54 -8.87
CA LEU M 19 10.25 -5.88 -9.94
C LEU M 19 11.70 -5.59 -9.64
N ILE M 20 12.01 -5.18 -8.41
CA ILE M 20 13.39 -4.87 -8.10
C ILE M 20 13.79 -5.33 -6.72
N ASP M 21 13.18 -4.77 -5.68
CA ASP M 21 13.51 -5.15 -4.32
C ASP M 21 12.58 -6.23 -3.82
N LEU M 22 11.73 -6.74 -4.71
CA LEU M 22 10.77 -7.79 -4.36
C LEU M 22 11.49 -9.08 -3.99
N PRO M 23 11.22 -9.60 -2.78
CA PRO M 23 11.83 -10.85 -2.28
C PRO M 23 11.39 -12.09 -3.03
N ALA M 24 12.35 -12.76 -3.66
CA ALA M 24 12.08 -13.96 -4.41
C ALA M 24 12.87 -15.17 -3.88
N PRO M 25 12.27 -16.36 -3.95
CA PRO M 25 12.94 -17.56 -3.47
C PRO M 25 14.23 -17.73 -4.28
N SER M 26 15.31 -18.12 -3.63
CA SER M 26 16.59 -18.30 -4.31
C SER M 26 16.62 -19.53 -5.21
N ASN M 27 15.74 -20.48 -4.96
CA ASN M 27 15.72 -21.71 -5.72
C ASN M 27 14.62 -21.94 -6.74
N ILE M 28 13.94 -20.90 -7.20
CA ILE M 28 12.87 -21.15 -8.18
C ILE M 28 13.51 -21.51 -9.50
N SER M 29 12.90 -22.50 -10.18
CA SER M 29 13.42 -22.99 -11.46
C SER M 29 12.86 -22.28 -12.69
N ALA M 30 13.08 -22.90 -13.85
CA ALA M 30 12.62 -22.36 -15.11
C ALA M 30 11.11 -22.40 -15.23
N TRP M 31 10.43 -23.24 -14.46
CA TRP M 31 8.98 -23.28 -14.56
C TRP M 31 8.36 -21.99 -14.05
N TRP M 32 9.16 -21.17 -13.38
CA TRP M 32 8.70 -19.89 -12.85
C TRP M 32 8.95 -18.75 -13.84
N ASN M 33 9.44 -19.09 -15.02
CA ASN M 33 9.69 -18.09 -16.05
C ASN M 33 8.46 -17.80 -16.90
N PHE M 34 7.43 -18.62 -16.77
CA PHE M 34 6.26 -18.43 -17.61
C PHE M 34 5.32 -17.29 -17.26
N GLY M 35 5.36 -16.83 -16.02
CA GLY M 35 4.50 -15.72 -15.66
C GLY M 35 4.93 -14.48 -16.43
N SER M 36 6.21 -14.20 -16.41
CA SER M 36 6.73 -13.04 -17.11
C SER M 36 6.56 -13.19 -18.62
N LEU M 37 6.70 -14.40 -19.13
CA LEU M 37 6.53 -14.59 -20.57
C LEU M 37 5.10 -14.35 -20.92
N LEU M 38 4.20 -14.71 -20.01
CA LEU M 38 2.78 -14.52 -20.26
C LEU M 38 2.50 -13.02 -20.31
N ALA M 39 3.13 -12.28 -19.40
CA ALA M 39 2.97 -10.83 -19.35
C ALA M 39 3.50 -10.23 -20.65
N VAL M 40 4.71 -10.62 -21.05
CA VAL M 40 5.31 -10.10 -22.27
C VAL M 40 4.48 -10.52 -23.47
N CYS M 41 3.98 -11.75 -23.40
CA CYS M 41 3.17 -12.31 -24.45
C CYS M 41 1.94 -11.42 -24.64
N LEU M 42 1.36 -10.99 -23.51
CA LEU M 42 0.18 -10.14 -23.54
C LEU M 42 0.45 -8.77 -24.13
N MET M 43 1.57 -8.17 -23.74
CA MET M 43 1.91 -6.85 -24.25
C MET M 43 2.12 -6.91 -25.76
N THR M 44 2.67 -8.02 -26.22
CA THR M 44 2.92 -8.20 -27.64
C THR M 44 1.66 -8.45 -28.46
N GLN M 45 0.70 -9.17 -27.89
CA GLN M 45 -0.53 -9.43 -28.62
C GLN M 45 -1.30 -8.14 -28.76
N ILE M 46 -1.39 -7.38 -27.67
CA ILE M 46 -2.09 -6.11 -27.70
C ILE M 46 -1.44 -5.18 -28.71
N LEU M 47 -0.12 -5.18 -28.72
CA LEU M 47 0.60 -4.35 -29.66
C LEU M 47 0.32 -4.76 -31.12
N THR M 48 0.60 -6.00 -31.47
CA THR M 48 0.37 -6.46 -32.83
C THR M 48 -1.12 -6.42 -33.16
N GLY M 49 -1.95 -6.55 -32.14
CA GLY M 49 -3.38 -6.52 -32.38
C GLY M 49 -3.85 -5.15 -32.82
N LEU M 50 -3.38 -4.11 -32.13
CA LEU M 50 -3.72 -2.73 -32.48
C LEU M 50 -3.21 -2.43 -33.89
N LEU M 51 -1.96 -2.80 -34.18
CA LEU M 51 -1.41 -2.56 -35.48
C LEU M 51 -2.27 -3.19 -36.57
N LEU M 52 -2.87 -4.37 -36.30
CA LEU M 52 -3.72 -5.01 -37.30
C LEU M 52 -5.09 -4.36 -37.33
N ALA M 53 -5.59 -3.97 -36.17
CA ALA M 53 -6.90 -3.36 -36.08
C ALA M 53 -6.98 -2.08 -36.90
N MET M 54 -5.85 -1.44 -37.08
CA MET M 54 -5.86 -0.21 -37.84
C MET M 54 -6.06 -0.38 -39.32
N HIS M 55 -6.17 -1.63 -39.77
CA HIS M 55 -6.38 -1.93 -41.18
C HIS M 55 -7.52 -2.90 -41.41
N TYR M 56 -8.12 -3.35 -40.33
CA TYR M 56 -9.20 -4.31 -40.43
C TYR M 56 -10.54 -3.63 -40.58
N THR M 57 -11.48 -4.33 -41.20
CA THR M 57 -12.82 -3.80 -41.37
C THR M 57 -13.77 -4.91 -40.96
N ALA M 58 -14.55 -4.68 -39.92
CA ALA M 58 -15.48 -5.69 -39.45
C ALA M 58 -16.80 -5.62 -40.21
N ASP M 59 -16.83 -6.32 -41.34
CA ASP M 59 -18.02 -6.43 -42.15
C ASP M 59 -17.84 -7.71 -42.95
N THR M 60 -18.88 -8.54 -43.00
CA THR M 60 -18.76 -9.79 -43.71
C THR M 60 -18.26 -9.57 -45.13
N SER M 61 -18.67 -8.47 -45.74
CA SER M 61 -18.23 -8.20 -47.11
C SER M 61 -16.80 -7.66 -47.25
N LEU M 62 -16.13 -7.32 -46.15
CA LEU M 62 -14.77 -6.79 -46.25
C LEU M 62 -13.75 -7.41 -45.32
N ALA M 63 -14.21 -8.15 -44.31
CA ALA M 63 -13.30 -8.78 -43.35
C ALA M 63 -12.20 -9.58 -44.03
N PHE M 64 -12.59 -10.63 -44.75
CA PHE M 64 -11.63 -11.48 -45.41
C PHE M 64 -10.62 -10.68 -46.20
N SER M 65 -11.09 -9.83 -47.11
CA SER M 65 -10.15 -9.07 -47.91
C SER M 65 -9.38 -7.97 -47.16
N SER M 66 -9.93 -7.43 -46.08
CA SER M 66 -9.19 -6.41 -45.35
C SER M 66 -7.95 -7.08 -44.75
N VAL M 67 -8.09 -8.33 -44.31
CA VAL M 67 -6.98 -9.10 -43.76
C VAL M 67 -5.97 -9.38 -44.87
N ALA M 68 -6.49 -9.69 -46.06
CA ALA M 68 -5.63 -9.97 -47.20
C ALA M 68 -4.91 -8.70 -47.63
N HIS M 69 -5.64 -7.58 -47.63
CA HIS M 69 -5.09 -6.28 -47.99
C HIS M 69 -3.95 -5.96 -47.04
N THR M 70 -4.17 -6.24 -45.76
CA THR M 70 -3.17 -5.99 -44.71
C THR M 70 -1.87 -6.78 -44.99
N CYS M 71 -2.03 -8.05 -45.36
CA CYS M 71 -0.88 -8.91 -45.63
C CYS M 71 -0.19 -8.54 -46.93
N ARG M 72 -0.98 -8.20 -47.93
CA ARG M 72 -0.45 -7.85 -49.23
C ARG M 72 0.02 -6.41 -49.47
N ASN M 73 -0.58 -5.42 -48.80
CA ASN M 73 -0.18 -4.02 -49.05
C ASN M 73 0.46 -3.27 -47.91
N VAL M 74 0.02 -3.53 -46.70
CA VAL M 74 0.57 -2.83 -45.56
C VAL M 74 2.04 -3.21 -45.38
N GLN M 75 2.89 -2.23 -45.08
CA GLN M 75 4.31 -2.48 -44.88
C GLN M 75 4.42 -3.42 -43.70
N TYR M 76 5.00 -4.59 -43.94
CA TYR M 76 5.15 -5.60 -42.90
C TYR M 76 3.82 -6.07 -42.32
N GLY M 77 2.75 -5.88 -43.09
CA GLY M 77 1.46 -6.33 -42.64
C GLY M 77 1.53 -7.83 -42.45
N TRP M 78 2.14 -8.52 -43.41
CA TRP M 78 2.25 -9.98 -43.32
C TRP M 78 3.01 -10.42 -42.06
N LEU M 79 4.04 -9.67 -41.68
CA LEU M 79 4.82 -10.00 -40.50
C LEU M 79 3.97 -9.85 -39.24
N ILE M 80 3.27 -8.73 -39.15
CA ILE M 80 2.42 -8.43 -38.00
C ILE M 80 1.30 -9.47 -37.90
N ARG M 81 0.68 -9.77 -39.03
CA ARG M 81 -0.39 -10.76 -39.04
C ARG M 81 0.20 -12.08 -38.53
N ASN M 82 1.35 -12.48 -39.05
CA ASN M 82 1.99 -13.73 -38.64
C ASN M 82 2.22 -13.74 -37.14
N LEU M 83 2.96 -12.74 -36.65
CA LEU M 83 3.27 -12.61 -35.24
C LEU M 83 2.01 -12.65 -34.36
N HIS M 84 0.95 -11.95 -34.76
CA HIS M 84 -0.25 -11.93 -33.93
C HIS M 84 -0.86 -13.32 -33.87
N ALA M 85 -1.04 -13.91 -35.05
CA ALA M 85 -1.64 -15.24 -35.15
C ALA M 85 -0.85 -16.30 -34.41
N ASN M 86 0.45 -16.34 -34.67
CA ASN M 86 1.30 -17.31 -34.00
C ASN M 86 1.52 -16.94 -32.53
N GLY M 87 1.38 -15.66 -32.21
CA GLY M 87 1.55 -15.21 -30.83
C GLY M 87 0.46 -15.83 -29.96
N ALA M 88 -0.70 -16.05 -30.55
CA ALA M 88 -1.80 -16.66 -29.81
C ALA M 88 -1.39 -18.05 -29.31
N SER M 89 -0.65 -18.79 -30.14
CA SER M 89 -0.21 -20.13 -29.76
C SER M 89 0.87 -20.04 -28.69
N PHE M 90 1.85 -19.17 -28.89
CA PHE M 90 2.91 -18.98 -27.92
C PHE M 90 2.24 -18.67 -26.59
N PHE M 91 1.19 -17.86 -26.65
CA PHE M 91 0.49 -17.48 -25.44
C PHE M 91 -0.04 -18.74 -24.75
N PHE M 92 -0.76 -19.60 -25.48
CA PHE M 92 -1.31 -20.80 -24.88
C PHE M 92 -0.27 -21.82 -24.43
N ILE M 93 0.79 -21.99 -25.22
CA ILE M 93 1.84 -22.91 -24.81
C ILE M 93 2.26 -22.44 -23.43
N CYS M 94 2.66 -21.18 -23.33
CA CYS M 94 3.10 -20.62 -22.07
C CYS M 94 2.10 -20.77 -20.96
N ILE M 95 0.81 -20.63 -21.28
CA ILE M 95 -0.18 -20.71 -20.22
C ILE M 95 -0.40 -22.13 -19.72
N PHE M 96 -0.23 -23.10 -20.59
CA PHE M 96 -0.42 -24.47 -20.15
C PHE M 96 0.75 -24.89 -19.28
N LEU M 97 1.95 -24.41 -19.62
CA LEU M 97 3.12 -24.72 -18.82
C LEU M 97 3.01 -23.98 -17.48
N HIS M 98 2.42 -22.79 -17.50
CA HIS M 98 2.25 -22.00 -16.27
C HIS M 98 1.30 -22.79 -15.36
N ILE M 99 0.18 -23.24 -15.91
CA ILE M 99 -0.79 -24.02 -15.15
C ILE M 99 -0.22 -25.33 -14.63
N GLY M 100 0.50 -26.03 -15.51
CA GLY M 100 1.11 -27.30 -15.13
C GLY M 100 1.97 -27.11 -13.91
N ARG M 101 2.92 -26.17 -14.03
CA ARG M 101 3.84 -25.83 -12.95
C ARG M 101 3.11 -25.67 -11.63
N GLY M 102 1.98 -24.96 -11.66
CA GLY M 102 1.24 -24.73 -10.44
C GLY M 102 0.55 -25.93 -9.86
N LEU M 103 0.16 -26.85 -10.74
CA LEU M 103 -0.50 -28.07 -10.30
C LEU M 103 0.53 -29.00 -9.68
N TYR M 104 1.69 -29.07 -10.32
CA TYR M 104 2.78 -29.92 -9.86
C TYR M 104 3.44 -29.42 -8.59
N TYR M 105 3.39 -28.11 -8.33
CA TYR M 105 4.03 -27.57 -7.15
C TYR M 105 3.07 -27.00 -6.11
N GLY M 106 1.80 -27.35 -6.26
CA GLY M 106 0.79 -26.91 -5.32
C GLY M 106 0.70 -25.41 -5.15
N SER M 107 0.97 -24.67 -6.22
CA SER M 107 0.90 -23.21 -6.18
C SER M 107 -0.57 -22.82 -5.93
N TYR M 108 -1.48 -23.70 -6.34
CA TYR M 108 -2.90 -23.46 -6.15
C TYR M 108 -3.29 -23.32 -4.69
N LEU M 109 -2.36 -23.51 -3.78
CA LEU M 109 -2.75 -23.36 -2.38
C LEU M 109 -2.85 -21.87 -2.10
N TYR M 110 -2.40 -21.08 -3.08
CA TYR M 110 -2.51 -19.62 -3.01
C TYR M 110 -3.85 -19.38 -3.70
N LYS M 111 -4.94 -19.77 -3.03
CA LYS M 111 -6.26 -19.69 -3.61
C LYS M 111 -6.65 -18.51 -4.49
N GLU M 112 -6.47 -17.28 -4.02
CA GLU M 112 -6.87 -16.13 -4.81
C GLU M 112 -6.00 -15.98 -6.05
N THR M 113 -4.69 -16.18 -5.89
CA THR M 113 -3.82 -16.08 -7.04
C THR M 113 -4.27 -17.13 -8.04
N TRP M 114 -4.62 -18.30 -7.54
CA TRP M 114 -5.06 -19.42 -8.38
C TRP M 114 -6.38 -19.12 -9.07
N ASN M 115 -7.38 -18.65 -8.32
CA ASN M 115 -8.66 -18.34 -8.94
C ASN M 115 -8.60 -17.20 -9.96
N THR M 116 -7.86 -16.13 -9.66
CA THR M 116 -7.76 -15.06 -10.65
C THR M 116 -7.09 -15.68 -11.86
N GLY M 117 -6.16 -16.60 -11.63
CA GLY M 117 -5.49 -17.25 -12.74
C GLY M 117 -6.46 -18.02 -13.61
N VAL M 118 -7.43 -18.69 -13.01
CA VAL M 118 -8.39 -19.44 -13.79
C VAL M 118 -9.18 -18.43 -14.62
N ILE M 119 -9.50 -17.30 -14.01
CA ILE M 119 -10.25 -16.28 -14.73
C ILE M 119 -9.45 -15.76 -15.92
N LEU M 120 -8.14 -15.56 -15.74
CA LEU M 120 -7.32 -15.10 -16.83
C LEU M 120 -7.39 -16.07 -18.01
N LEU M 121 -7.34 -17.37 -17.71
CA LEU M 121 -7.42 -18.43 -18.71
C LEU M 121 -8.77 -18.41 -19.43
N LEU M 122 -9.86 -18.29 -18.68
CA LEU M 122 -11.16 -18.24 -19.33
C LEU M 122 -11.26 -17.00 -20.25
N THR M 123 -10.77 -15.86 -19.78
CA THR M 123 -10.81 -14.65 -20.58
C THR M 123 -9.93 -14.80 -21.82
N LEU M 124 -8.72 -15.35 -21.63
CA LEU M 124 -7.80 -15.59 -22.77
C LEU M 124 -8.46 -16.46 -23.85
N MET M 125 -9.21 -17.47 -23.43
CA MET M 125 -9.90 -18.36 -24.37
C MET M 125 -10.93 -17.58 -25.15
N ALA M 126 -11.84 -16.93 -24.43
CA ALA M 126 -12.88 -16.11 -25.07
C ALA M 126 -12.24 -15.16 -26.08
N THR M 127 -11.14 -14.52 -25.68
CA THR M 127 -10.46 -13.60 -26.57
C THR M 127 -10.07 -14.31 -27.85
N ALA M 128 -9.29 -15.40 -27.71
CA ALA M 128 -8.84 -16.16 -28.89
C ALA M 128 -10.00 -16.71 -29.70
N PHE M 129 -11.07 -17.09 -29.03
CA PHE M 129 -12.22 -17.60 -29.76
C PHE M 129 -12.79 -16.54 -30.69
N VAL M 130 -13.15 -15.37 -30.13
CA VAL M 130 -13.71 -14.29 -30.96
C VAL M 130 -12.68 -13.71 -31.92
N GLY M 131 -11.41 -13.71 -31.51
CA GLY M 131 -10.41 -13.21 -32.43
C GLY M 131 -10.35 -14.04 -33.70
N TYR M 132 -10.48 -15.35 -33.54
CA TYR M 132 -10.43 -16.30 -34.65
C TYR M 132 -11.50 -16.07 -35.71
N VAL M 133 -12.63 -15.52 -35.31
CA VAL M 133 -13.71 -15.28 -36.26
C VAL M 133 -13.42 -14.14 -37.22
N LEU M 134 -12.75 -13.11 -36.72
CA LEU M 134 -12.46 -11.91 -37.50
C LEU M 134 -12.01 -12.05 -38.96
N PRO M 135 -11.08 -12.96 -39.29
CA PRO M 135 -10.70 -13.04 -40.70
C PRO M 135 -11.81 -13.52 -41.60
N TRP M 136 -12.82 -14.10 -40.97
CA TRP M 136 -14.02 -14.55 -41.66
C TRP M 136 -13.75 -15.53 -42.77
N GLY M 137 -12.98 -16.56 -42.44
CA GLY M 137 -12.70 -17.63 -43.39
C GLY M 137 -13.67 -18.78 -43.10
N GLN M 138 -13.49 -19.92 -43.74
CA GLN M 138 -14.38 -21.06 -43.52
C GLN M 138 -14.39 -21.64 -42.11
N MET M 139 -13.23 -21.83 -41.51
CA MET M 139 -13.23 -22.37 -40.16
C MET M 139 -13.67 -21.29 -39.19
N SER M 140 -13.47 -20.03 -39.58
CA SER M 140 -13.86 -18.90 -38.74
C SER M 140 -15.37 -18.97 -38.50
N PHE M 141 -16.10 -19.00 -39.60
CA PHE M 141 -17.55 -19.03 -39.56
C PHE M 141 -18.14 -20.30 -38.99
N TRP M 142 -17.62 -21.45 -39.42
CA TRP M 142 -18.15 -22.72 -38.97
C TRP M 142 -17.82 -23.01 -37.54
N GLY M 143 -16.64 -22.59 -37.11
CA GLY M 143 -16.27 -22.79 -35.72
C GLY M 143 -17.27 -21.99 -34.90
N ALA M 144 -17.48 -20.73 -35.30
CA ALA M 144 -18.41 -19.87 -34.59
C ALA M 144 -19.77 -20.52 -34.53
N THR M 145 -20.21 -21.03 -35.67
CA THR M 145 -21.51 -21.68 -35.82
C THR M 145 -21.67 -22.92 -34.95
N VAL M 146 -20.71 -23.83 -35.02
CA VAL M 146 -20.74 -25.05 -34.24
C VAL M 146 -20.82 -24.73 -32.75
N ILE M 147 -19.80 -24.07 -32.24
CA ILE M 147 -19.75 -23.74 -30.83
C ILE M 147 -20.92 -22.93 -30.28
N THR M 148 -21.30 -21.84 -30.93
CA THR M 148 -22.38 -21.03 -30.38
C THR M 148 -23.72 -21.76 -30.37
N ASN M 149 -23.92 -22.69 -31.30
CA ASN M 149 -25.16 -23.45 -31.35
C ASN M 149 -25.29 -24.42 -30.18
N LEU M 150 -24.16 -24.81 -29.60
CA LEU M 150 -24.20 -25.74 -28.48
C LEU M 150 -25.11 -25.22 -27.38
N PHE M 151 -25.06 -23.92 -27.14
CA PHE M 151 -25.84 -23.34 -26.08
C PHE M 151 -27.34 -23.27 -26.25
N SER M 152 -27.84 -23.47 -27.47
CA SER M 152 -29.29 -23.45 -27.64
C SER M 152 -29.86 -24.68 -26.92
N ALA M 153 -28.95 -25.54 -26.44
CA ALA M 153 -29.26 -26.78 -25.74
C ALA M 153 -29.54 -26.56 -24.26
N ILE M 154 -29.23 -25.37 -23.76
CA ILE M 154 -29.52 -25.05 -22.38
C ILE M 154 -31.04 -24.91 -22.34
N PRO M 155 -31.72 -25.71 -21.50
CA PRO M 155 -33.18 -25.62 -21.45
C PRO M 155 -33.76 -24.23 -21.17
N TYR M 156 -34.81 -23.89 -21.91
CA TYR M 156 -35.52 -22.61 -21.78
C TYR M 156 -34.77 -21.43 -22.41
N ILE M 157 -33.87 -20.83 -21.65
CA ILE M 157 -33.09 -19.70 -22.12
C ILE M 157 -32.09 -20.15 -23.20
N GLY M 158 -32.40 -21.25 -23.85
CA GLY M 158 -31.53 -21.79 -24.88
C GLY M 158 -31.44 -20.95 -26.13
N HIS M 159 -32.46 -21.05 -26.99
CA HIS M 159 -32.48 -20.31 -28.23
C HIS M 159 -32.43 -18.81 -27.99
N THR M 160 -32.91 -18.40 -26.83
CA THR M 160 -32.90 -16.99 -26.48
C THR M 160 -31.49 -16.46 -26.35
N LEU M 161 -30.74 -17.02 -25.40
CA LEU M 161 -29.36 -16.58 -25.17
C LEU M 161 -28.52 -16.60 -26.45
N VAL M 162 -28.70 -17.63 -27.28
CA VAL M 162 -27.95 -17.77 -28.51
C VAL M 162 -28.31 -16.72 -29.56
N GLU M 163 -29.60 -16.54 -29.79
CA GLU M 163 -30.06 -15.57 -30.77
C GLU M 163 -29.72 -14.16 -30.32
N TRP M 164 -29.62 -13.99 -29.02
CA TRP M 164 -29.28 -12.70 -28.48
C TRP M 164 -27.80 -12.47 -28.84
N ALA M 165 -26.96 -13.45 -28.55
CA ALA M 165 -25.54 -13.38 -28.83
C ALA M 165 -25.21 -13.13 -30.30
N TRP M 166 -25.94 -13.82 -31.19
CA TRP M 166 -25.73 -13.67 -32.62
C TRP M 166 -26.20 -12.33 -33.15
N GLY M 167 -27.22 -11.76 -32.50
CA GLY M 167 -27.80 -10.51 -32.95
C GLY M 167 -28.67 -10.80 -34.16
N GLY M 168 -29.17 -12.03 -34.22
CA GLY M 168 -30.00 -12.44 -35.34
C GLY M 168 -30.30 -13.92 -35.30
N PHE M 169 -30.44 -14.54 -36.46
CA PHE M 169 -30.78 -15.95 -36.55
C PHE M 169 -29.65 -16.92 -36.85
N SER M 170 -28.48 -16.38 -37.12
CA SER M 170 -27.33 -17.21 -37.44
C SER M 170 -26.11 -16.35 -37.26
N VAL M 171 -24.95 -16.94 -37.43
CA VAL M 171 -23.74 -16.17 -37.30
C VAL M 171 -23.69 -15.33 -38.57
N ASP M 172 -23.87 -14.03 -38.41
CA ASP M 172 -23.85 -13.15 -39.55
C ASP M 172 -23.13 -11.86 -39.21
N ASN M 173 -23.31 -10.84 -40.04
CA ASN M 173 -22.62 -9.58 -39.84
C ASN M 173 -22.77 -8.94 -38.47
N PRO M 174 -23.96 -8.99 -37.89
CA PRO M 174 -24.04 -8.37 -36.57
C PRO M 174 -23.26 -9.09 -35.50
N THR M 175 -22.86 -10.31 -35.81
CA THR M 175 -22.08 -11.12 -34.89
C THR M 175 -20.64 -10.68 -35.05
N LEU M 176 -20.19 -10.63 -36.29
CA LEU M 176 -18.83 -10.23 -36.58
C LEU M 176 -18.50 -8.90 -35.91
N THR M 177 -19.32 -7.88 -36.13
CA THR M 177 -19.03 -6.58 -35.54
C THR M 177 -18.97 -6.61 -34.03
N ARG M 178 -19.88 -7.34 -33.37
CA ARG M 178 -19.79 -7.40 -31.91
C ARG M 178 -18.60 -8.24 -31.45
N PHE M 179 -18.21 -9.23 -32.25
CA PHE M 179 -17.06 -10.04 -31.88
C PHE M 179 -15.79 -9.21 -31.97
N PHE M 180 -15.73 -8.28 -32.93
CA PHE M 180 -14.56 -7.42 -33.08
C PHE M 180 -14.46 -6.52 -31.85
N ALA M 181 -15.58 -5.96 -31.44
CA ALA M 181 -15.60 -5.10 -30.27
C ALA M 181 -15.12 -5.91 -29.05
N LEU M 182 -15.65 -7.14 -28.90
CA LEU M 182 -15.24 -8.01 -27.80
C LEU M 182 -13.77 -8.39 -27.88
N HIS M 183 -13.28 -8.67 -29.08
CA HIS M 183 -11.89 -9.06 -29.23
C HIS M 183 -10.92 -7.94 -28.89
N PHE M 184 -11.35 -6.70 -29.13
CA PHE M 184 -10.56 -5.50 -28.87
C PHE M 184 -10.60 -5.26 -27.36
N LEU M 185 -11.79 -5.42 -26.78
CA LEU M 185 -11.99 -5.21 -25.35
C LEU M 185 -11.34 -6.18 -24.35
N LEU M 186 -11.66 -7.48 -24.43
CA LEU M 186 -11.13 -8.51 -23.51
C LEU M 186 -9.63 -8.49 -23.14
N PRO M 187 -8.73 -8.29 -24.11
CA PRO M 187 -7.31 -8.26 -23.76
C PRO M 187 -7.05 -7.21 -22.69
N PHE M 188 -7.80 -6.11 -22.71
CA PHE M 188 -7.60 -5.09 -21.70
C PHE M 188 -8.09 -5.58 -20.36
N ALA M 189 -9.14 -6.41 -20.35
CA ALA M 189 -9.65 -7.00 -19.09
C ALA M 189 -8.57 -7.97 -18.60
N ILE M 190 -7.95 -8.69 -19.54
CA ILE M 190 -6.89 -9.59 -19.17
C ILE M 190 -5.76 -8.82 -18.48
N ALA M 191 -5.32 -7.71 -19.09
CA ALA M 191 -4.26 -6.89 -18.50
C ALA M 191 -4.64 -6.42 -17.11
N GLY M 192 -5.90 -6.02 -16.94
CA GLY M 192 -6.34 -5.55 -15.64
C GLY M 192 -6.33 -6.64 -14.59
N ILE M 193 -6.98 -7.77 -14.89
CA ILE M 193 -7.04 -8.91 -13.98
C ILE M 193 -5.63 -9.42 -13.67
N THR M 194 -4.73 -9.34 -14.64
CA THR M 194 -3.37 -9.74 -14.40
C THR M 194 -2.79 -8.92 -13.23
N ILE M 195 -3.13 -7.63 -13.15
CA ILE M 195 -2.62 -6.80 -12.06
C ILE M 195 -3.11 -7.38 -10.74
N ILE M 196 -4.38 -7.79 -10.69
CA ILE M 196 -4.97 -8.38 -9.48
C ILE M 196 -4.24 -9.69 -9.16
N HIS M 197 -4.04 -10.51 -10.19
CA HIS M 197 -3.33 -11.78 -10.07
C HIS M 197 -2.03 -11.52 -9.28
N LEU M 198 -1.19 -10.63 -9.80
CA LEU M 198 0.08 -10.29 -9.15
C LEU M 198 -0.09 -9.62 -7.78
N THR M 199 -1.22 -8.95 -7.57
CA THR M 199 -1.44 -8.30 -6.28
C THR M 199 -1.69 -9.35 -5.21
N PHE M 200 -2.51 -10.34 -5.52
CA PHE M 200 -2.76 -11.41 -4.57
C PHE M 200 -1.45 -12.17 -4.38
N LEU M 201 -0.76 -12.44 -5.48
CA LEU M 201 0.49 -13.17 -5.40
C LEU M 201 1.45 -12.52 -4.43
N HIS M 202 1.62 -11.22 -4.51
CA HIS M 202 2.56 -10.53 -3.62
C HIS M 202 2.22 -10.59 -2.14
N GLU M 203 1.00 -11.02 -1.84
CA GLU M 203 0.56 -11.16 -0.46
C GLU M 203 1.41 -12.23 0.23
N SER M 204 1.72 -13.28 -0.51
CA SER M 204 2.50 -14.41 0.00
C SER M 204 3.91 -14.47 -0.55
N GLY M 205 4.08 -14.08 -1.80
CA GLY M 205 5.38 -14.17 -2.42
C GLY M 205 5.31 -15.46 -3.20
N SER M 206 6.38 -15.82 -3.89
CA SER M 206 6.39 -17.05 -4.67
C SER M 206 6.61 -18.33 -3.88
N ASN M 207 6.06 -19.41 -4.41
CA ASN M 207 6.20 -20.75 -3.86
C ASN M 207 7.51 -21.21 -4.53
N ASN M 208 8.13 -22.29 -4.08
CA ASN M 208 9.35 -22.74 -4.72
C ASN M 208 9.31 -24.24 -4.98
N PRO M 209 10.23 -24.75 -5.82
CA PRO M 209 10.18 -26.19 -6.08
C PRO M 209 10.22 -27.19 -4.91
N LEU M 210 10.88 -26.87 -3.79
CA LEU M 210 10.90 -27.83 -2.68
C LEU M 210 9.66 -27.71 -1.80
N GLY M 211 8.82 -26.72 -2.07
CA GLY M 211 7.61 -26.52 -1.30
C GLY M 211 7.77 -26.21 0.19
N ILE M 212 8.93 -25.71 0.58
CA ILE M 212 9.15 -25.37 1.99
C ILE M 212 9.49 -23.89 2.07
N SER M 213 9.32 -23.31 3.25
CA SER M 213 9.57 -21.88 3.44
C SER M 213 10.92 -21.36 3.02
N SER M 214 10.93 -20.43 2.07
CA SER M 214 12.17 -19.85 1.56
C SER M 214 12.56 -18.52 2.19
N ASP M 215 11.98 -18.20 3.34
CA ASP M 215 12.28 -16.95 4.03
C ASP M 215 13.73 -16.91 4.49
N SER M 216 14.27 -18.09 4.69
CA SER M 216 15.65 -18.26 5.13
C SER M 216 16.63 -17.92 4.02
N ASP M 217 16.16 -17.95 2.79
CA ASP M 217 17.04 -17.66 1.65
C ASP M 217 16.30 -16.96 0.51
N LYS M 218 16.17 -15.63 0.60
CA LYS M 218 15.51 -14.87 -0.46
C LYS M 218 16.49 -13.92 -1.13
N ILE M 219 16.29 -13.68 -2.41
CA ILE M 219 17.17 -12.79 -3.16
C ILE M 219 16.30 -11.78 -3.87
N PRO M 220 16.86 -10.59 -4.17
CA PRO M 220 16.08 -9.56 -4.85
C PRO M 220 15.78 -9.98 -6.29
N PHE M 221 14.54 -9.72 -6.74
CA PHE M 221 14.14 -10.04 -8.10
C PHE M 221 15.19 -9.57 -9.12
N HIS M 222 15.71 -8.37 -8.94
CA HIS M 222 16.76 -7.87 -9.83
C HIS M 222 18.10 -7.99 -9.07
N PRO M 223 19.17 -8.43 -9.75
CA PRO M 223 19.26 -8.82 -11.15
C PRO M 223 19.03 -10.30 -11.46
N TYR M 224 18.89 -11.10 -10.40
CA TYR M 224 18.71 -12.53 -10.58
C TYR M 224 17.60 -12.96 -11.52
N TYR M 225 16.39 -12.53 -11.22
CA TYR M 225 15.26 -12.92 -12.04
C TYR M 225 14.98 -12.03 -13.23
N SER M 226 15.49 -10.81 -13.19
CA SER M 226 15.29 -9.94 -14.34
C SER M 226 16.16 -10.55 -15.44
N PHE M 227 17.34 -11.03 -15.07
CA PHE M 227 18.21 -11.66 -16.05
C PHE M 227 17.71 -13.04 -16.44
N LYS M 228 17.33 -13.83 -15.44
CA LYS M 228 16.83 -15.18 -15.72
C LYS M 228 15.63 -15.13 -16.64
N ASP M 229 14.74 -14.17 -16.40
CA ASP M 229 13.54 -14.02 -17.21
C ASP M 229 13.82 -13.50 -18.62
N ILE M 230 14.78 -12.59 -18.75
CA ILE M 230 15.13 -12.06 -20.07
C ILE M 230 15.70 -13.20 -20.90
N LEU M 231 16.53 -14.02 -20.27
CA LEU M 231 17.13 -15.17 -20.93
C LEU M 231 16.01 -16.11 -21.35
N GLY M 232 15.10 -16.38 -20.42
CA GLY M 232 13.98 -17.26 -20.71
C GLY M 232 13.12 -16.72 -21.83
N LEU M 233 13.16 -15.41 -22.03
CA LEU M 233 12.39 -14.78 -23.09
C LEU M 233 12.98 -15.16 -24.45
N THR M 234 14.28 -14.95 -24.64
CA THR M 234 14.93 -15.28 -25.91
C THR M 234 14.97 -16.78 -26.19
N LEU M 235 15.04 -17.60 -25.14
CA LEU M 235 15.07 -19.04 -25.36
C LEU M 235 13.74 -19.49 -25.97
N MET M 236 12.63 -18.92 -25.50
CA MET M 236 11.33 -19.30 -26.06
C MET M 236 11.11 -18.57 -27.38
N LEU M 237 11.38 -17.27 -27.39
CA LEU M 237 11.21 -16.44 -28.58
C LEU M 237 11.86 -17.03 -29.84
N THR M 238 12.89 -17.85 -29.70
CA THR M 238 13.56 -18.45 -30.86
C THR M 238 12.63 -19.44 -31.55
N PRO M 239 12.14 -20.46 -30.83
CA PRO M 239 11.24 -21.40 -31.51
C PRO M 239 10.03 -20.67 -32.10
N PHE M 240 9.54 -19.66 -31.38
CA PHE M 240 8.40 -18.83 -31.81
C PHE M 240 8.67 -18.26 -33.22
N LEU M 241 9.67 -17.39 -33.31
CA LEU M 241 10.01 -16.76 -34.58
C LEU M 241 10.39 -17.76 -35.67
N THR M 242 11.06 -18.85 -35.29
CA THR M 242 11.45 -19.89 -36.26
C THR M 242 10.21 -20.47 -36.92
N LEU M 243 9.13 -20.56 -36.14
CA LEU M 243 7.86 -21.05 -36.64
C LEU M 243 7.18 -19.98 -37.49
N ALA M 244 7.03 -18.78 -36.95
CA ALA M 244 6.37 -17.68 -37.66
C ALA M 244 7.12 -17.20 -38.91
N LEU M 245 8.38 -17.58 -39.04
CA LEU M 245 9.15 -17.14 -40.19
C LEU M 245 9.49 -18.26 -41.15
N PHE M 246 9.66 -19.48 -40.65
CA PHE M 246 10.01 -20.60 -41.52
C PHE M 246 8.85 -21.54 -41.83
N SER M 247 7.79 -21.46 -41.04
CA SER M 247 6.62 -22.31 -41.25
C SER M 247 5.40 -21.56 -40.71
N PRO M 248 5.03 -20.44 -41.36
CA PRO M 248 3.93 -19.54 -41.05
C PRO M 248 2.58 -20.19 -40.85
N ASN M 249 2.28 -21.21 -41.66
CA ASN M 249 1.00 -21.89 -41.62
C ASN M 249 1.02 -23.29 -41.06
N LEU M 250 2.10 -23.66 -40.40
CA LEU M 250 2.19 -24.99 -39.85
C LEU M 250 0.99 -25.34 -38.95
N LEU M 251 0.60 -24.42 -38.08
CA LEU M 251 -0.51 -24.66 -37.14
C LEU M 251 -1.90 -24.27 -37.62
N GLY M 252 -1.99 -23.56 -38.73
CA GLY M 252 -3.28 -23.12 -39.22
C GLY M 252 -4.02 -24.04 -40.17
N ASP M 253 -5.34 -23.90 -40.16
CA ASP M 253 -6.19 -24.70 -41.02
C ASP M 253 -6.27 -24.06 -42.40
N PRO M 254 -5.94 -24.82 -43.45
CA PRO M 254 -6.00 -24.30 -44.83
C PRO M 254 -7.41 -23.88 -45.21
N GLU M 255 -8.38 -24.45 -44.51
CA GLU M 255 -9.77 -24.16 -44.74
C GLU M 255 -10.09 -22.66 -44.54
N ASN M 256 -9.24 -21.99 -43.76
CA ASN M 256 -9.47 -20.57 -43.48
C ASN M 256 -8.96 -19.66 -44.58
N PHE M 257 -8.36 -20.23 -45.62
CA PHE M 257 -7.93 -19.39 -46.74
C PHE M 257 -9.08 -19.37 -47.76
N THR M 258 -10.26 -19.73 -47.30
CA THR M 258 -11.43 -19.74 -48.15
C THR M 258 -12.51 -18.90 -47.50
N PRO M 259 -12.99 -17.89 -48.20
CA PRO M 259 -14.03 -17.08 -47.59
C PRO M 259 -15.20 -17.89 -47.05
N ALA M 260 -15.64 -17.51 -45.86
CA ALA M 260 -16.75 -18.16 -45.22
C ALA M 260 -17.89 -18.33 -46.21
N ASN M 261 -18.55 -19.48 -46.16
CA ASN M 261 -19.67 -19.76 -47.04
C ASN M 261 -20.68 -20.56 -46.24
N PRO M 262 -21.79 -19.95 -45.89
CA PRO M 262 -22.85 -20.60 -45.11
C PRO M 262 -23.49 -21.82 -45.77
N LEU M 263 -23.24 -22.02 -47.06
CA LEU M 263 -23.85 -23.13 -47.78
C LEU M 263 -22.82 -24.18 -48.14
N VAL M 264 -21.81 -24.35 -47.31
CA VAL M 264 -20.80 -25.32 -47.61
C VAL M 264 -20.09 -25.64 -46.33
N THR M 265 -20.50 -26.74 -45.69
CA THR M 265 -19.88 -27.15 -44.46
C THR M 265 -18.56 -27.79 -44.74
N PRO M 266 -17.51 -27.36 -44.04
CA PRO M 266 -16.22 -28.01 -44.31
C PRO M 266 -16.37 -29.44 -43.83
N PRO M 267 -15.53 -30.36 -44.35
CA PRO M 267 -15.61 -31.77 -43.94
C PRO M 267 -15.19 -31.97 -42.49
N HIS M 268 -14.16 -31.25 -42.06
CA HIS M 268 -13.67 -31.39 -40.70
C HIS M 268 -13.55 -30.08 -39.92
N ILE M 269 -14.63 -29.75 -39.22
CA ILE M 269 -14.70 -28.56 -38.38
C ILE M 269 -13.98 -28.84 -37.06
N LYS M 270 -12.72 -28.44 -36.97
CA LYS M 270 -11.98 -28.65 -35.75
C LYS M 270 -11.24 -27.35 -35.37
N PRO M 271 -11.08 -27.08 -34.05
CA PRO M 271 -10.41 -25.90 -33.55
C PRO M 271 -8.91 -25.85 -33.70
N GLU M 272 -8.32 -24.83 -33.10
CA GLU M 272 -6.89 -24.65 -33.11
C GLU M 272 -6.35 -25.64 -32.11
N TRP M 273 -5.08 -25.98 -32.22
CA TRP M 273 -4.53 -26.97 -31.35
C TRP M 273 -4.88 -26.81 -29.87
N TYR M 274 -4.78 -25.58 -29.37
CA TYR M 274 -5.04 -25.31 -27.95
C TYR M 274 -6.47 -25.49 -27.43
N PHE M 275 -7.38 -25.91 -28.31
CA PHE M 275 -8.78 -26.13 -27.93
C PHE M 275 -9.18 -27.58 -28.18
N LEU M 276 -8.34 -28.28 -28.97
CA LEU M 276 -8.58 -29.67 -29.36
C LEU M 276 -8.97 -30.56 -28.20
N PHE M 277 -8.19 -30.51 -27.12
CA PHE M 277 -8.45 -31.32 -25.93
C PHE M 277 -9.88 -31.14 -25.40
N ALA M 278 -10.39 -29.92 -25.51
CA ALA M 278 -11.73 -29.61 -25.02
C ALA M 278 -12.76 -30.03 -26.03
N TYR M 279 -12.38 -29.95 -27.29
CA TYR M 279 -13.28 -30.33 -28.37
C TYR M 279 -13.53 -31.84 -28.27
N ALA M 280 -12.48 -32.57 -27.89
CA ALA M 280 -12.53 -34.01 -27.72
C ALA M 280 -13.52 -34.37 -26.62
N ILE M 281 -13.35 -33.74 -25.47
CA ILE M 281 -14.23 -33.97 -24.35
C ILE M 281 -15.66 -33.63 -24.74
N LEU M 282 -15.79 -32.63 -25.60
CA LEU M 282 -17.11 -32.20 -26.04
C LEU M 282 -17.84 -33.34 -26.71
N ARG M 283 -17.23 -33.86 -27.77
CA ARG M 283 -17.80 -34.93 -28.55
C ARG M 283 -17.85 -36.27 -27.83
N SER M 284 -17.14 -36.39 -26.72
CA SER M 284 -17.15 -37.65 -25.96
C SER M 284 -18.55 -37.99 -25.44
N ILE M 285 -19.31 -36.97 -25.04
CA ILE M 285 -20.65 -37.18 -24.52
C ILE M 285 -21.73 -36.98 -25.59
N PRO M 286 -22.24 -38.07 -26.17
CA PRO M 286 -23.27 -37.93 -27.20
C PRO M 286 -24.55 -37.51 -26.48
N ASN M 287 -24.93 -36.25 -26.66
CA ASN M 287 -26.12 -35.66 -26.02
C ASN M 287 -25.77 -34.19 -25.92
N LYS M 288 -26.38 -33.38 -26.78
CA LYS M 288 -26.07 -31.96 -26.79
C LYS M 288 -25.84 -31.33 -25.41
N LEU M 289 -26.78 -31.50 -24.49
CA LEU M 289 -26.61 -30.88 -23.18
C LEU M 289 -25.45 -31.40 -22.34
N GLY M 290 -25.29 -32.72 -22.30
CA GLY M 290 -24.20 -33.30 -21.52
C GLY M 290 -22.84 -32.88 -22.05
N GLY M 291 -22.71 -32.84 -23.38
CA GLY M 291 -21.46 -32.45 -24.01
C GLY M 291 -21.06 -31.02 -23.67
N VAL M 292 -22.04 -30.12 -23.65
CA VAL M 292 -21.79 -28.72 -23.33
C VAL M 292 -21.30 -28.64 -21.89
N LEU M 293 -21.98 -29.33 -20.99
CA LEU M 293 -21.56 -29.30 -19.59
C LEU M 293 -20.16 -29.90 -19.46
N ALA M 294 -19.93 -31.03 -20.13
CA ALA M 294 -18.62 -31.67 -20.08
C ALA M 294 -17.55 -30.72 -20.61
N LEU M 295 -17.91 -29.95 -21.63
CA LEU M 295 -16.99 -28.98 -22.23
C LEU M 295 -16.64 -27.91 -21.21
N ALA M 296 -17.69 -27.29 -20.68
CA ALA M 296 -17.54 -26.28 -19.67
C ALA M 296 -16.66 -26.81 -18.53
N ALA M 297 -17.05 -27.95 -17.97
CA ALA M 297 -16.33 -28.56 -16.87
C ALA M 297 -14.86 -28.86 -17.16
N SER M 298 -14.53 -29.11 -18.43
CA SER M 298 -13.15 -29.42 -18.77
C SER M 298 -12.19 -28.33 -18.33
N VAL M 299 -12.71 -27.10 -18.20
CA VAL M 299 -11.88 -25.97 -17.77
C VAL M 299 -12.27 -25.49 -16.38
N LEU M 300 -13.57 -25.43 -16.10
CA LEU M 300 -14.04 -25.02 -14.79
C LEU M 300 -13.50 -25.95 -13.70
N ILE M 301 -13.10 -27.16 -14.10
CA ILE M 301 -12.58 -28.14 -13.15
C ILE M 301 -11.44 -27.51 -12.33
N LEU M 302 -10.68 -26.61 -12.97
CA LEU M 302 -9.57 -25.92 -12.33
C LEU M 302 -9.89 -25.17 -11.02
N PHE M 303 -11.15 -24.77 -10.85
CA PHE M 303 -11.56 -24.08 -9.65
C PHE M 303 -11.62 -25.03 -8.46
N LEU M 304 -11.65 -26.34 -8.72
CA LEU M 304 -11.73 -27.34 -7.65
C LEU M 304 -10.40 -27.84 -7.12
N ILE M 305 -9.37 -27.72 -7.93
CA ILE M 305 -8.05 -28.18 -7.52
C ILE M 305 -7.67 -27.81 -6.08
N PRO M 306 -7.79 -26.52 -5.70
CA PRO M 306 -7.43 -26.14 -4.34
C PRO M 306 -8.13 -26.96 -3.25
N PHE M 307 -9.30 -27.50 -3.56
CA PHE M 307 -10.04 -28.26 -2.57
C PHE M 307 -9.74 -29.75 -2.55
N LEU M 308 -8.99 -30.23 -3.54
CA LEU M 308 -8.70 -31.65 -3.59
C LEU M 308 -7.28 -31.96 -3.16
N HIS M 309 -6.68 -31.07 -2.41
CA HIS M 309 -5.31 -31.31 -1.94
C HIS M 309 -5.32 -32.05 -0.61
N LYS M 310 -4.81 -33.28 -0.60
CA LYS M 310 -4.78 -34.09 0.60
C LYS M 310 -3.39 -34.26 1.18
N SER M 311 -2.38 -34.17 0.33
CA SER M 311 -1.01 -34.32 0.79
C SER M 311 -0.64 -33.42 1.95
N LYS M 312 0.34 -33.84 2.73
CA LYS M 312 0.82 -33.07 3.86
C LYS M 312 1.99 -32.24 3.42
N GLN M 313 2.37 -32.46 2.16
CA GLN M 313 3.46 -31.73 1.56
C GLN M 313 2.85 -30.92 0.41
N ARG M 314 3.42 -29.75 0.12
CA ARG M 314 2.90 -28.88 -0.92
C ARG M 314 3.09 -29.33 -2.37
N THR M 315 4.35 -29.58 -2.74
CA THR M 315 4.67 -30.00 -4.09
C THR M 315 4.65 -31.51 -4.29
N MET M 316 5.00 -31.94 -5.50
CA MET M 316 5.04 -33.36 -5.83
C MET M 316 6.49 -33.74 -5.99
N THR M 317 7.40 -32.88 -5.54
CA THR M 317 8.82 -33.14 -5.65
C THR M 317 9.19 -34.43 -4.95
N PHE M 318 8.69 -34.61 -3.72
CA PHE M 318 8.97 -35.78 -2.90
C PHE M 318 7.79 -36.75 -2.81
N ARG M 319 6.96 -36.77 -3.85
CA ARG M 319 5.80 -37.64 -3.91
C ARG M 319 5.82 -38.39 -5.25
N PRO M 320 6.55 -39.51 -5.29
CA PRO M 320 6.68 -40.34 -6.50
C PRO M 320 5.37 -40.87 -7.08
N LEU M 321 4.44 -41.29 -6.24
CA LEU M 321 3.18 -41.80 -6.77
C LEU M 321 2.42 -40.67 -7.47
N SER M 322 2.38 -39.50 -6.85
CA SER M 322 1.70 -38.34 -7.43
C SER M 322 2.38 -37.92 -8.72
N GLN M 323 3.70 -38.03 -8.75
CA GLN M 323 4.46 -37.65 -9.93
C GLN M 323 4.06 -38.41 -11.20
N THR M 324 3.86 -39.71 -11.07
CA THR M 324 3.51 -40.49 -12.25
C THR M 324 2.06 -40.19 -12.60
N LEU M 325 1.24 -40.00 -11.58
CA LEU M 325 -0.15 -39.69 -11.85
C LEU M 325 -0.18 -38.35 -12.61
N PHE M 326 0.74 -37.46 -12.26
CA PHE M 326 0.82 -36.17 -12.91
C PHE M 326 1.15 -36.33 -14.40
N TRP M 327 2.16 -37.15 -14.71
CA TRP M 327 2.54 -37.35 -16.10
C TRP M 327 1.52 -38.18 -16.86
N LEU M 328 0.74 -38.96 -16.14
CA LEU M 328 -0.29 -39.75 -16.80
C LEU M 328 -1.26 -38.71 -17.36
N LEU M 329 -1.63 -37.78 -16.49
CA LEU M 329 -2.54 -36.67 -16.81
C LEU M 329 -2.06 -35.89 -18.03
N VAL M 330 -0.80 -35.50 -18.02
CA VAL M 330 -0.23 -34.76 -19.14
C VAL M 330 -0.38 -35.59 -20.42
N ALA M 331 -0.10 -36.89 -20.32
CA ALA M 331 -0.22 -37.77 -21.48
C ALA M 331 -1.68 -37.86 -21.89
N ASN M 332 -2.53 -37.92 -20.87
CA ASN M 332 -3.96 -37.98 -21.08
C ASN M 332 -4.38 -36.84 -22.00
N LEU M 333 -3.88 -35.64 -21.68
CA LEU M 333 -4.18 -34.42 -22.46
C LEU M 333 -3.63 -34.45 -23.89
N LEU M 334 -2.47 -35.06 -24.11
CA LEU M 334 -1.97 -35.16 -25.47
C LEU M 334 -2.93 -36.07 -26.23
N ILE M 335 -3.40 -37.13 -25.56
CA ILE M 335 -4.33 -38.04 -26.24
C ILE M 335 -5.60 -37.30 -26.63
N LEU M 336 -6.19 -36.56 -25.68
CA LEU M 336 -7.41 -35.79 -25.96
C LEU M 336 -7.18 -34.79 -27.12
N THR M 337 -6.03 -34.13 -27.11
CA THR M 337 -5.65 -33.18 -28.15
C THR M 337 -5.69 -33.91 -29.47
N TRP M 338 -5.06 -35.08 -29.51
CA TRP M 338 -5.03 -35.90 -30.72
C TRP M 338 -6.45 -36.34 -31.13
N ILE M 339 -7.20 -36.88 -30.19
CA ILE M 339 -8.55 -37.30 -30.50
C ILE M 339 -9.36 -36.14 -31.08
N GLY M 340 -9.21 -34.95 -30.49
CA GLY M 340 -9.95 -33.80 -30.96
C GLY M 340 -9.75 -33.43 -32.41
N SER M 341 -8.57 -33.76 -32.95
CA SER M 341 -8.24 -33.45 -34.34
C SER M 341 -8.65 -34.56 -35.28
N GLN M 342 -9.25 -35.63 -34.74
CA GLN M 342 -9.66 -36.76 -35.57
C GLN M 342 -11.15 -36.80 -35.79
N PRO M 343 -11.58 -37.45 -36.88
CA PRO M 343 -13.02 -37.54 -37.15
C PRO M 343 -13.68 -38.34 -36.06
N VAL M 344 -14.99 -38.22 -35.96
CA VAL M 344 -15.74 -38.94 -34.92
C VAL M 344 -16.11 -40.34 -35.41
N GLU M 345 -15.14 -41.23 -35.34
CA GLU M 345 -15.32 -42.61 -35.79
C GLU M 345 -14.53 -43.58 -34.93
N HIS M 346 -14.77 -44.87 -35.15
CA HIS M 346 -14.04 -45.88 -34.42
C HIS M 346 -12.65 -45.90 -35.04
N PRO M 347 -11.61 -46.11 -34.24
CA PRO M 347 -11.53 -46.35 -32.79
C PRO M 347 -11.50 -45.06 -31.96
N PHE M 348 -11.37 -43.94 -32.65
CA PHE M 348 -11.32 -42.64 -32.02
C PHE M 348 -12.44 -42.35 -31.04
N ILE M 349 -13.66 -42.80 -31.35
CA ILE M 349 -14.78 -42.54 -30.46
C ILE M 349 -14.60 -43.16 -29.09
N ILE M 350 -14.29 -44.44 -29.03
CA ILE M 350 -14.12 -45.09 -27.75
C ILE M 350 -12.88 -44.54 -27.00
N ILE M 351 -11.77 -44.38 -27.72
CA ILE M 351 -10.54 -43.84 -27.13
C ILE M 351 -10.87 -42.47 -26.52
N GLY M 352 -11.70 -41.70 -27.24
CA GLY M 352 -12.09 -40.39 -26.79
C GLY M 352 -12.81 -40.45 -25.46
N GLN M 353 -13.78 -41.34 -25.33
CA GLN M 353 -14.52 -41.46 -24.08
C GLN M 353 -13.66 -41.96 -22.93
N MET M 354 -12.65 -42.76 -23.24
CA MET M 354 -11.77 -43.28 -22.21
C MET M 354 -10.92 -42.13 -21.67
N ALA M 355 -10.30 -41.39 -22.58
CA ALA M 355 -9.45 -40.28 -22.21
C ALA M 355 -10.26 -39.17 -21.51
N SER M 356 -11.49 -38.94 -21.93
CA SER M 356 -12.31 -37.93 -21.28
C SER M 356 -12.66 -38.39 -19.89
N LEU M 357 -12.99 -39.68 -19.77
CA LEU M 357 -13.35 -40.24 -18.49
C LEU M 357 -12.18 -40.31 -17.52
N SER M 358 -11.00 -40.64 -18.02
CA SER M 358 -9.85 -40.73 -17.14
C SER M 358 -9.37 -39.35 -16.74
N TYR M 359 -9.63 -38.36 -17.59
CA TYR M 359 -9.24 -36.98 -17.33
C TYR M 359 -9.84 -36.51 -16.01
N PHE M 360 -11.17 -36.68 -15.88
CA PHE M 360 -11.88 -36.27 -14.68
C PHE M 360 -11.62 -37.18 -13.47
N THR M 361 -11.37 -38.46 -13.73
CA THR M 361 -11.11 -39.42 -12.65
C THR M 361 -9.81 -39.05 -11.94
N ILE M 362 -8.77 -38.83 -12.74
CA ILE M 362 -7.47 -38.46 -12.21
C ILE M 362 -7.51 -37.21 -11.34
N LEU M 363 -8.24 -36.18 -11.78
CA LEU M 363 -8.32 -34.93 -11.02
C LEU M 363 -9.28 -34.99 -9.86
N LEU M 364 -10.45 -35.58 -10.08
CA LEU M 364 -11.42 -35.66 -9.00
C LEU M 364 -11.20 -36.82 -8.02
N ILE M 365 -10.84 -37.99 -8.52
CA ILE M 365 -10.67 -39.15 -7.65
C ILE M 365 -9.25 -39.60 -7.29
N LEU M 366 -8.43 -39.88 -8.29
CA LEU M 366 -7.09 -40.36 -8.00
C LEU M 366 -6.16 -39.41 -7.28
N PHE M 367 -6.02 -38.18 -7.75
CA PHE M 367 -5.11 -37.25 -7.08
C PHE M 367 -5.37 -37.12 -5.60
N PRO M 368 -6.62 -36.84 -5.21
CA PRO M 368 -6.82 -36.73 -3.76
C PRO M 368 -6.58 -38.08 -3.03
N THR M 369 -6.93 -39.19 -3.67
CA THR M 369 -6.75 -40.51 -3.08
C THR M 369 -5.28 -40.90 -2.93
N ILE M 370 -4.52 -40.80 -4.00
CA ILE M 370 -3.10 -41.13 -3.93
C ILE M 370 -2.42 -40.24 -2.89
N GLY M 371 -2.86 -39.00 -2.82
CA GLY M 371 -2.27 -38.06 -1.88
C GLY M 371 -2.39 -38.53 -0.45
N THR M 372 -3.59 -39.02 -0.10
CA THR M 372 -3.88 -39.55 1.24
C THR M 372 -3.02 -40.79 1.46
N LEU M 373 -3.02 -41.66 0.46
CA LEU M 373 -2.23 -42.88 0.51
C LEU M 373 -0.78 -42.56 0.86
N GLU M 374 -0.19 -41.62 0.15
CA GLU M 374 1.19 -41.23 0.39
C GLU M 374 1.40 -40.67 1.80
N ASN M 375 0.35 -40.12 2.40
CA ASN M 375 0.48 -39.57 3.74
C ASN M 375 0.69 -40.72 4.71
N LYS M 376 0.02 -41.84 4.43
CA LYS M 376 0.14 -43.01 5.27
C LYS M 376 1.53 -43.60 5.12
N MET M 377 2.05 -43.63 3.91
CA MET M 377 3.37 -44.17 3.66
C MET M 377 4.52 -43.34 4.21
N LEU M 378 4.17 -42.20 4.82
CA LEU M 378 5.16 -41.33 5.44
C LEU M 378 4.93 -41.43 6.93
N ASN M 379 3.97 -42.27 7.30
CA ASN M 379 3.60 -42.50 8.68
C ASN M 379 3.04 -41.22 9.29
N TYR M 380 2.07 -40.64 8.57
CA TYR M 380 1.36 -39.41 8.95
C TYR M 380 -0.14 -39.67 8.91
N GLY N 1 -16.01 -40.37 -51.92
CA GLY N 1 -16.67 -41.43 -51.11
C GLY N 1 -15.69 -42.42 -50.50
N GLU N 2 -14.92 -41.95 -49.52
CA GLU N 2 -13.90 -42.75 -48.81
C GLU N 2 -12.59 -42.90 -49.58
N LEU N 3 -11.53 -43.24 -48.85
CA LEU N 3 -10.21 -43.44 -49.43
C LEU N 3 -9.75 -42.28 -50.30
N GLU N 4 -8.55 -41.81 -50.03
CA GLU N 4 -7.99 -40.70 -50.78
C GLU N 4 -6.49 -40.86 -50.99
N LEU N 5 -6.05 -40.50 -52.18
CA LEU N 5 -4.64 -40.60 -52.53
C LEU N 5 -3.94 -39.29 -52.13
N HIS N 6 -2.82 -39.38 -51.42
CA HIS N 6 -2.09 -38.20 -51.02
C HIS N 6 -0.91 -37.94 -51.93
N PRO N 7 -0.79 -36.72 -52.44
CA PRO N 7 0.33 -36.42 -53.33
C PRO N 7 1.69 -36.65 -52.70
N PRO N 8 2.73 -36.75 -53.51
CA PRO N 8 4.08 -36.96 -52.99
C PRO N 8 4.73 -35.60 -52.75
N ALA N 9 5.92 -35.61 -52.15
CA ALA N 9 6.60 -34.38 -51.87
C ALA N 9 7.67 -34.09 -52.90
N PHE N 10 7.39 -33.18 -53.82
CA PHE N 10 8.40 -32.86 -54.81
C PHE N 10 9.45 -31.91 -54.24
N PRO N 11 10.67 -31.98 -54.74
CA PRO N 11 11.76 -31.12 -54.27
C PRO N 11 11.74 -29.74 -54.92
N TRP N 12 10.77 -28.91 -54.55
CA TRP N 12 10.71 -27.57 -55.13
C TRP N 12 11.97 -26.79 -54.76
N SER N 13 12.41 -25.92 -55.65
CA SER N 13 13.61 -25.13 -55.40
C SER N 13 13.40 -24.06 -54.34
N HIS N 14 12.16 -23.91 -53.89
CA HIS N 14 11.82 -22.91 -52.89
C HIS N 14 11.34 -23.60 -51.61
N GLY N 15 11.65 -24.88 -51.48
CA GLY N 15 11.23 -25.62 -50.30
C GLY N 15 12.15 -25.42 -49.10
N GLY N 16 13.44 -25.21 -49.37
CA GLY N 16 14.37 -25.00 -48.27
C GLY N 16 14.03 -23.80 -47.44
N PRO N 17 14.26 -23.86 -46.13
CA PRO N 17 13.92 -22.69 -45.31
C PRO N 17 14.67 -21.45 -45.77
N LEU N 18 15.86 -21.64 -46.33
CA LEU N 18 16.63 -20.49 -46.79
C LEU N 18 16.62 -20.32 -48.30
N SER N 19 15.79 -21.08 -48.98
CA SER N 19 15.74 -21.01 -50.43
C SER N 19 14.54 -20.27 -51.00
N ALA N 20 14.85 -19.22 -51.75
CA ALA N 20 13.87 -18.36 -52.40
C ALA N 20 13.16 -19.05 -53.56
N LEU N 21 12.34 -18.29 -54.27
CA LEU N 21 11.63 -18.78 -55.42
C LEU N 21 12.54 -18.61 -56.62
N ASP N 22 12.37 -19.46 -57.64
CA ASP N 22 13.15 -19.33 -58.87
C ASP N 22 12.28 -18.36 -59.65
N HIS N 23 12.68 -17.10 -59.70
CA HIS N 23 11.87 -16.11 -60.37
C HIS N 23 11.70 -16.34 -61.86
N SER N 24 12.60 -17.13 -62.44
CA SER N 24 12.51 -17.47 -63.85
C SER N 24 11.30 -18.40 -64.03
N SER N 25 11.16 -19.34 -63.11
CA SER N 25 10.05 -20.28 -63.14
C SER N 25 8.74 -19.53 -62.86
N VAL N 26 8.80 -18.56 -61.95
CA VAL N 26 7.60 -17.79 -61.62
C VAL N 26 7.12 -17.04 -62.85
N ARG N 27 8.05 -16.39 -63.55
CA ARG N 27 7.72 -15.62 -64.75
C ARG N 27 7.00 -16.50 -65.78
N ARG N 28 7.48 -17.73 -65.95
CA ARG N 28 6.85 -18.65 -66.89
C ARG N 28 5.47 -19.04 -66.36
N GLY N 29 5.41 -19.40 -65.08
CA GLY N 29 4.16 -19.78 -64.46
C GLY N 29 3.08 -18.73 -64.67
N PHE N 30 3.50 -17.47 -64.72
CA PHE N 30 2.58 -16.35 -64.93
C PHE N 30 1.96 -16.46 -66.31
N GLN N 31 2.81 -16.79 -67.29
CA GLN N 31 2.37 -16.95 -68.67
C GLN N 31 1.32 -18.05 -68.74
N VAL N 32 1.63 -19.21 -68.15
CA VAL N 32 0.67 -20.30 -68.13
C VAL N 32 -0.67 -19.73 -67.65
N TYR N 33 -0.67 -19.14 -66.45
CA TYR N 33 -1.90 -18.59 -65.90
C TYR N 33 -2.57 -17.63 -66.88
N LYS N 34 -1.81 -16.64 -67.32
CA LYS N 34 -2.33 -15.65 -68.25
C LYS N 34 -2.96 -16.25 -69.48
N GLN N 35 -2.26 -17.18 -70.13
CA GLN N 35 -2.76 -17.81 -71.37
C GLN N 35 -3.60 -19.06 -71.23
N VAL N 36 -3.64 -19.67 -70.06
CA VAL N 36 -4.42 -20.89 -69.87
C VAL N 36 -5.47 -20.83 -68.76
N CYS N 37 -5.00 -20.74 -67.51
CA CYS N 37 -5.89 -20.72 -66.35
C CYS N 37 -6.78 -19.49 -66.22
N SER N 38 -6.26 -18.32 -66.60
CA SER N 38 -7.00 -17.06 -66.50
C SER N 38 -8.28 -17.06 -67.34
N ALA N 39 -8.49 -18.13 -68.08
CA ALA N 39 -9.68 -18.22 -68.90
C ALA N 39 -10.89 -18.54 -68.04
N CYS N 40 -10.67 -19.24 -66.93
CA CYS N 40 -11.77 -19.61 -66.04
C CYS N 40 -11.50 -19.22 -64.61
N HIS N 41 -10.20 -19.12 -64.28
CA HIS N 41 -9.79 -18.79 -62.93
C HIS N 41 -9.45 -17.34 -62.65
N SER N 42 -10.08 -16.80 -61.62
CA SER N 42 -9.83 -15.44 -61.22
C SER N 42 -8.66 -15.45 -60.27
N MET N 43 -8.04 -14.29 -60.10
CA MET N 43 -6.92 -14.13 -59.19
C MET N 43 -7.03 -12.71 -58.66
N ASP N 44 -8.11 -12.48 -57.94
CA ASP N 44 -8.49 -11.20 -57.37
C ASP N 44 -7.46 -10.40 -56.59
N TYR N 45 -6.56 -11.05 -55.89
CA TYR N 45 -5.61 -10.33 -55.07
C TYR N 45 -4.28 -9.91 -55.66
N VAL N 46 -4.06 -10.20 -56.94
CA VAL N 46 -2.82 -9.79 -57.57
C VAL N 46 -3.06 -8.73 -58.62
N ALA N 47 -2.16 -7.76 -58.69
CA ALA N 47 -2.26 -6.66 -59.65
C ALA N 47 -1.01 -6.64 -60.48
N PHE N 48 -1.10 -6.07 -61.67
CA PHE N 48 0.04 -6.03 -62.57
C PHE N 48 1.26 -5.37 -61.93
N ARG N 49 1.04 -4.34 -61.10
CA ARG N 49 2.17 -3.68 -60.45
C ARG N 49 2.96 -4.68 -59.60
N ASN N 50 2.29 -5.72 -59.12
CA ASN N 50 2.94 -6.75 -58.28
C ASN N 50 4.05 -7.49 -59.00
N LEU N 51 3.94 -7.60 -60.32
CA LEU N 51 4.92 -8.31 -61.12
C LEU N 51 6.24 -7.54 -61.20
N ILE N 52 6.15 -6.22 -61.22
CA ILE N 52 7.33 -5.36 -61.34
C ILE N 52 8.41 -5.66 -60.30
N GLY N 53 9.60 -6.02 -60.76
CA GLY N 53 10.71 -6.31 -59.86
C GLY N 53 10.66 -7.71 -59.29
N VAL N 54 9.77 -8.53 -59.82
CA VAL N 54 9.64 -9.90 -59.34
C VAL N 54 9.84 -10.84 -60.52
N THR N 55 9.07 -10.59 -61.58
CA THR N 55 9.15 -11.40 -62.78
C THR N 55 9.21 -10.51 -64.01
N HIS N 56 8.69 -9.30 -63.91
CA HIS N 56 8.71 -8.41 -65.05
C HIS N 56 9.29 -7.04 -64.81
N THR N 57 9.54 -6.37 -65.92
CA THR N 57 10.06 -5.02 -65.98
C THR N 57 8.87 -4.11 -65.76
N GLU N 58 9.12 -2.85 -65.45
CA GLU N 58 7.99 -1.94 -65.28
C GLU N 58 7.30 -1.73 -66.61
N ALA N 59 8.08 -1.72 -67.69
CA ALA N 59 7.54 -1.54 -69.04
C ALA N 59 6.71 -2.75 -69.43
N GLU N 60 7.24 -3.94 -69.17
CA GLU N 60 6.54 -5.18 -69.48
C GLU N 60 5.22 -5.20 -68.73
N ALA N 61 5.26 -4.80 -67.46
CA ALA N 61 4.07 -4.79 -66.63
C ALA N 61 3.05 -3.84 -67.18
N LYS N 62 3.47 -2.63 -67.50
CA LYS N 62 2.56 -1.64 -68.03
C LYS N 62 1.91 -2.14 -69.32
N ALA N 63 2.69 -2.83 -70.15
CA ALA N 63 2.20 -3.38 -71.42
C ALA N 63 1.13 -4.44 -71.17
N LEU N 64 1.45 -5.37 -70.27
CA LEU N 64 0.57 -6.46 -69.90
C LEU N 64 -0.79 -6.00 -69.40
N ALA N 65 -0.80 -4.89 -68.68
CA ALA N 65 -2.04 -4.36 -68.14
C ALA N 65 -2.86 -3.69 -69.22
N GLU N 66 -2.20 -3.10 -70.20
CA GLU N 66 -2.89 -2.40 -71.29
C GLU N 66 -3.59 -3.33 -72.27
N GLU N 67 -3.23 -4.61 -72.21
CA GLU N 67 -3.83 -5.62 -73.07
C GLU N 67 -5.25 -5.85 -72.59
N VAL N 68 -5.56 -5.32 -71.42
CA VAL N 68 -6.88 -5.49 -70.83
C VAL N 68 -7.76 -4.24 -70.82
N GLU N 69 -9.06 -4.45 -70.99
CA GLU N 69 -10.02 -3.35 -70.95
C GLU N 69 -10.70 -3.47 -69.60
N VAL N 70 -10.66 -2.42 -68.81
CA VAL N 70 -11.32 -2.49 -67.51
C VAL N 70 -12.52 -1.55 -67.55
N GLN N 71 -13.51 -1.84 -66.72
CA GLN N 71 -14.69 -1.02 -66.67
C GLN N 71 -14.52 0.08 -65.65
N ASP N 72 -14.54 1.32 -66.10
CA ASP N 72 -14.41 2.45 -65.19
C ASP N 72 -15.74 3.19 -65.24
N GLY N 73 -15.84 4.29 -64.50
CA GLY N 73 -17.08 5.03 -64.49
C GLY N 73 -17.58 5.34 -63.10
N PRO N 74 -18.69 6.09 -62.98
CA PRO N 74 -19.46 6.64 -64.10
C PRO N 74 -18.81 7.89 -64.69
N ASP N 75 -19.27 8.27 -65.87
CA ASP N 75 -18.75 9.46 -66.54
C ASP N 75 -19.65 10.65 -66.22
N GLU N 76 -19.64 11.66 -67.09
CA GLU N 76 -20.45 12.88 -66.89
C GLU N 76 -21.93 12.57 -66.79
N ASN N 77 -22.37 11.62 -67.59
CA ASN N 77 -23.79 11.24 -67.62
C ASN N 77 -24.10 10.03 -66.76
N GLY N 78 -23.16 9.69 -65.87
CA GLY N 78 -23.36 8.57 -64.98
C GLY N 78 -23.35 7.25 -65.73
N GLU N 79 -22.50 7.17 -66.75
CA GLU N 79 -22.40 5.96 -67.56
C GLU N 79 -21.11 5.21 -67.28
N LEU N 80 -21.17 3.90 -67.36
CA LEU N 80 -19.97 3.09 -67.16
C LEU N 80 -19.27 3.14 -68.53
N PHE N 81 -17.99 2.78 -68.59
CA PHE N 81 -17.28 2.81 -69.85
C PHE N 81 -15.99 2.02 -69.75
N MET N 82 -15.43 1.65 -70.89
CA MET N 82 -14.20 0.89 -70.89
C MET N 82 -12.97 1.78 -70.98
N ARG N 83 -11.83 1.21 -70.63
CA ARG N 83 -10.56 1.91 -70.71
C ARG N 83 -9.46 0.87 -70.64
N PRO N 84 -8.27 1.22 -71.16
CA PRO N 84 -7.16 0.27 -71.13
C PRO N 84 -6.65 0.16 -69.68
N GLY N 85 -6.10 -0.99 -69.33
CA GLY N 85 -5.63 -1.19 -67.97
C GLY N 85 -4.36 -0.46 -67.57
N LYS N 86 -4.27 -0.19 -66.27
CA LYS N 86 -3.10 0.47 -65.66
C LYS N 86 -2.48 -0.63 -64.81
N ILE N 87 -1.25 -0.44 -64.33
CA ILE N 87 -0.60 -1.45 -63.50
C ILE N 87 -1.21 -1.54 -62.10
N SER N 88 -2.15 -0.66 -61.82
CA SER N 88 -2.83 -0.62 -60.54
C SER N 88 -4.05 -1.51 -60.55
N ASP N 89 -4.39 -2.01 -61.72
CA ASP N 89 -5.55 -2.88 -61.85
C ASP N 89 -5.16 -4.28 -61.48
N TYR N 90 -6.14 -5.03 -60.98
CA TYR N 90 -5.91 -6.40 -60.60
C TYR N 90 -6.24 -7.31 -61.78
N PHE N 91 -5.68 -8.50 -61.78
CA PHE N 91 -5.96 -9.44 -62.85
C PHE N 91 -7.45 -9.55 -63.04
N PRO N 92 -7.92 -9.44 -64.29
CA PRO N 92 -9.33 -9.49 -64.69
C PRO N 92 -10.09 -10.75 -64.30
N LYS N 93 -11.34 -10.57 -63.91
CA LYS N 93 -12.19 -11.70 -63.56
C LYS N 93 -12.78 -12.25 -64.85
N PRO N 94 -12.80 -13.59 -65.01
CA PRO N 94 -13.35 -14.21 -66.22
C PRO N 94 -14.86 -14.11 -66.26
N TYR N 95 -15.48 -14.04 -65.08
CA TYR N 95 -16.93 -13.94 -64.98
C TYR N 95 -17.33 -12.87 -63.98
N PRO N 96 -18.53 -12.29 -64.14
CA PRO N 96 -19.08 -11.24 -63.28
C PRO N 96 -19.33 -11.71 -61.86
N ASN N 97 -19.90 -12.90 -61.75
CA ASN N 97 -20.24 -13.50 -60.48
C ASN N 97 -20.12 -15.02 -60.60
N PRO N 98 -20.16 -15.74 -59.46
CA PRO N 98 -20.06 -17.20 -59.48
C PRO N 98 -21.18 -17.91 -60.23
N GLU N 99 -22.36 -17.30 -60.26
CA GLU N 99 -23.49 -17.90 -60.97
C GLU N 99 -23.15 -18.05 -62.47
N ALA N 100 -22.50 -17.01 -63.00
CA ALA N 100 -22.10 -17.00 -64.41
C ALA N 100 -20.92 -17.94 -64.62
N ALA N 101 -20.07 -18.03 -63.61
CA ALA N 101 -18.91 -18.91 -63.69
C ALA N 101 -19.41 -20.35 -63.81
N ARG N 102 -20.32 -20.73 -62.91
CA ARG N 102 -20.89 -22.07 -62.88
C ARG N 102 -21.64 -22.32 -64.17
N ALA N 103 -22.42 -21.33 -64.57
CA ALA N 103 -23.20 -21.40 -65.79
C ALA N 103 -22.33 -21.83 -66.98
N ALA N 104 -21.10 -21.33 -67.03
CA ALA N 104 -20.18 -21.64 -68.11
C ALA N 104 -19.29 -22.86 -67.87
N ASN N 105 -19.44 -23.54 -66.74
CA ASN N 105 -18.60 -24.69 -66.45
C ASN N 105 -19.41 -25.88 -65.95
N ASN N 106 -20.63 -26.00 -66.43
CA ASN N 106 -21.48 -27.10 -66.01
C ASN N 106 -21.77 -27.01 -64.53
N GLY N 107 -22.25 -25.85 -64.08
CA GLY N 107 -22.57 -25.69 -62.67
C GLY N 107 -21.41 -25.92 -61.73
N ALA N 108 -20.19 -26.03 -62.27
CA ALA N 108 -19.00 -26.21 -61.44
C ALA N 108 -18.40 -24.82 -61.24
N LEU N 109 -17.71 -24.60 -60.13
CA LEU N 109 -17.13 -23.29 -59.89
C LEU N 109 -15.63 -23.26 -59.75
N PRO N 110 -14.94 -22.76 -60.78
CA PRO N 110 -13.48 -22.69 -60.68
C PRO N 110 -13.14 -21.58 -59.67
N PRO N 111 -12.53 -21.95 -58.54
CA PRO N 111 -12.15 -21.02 -57.48
C PRO N 111 -11.04 -20.01 -57.85
N ASP N 112 -11.00 -18.90 -57.12
CA ASP N 112 -10.00 -17.87 -57.31
C ASP N 112 -8.69 -18.55 -56.92
N LEU N 113 -7.62 -18.31 -57.68
CA LEU N 113 -6.35 -18.96 -57.38
C LEU N 113 -5.37 -18.19 -56.51
N SER N 114 -5.76 -16.99 -56.09
CA SER N 114 -4.88 -16.16 -55.27
C SER N 114 -4.27 -16.87 -54.05
N TYR N 115 -5.06 -17.70 -53.36
CA TYR N 115 -4.53 -18.40 -52.19
C TYR N 115 -4.69 -19.90 -52.30
N ILE N 116 -4.91 -20.39 -53.51
CA ILE N 116 -5.14 -21.82 -53.68
C ILE N 116 -4.10 -22.76 -53.08
N VAL N 117 -2.81 -22.49 -53.26
CA VAL N 117 -1.80 -23.39 -52.70
C VAL N 117 -1.80 -23.43 -51.17
N ASN N 118 -2.57 -22.55 -50.52
CA ASN N 118 -2.66 -22.54 -49.06
C ASN N 118 -4.04 -22.95 -48.61
N ALA N 119 -4.97 -22.94 -49.57
CA ALA N 119 -6.36 -23.29 -49.31
C ALA N 119 -6.57 -24.78 -49.50
N ARG N 120 -5.50 -25.48 -49.86
CA ARG N 120 -5.54 -26.92 -50.09
C ARG N 120 -4.42 -27.61 -49.35
N HIS N 121 -4.72 -28.76 -48.74
CA HIS N 121 -3.68 -29.51 -48.05
C HIS N 121 -2.79 -29.99 -49.18
N GLY N 122 -1.49 -30.01 -48.95
CA GLY N 122 -0.58 -30.47 -49.99
C GLY N 122 0.03 -29.30 -50.72
N GLY N 123 -0.73 -28.22 -50.87
CA GLY N 123 -0.20 -27.05 -51.55
C GLY N 123 0.18 -27.32 -52.99
N GLU N 124 1.35 -26.83 -53.41
CA GLU N 124 1.81 -27.01 -54.78
C GLU N 124 2.02 -28.47 -55.16
N ASP N 125 2.34 -29.31 -54.18
CA ASP N 125 2.51 -30.74 -54.43
C ASP N 125 1.16 -31.30 -54.87
N TYR N 126 0.08 -30.80 -54.23
CA TYR N 126 -1.27 -31.24 -54.56
C TYR N 126 -1.69 -30.74 -55.93
N VAL N 127 -1.58 -29.45 -56.15
CA VAL N 127 -1.95 -28.88 -57.43
C VAL N 127 -1.16 -29.52 -58.58
N PHE N 128 0.14 -29.76 -58.36
CA PHE N 128 0.96 -30.38 -59.40
C PHE N 128 0.50 -31.80 -59.69
N SER N 129 0.31 -32.60 -58.64
CA SER N 129 -0.15 -33.97 -58.79
C SER N 129 -1.51 -34.01 -59.49
N LEU N 130 -2.40 -33.10 -59.12
CA LEU N 130 -3.73 -33.03 -59.72
C LEU N 130 -3.66 -32.74 -61.21
N LEU N 131 -2.93 -31.69 -61.58
CA LEU N 131 -2.80 -31.33 -62.97
C LEU N 131 -2.20 -32.42 -63.86
N THR N 132 -1.26 -33.16 -63.31
CA THR N 132 -0.60 -34.22 -64.06
C THR N 132 -1.13 -35.61 -63.72
N GLY N 133 -2.16 -35.68 -62.89
CA GLY N 133 -2.67 -36.98 -62.48
C GLY N 133 -3.96 -37.51 -63.09
N TYR N 134 -4.47 -36.86 -64.13
CA TYR N 134 -5.69 -37.35 -64.77
C TYR N 134 -5.49 -38.73 -65.37
N CYS N 135 -6.49 -39.59 -65.24
CA CYS N 135 -6.41 -40.94 -65.77
C CYS N 135 -7.80 -41.53 -65.82
N ASP N 136 -7.89 -42.77 -66.29
CA ASP N 136 -9.17 -43.46 -66.40
C ASP N 136 -9.62 -44.10 -65.10
N PRO N 137 -10.93 -44.06 -64.85
CA PRO N 137 -11.47 -44.65 -63.63
C PRO N 137 -11.22 -46.13 -63.52
N PRO N 138 -10.92 -46.62 -62.30
CA PRO N 138 -10.66 -48.03 -62.09
C PRO N 138 -11.98 -48.81 -62.22
N ALA N 139 -11.87 -50.13 -62.27
CA ALA N 139 -13.05 -50.97 -62.38
C ALA N 139 -14.04 -50.70 -61.26
N GLY N 140 -15.33 -50.73 -61.60
CA GLY N 140 -16.36 -50.50 -60.60
C GLY N 140 -16.73 -49.05 -60.39
N VAL N 141 -15.93 -48.15 -60.94
CA VAL N 141 -16.18 -46.71 -60.77
C VAL N 141 -16.68 -46.04 -62.04
N VAL N 142 -17.78 -45.31 -61.90
CA VAL N 142 -18.37 -44.59 -63.03
C VAL N 142 -18.43 -43.10 -62.71
N VAL N 143 -17.85 -42.29 -63.60
CA VAL N 143 -17.83 -40.84 -63.44
C VAL N 143 -19.03 -40.26 -64.18
N ARG N 144 -19.86 -39.47 -63.49
CA ARG N 144 -21.04 -38.93 -64.16
C ARG N 144 -20.66 -37.92 -65.24
N GLU N 145 -21.53 -37.81 -66.23
CA GLU N 145 -21.32 -36.91 -67.36
C GLU N 145 -20.92 -35.50 -66.93
N GLY N 146 -19.90 -34.96 -67.60
CA GLY N 146 -19.44 -33.62 -67.27
C GLY N 146 -18.27 -33.61 -66.32
N LEU N 147 -18.07 -34.72 -65.61
CA LEU N 147 -16.97 -34.81 -64.66
C LEU N 147 -15.85 -35.65 -65.26
N HIS N 148 -14.62 -35.42 -64.78
CA HIS N 148 -13.46 -36.16 -65.26
C HIS N 148 -12.80 -36.84 -64.09
N TYR N 149 -12.24 -38.01 -64.34
CA TYR N 149 -11.60 -38.73 -63.27
C TYR N 149 -10.20 -38.22 -62.97
N ASN N 150 -9.97 -37.95 -61.69
CA ASN N 150 -8.68 -37.52 -61.22
C ASN N 150 -8.59 -38.17 -59.86
N PRO N 151 -7.65 -39.10 -59.70
CA PRO N 151 -7.50 -39.79 -58.41
C PRO N 151 -7.13 -38.86 -57.25
N TYR N 152 -6.46 -37.76 -57.58
CA TYR N 152 -6.02 -36.79 -56.60
C TYR N 152 -7.09 -35.84 -56.07
N PHE N 153 -8.19 -35.74 -56.78
CA PHE N 153 -9.28 -34.87 -56.35
C PHE N 153 -10.17 -35.67 -55.40
N PRO N 154 -10.62 -35.06 -54.29
CA PRO N 154 -11.48 -35.84 -53.41
C PRO N 154 -12.74 -36.29 -54.15
N GLY N 155 -13.12 -37.56 -53.97
CA GLY N 155 -14.28 -38.09 -54.67
C GLY N 155 -13.88 -38.56 -56.06
N GLN N 156 -12.66 -38.20 -56.45
CA GLN N 156 -12.07 -38.56 -57.74
C GLN N 156 -12.73 -38.03 -59.01
N ALA N 157 -13.91 -37.43 -58.89
CA ALA N 157 -14.58 -36.88 -60.07
C ALA N 157 -14.54 -35.34 -60.02
N ILE N 158 -13.67 -34.76 -60.83
CA ILE N 158 -13.50 -33.30 -60.86
C ILE N 158 -14.23 -32.67 -62.03
N GLY N 159 -14.70 -31.44 -61.84
CA GLY N 159 -15.39 -30.73 -62.89
C GLY N 159 -14.47 -29.97 -63.84
N MET N 160 -13.16 -30.08 -63.64
CA MET N 160 -12.21 -29.41 -64.51
C MET N 160 -11.57 -30.40 -65.48
N ALA N 161 -11.76 -30.18 -66.77
CA ALA N 161 -11.17 -31.07 -67.75
C ALA N 161 -9.67 -30.79 -67.73
N PRO N 162 -8.83 -31.81 -67.99
CA PRO N 162 -7.38 -31.59 -67.98
C PRO N 162 -7.08 -30.28 -68.70
N PRO N 163 -6.56 -29.30 -67.96
CA PRO N 163 -6.23 -27.97 -68.48
C PRO N 163 -4.95 -27.86 -69.28
N ILE N 164 -3.99 -28.75 -69.04
CA ILE N 164 -2.74 -28.64 -69.78
C ILE N 164 -2.21 -29.89 -70.46
N TYR N 165 -1.65 -29.69 -71.65
CA TYR N 165 -1.05 -30.75 -72.45
C TYR N 165 0.21 -30.19 -73.12
N ASN N 166 1.12 -31.06 -73.50
CA ASN N 166 2.36 -30.66 -74.13
C ASN N 166 2.18 -29.60 -75.21
N GLU N 167 3.11 -28.66 -75.24
CA GLU N 167 3.09 -27.57 -76.21
C GLU N 167 1.78 -26.78 -76.26
N ILE N 168 0.96 -26.86 -75.22
CA ILE N 168 -0.31 -26.12 -75.22
C ILE N 168 -0.01 -24.63 -75.32
N LEU N 169 1.27 -24.29 -75.21
CA LEU N 169 1.71 -22.91 -75.31
C LEU N 169 3.23 -22.92 -75.49
N GLU N 170 3.80 -21.77 -75.83
CA GLU N 170 5.26 -21.68 -76.01
C GLU N 170 5.89 -20.70 -75.05
N TYR N 171 6.86 -21.15 -74.29
CA TYR N 171 7.54 -20.26 -73.36
C TYR N 171 8.43 -19.36 -74.20
N ASP N 172 8.15 -18.06 -74.19
CA ASP N 172 8.94 -17.13 -74.98
C ASP N 172 10.38 -17.00 -74.49
N ASP N 173 10.75 -17.77 -73.48
CA ASP N 173 12.12 -17.73 -72.97
C ASP N 173 12.85 -18.95 -73.52
N GLY N 174 12.17 -19.65 -74.42
CA GLY N 174 12.76 -20.84 -75.02
C GLY N 174 12.91 -22.03 -74.09
N THR N 175 11.83 -22.41 -73.40
CA THR N 175 11.88 -23.57 -72.53
C THR N 175 10.92 -24.60 -73.13
N PRO N 176 11.31 -25.88 -73.13
CA PRO N 176 10.50 -26.97 -73.67
C PRO N 176 9.21 -27.15 -72.89
N ALA N 177 8.12 -26.62 -73.44
CA ALA N 177 6.80 -26.68 -72.81
C ALA N 177 6.14 -28.06 -72.66
N THR N 178 6.82 -28.98 -71.98
CA THR N 178 6.24 -30.29 -71.77
C THR N 178 5.13 -30.08 -70.76
N MET N 179 4.19 -31.01 -70.64
CA MET N 179 3.09 -30.84 -69.69
C MET N 179 3.56 -30.67 -68.25
N SER N 180 4.50 -31.50 -67.81
CA SER N 180 4.98 -31.41 -66.45
C SER N 180 5.77 -30.12 -66.25
N GLN N 181 6.51 -29.67 -67.26
CA GLN N 181 7.27 -28.42 -67.13
C GLN N 181 6.30 -27.28 -66.84
N ILE N 182 5.19 -27.28 -67.57
CA ILE N 182 4.15 -26.28 -67.41
C ILE N 182 3.57 -26.31 -65.99
N ALA N 183 3.08 -27.47 -65.55
CA ALA N 183 2.51 -27.60 -64.22
C ALA N 183 3.52 -27.14 -63.15
N LYS N 184 4.77 -27.55 -63.32
CA LYS N 184 5.80 -27.17 -62.39
C LYS N 184 5.87 -25.64 -62.30
N ASP N 185 6.00 -24.96 -63.43
CA ASP N 185 6.06 -23.50 -63.44
C ASP N 185 4.82 -22.81 -62.88
N VAL N 186 3.63 -23.20 -63.34
CA VAL N 186 2.42 -22.58 -62.84
C VAL N 186 2.27 -22.77 -61.33
N CYS N 187 2.69 -23.91 -60.81
CA CYS N 187 2.59 -24.14 -59.39
C CYS N 187 3.52 -23.18 -58.65
N THR N 188 4.72 -23.01 -59.18
CA THR N 188 5.70 -22.10 -58.59
C THR N 188 5.10 -20.70 -58.58
N PHE N 189 4.43 -20.34 -59.66
CA PHE N 189 3.77 -19.03 -59.76
C PHE N 189 2.70 -18.89 -58.68
N LEU N 190 1.90 -19.93 -58.51
CA LEU N 190 0.82 -19.92 -57.52
C LEU N 190 1.33 -19.81 -56.10
N ARG N 191 2.53 -20.33 -55.86
CA ARG N 191 3.10 -20.25 -54.54
C ARG N 191 3.33 -18.76 -54.31
N TRP N 192 3.92 -18.10 -55.31
CA TRP N 192 4.19 -16.67 -55.23
C TRP N 192 2.91 -15.83 -55.09
N ALA N 193 1.87 -16.17 -55.85
CA ALA N 193 0.63 -15.41 -55.75
C ALA N 193 0.04 -15.52 -54.34
N ALA N 194 0.26 -16.65 -53.67
CA ALA N 194 -0.28 -16.83 -52.33
C ALA N 194 0.50 -16.04 -51.30
N GLU N 195 1.80 -15.84 -51.54
CA GLU N 195 2.60 -15.12 -50.58
C GLU N 195 3.85 -14.47 -51.14
N PRO N 196 3.68 -13.28 -51.70
CA PRO N 196 4.72 -12.46 -52.31
C PRO N 196 5.86 -12.17 -51.33
N GLU N 197 5.55 -12.28 -50.04
CA GLU N 197 6.53 -12.00 -49.02
C GLU N 197 7.55 -13.12 -48.90
N HIS N 198 7.20 -14.29 -49.44
CA HIS N 198 8.04 -15.49 -49.39
C HIS N 198 9.55 -15.29 -49.25
N ASP N 199 10.19 -14.70 -50.26
CA ASP N 199 11.64 -14.49 -50.22
C ASP N 199 12.07 -13.58 -49.09
N GLN N 200 11.42 -12.42 -48.96
CA GLN N 200 11.76 -11.51 -47.88
C GLN N 200 11.58 -12.18 -46.52
N ARG N 201 10.53 -12.98 -46.42
CA ARG N 201 10.24 -13.70 -45.19
C ARG N 201 11.39 -14.63 -44.84
N LYS N 202 11.94 -15.29 -45.85
CA LYS N 202 13.05 -16.20 -45.60
C LYS N 202 14.35 -15.46 -45.31
N ARG N 203 14.59 -14.38 -46.04
CA ARG N 203 15.78 -13.58 -45.81
C ARG N 203 15.74 -13.10 -44.35
N MET N 204 14.55 -12.75 -43.87
CA MET N 204 14.38 -12.31 -42.49
C MET N 204 14.63 -13.46 -41.53
N GLY N 205 14.26 -14.67 -41.93
CA GLY N 205 14.48 -15.83 -41.08
C GLY N 205 15.96 -16.04 -40.83
N LEU N 206 16.78 -15.80 -41.85
CA LEU N 206 18.22 -15.95 -41.72
C LEU N 206 18.77 -14.97 -40.68
N LYS N 207 18.39 -13.70 -40.80
CA LYS N 207 18.84 -12.71 -39.85
C LYS N 207 18.34 -13.02 -38.44
N MET N 208 17.08 -13.44 -38.33
CA MET N 208 16.50 -13.80 -37.05
C MET N 208 17.35 -14.87 -36.36
N LEU N 209 17.66 -15.95 -37.08
CA LEU N 209 18.46 -17.04 -36.52
C LEU N 209 19.85 -16.63 -36.05
N LEU N 210 20.58 -15.93 -36.91
CA LEU N 210 21.92 -15.48 -36.54
C LEU N 210 21.87 -14.60 -35.29
N ILE N 211 21.02 -13.57 -35.32
CA ILE N 211 20.90 -12.69 -34.16
C ILE N 211 20.42 -13.48 -32.96
N SER N 212 19.54 -14.43 -33.19
CA SER N 212 19.01 -15.27 -32.11
C SER N 212 20.15 -16.11 -31.51
N ALA N 213 20.97 -16.71 -32.36
CA ALA N 213 22.08 -17.51 -31.89
C ALA N 213 23.02 -16.62 -31.06
N LEU N 214 23.41 -15.50 -31.64
CA LEU N 214 24.31 -14.57 -30.98
C LEU N 214 23.76 -14.11 -29.64
N LEU N 215 22.60 -13.44 -29.68
CA LEU N 215 21.94 -12.92 -28.49
C LEU N 215 21.65 -13.93 -27.38
N THR N 216 21.27 -15.16 -27.73
CA THR N 216 21.00 -16.14 -26.69
C THR N 216 22.29 -16.57 -25.98
N SER N 217 23.36 -16.79 -26.73
CA SER N 217 24.62 -17.17 -26.13
C SER N 217 25.03 -16.08 -25.15
N LEU N 218 25.10 -14.85 -25.65
CA LEU N 218 25.46 -13.69 -24.84
C LEU N 218 24.64 -13.60 -23.55
N LEU N 219 23.33 -13.72 -23.66
CA LEU N 219 22.48 -13.64 -22.48
C LEU N 219 22.66 -14.84 -21.56
N TYR N 220 23.06 -15.97 -22.11
CA TYR N 220 23.25 -17.12 -21.25
C TYR N 220 24.45 -16.82 -20.34
N TYR N 221 25.51 -16.31 -20.94
CA TYR N 221 26.71 -15.99 -20.19
C TYR N 221 26.44 -14.98 -19.08
N MET N 222 25.66 -13.95 -19.38
CA MET N 222 25.33 -12.92 -18.39
C MET N 222 24.49 -13.45 -17.25
N LYS N 223 23.53 -14.30 -17.56
CA LYS N 223 22.67 -14.92 -16.55
C LYS N 223 23.58 -15.74 -15.62
N ARG N 224 24.46 -16.53 -16.23
CA ARG N 224 25.40 -17.38 -15.50
C ARG N 224 26.38 -16.56 -14.65
N HIS N 225 26.91 -15.50 -15.24
CA HIS N 225 27.85 -14.59 -14.59
C HIS N 225 27.25 -14.05 -13.30
N LYS N 226 26.00 -13.60 -13.36
CA LYS N 226 25.35 -13.06 -12.17
C LYS N 226 25.05 -14.14 -11.16
N TRP N 227 24.44 -15.23 -11.61
CA TRP N 227 24.13 -16.32 -10.69
C TRP N 227 25.36 -17.03 -10.11
N SER N 228 26.49 -16.95 -10.79
CA SER N 228 27.71 -17.59 -10.30
C SER N 228 27.87 -17.37 -8.80
N VAL N 229 27.44 -16.20 -8.33
CA VAL N 229 27.52 -15.83 -6.90
C VAL N 229 26.75 -16.79 -6.00
N LEU N 230 25.58 -17.23 -6.45
CA LEU N 230 24.78 -18.15 -5.66
C LEU N 230 25.15 -19.59 -6.00
N LYS N 231 25.55 -19.82 -7.25
CA LYS N 231 25.92 -21.17 -7.65
C LYS N 231 27.12 -21.71 -6.87
N SER N 232 28.14 -20.88 -6.68
CA SER N 232 29.32 -21.32 -5.97
C SER N 232 29.28 -21.05 -4.47
N ARG N 233 28.25 -20.34 -4.01
CA ARG N 233 28.08 -19.99 -2.60
C ARG N 233 28.19 -21.20 -1.70
N LYS N 234 28.85 -21.01 -0.56
CA LYS N 234 29.04 -22.06 0.44
C LYS N 234 28.54 -21.53 1.77
N MET N 235 27.91 -22.40 2.55
CA MET N 235 27.39 -22.02 3.86
C MET N 235 27.74 -23.07 4.91
N ALA N 236 27.63 -22.69 6.18
CA ALA N 236 27.95 -23.57 7.30
C ALA N 236 27.09 -23.24 8.51
N TYR N 237 26.75 -24.26 9.30
CA TYR N 237 25.97 -24.08 10.52
C TYR N 237 26.92 -24.13 11.70
N ARG N 238 27.07 -23.01 12.39
CA ARG N 238 27.99 -22.91 13.53
C ARG N 238 27.32 -22.56 14.87
N PRO N 239 26.55 -23.49 15.44
CA PRO N 239 25.89 -23.20 16.72
C PRO N 239 26.89 -23.07 17.84
N PRO N 240 26.51 -22.38 18.94
CA PRO N 240 27.39 -22.19 20.11
C PRO N 240 27.77 -23.58 20.61
N LYS N 241 26.82 -24.50 20.48
CA LYS N 241 26.98 -25.90 20.86
C LYS N 241 28.39 -26.25 21.36
N VAL O 1 34.74 -19.99 18.81
CA VAL O 1 34.92 -18.54 18.58
C VAL O 1 35.17 -18.19 17.11
N HIS O 2 34.98 -16.92 16.76
CA HIS O 2 35.16 -16.48 15.38
C HIS O 2 36.58 -16.69 14.86
N ASN O 3 37.54 -16.85 15.77
CA ASN O 3 38.92 -17.05 15.35
C ASN O 3 39.12 -18.36 14.58
N ASP O 4 38.27 -19.33 14.89
CA ASP O 4 38.28 -20.66 14.26
C ASP O 4 37.55 -20.71 12.91
N VAL O 5 37.05 -19.57 12.46
CA VAL O 5 36.33 -19.53 11.19
C VAL O 5 37.20 -19.05 10.06
N THR O 6 37.18 -19.79 8.95
CA THR O 6 37.95 -19.44 7.76
C THR O 6 37.13 -19.65 6.50
N VAL O 7 37.50 -18.92 5.45
CA VAL O 7 36.81 -19.00 4.17
C VAL O 7 37.17 -20.26 3.42
N PRO O 8 36.15 -21.05 3.02
CA PRO O 8 36.43 -22.28 2.27
C PRO O 8 37.25 -21.96 1.03
N ASP O 9 37.70 -23.01 0.36
CA ASP O 9 38.53 -22.85 -0.81
C ASP O 9 37.69 -22.71 -2.08
N PHE O 10 37.90 -21.61 -2.81
CA PHE O 10 37.18 -21.37 -4.05
C PHE O 10 38.00 -21.66 -5.31
N SER O 11 39.03 -22.48 -5.17
CA SER O 11 39.87 -22.86 -6.30
C SER O 11 39.05 -23.54 -7.40
N ALA O 12 38.03 -24.28 -7.00
CA ALA O 12 37.19 -24.97 -7.96
C ALA O 12 36.41 -24.00 -8.86
N TYR O 13 36.35 -22.73 -8.45
CA TYR O 13 35.61 -21.70 -9.19
C TYR O 13 36.40 -20.48 -9.63
N ARG O 14 37.49 -20.19 -8.95
CA ARG O 14 38.27 -19.01 -9.33
C ARG O 14 38.66 -18.97 -10.79
N ARG O 15 38.73 -17.76 -11.34
CA ARG O 15 39.14 -17.60 -12.72
C ARG O 15 40.64 -17.83 -12.70
N GLU O 16 41.18 -18.35 -13.80
CA GLU O 16 42.61 -18.63 -13.91
C GLU O 16 43.54 -17.55 -13.33
N ASP O 17 43.32 -16.27 -13.66
CA ASP O 17 44.20 -15.22 -13.17
C ASP O 17 44.22 -14.88 -11.70
N VAL O 18 43.30 -15.45 -10.94
CA VAL O 18 43.28 -15.14 -9.51
C VAL O 18 43.30 -16.44 -8.72
N MET O 19 43.84 -17.47 -9.36
CA MET O 19 43.93 -18.79 -8.78
C MET O 19 45.06 -18.86 -7.74
N ASP O 20 46.14 -18.12 -8.00
CA ASP O 20 47.31 -18.09 -7.14
C ASP O 20 47.28 -17.04 -6.03
N ALA O 21 47.24 -17.52 -4.78
CA ALA O 21 47.17 -16.68 -3.58
C ALA O 21 48.33 -15.72 -3.33
N THR O 22 49.40 -15.83 -4.09
CA THR O 22 50.55 -14.95 -3.86
C THR O 22 50.72 -13.92 -4.97
N THR O 23 49.67 -13.74 -5.76
CA THR O 23 49.71 -12.79 -6.88
C THR O 23 48.65 -11.71 -6.73
N SER O 24 49.04 -10.45 -6.96
CA SER O 24 48.08 -9.35 -6.91
C SER O 24 46.98 -9.62 -7.90
N SER O 25 45.73 -9.59 -7.44
CA SER O 25 44.61 -9.85 -8.32
C SER O 25 44.19 -8.60 -9.08
N GLN O 26 44.73 -7.45 -8.71
CA GLN O 26 44.40 -6.20 -9.39
C GLN O 26 44.90 -6.17 -10.83
N THR O 27 46.13 -6.65 -11.03
CA THR O 27 46.73 -6.65 -12.37
C THR O 27 45.85 -7.30 -13.45
N SER O 28 45.07 -8.30 -13.08
CA SER O 28 44.20 -8.97 -14.04
C SER O 28 42.73 -8.54 -13.94
N SER O 29 42.46 -7.55 -13.10
CA SER O 29 41.09 -7.07 -12.91
C SER O 29 40.47 -6.39 -14.14
N GLU O 30 41.16 -5.43 -14.74
CA GLU O 30 40.59 -4.79 -15.92
C GLU O 30 40.34 -5.82 -17.02
N ASP O 31 41.07 -6.93 -16.95
CA ASP O 31 40.93 -8.03 -17.91
C ASP O 31 39.63 -8.78 -17.64
N ARG O 32 39.45 -9.18 -16.38
CA ARG O 32 38.25 -9.91 -16.01
C ARG O 32 36.97 -9.07 -16.20
N LYS O 33 37.03 -7.79 -15.84
CA LYS O 33 35.88 -6.92 -15.99
C LYS O 33 35.69 -6.57 -17.44
N GLY O 34 36.80 -6.26 -18.12
CA GLY O 34 36.76 -5.91 -19.52
C GLY O 34 36.10 -6.98 -20.38
N PHE O 35 36.28 -8.25 -19.99
CA PHE O 35 35.71 -9.36 -20.73
C PHE O 35 34.23 -9.48 -20.54
N SER O 36 33.81 -9.55 -19.27
CA SER O 36 32.40 -9.66 -18.91
C SER O 36 31.61 -8.45 -19.42
N TYR O 37 32.19 -7.25 -19.30
CA TYR O 37 31.54 -6.05 -19.78
C TYR O 37 31.48 -6.06 -21.32
N LEU O 38 32.43 -6.73 -21.94
CA LEU O 38 32.44 -6.82 -23.40
C LEU O 38 31.26 -7.67 -23.87
N VAL O 39 30.94 -8.72 -23.11
CA VAL O 39 29.83 -9.60 -23.45
C VAL O 39 28.56 -8.79 -23.38
N THR O 40 28.42 -8.09 -22.27
CA THR O 40 27.25 -7.26 -22.02
C THR O 40 27.07 -6.20 -23.10
N ALA O 41 28.11 -5.40 -23.34
CA ALA O 41 28.03 -4.36 -24.36
C ALA O 41 27.62 -4.95 -25.71
N THR O 42 28.04 -6.18 -25.98
CA THR O 42 27.68 -6.83 -27.23
C THR O 42 26.22 -7.21 -27.22
N ALA O 43 25.74 -7.71 -26.09
CA ALA O 43 24.32 -8.06 -25.97
C ALA O 43 23.49 -6.83 -26.29
N CYS O 44 23.92 -5.68 -25.76
CA CYS O 44 23.21 -4.44 -26.02
C CYS O 44 23.17 -4.11 -27.51
N VAL O 45 24.32 -4.17 -28.17
CA VAL O 45 24.38 -3.90 -29.60
C VAL O 45 23.43 -4.87 -30.35
N ALA O 46 23.46 -6.16 -29.99
CA ALA O 46 22.59 -7.15 -30.62
C ALA O 46 21.13 -6.78 -30.42
N THR O 47 20.82 -6.32 -29.21
CA THR O 47 19.46 -5.91 -28.91
C THR O 47 19.10 -4.56 -29.55
N ALA O 48 20.04 -3.63 -29.58
CA ALA O 48 19.75 -2.33 -30.19
C ALA O 48 19.50 -2.55 -31.69
N TYR O 49 20.12 -3.57 -32.24
CA TYR O 49 19.91 -3.86 -33.65
C TYR O 49 18.50 -4.40 -33.81
N ALA O 50 18.18 -5.48 -33.10
CA ALA O 50 16.85 -6.08 -33.17
C ALA O 50 15.71 -5.08 -32.91
N ALA O 51 15.81 -4.32 -31.82
CA ALA O 51 14.78 -3.37 -31.47
C ALA O 51 14.59 -2.36 -32.58
N LYS O 52 15.68 -1.73 -33.01
CA LYS O 52 15.60 -0.75 -34.07
C LYS O 52 14.82 -1.26 -35.28
N ASN O 53 15.07 -2.50 -35.68
CA ASN O 53 14.37 -3.08 -36.81
C ASN O 53 12.90 -3.29 -36.52
N VAL O 54 12.58 -4.00 -35.44
CA VAL O 54 11.17 -4.24 -35.11
C VAL O 54 10.42 -2.90 -35.03
N VAL O 55 10.97 -1.94 -34.30
CA VAL O 55 10.32 -0.64 -34.20
C VAL O 55 10.15 -0.02 -35.59
N THR O 56 11.18 -0.09 -36.42
CA THR O 56 11.08 0.48 -37.75
C THR O 56 9.96 -0.16 -38.55
N GLN O 57 9.88 -1.49 -38.51
CA GLN O 57 8.84 -2.19 -39.28
C GLN O 57 7.45 -1.85 -38.79
N PHE O 58 7.26 -1.79 -37.48
CA PHE O 58 5.95 -1.46 -36.96
C PHE O 58 5.62 -0.02 -37.31
N ILE O 59 6.57 0.89 -37.11
CA ILE O 59 6.32 2.28 -37.45
C ILE O 59 5.88 2.41 -38.90
N SER O 60 6.63 1.78 -39.81
CA SER O 60 6.30 1.88 -41.22
C SER O 60 5.05 1.16 -41.64
N SER O 61 4.51 0.32 -40.77
CA SER O 61 3.27 -0.36 -41.15
C SER O 61 2.18 0.71 -41.19
N LEU O 62 2.41 1.82 -40.50
CA LEU O 62 1.43 2.87 -40.46
C LEU O 62 1.54 3.89 -41.58
N SER O 63 2.58 3.83 -42.40
CA SER O 63 2.65 4.79 -43.48
C SER O 63 1.95 4.17 -44.67
N ALA O 64 1.78 4.95 -45.74
CA ALA O 64 1.07 4.51 -46.95
C ALA O 64 1.35 3.08 -47.43
N SER O 65 0.28 2.31 -47.61
CA SER O 65 0.41 0.93 -48.09
C SER O 65 0.58 0.94 -49.60
N ALA O 66 1.12 -0.16 -50.13
CA ALA O 66 1.40 -0.32 -51.57
C ALA O 66 0.27 0.09 -52.52
N ASP O 67 -0.96 -0.23 -52.16
CA ASP O 67 -2.06 0.12 -53.03
C ASP O 67 -2.22 1.66 -53.05
N VAL O 68 -1.88 2.30 -51.96
CA VAL O 68 -2.00 3.75 -51.86
C VAL O 68 -0.88 4.41 -52.66
N LEU O 69 0.35 3.95 -52.46
CA LEU O 69 1.47 4.53 -53.19
C LEU O 69 1.22 4.35 -54.68
N ALA O 70 0.57 3.26 -55.03
CA ALA O 70 0.28 2.94 -56.41
C ALA O 70 -0.53 4.02 -57.11
N LEU O 71 -1.16 4.90 -56.34
CA LEU O 71 -1.96 5.98 -56.89
C LEU O 71 -1.33 7.31 -56.52
N SER O 72 -0.11 7.25 -56.01
CA SER O 72 0.63 8.44 -55.61
C SER O 72 0.78 9.44 -56.75
N LYS O 73 1.30 8.97 -57.88
CA LYS O 73 1.51 9.81 -59.03
C LYS O 73 0.99 9.20 -60.33
N ILE O 74 0.54 10.06 -61.25
CA ILE O 74 -0.01 9.63 -62.54
C ILE O 74 0.83 10.20 -63.68
N GLU O 75 0.99 9.44 -64.76
CA GLU O 75 1.76 9.89 -65.93
C GLU O 75 0.82 10.06 -67.13
N ILE O 76 0.73 11.28 -67.63
CA ILE O 76 -0.15 11.58 -68.75
C ILE O 76 0.61 11.80 -70.05
N LYS O 77 0.05 11.28 -71.15
CA LYS O 77 0.68 11.42 -72.46
C LYS O 77 0.22 12.69 -73.21
N LEU O 78 1.12 13.69 -73.26
CA LEU O 78 0.85 14.96 -73.92
C LEU O 78 0.36 14.82 -75.36
N SER O 79 0.71 13.71 -75.98
CA SER O 79 0.32 13.42 -77.36
C SER O 79 -1.20 13.25 -77.49
N ASP O 80 -1.84 12.80 -76.42
CA ASP O 80 -3.28 12.59 -76.40
C ASP O 80 -4.03 13.91 -76.26
N ILE O 81 -3.32 14.96 -75.84
CA ILE O 81 -3.92 16.27 -75.67
C ILE O 81 -3.50 17.26 -76.74
N PRO O 82 -4.44 17.61 -77.65
CA PRO O 82 -4.21 18.55 -78.75
C PRO O 82 -4.41 19.98 -78.25
N GLU O 83 -3.87 20.96 -78.97
CA GLU O 83 -4.03 22.36 -78.56
C GLU O 83 -5.47 22.85 -78.67
N GLY O 84 -5.81 23.84 -77.83
CA GLY O 84 -7.15 24.39 -77.84
C GLY O 84 -8.16 23.48 -77.17
N LYS O 85 -7.69 22.37 -76.62
CA LYS O 85 -8.57 21.42 -75.94
C LYS O 85 -8.04 20.96 -74.59
N ASN O 86 -8.82 21.24 -73.55
CA ASN O 86 -8.48 20.88 -72.18
C ASN O 86 -8.92 19.46 -71.83
N VAL O 87 -8.05 18.72 -71.15
CA VAL O 87 -8.36 17.34 -70.75
C VAL O 87 -8.19 17.20 -69.24
N ALA O 88 -9.10 16.46 -68.61
CA ALA O 88 -9.07 16.24 -67.17
C ALA O 88 -8.97 14.77 -66.80
N PHE O 89 -8.02 14.44 -65.92
CA PHE O 89 -7.81 13.07 -65.48
C PHE O 89 -8.04 13.00 -63.98
N LYS O 90 -8.24 11.80 -63.45
CA LYS O 90 -8.44 11.63 -62.03
C LYS O 90 -7.12 11.36 -61.31
N TRP O 91 -6.72 12.28 -60.44
CA TRP O 91 -5.49 12.13 -59.67
C TRP O 91 -5.83 12.37 -58.21
N ARG O 92 -5.52 11.40 -57.35
CA ARG O 92 -5.81 11.52 -55.92
C ARG O 92 -7.26 11.91 -55.64
N GLY O 93 -8.18 11.20 -56.29
CA GLY O 93 -9.60 11.45 -56.10
C GLY O 93 -10.16 12.78 -56.57
N LYS O 94 -9.26 13.70 -56.88
CA LYS O 94 -9.66 15.03 -57.33
C LYS O 94 -9.28 15.23 -58.79
N PRO O 95 -10.07 16.01 -59.54
CA PRO O 95 -9.78 16.27 -60.96
C PRO O 95 -8.41 16.90 -61.19
N LEU O 96 -7.75 16.49 -62.27
CA LEU O 96 -6.43 17.02 -62.66
C LEU O 96 -6.51 17.58 -64.07
N PHE O 97 -6.32 18.88 -64.19
CA PHE O 97 -6.39 19.54 -65.48
C PHE O 97 -5.06 19.63 -66.23
N VAL O 98 -5.11 19.26 -67.51
CA VAL O 98 -3.95 19.31 -68.39
C VAL O 98 -4.46 19.89 -69.72
N ARG O 99 -4.26 21.18 -69.92
CA ARG O 99 -4.71 21.83 -71.16
C ARG O 99 -3.54 22.15 -72.08
N HIS O 100 -3.76 21.95 -73.38
CA HIS O 100 -2.74 22.23 -74.39
C HIS O 100 -3.01 23.65 -74.87
N ARG O 101 -2.19 24.58 -74.41
CA ARG O 101 -2.33 25.97 -74.78
C ARG O 101 -1.71 26.26 -76.13
N THR O 102 -2.47 26.96 -76.96
CA THR O 102 -2.00 27.35 -78.29
C THR O 102 -1.05 28.54 -78.10
N GLN O 103 -0.20 28.78 -79.09
CA GLN O 103 0.73 29.89 -79.03
C GLN O 103 -0.11 31.16 -78.92
N ALA O 104 -1.38 31.02 -79.30
CA ALA O 104 -2.36 32.10 -79.27
C ALA O 104 -2.80 32.43 -77.84
N GLU O 105 -3.22 31.41 -77.11
CA GLU O 105 -3.66 31.57 -75.71
C GLU O 105 -2.51 32.00 -74.81
N ILE O 106 -1.33 31.42 -75.03
CA ILE O 106 -0.16 31.74 -74.24
C ILE O 106 0.12 33.24 -74.32
N ASN O 107 -0.38 33.88 -75.37
CA ASN O 107 -0.20 35.33 -75.58
C ASN O 107 -1.15 36.12 -74.70
N GLN O 108 -2.43 35.73 -74.72
CA GLN O 108 -3.45 36.38 -73.91
C GLN O 108 -2.93 36.44 -72.47
N GLU O 109 -2.10 35.44 -72.15
CA GLU O 109 -1.50 35.28 -70.84
C GLU O 109 -0.51 36.38 -70.45
N ALA O 110 0.41 36.72 -71.34
CA ALA O 110 1.38 37.76 -71.06
C ALA O 110 0.68 39.09 -70.81
N GLU O 111 -0.43 39.30 -71.50
CA GLU O 111 -1.23 40.51 -71.37
C GLU O 111 -2.07 40.48 -70.08
N VAL O 112 -1.39 40.19 -68.97
CA VAL O 112 -2.05 40.10 -67.67
C VAL O 112 -1.28 40.90 -66.60
N ASP O 113 -1.95 41.91 -66.05
CA ASP O 113 -1.35 42.77 -65.02
C ASP O 113 -1.04 41.96 -63.77
N VAL O 114 0.17 41.40 -63.72
CA VAL O 114 0.61 40.60 -62.58
C VAL O 114 0.21 41.24 -61.24
N SER O 115 0.10 42.56 -61.21
CA SER O 115 -0.26 43.27 -59.98
C SER O 115 -1.71 43.74 -59.93
N LYS O 116 -2.61 42.97 -60.55
CA LYS O 116 -4.04 43.27 -60.57
C LYS O 116 -4.84 41.99 -60.32
N LEU O 117 -4.18 41.02 -59.68
CA LEU O 117 -4.79 39.74 -59.35
C LEU O 117 -4.53 39.36 -57.91
N ARG O 118 -5.57 38.89 -57.22
CA ARG O 118 -5.51 38.48 -55.82
C ARG O 118 -4.30 37.61 -55.49
N ASP O 119 -4.03 36.64 -56.36
CA ASP O 119 -2.90 35.74 -56.19
C ASP O 119 -1.93 36.10 -57.32
N PRO O 120 -1.21 37.23 -57.18
CA PRO O 120 -0.24 37.75 -58.16
C PRO O 120 0.84 36.79 -58.62
N GLN O 121 0.65 36.23 -59.81
CA GLN O 121 1.61 35.31 -60.42
C GLN O 121 1.43 35.30 -61.93
N HIS O 122 2.52 35.48 -62.65
CA HIS O 122 2.47 35.48 -64.11
C HIS O 122 2.69 34.04 -64.56
N ASP O 123 2.31 33.74 -65.79
CA ASP O 123 2.47 32.40 -66.34
C ASP O 123 3.86 31.86 -66.02
N LEU O 124 4.84 32.77 -66.00
CA LEU O 124 6.22 32.42 -65.72
C LEU O 124 6.32 31.49 -64.50
N ASP O 125 5.70 31.92 -63.41
CA ASP O 125 5.72 31.20 -62.13
C ASP O 125 4.86 29.92 -62.06
N ARG O 126 3.89 29.79 -62.96
CA ARG O 126 3.00 28.63 -62.93
C ARG O 126 3.40 27.44 -63.80
N VAL O 127 3.44 27.61 -65.11
CA VAL O 127 3.80 26.49 -65.99
C VAL O 127 5.31 26.22 -66.07
N LYS O 128 5.71 25.55 -67.15
CA LYS O 128 7.10 25.22 -67.42
C LYS O 128 7.25 25.30 -68.93
N LYS O 129 6.35 24.62 -69.62
CA LYS O 129 6.34 24.64 -71.08
C LYS O 129 5.05 25.38 -71.40
N PRO O 130 5.16 26.62 -71.87
CA PRO O 130 4.01 27.46 -72.22
C PRO O 130 2.80 26.73 -72.80
N GLU O 131 3.04 25.89 -73.80
CA GLU O 131 1.96 25.12 -74.45
C GLU O 131 1.29 24.10 -73.49
N TRP O 132 1.75 24.06 -72.25
CA TRP O 132 1.23 23.12 -71.25
C TRP O 132 0.88 23.72 -69.88
N VAL O 133 -0.38 23.60 -69.50
CA VAL O 133 -0.88 24.08 -68.22
C VAL O 133 -1.51 22.90 -67.47
N ILE O 134 -0.96 22.58 -66.30
CA ILE O 134 -1.46 21.48 -65.50
C ILE O 134 -1.90 21.96 -64.12
N LEU O 135 -3.21 21.92 -63.90
CA LEU O 135 -3.81 22.38 -62.65
C LEU O 135 -4.60 21.32 -61.88
N VAL O 136 -4.85 21.62 -60.62
CA VAL O 136 -5.65 20.74 -59.77
C VAL O 136 -7.05 21.29 -59.95
N GLY O 137 -7.92 20.52 -60.59
CA GLY O 137 -9.26 20.97 -60.86
C GLY O 137 -10.18 21.22 -59.68
N VAL O 138 -9.76 22.06 -58.75
CA VAL O 138 -10.58 22.35 -57.59
C VAL O 138 -10.57 23.86 -57.34
N CYS O 139 -11.77 24.43 -57.19
CA CYS O 139 -11.91 25.85 -56.94
C CYS O 139 -11.27 26.17 -55.60
N THR O 140 -10.61 27.32 -55.52
CA THR O 140 -9.93 27.71 -54.29
C THR O 140 -10.90 28.28 -53.26
N HIS O 141 -12.15 28.46 -53.67
CA HIS O 141 -13.18 28.99 -52.78
C HIS O 141 -13.69 27.94 -51.79
N LEU O 142 -14.56 27.06 -52.28
CA LEU O 142 -15.11 26.02 -51.42
C LEU O 142 -15.16 24.64 -52.07
N GLY O 143 -14.04 24.26 -52.69
CA GLY O 143 -13.88 22.95 -53.28
C GLY O 143 -14.59 22.40 -54.53
N CYS O 144 -15.31 23.22 -55.27
CA CYS O 144 -15.99 22.71 -56.46
C CYS O 144 -15.03 22.50 -57.63
N VAL O 145 -15.54 21.85 -58.68
CA VAL O 145 -14.73 21.58 -59.87
C VAL O 145 -15.18 22.44 -61.05
N PRO O 146 -14.29 23.31 -61.56
CA PRO O 146 -14.54 24.23 -62.68
C PRO O 146 -15.00 23.62 -64.02
N ILE O 147 -15.40 24.50 -64.92
CA ILE O 147 -15.86 24.11 -66.25
C ILE O 147 -14.95 24.83 -67.25
N ALA O 148 -14.19 24.07 -68.02
CA ALA O 148 -13.24 24.61 -68.99
C ALA O 148 -13.83 25.29 -70.22
N ASN O 149 -13.09 26.25 -70.76
CA ASN O 149 -13.47 27.01 -71.95
C ASN O 149 -14.49 28.12 -71.71
N SER O 150 -15.45 27.88 -70.81
CA SER O 150 -16.47 28.88 -70.50
C SER O 150 -15.96 29.90 -69.49
N GLY O 151 -16.73 30.96 -69.30
CA GLY O 151 -16.33 32.00 -68.36
C GLY O 151 -15.92 33.28 -69.07
N ASP O 152 -15.84 34.36 -68.28
CA ASP O 152 -15.46 35.69 -68.77
C ASP O 152 -14.02 35.78 -69.25
N PHE O 153 -13.14 34.89 -68.80
CA PHE O 153 -11.75 34.96 -69.22
C PHE O 153 -11.28 33.72 -70.00
N GLY O 154 -12.22 33.11 -70.72
CA GLY O 154 -11.96 31.95 -71.55
C GLY O 154 -11.32 30.73 -70.91
N GLY O 155 -11.04 30.82 -69.61
CA GLY O 155 -10.44 29.70 -68.91
C GLY O 155 -11.43 28.72 -68.32
N TYR O 156 -11.61 28.78 -67.01
CA TYR O 156 -12.55 27.90 -66.32
C TYR O 156 -13.56 28.70 -65.50
N TYR O 157 -14.73 28.12 -65.32
CA TYR O 157 -15.80 28.76 -64.55
C TYR O 157 -16.38 27.82 -63.49
N CYS O 158 -16.25 28.21 -62.21
CA CYS O 158 -16.79 27.42 -61.10
C CYS O 158 -18.26 27.80 -60.92
N PRO O 159 -19.18 26.92 -61.33
CA PRO O 159 -20.63 27.15 -61.22
C PRO O 159 -21.20 27.23 -59.81
N CYS O 160 -20.33 27.21 -58.80
CA CYS O 160 -20.77 27.26 -57.42
C CYS O 160 -21.01 28.69 -56.93
N HIS O 161 -20.02 29.57 -57.07
CA HIS O 161 -20.21 30.97 -56.66
C HIS O 161 -19.57 31.99 -57.62
N GLY O 162 -19.46 31.62 -58.89
CA GLY O 162 -18.87 32.52 -59.87
C GLY O 162 -17.43 32.19 -60.21
N SER O 163 -16.51 32.55 -59.32
CA SER O 163 -15.08 32.29 -59.52
C SER O 163 -14.68 32.01 -60.96
N HIS O 164 -14.18 33.04 -61.63
CA HIS O 164 -13.74 32.94 -63.02
C HIS O 164 -12.23 32.83 -63.05
N TYR O 165 -11.72 31.83 -63.78
CA TYR O 165 -10.30 31.62 -63.90
C TYR O 165 -9.90 31.76 -65.36
N ASP O 166 -8.77 32.42 -65.60
CA ASP O 166 -8.32 32.63 -66.97
C ASP O 166 -7.78 31.35 -67.59
N ALA O 167 -7.03 31.50 -68.68
CA ALA O 167 -6.45 30.35 -69.39
C ALA O 167 -5.31 29.75 -68.58
N SER O 168 -4.75 30.54 -67.67
CA SER O 168 -3.65 30.07 -66.83
C SER O 168 -4.21 29.54 -65.52
N GLY O 169 -5.53 29.68 -65.35
CA GLY O 169 -6.18 29.19 -64.15
C GLY O 169 -5.95 30.11 -62.97
N ARG O 170 -6.19 31.40 -63.18
CA ARG O 170 -6.02 32.37 -62.12
C ARG O 170 -7.36 33.02 -61.81
N ILE O 171 -7.64 33.19 -60.51
CA ILE O 171 -8.88 33.78 -60.11
C ILE O 171 -8.96 35.23 -60.61
N ARG O 172 -10.01 35.49 -61.38
CA ARG O 172 -10.24 36.82 -61.95
C ARG O 172 -11.44 37.42 -61.22
N LYS O 173 -12.63 37.08 -61.71
CA LYS O 173 -13.87 37.56 -61.12
C LYS O 173 -14.46 36.44 -60.29
N GLY O 174 -14.88 36.76 -59.07
CA GLY O 174 -15.48 35.75 -58.20
C GLY O 174 -14.99 35.72 -56.77
N PRO O 175 -15.65 34.93 -55.91
CA PRO O 175 -15.30 34.79 -54.48
C PRO O 175 -14.00 34.06 -54.17
N ALA O 176 -13.57 33.14 -55.03
CA ALA O 176 -12.35 32.40 -54.78
C ALA O 176 -11.16 33.29 -54.41
N PRO O 177 -10.41 32.93 -53.36
CA PRO O 177 -9.26 33.73 -52.94
C PRO O 177 -8.04 33.56 -53.84
N TYR O 178 -7.58 32.31 -54.01
CA TYR O 178 -6.40 31.99 -54.83
C TYR O 178 -6.74 31.52 -56.25
N ASN O 179 -5.72 31.08 -56.97
CA ASN O 179 -5.87 30.57 -58.33
C ASN O 179 -5.73 29.04 -58.23
N LEU O 180 -6.43 28.32 -59.09
CA LEU O 180 -6.37 26.86 -59.11
C LEU O 180 -4.94 26.44 -58.84
N GLU O 181 -4.74 25.49 -57.93
CA GLU O 181 -3.40 25.03 -57.58
C GLU O 181 -2.67 24.32 -58.71
N VAL O 182 -1.35 24.45 -58.71
CA VAL O 182 -0.48 23.81 -59.70
C VAL O 182 0.39 22.81 -58.94
N PRO O 183 0.08 21.51 -59.05
CA PRO O 183 0.79 20.41 -58.40
C PRO O 183 2.14 20.09 -59.00
N THR O 184 2.97 19.41 -58.23
CA THR O 184 4.31 19.02 -58.68
C THR O 184 4.18 18.15 -59.91
N TYR O 185 5.24 18.11 -60.72
CA TYR O 185 5.25 17.29 -61.92
C TYR O 185 6.50 17.54 -62.73
N GLN O 186 6.45 17.10 -63.98
CA GLN O 186 7.56 17.26 -64.90
C GLN O 186 7.25 16.49 -66.18
N PHE O 187 8.17 16.57 -67.14
CA PHE O 187 7.99 15.90 -68.42
C PHE O 187 9.03 14.81 -68.61
N VAL O 188 8.68 13.82 -69.42
CA VAL O 188 9.56 12.70 -69.73
C VAL O 188 9.32 12.32 -71.19
N GLY O 189 10.22 12.75 -72.07
CA GLY O 189 10.06 12.48 -73.48
C GLY O 189 9.05 13.50 -73.99
N ASP O 190 9.10 13.83 -75.27
CA ASP O 190 8.15 14.81 -75.82
C ASP O 190 6.74 14.24 -75.99
N ASP O 191 6.24 13.57 -74.94
CA ASP O 191 4.90 12.99 -74.97
C ASP O 191 4.39 12.52 -73.61
N LEU O 192 5.23 12.57 -72.58
CA LEU O 192 4.80 12.13 -71.25
C LEU O 192 5.09 13.13 -70.13
N VAL O 193 4.13 13.27 -69.23
CA VAL O 193 4.23 14.14 -68.08
C VAL O 193 3.87 13.30 -66.85
N VAL O 194 4.59 13.49 -65.75
CA VAL O 194 4.33 12.73 -64.54
C VAL O 194 4.00 13.62 -63.34
N VAL O 195 2.70 13.85 -63.16
CA VAL O 195 2.19 14.67 -62.06
C VAL O 195 2.23 13.86 -60.78
N GLY O 196 2.55 14.54 -59.68
CA GLY O 196 2.61 13.86 -58.40
C GLY O 196 4.04 13.54 -57.98
N GLY P 10 1.26 -54.34 10.84
CA GLY P 10 2.33 -55.37 10.86
C GLY P 10 3.59 -54.93 10.12
N ARG P 11 4.66 -55.69 10.30
CA ARG P 11 5.95 -55.40 9.66
C ARG P 11 5.93 -55.55 8.14
N LEU P 12 4.74 -55.50 7.55
CA LEU P 12 4.59 -55.62 6.11
C LEU P 12 4.83 -54.26 5.47
N MET P 13 3.94 -53.31 5.73
CA MET P 13 4.09 -51.97 5.19
C MET P 13 5.26 -51.30 5.88
N ASP P 14 5.75 -51.92 6.95
CA ASP P 14 6.89 -51.40 7.69
C ASP P 14 8.09 -51.40 6.75
N ARG P 15 7.94 -52.08 5.61
CA ARG P 15 8.98 -52.17 4.60
C ARG P 15 8.61 -51.20 3.49
N ILE P 16 7.36 -51.28 3.05
CA ILE P 16 6.82 -50.37 2.04
C ILE P 16 7.27 -48.95 2.38
N ARG P 17 7.13 -48.58 3.66
CA ARG P 17 7.51 -47.26 4.16
C ARG P 17 8.95 -46.95 3.81
N LYS P 18 9.85 -47.83 4.22
CA LYS P 18 11.27 -47.63 3.95
C LYS P 18 11.46 -47.47 2.45
N TRP P 19 10.61 -48.12 1.67
CA TRP P 19 10.71 -48.02 0.22
C TRP P 19 10.28 -46.65 -0.24
N TYR P 20 9.09 -46.24 0.19
CA TYR P 20 8.56 -44.94 -0.17
C TYR P 20 9.54 -43.87 0.28
N TYR P 21 10.00 -43.99 1.53
CA TYR P 21 10.95 -43.05 2.08
C TYR P 21 12.13 -42.81 1.13
N ASN P 22 12.65 -43.86 0.53
CA ASN P 22 13.77 -43.73 -0.40
C ASN P 22 13.27 -43.29 -1.77
N ALA P 23 12.03 -43.62 -2.06
CA ALA P 23 11.44 -43.22 -3.32
C ALA P 23 11.26 -41.71 -3.31
N ALA P 24 10.73 -41.19 -2.20
CA ALA P 24 10.49 -39.75 -2.01
C ALA P 24 11.74 -38.96 -2.38
N GLY P 25 12.84 -39.24 -1.71
CA GLY P 25 14.07 -38.56 -2.05
C GLY P 25 14.46 -37.29 -1.31
N PHE P 26 13.71 -36.89 -0.30
CA PHE P 26 14.10 -35.67 0.41
C PHE P 26 15.34 -35.84 1.24
N ASN P 27 15.63 -37.10 1.59
CA ASN P 27 16.81 -37.40 2.37
C ASN P 27 18.08 -37.07 1.59
N LYS P 28 17.97 -36.96 0.27
CA LYS P 28 19.13 -36.61 -0.56
C LYS P 28 19.52 -35.14 -0.37
N TYR P 29 18.60 -34.38 0.23
CA TYR P 29 18.83 -32.95 0.51
C TYR P 29 19.23 -32.79 1.97
N GLY P 30 19.18 -33.89 2.71
CA GLY P 30 19.53 -33.85 4.11
C GLY P 30 18.39 -33.37 4.95
N LEU P 31 17.18 -33.48 4.42
CA LEU P 31 15.98 -33.03 5.13
C LEU P 31 15.30 -34.17 5.87
N MET P 32 14.76 -33.87 7.05
CA MET P 32 14.03 -34.88 7.81
C MET P 32 12.62 -34.86 7.24
N ARG P 33 11.88 -35.92 7.49
CA ARG P 33 10.52 -35.99 6.99
C ARG P 33 9.76 -34.73 7.41
N ASP P 34 9.81 -34.42 8.70
CA ASP P 34 9.14 -33.25 9.25
C ASP P 34 9.58 -31.91 8.66
N ASP P 35 10.76 -31.89 8.03
CA ASP P 35 11.26 -30.68 7.38
C ASP P 35 10.46 -30.37 6.12
N THR P 36 9.89 -31.42 5.54
CA THR P 36 9.14 -31.27 4.29
C THR P 36 7.67 -30.96 4.44
N LEU P 37 7.18 -30.84 5.68
CA LEU P 37 5.76 -30.55 5.90
C LEU P 37 5.29 -29.17 5.40
N TYR P 38 4.12 -29.14 4.76
CA TYR P 38 3.57 -27.87 4.30
C TYR P 38 3.13 -27.12 5.55
N GLU P 39 3.63 -25.90 5.72
CA GLU P 39 3.33 -25.11 6.90
C GLU P 39 1.93 -24.51 7.02
N ASP P 40 0.92 -25.34 7.26
CA ASP P 40 -0.42 -24.79 7.42
C ASP P 40 -0.50 -24.18 8.81
N ASP P 41 -1.71 -24.02 9.34
CA ASP P 41 -1.88 -23.40 10.64
C ASP P 41 -1.35 -24.20 11.83
N ASP P 42 -1.65 -25.49 11.87
CA ASP P 42 -1.17 -26.34 12.95
C ASP P 42 0.35 -26.41 12.92
N VAL P 43 0.91 -26.71 11.76
CA VAL P 43 2.35 -26.81 11.66
C VAL P 43 3.03 -25.54 12.11
N LYS P 44 2.42 -24.39 11.83
CA LYS P 44 3.03 -23.12 12.23
C LYS P 44 3.07 -23.00 13.73
N GLU P 45 1.98 -23.37 14.39
CA GLU P 45 1.95 -23.29 15.85
C GLU P 45 2.98 -24.26 16.40
N ALA P 46 2.97 -25.48 15.88
CA ALA P 46 3.92 -26.51 16.30
C ALA P 46 5.34 -25.96 16.28
N LEU P 47 5.74 -25.38 15.16
CA LEU P 47 7.08 -24.84 15.03
C LEU P 47 7.44 -23.78 16.08
N LYS P 48 6.44 -23.03 16.55
CA LYS P 48 6.71 -22.00 17.56
C LYS P 48 7.05 -22.61 18.90
N ARG P 49 6.65 -23.86 19.10
CA ARG P 49 6.91 -24.56 20.35
C ARG P 49 8.25 -25.29 20.38
N LEU P 50 8.84 -25.53 19.22
CA LEU P 50 10.13 -26.20 19.18
C LEU P 50 11.19 -25.50 20.00
N PRO P 51 12.10 -26.27 20.60
CA PRO P 51 13.18 -25.69 21.40
C PRO P 51 14.11 -24.96 20.45
N GLU P 52 14.77 -23.92 20.93
CA GLU P 52 15.68 -23.15 20.10
C GLU P 52 16.59 -24.00 19.25
N ASP P 53 17.35 -24.89 19.87
CA ASP P 53 18.27 -25.73 19.12
C ASP P 53 17.61 -26.55 18.00
N LEU P 54 16.48 -27.19 18.26
CA LEU P 54 15.84 -27.97 17.23
C LEU P 54 15.47 -27.06 16.08
N TYR P 55 14.90 -25.92 16.44
CA TYR P 55 14.48 -24.91 15.48
C TYR P 55 15.64 -24.43 14.61
N ASN P 56 16.75 -24.05 15.21
CA ASN P 56 17.85 -23.60 14.40
C ASN P 56 18.42 -24.65 13.48
N GLU P 57 18.37 -25.92 13.91
CA GLU P 57 18.88 -27.03 13.11
C GLU P 57 17.97 -27.23 11.89
N ARG P 58 16.67 -27.13 12.12
CA ARG P 58 15.69 -27.28 11.05
C ARG P 58 15.94 -26.21 10.02
N MET P 59 16.16 -25.00 10.52
CA MET P 59 16.42 -23.84 9.69
C MET P 59 17.61 -24.06 8.78
N PHE P 60 18.71 -24.52 9.35
CA PHE P 60 19.89 -24.75 8.53
C PHE P 60 19.64 -25.85 7.51
N ARG P 61 18.98 -26.91 7.95
CA ARG P 61 18.70 -28.01 7.05
C ARG P 61 17.95 -27.52 5.84
N ILE P 62 16.92 -26.71 6.09
CA ILE P 62 16.10 -26.17 5.01
C ILE P 62 16.86 -25.17 4.14
N LYS P 63 17.53 -24.20 4.75
CA LYS P 63 18.29 -23.24 3.97
C LYS P 63 19.28 -23.99 3.06
N ARG P 64 19.89 -25.05 3.61
CA ARG P 64 20.86 -25.91 2.91
C ARG P 64 20.19 -26.57 1.71
N ALA P 65 19.01 -27.15 1.94
CA ALA P 65 18.26 -27.79 0.88
C ALA P 65 17.97 -26.81 -0.26
N LEU P 66 17.49 -25.61 0.07
CA LEU P 66 17.18 -24.59 -0.94
C LEU P 66 18.42 -24.25 -1.73
N ASP P 67 19.55 -24.18 -1.05
CA ASP P 67 20.78 -23.85 -1.76
C ASP P 67 21.14 -24.98 -2.73
N LEU P 68 20.91 -26.23 -2.31
CA LEU P 68 21.19 -27.37 -3.17
C LEU P 68 20.24 -27.32 -4.36
N SER P 69 18.98 -27.01 -4.07
CA SER P 69 17.97 -26.92 -5.10
C SER P 69 18.23 -25.83 -6.15
N LEU P 70 18.77 -24.70 -5.73
CA LEU P 70 19.07 -23.63 -6.69
C LEU P 70 20.30 -24.01 -7.51
N LYS P 71 21.17 -24.82 -6.92
CA LYS P 71 22.39 -25.29 -7.57
C LYS P 71 22.13 -26.51 -8.45
N HIS P 72 21.00 -27.17 -8.23
CA HIS P 72 20.64 -28.39 -8.96
C HIS P 72 21.64 -29.49 -8.60
N ARG P 73 21.83 -29.70 -7.31
CA ARG P 73 22.73 -30.71 -6.80
C ARG P 73 22.03 -31.37 -5.64
N ILE P 74 22.65 -32.40 -5.07
CA ILE P 74 22.10 -33.05 -3.89
C ILE P 74 23.31 -33.35 -3.03
N LEU P 75 23.08 -33.96 -1.87
CA LEU P 75 24.20 -34.29 -1.02
C LEU P 75 24.89 -35.58 -1.46
N PRO P 76 26.19 -35.75 -1.12
CA PRO P 76 26.88 -36.97 -1.50
C PRO P 76 26.14 -38.13 -0.81
N LYS P 77 26.07 -39.28 -1.47
CA LYS P 77 25.36 -40.43 -0.92
C LYS P 77 25.63 -40.67 0.55
N GLU P 78 26.81 -40.30 1.02
CA GLU P 78 27.18 -40.49 2.42
C GLU P 78 26.33 -39.67 3.38
N GLN P 79 26.06 -38.42 3.01
CA GLN P 79 25.29 -37.52 3.83
C GLN P 79 23.77 -37.70 3.84
N TRP P 80 23.26 -38.60 3.01
CA TRP P 80 21.82 -38.82 2.99
C TRP P 80 21.27 -39.37 4.31
N VAL P 81 20.14 -38.80 4.73
CA VAL P 81 19.49 -39.21 5.95
C VAL P 81 19.04 -40.66 5.76
N LYS P 82 19.31 -41.50 6.74
CA LYS P 82 18.92 -42.91 6.65
C LYS P 82 17.54 -43.14 7.22
N TYR P 83 16.72 -43.89 6.51
CA TYR P 83 15.36 -44.14 6.96
C TYR P 83 15.23 -44.28 8.46
N GLU P 84 16.03 -45.17 9.04
CA GLU P 84 15.97 -45.40 10.48
C GLU P 84 16.59 -44.34 11.38
N GLU P 85 17.30 -43.36 10.80
CA GLU P 85 17.91 -42.30 11.60
C GLU P 85 17.17 -40.96 11.43
N ASP P 86 15.99 -40.99 10.81
CA ASP P 86 15.21 -39.79 10.59
C ASP P 86 14.47 -39.39 11.84
N LYS P 87 14.75 -38.18 12.30
CA LYS P 87 14.15 -37.66 13.51
C LYS P 87 12.78 -37.03 13.35
N PRO P 88 11.75 -37.63 13.95
CA PRO P 88 10.39 -37.07 13.86
C PRO P 88 10.26 -35.99 14.94
N TYR P 89 11.15 -35.00 14.87
CA TYR P 89 11.22 -33.91 15.84
C TYR P 89 9.97 -33.06 16.06
N LEU P 90 9.08 -32.99 15.06
CA LEU P 90 7.88 -32.16 15.21
C LEU P 90 6.59 -32.91 15.47
N GLU P 91 6.48 -34.14 14.97
CA GLU P 91 5.28 -34.93 15.13
C GLU P 91 4.66 -34.90 16.54
N PRO P 92 5.49 -34.88 17.59
CA PRO P 92 4.96 -34.85 18.96
C PRO P 92 4.17 -33.57 19.23
N TYR P 93 4.77 -32.41 18.91
CA TYR P 93 4.14 -31.11 19.10
C TYR P 93 2.91 -30.94 18.23
N LEU P 94 3.06 -31.27 16.96
CA LEU P 94 1.98 -31.17 16.01
C LEU P 94 0.78 -32.00 16.47
N LYS P 95 1.05 -33.15 17.09
CA LYS P 95 -0.02 -34.01 17.57
C LYS P 95 -0.83 -33.34 18.67
N GLU P 96 -0.11 -32.64 19.56
CA GLU P 96 -0.71 -31.93 20.68
C GLU P 96 -1.53 -30.74 20.18
N VAL P 97 -0.93 -29.97 19.27
CA VAL P 97 -1.58 -28.80 18.70
C VAL P 97 -2.94 -29.18 18.11
N ILE P 98 -2.98 -30.28 17.38
CA ILE P 98 -4.21 -30.69 16.76
C ILE P 98 -5.28 -31.14 17.76
N ARG P 99 -4.87 -31.78 18.85
CA ARG P 99 -5.84 -32.23 19.86
C ARG P 99 -6.45 -31.01 20.51
N GLU P 100 -5.57 -30.12 20.98
CA GLU P 100 -6.01 -28.89 21.62
C GLU P 100 -7.08 -28.23 20.75
N ARG P 101 -6.75 -28.10 19.46
CA ARG P 101 -7.65 -27.50 18.49
C ARG P 101 -8.96 -28.25 18.44
N LEU P 102 -8.88 -29.57 18.25
CA LEU P 102 -10.09 -30.38 18.18
C LEU P 102 -10.89 -30.25 19.48
N GLU P 103 -10.21 -30.06 20.61
CA GLU P 103 -10.91 -29.92 21.87
C GLU P 103 -11.78 -28.68 21.79
N ARG P 104 -11.15 -27.56 21.47
CA ARG P 104 -11.85 -26.27 21.34
C ARG P 104 -12.98 -26.36 20.35
N GLU P 105 -12.68 -26.83 19.15
CA GLU P 105 -13.72 -26.94 18.14
C GLU P 105 -14.92 -27.65 18.75
N ALA P 106 -14.67 -28.80 19.37
CA ALA P 106 -15.73 -29.59 19.98
C ALA P 106 -16.48 -28.83 21.07
N TRP P 107 -15.72 -28.21 21.95
CA TRP P 107 -16.28 -27.45 23.06
C TRP P 107 -17.11 -26.26 22.59
N ASN P 108 -16.63 -25.54 21.58
CA ASN P 108 -17.35 -24.37 21.06
C ASN P 108 -18.69 -24.72 20.40
N LYS P 109 -18.88 -26.00 20.06
CA LYS P 109 -20.13 -26.45 19.45
C LYS P 109 -21.10 -26.69 20.60
N LYS P 110 -20.63 -27.47 21.57
CA LYS P 110 -21.37 -27.81 22.78
C LYS P 110 -22.10 -26.57 23.32
N ILE Q 2 7.78 -3.25 1.94
CA ILE Q 2 8.69 -3.76 3.02
C ILE Q 2 8.53 -5.27 3.21
N HIS Q 3 9.56 -6.04 2.85
CA HIS Q 3 9.54 -7.49 2.99
C HIS Q 3 10.90 -8.06 3.38
N PHE Q 4 11.93 -7.22 3.35
CA PHE Q 4 13.28 -7.64 3.71
C PHE Q 4 13.63 -7.21 5.13
N GLY Q 5 13.70 -8.18 6.04
CA GLY Q 5 14.02 -7.89 7.42
C GLY Q 5 12.94 -8.40 8.35
N ASN Q 6 11.83 -8.86 7.79
CA ASN Q 6 10.71 -9.36 8.58
C ASN Q 6 10.38 -10.82 8.23
N LEU Q 7 11.21 -11.41 7.38
CA LEU Q 7 11.02 -12.78 6.90
C LEU Q 7 11.20 -13.94 7.88
N ALA Q 8 12.42 -14.24 8.28
CA ALA Q 8 12.64 -15.36 9.20
C ALA Q 8 13.64 -15.12 10.32
N ARG Q 9 13.45 -15.84 11.43
CA ARG Q 9 14.33 -15.75 12.58
C ARG Q 9 15.43 -16.77 12.30
N VAL Q 10 16.61 -16.29 11.91
CA VAL Q 10 17.72 -17.17 11.57
C VAL Q 10 18.93 -17.00 12.47
N ARG Q 11 19.51 -18.11 12.92
CA ARG Q 11 20.68 -18.00 13.78
C ARG Q 11 21.80 -18.95 13.46
N HIS Q 12 23.02 -18.45 13.64
CA HIS Q 12 24.23 -19.24 13.48
C HIS Q 12 24.59 -19.78 12.10
N ILE Q 13 24.23 -19.08 11.04
CA ILE Q 13 24.58 -19.57 9.73
C ILE Q 13 25.54 -18.61 9.06
N ILE Q 14 26.65 -19.14 8.57
CA ILE Q 14 27.65 -18.34 7.88
C ILE Q 14 27.63 -18.71 6.42
N THR Q 15 27.85 -17.74 5.55
CA THR Q 15 27.89 -18.01 4.12
C THR Q 15 29.03 -17.24 3.51
N TYR Q 16 29.66 -17.86 2.52
CA TYR Q 16 30.81 -17.25 1.86
C TYR Q 16 30.50 -17.17 0.39
N SER Q 17 30.77 -16.00 -0.19
CA SER Q 17 30.51 -15.81 -1.61
C SER Q 17 31.62 -15.00 -2.28
N LEU Q 18 31.80 -15.23 -3.58
CA LEU Q 18 32.82 -14.52 -4.34
C LEU Q 18 32.21 -13.61 -5.37
N SER Q 19 32.89 -12.49 -5.63
CA SER Q 19 32.43 -11.57 -6.65
C SER Q 19 32.31 -12.37 -7.94
N PRO Q 20 31.45 -11.94 -8.86
CA PRO Q 20 31.31 -12.67 -10.13
C PRO Q 20 32.55 -12.51 -11.01
N PHE Q 21 33.30 -11.45 -10.78
CA PHE Q 21 34.49 -11.19 -11.57
C PHE Q 21 35.72 -11.98 -11.08
N GLU Q 22 35.62 -12.63 -9.93
CA GLU Q 22 36.73 -13.42 -9.40
C GLU Q 22 36.53 -14.87 -9.81
N GLN Q 23 35.32 -15.23 -10.24
CA GLN Q 23 35.04 -16.60 -10.65
C GLN Q 23 34.57 -16.78 -12.07
N ARG Q 24 34.38 -18.04 -12.44
CA ARG Q 24 33.96 -18.43 -13.79
C ARG Q 24 32.45 -18.62 -13.85
N ALA Q 25 31.86 -18.21 -14.97
CA ALA Q 25 30.41 -18.31 -15.18
C ALA Q 25 29.89 -19.75 -15.30
N ILE Q 26 30.59 -20.54 -16.11
CA ILE Q 26 30.20 -21.93 -16.31
C ILE Q 26 31.40 -22.79 -15.98
N PRO Q 27 31.64 -23.04 -14.68
CA PRO Q 27 32.80 -23.86 -14.30
C PRO Q 27 32.53 -25.36 -14.29
N ASN Q 28 33.61 -26.12 -14.43
CA ASN Q 28 33.59 -27.59 -14.38
C ASN Q 28 32.45 -28.24 -15.16
N ILE Q 29 32.40 -27.97 -16.46
CA ILE Q 29 31.36 -28.52 -17.31
C ILE Q 29 31.37 -30.04 -17.37
N PHE Q 30 32.58 -30.62 -17.42
CA PHE Q 30 32.71 -32.06 -17.51
C PHE Q 30 32.79 -32.79 -16.18
N SER Q 31 33.44 -32.18 -15.20
CA SER Q 31 33.57 -32.82 -13.90
C SER Q 31 32.34 -32.71 -13.00
N ASP Q 32 31.54 -31.66 -13.21
CA ASP Q 32 30.37 -31.40 -12.36
C ASP Q 32 29.04 -31.24 -13.09
N ALA Q 33 29.02 -30.33 -14.06
CA ALA Q 33 27.81 -30.05 -14.83
C ALA Q 33 27.16 -31.27 -15.50
N LEU Q 34 27.77 -31.75 -16.58
CA LEU Q 34 27.25 -32.88 -17.32
C LEU Q 34 26.89 -34.10 -16.47
N PRO Q 35 27.80 -34.52 -15.59
CA PRO Q 35 27.49 -35.67 -14.73
C PRO Q 35 26.10 -35.48 -14.13
N ASN Q 36 25.89 -34.30 -13.53
CA ASN Q 36 24.61 -33.95 -12.89
C ASN Q 36 23.43 -33.94 -13.86
N VAL Q 37 23.64 -33.40 -15.06
CA VAL Q 37 22.58 -33.37 -16.05
C VAL Q 37 22.14 -34.80 -16.29
N TRP Q 38 23.11 -35.70 -16.39
CA TRP Q 38 22.83 -37.11 -16.59
C TRP Q 38 22.12 -37.67 -15.36
N ARG Q 39 22.62 -37.31 -14.18
CA ARG Q 39 22.04 -37.75 -12.93
C ARG Q 39 20.55 -37.41 -12.87
N ARG Q 40 20.26 -36.16 -13.21
CA ARG Q 40 18.90 -35.62 -13.19
C ARG Q 40 18.01 -36.32 -14.22
N PHE Q 41 18.55 -36.52 -15.40
CA PHE Q 41 17.82 -37.19 -16.48
C PHE Q 41 17.47 -38.59 -16.02
N SER Q 42 18.48 -39.29 -15.53
CA SER Q 42 18.29 -40.65 -15.06
C SER Q 42 17.19 -40.76 -14.02
N SER Q 43 17.29 -39.94 -12.99
CA SER Q 43 16.33 -39.97 -11.90
C SER Q 43 14.88 -39.72 -12.29
N GLN Q 44 14.64 -39.11 -13.44
CA GLN Q 44 13.27 -38.81 -13.86
C GLN Q 44 12.71 -39.63 -15.02
N VAL Q 45 13.58 -40.09 -15.91
CA VAL Q 45 13.16 -40.86 -17.08
C VAL Q 45 12.07 -41.90 -16.90
N PHE Q 46 12.15 -42.70 -15.84
CA PHE Q 46 11.14 -43.73 -15.63
C PHE Q 46 9.85 -43.27 -14.97
N LYS Q 47 9.73 -41.96 -14.76
CA LYS Q 47 8.53 -41.36 -14.14
C LYS Q 47 7.79 -40.60 -15.23
N VAL Q 48 8.55 -39.97 -16.11
CA VAL Q 48 7.99 -39.19 -17.19
C VAL Q 48 7.73 -40.04 -18.44
N ALA Q 49 8.78 -40.67 -18.96
CA ALA Q 49 8.71 -41.48 -20.18
C ALA Q 49 7.56 -42.46 -20.31
N PRO Q 50 7.41 -43.38 -19.35
CA PRO Q 50 6.33 -44.36 -19.41
C PRO Q 50 5.00 -43.90 -20.01
N PRO Q 51 4.25 -43.03 -19.30
CA PRO Q 51 2.97 -42.57 -19.85
C PRO Q 51 3.04 -41.96 -21.25
N PHE Q 52 4.17 -41.33 -21.58
CA PHE Q 52 4.33 -40.75 -22.91
C PHE Q 52 4.51 -41.86 -23.93
N LEU Q 53 5.23 -42.93 -23.53
CA LEU Q 53 5.43 -44.07 -24.41
C LEU Q 53 4.07 -44.72 -24.60
N GLY Q 54 3.36 -44.93 -23.50
CA GLY Q 54 2.03 -45.51 -23.56
C GLY Q 54 1.15 -44.71 -24.52
N ALA Q 55 1.19 -43.39 -24.40
CA ALA Q 55 0.41 -42.52 -25.27
C ALA Q 55 0.75 -42.82 -26.72
N TYR Q 56 2.05 -42.83 -27.03
CA TYR Q 56 2.52 -43.09 -28.38
C TYR Q 56 1.96 -44.38 -28.97
N LEU Q 57 2.00 -45.45 -28.18
CA LEU Q 57 1.49 -46.74 -28.63
C LEU Q 57 0.02 -46.59 -29.00
N LEU Q 58 -0.77 -46.11 -28.05
CA LEU Q 58 -2.20 -45.92 -28.28
C LEU Q 58 -2.41 -45.13 -29.57
N TYR Q 59 -1.54 -44.14 -29.78
CA TYR Q 59 -1.61 -43.31 -30.98
C TYR Q 59 -1.38 -44.12 -32.25
N SER Q 60 -0.30 -44.91 -32.24
CA SER Q 60 0.04 -45.75 -33.39
C SER Q 60 -1.07 -46.75 -33.64
N TRP Q 61 -1.47 -47.46 -32.59
CA TRP Q 61 -2.53 -48.42 -32.79
C TRP Q 61 -3.74 -47.75 -33.45
N GLY Q 62 -4.32 -46.78 -32.75
CA GLY Q 62 -5.48 -46.06 -33.26
C GLY Q 62 -5.37 -45.52 -34.67
N THR Q 63 -4.18 -45.05 -35.04
CA THR Q 63 -3.99 -44.51 -36.39
C THR Q 63 -4.00 -45.63 -37.42
N GLN Q 64 -3.31 -46.73 -37.13
CA GLN Q 64 -3.26 -47.86 -38.04
C GLN Q 64 -4.61 -48.59 -38.09
N GLU Q 65 -5.21 -48.76 -36.92
CA GLU Q 65 -6.50 -49.43 -36.84
C GLU Q 65 -7.53 -48.67 -37.66
N PHE Q 66 -7.32 -47.37 -37.80
CA PHE Q 66 -8.24 -46.52 -38.55
C PHE Q 66 -8.07 -46.67 -40.06
N GLU Q 67 -6.82 -46.77 -40.48
CA GLU Q 67 -6.49 -46.92 -41.89
C GLU Q 67 -6.85 -48.33 -42.35
N ARG Q 68 -6.76 -49.28 -41.42
CA ARG Q 68 -7.06 -50.66 -41.72
C ARG Q 68 -8.53 -50.85 -41.98
N LEU Q 69 -9.37 -50.10 -41.25
CA LEU Q 69 -10.81 -50.22 -41.45
C LEU Q 69 -11.27 -49.55 -42.74
N LYS Q 70 -10.35 -48.86 -43.41
CA LYS Q 70 -10.65 -48.18 -44.67
C LYS Q 70 -10.41 -49.10 -45.86
N ARG Q 71 -9.53 -50.07 -45.68
CA ARG Q 71 -9.20 -51.04 -46.72
C ARG Q 71 -10.40 -51.96 -46.90
N LYS Q 72 -10.44 -52.69 -48.00
CA LYS Q 72 -11.55 -53.59 -48.24
C LYS Q 72 -11.21 -55.01 -47.85
N ASN Q 73 -12.22 -55.71 -47.36
CA ASN Q 73 -12.09 -57.09 -46.95
C ASN Q 73 -12.52 -57.96 -48.12
N PRO Q 74 -11.57 -58.67 -48.74
CA PRO Q 74 -11.90 -59.54 -49.88
C PRO Q 74 -13.04 -60.51 -49.57
N ALA Q 75 -13.24 -60.80 -48.29
CA ALA Q 75 -14.27 -61.73 -47.86
C ALA Q 75 -15.70 -61.18 -48.00
N ASP Q 76 -15.87 -60.17 -48.83
CA ASP Q 76 -17.19 -59.60 -49.06
C ASP Q 76 -17.54 -59.72 -50.52
N TYR Q 77 -16.56 -60.16 -51.32
CA TYR Q 77 -16.75 -60.28 -52.76
C TYR Q 77 -16.39 -61.66 -53.32
N GLU Q 78 -16.11 -62.62 -52.43
CA GLU Q 78 -15.75 -63.98 -52.86
C GLU Q 78 -16.97 -64.71 -53.40
N ASN Q 79 -18.15 -64.12 -53.20
CA ASN Q 79 -19.44 -64.67 -53.63
C ASN Q 79 -20.07 -63.88 -54.77
N ASP Q 80 -19.80 -64.32 -55.99
CA ASP Q 80 -20.32 -63.71 -57.22
C ASP Q 80 -19.45 -64.08 -58.40
N GLU R 11 8.42 -33.24 -82.91
CA GLU R 11 7.69 -33.65 -81.67
C GLU R 11 8.55 -33.46 -80.41
N LEU R 12 7.91 -33.39 -79.25
CA LEU R 12 8.61 -33.22 -77.96
C LEU R 12 8.23 -34.33 -77.00
N VAL R 13 9.11 -34.62 -76.05
CA VAL R 13 8.82 -35.67 -75.07
C VAL R 13 8.83 -35.17 -73.64
N ASP R 14 7.77 -35.50 -72.90
CA ASP R 14 7.63 -35.09 -71.52
C ASP R 14 8.35 -36.04 -70.58
N PRO R 15 9.42 -35.59 -69.94
CA PRO R 15 10.15 -36.48 -69.03
C PRO R 15 9.24 -37.19 -68.04
N LEU R 16 8.09 -36.60 -67.76
CA LEU R 16 7.15 -37.21 -66.84
C LEU R 16 6.75 -38.60 -67.32
N THR R 17 6.25 -38.67 -68.56
CA THR R 17 5.83 -39.93 -69.15
C THR R 17 6.97 -40.94 -69.20
N THR R 18 8.18 -40.46 -69.48
CA THR R 18 9.35 -41.31 -69.54
C THR R 18 9.61 -41.93 -68.18
N ILE R 19 9.72 -41.09 -67.16
CA ILE R 19 10.00 -41.57 -65.81
C ILE R 19 8.88 -42.41 -65.23
N ARG R 20 7.67 -42.23 -65.75
CA ARG R 20 6.53 -43.01 -65.29
C ARG R 20 6.74 -44.46 -65.69
N GLU R 21 7.21 -44.64 -66.92
CA GLU R 21 7.45 -45.97 -67.46
C GLU R 21 8.54 -46.64 -66.63
N HIS R 22 9.70 -46.00 -66.55
CA HIS R 22 10.83 -46.53 -65.78
C HIS R 22 10.40 -46.98 -64.38
N CYS R 23 9.54 -46.19 -63.74
CA CYS R 23 9.08 -46.50 -62.39
C CYS R 23 8.08 -47.65 -62.32
N GLU R 24 7.23 -47.76 -63.33
CA GLU R 24 6.25 -48.83 -63.34
C GLU R 24 6.97 -50.18 -63.48
N GLN R 25 8.24 -50.11 -63.85
CA GLN R 25 9.07 -51.30 -64.04
C GLN R 25 9.81 -51.59 -62.73
N THR R 26 9.20 -51.19 -61.62
CA THR R 26 9.78 -51.38 -60.30
C THR R 26 9.07 -52.52 -59.59
N GLU R 27 9.81 -53.27 -58.77
CA GLU R 27 9.22 -54.38 -58.06
C GLU R 27 7.94 -53.93 -57.34
N LYS R 28 8.03 -52.76 -56.71
CA LYS R 28 6.90 -52.17 -55.98
C LYS R 28 5.65 -52.01 -56.84
N CYS R 29 5.80 -51.29 -57.95
CA CYS R 29 4.71 -51.02 -58.87
C CYS R 29 4.22 -52.30 -59.53
N VAL R 30 5.16 -53.07 -60.04
CA VAL R 30 4.83 -54.33 -60.72
C VAL R 30 3.88 -55.18 -59.89
N LYS R 31 4.08 -55.20 -58.57
CA LYS R 31 3.21 -55.96 -57.68
C LYS R 31 1.84 -55.31 -57.52
N ALA R 32 1.85 -53.99 -57.34
CA ALA R 32 0.62 -53.22 -57.18
C ALA R 32 -0.21 -53.23 -58.47
N ARG R 33 0.49 -53.12 -59.59
CA ARG R 33 -0.10 -53.14 -60.91
C ARG R 33 -0.77 -54.48 -61.15
N GLU R 34 -0.17 -55.51 -60.58
CA GLU R 34 -0.64 -56.88 -60.69
C GLU R 34 -1.94 -57.11 -59.95
N ARG R 35 -2.02 -56.60 -58.73
CA ARG R 35 -3.22 -56.76 -57.93
C ARG R 35 -4.37 -55.95 -58.55
N LEU R 36 -3.99 -54.88 -59.23
CA LEU R 36 -4.97 -54.00 -59.90
C LEU R 36 -5.63 -54.73 -61.05
N GLU R 37 -4.81 -55.27 -61.96
CA GLU R 37 -5.33 -55.98 -63.12
C GLU R 37 -6.26 -57.12 -62.70
N LEU R 38 -5.96 -57.76 -61.58
CA LEU R 38 -6.80 -58.86 -61.09
C LEU R 38 -8.16 -58.34 -60.65
N CYS R 39 -8.15 -57.25 -59.88
CA CYS R 39 -9.39 -56.66 -59.40
C CYS R 39 -10.22 -56.25 -60.61
N ASP R 40 -9.59 -55.52 -61.53
CA ASP R 40 -10.27 -55.08 -62.74
C ASP R 40 -10.94 -56.30 -63.37
N ALA R 41 -10.13 -57.34 -63.56
CA ALA R 41 -10.60 -58.57 -64.15
C ALA R 41 -11.93 -59.06 -63.58
N ARG R 42 -11.97 -59.40 -62.29
CA ARG R 42 -13.20 -59.90 -61.70
C ARG R 42 -14.31 -58.88 -61.54
N VAL R 43 -13.95 -57.61 -61.40
CA VAL R 43 -14.98 -56.57 -61.26
C VAL R 43 -15.65 -56.36 -62.61
N SER R 44 -14.87 -56.41 -63.67
CA SER R 44 -15.38 -56.23 -65.02
C SER R 44 -16.22 -57.43 -65.47
N SER R 45 -15.93 -58.60 -64.90
CA SER R 45 -16.63 -59.83 -65.27
C SER R 45 -17.83 -60.23 -64.44
N ARG R 46 -18.49 -59.29 -63.75
CA ARG R 46 -19.66 -59.65 -62.96
C ARG R 46 -20.82 -58.71 -63.28
N SER R 47 -21.99 -58.94 -62.67
CA SER R 47 -23.14 -58.09 -62.95
C SER R 47 -24.08 -57.79 -61.80
N HIS R 48 -23.53 -57.67 -60.60
CA HIS R 48 -24.33 -57.37 -59.42
C HIS R 48 -23.41 -57.19 -58.21
N THR R 49 -22.16 -56.82 -58.48
CA THR R 49 -21.17 -56.60 -57.43
C THR R 49 -21.02 -55.12 -57.10
N GLU R 50 -20.67 -54.85 -55.84
CA GLU R 50 -20.49 -53.49 -55.38
C GLU R 50 -19.06 -53.04 -55.65
N GLU R 51 -18.12 -53.90 -55.27
CA GLU R 51 -16.69 -53.67 -55.42
C GLU R 51 -16.22 -52.72 -56.51
N GLN R 52 -15.11 -52.05 -56.23
CA GLN R 52 -14.48 -51.11 -57.16
C GLN R 52 -13.00 -51.37 -56.94
N CYS R 53 -12.15 -50.85 -57.82
CA CYS R 53 -10.71 -51.07 -57.68
C CYS R 53 -9.93 -49.83 -57.30
N THR R 54 -10.61 -48.87 -56.70
CA THR R 54 -9.99 -47.63 -56.27
C THR R 54 -8.78 -47.95 -55.40
N GLU R 55 -9.01 -48.71 -54.34
CA GLU R 55 -7.94 -49.09 -53.43
C GLU R 55 -6.71 -49.61 -54.14
N GLU R 56 -6.91 -50.52 -55.09
CA GLU R 56 -5.80 -51.10 -55.83
C GLU R 56 -5.13 -50.08 -56.72
N LEU R 57 -5.93 -49.24 -57.36
CA LEU R 57 -5.40 -48.20 -58.24
C LEU R 57 -4.57 -47.22 -57.42
N PHE R 58 -5.09 -46.87 -56.24
CA PHE R 58 -4.38 -45.95 -55.37
C PHE R 58 -3.04 -46.53 -54.94
N ASP R 59 -3.03 -47.80 -54.51
CA ASP R 59 -1.78 -48.44 -54.08
C ASP R 59 -0.75 -48.35 -55.19
N PHE R 60 -1.21 -48.47 -56.43
CA PHE R 60 -0.32 -48.39 -57.58
C PHE R 60 0.20 -46.97 -57.80
N LEU R 61 -0.74 -46.02 -57.91
CA LEU R 61 -0.40 -44.61 -58.13
C LEU R 61 0.49 -44.09 -57.03
N HIS R 62 0.23 -44.52 -55.81
CA HIS R 62 1.02 -44.09 -54.69
C HIS R 62 2.46 -44.54 -54.86
N ALA R 63 2.63 -45.83 -55.14
CA ALA R 63 3.95 -46.42 -55.35
C ALA R 63 4.67 -45.76 -56.53
N ARG R 64 3.99 -45.67 -57.66
CA ARG R 64 4.58 -45.07 -58.85
C ARG R 64 4.96 -43.61 -58.62
N ASP R 65 3.95 -42.80 -58.32
CA ASP R 65 4.13 -41.37 -58.12
C ASP R 65 5.20 -41.02 -57.07
N HIS R 66 5.32 -41.83 -56.01
CA HIS R 66 6.34 -41.56 -54.99
C HIS R 66 7.71 -41.71 -55.65
N CYS R 67 7.79 -42.65 -56.59
CA CYS R 67 9.01 -42.93 -57.32
C CYS R 67 9.32 -41.79 -58.31
N VAL R 68 8.29 -41.32 -59.01
CA VAL R 68 8.44 -40.26 -60.00
C VAL R 68 8.96 -38.96 -59.39
N ALA R 69 8.48 -38.66 -58.18
CA ALA R 69 8.87 -37.45 -57.48
C ALA R 69 10.39 -37.38 -57.27
N HIS R 70 10.98 -38.49 -56.86
CA HIS R 70 12.43 -38.54 -56.62
C HIS R 70 13.26 -38.17 -57.83
N LYS R 71 12.75 -38.43 -59.03
CA LYS R 71 13.53 -38.17 -60.24
C LYS R 71 13.06 -37.06 -61.18
N LEU R 72 11.74 -36.84 -61.23
CA LEU R 72 11.18 -35.86 -62.15
C LEU R 72 11.80 -34.46 -62.24
N PHE R 73 11.88 -33.76 -61.13
CA PHE R 73 12.42 -32.40 -61.18
C PHE R 73 13.84 -32.28 -61.69
N ASN R 74 14.58 -33.39 -61.72
CA ASN R 74 15.95 -33.36 -62.24
C ASN R 74 15.92 -33.01 -63.71
N LYS R 75 14.92 -33.53 -64.41
CA LYS R 75 14.79 -33.32 -65.83
C LYS R 75 13.91 -32.15 -66.25
N LEU R 76 13.62 -31.24 -65.32
CA LEU R 76 12.79 -30.07 -65.65
C LEU R 76 13.58 -28.80 -65.39
N LYS R 77 13.26 -27.75 -66.14
CA LYS R 77 13.96 -26.48 -66.00
C LYS R 77 13.35 -25.55 -64.95
N UNK S 4 38.85 16.58 19.14
CA UNK S 4 37.92 15.43 19.03
C UNK S 4 38.19 14.59 17.77
N UNK S 5 39.37 14.78 17.17
CA UNK S 5 39.77 14.05 15.96
C UNK S 5 39.75 12.54 16.19
N UNK S 6 39.73 12.14 17.46
CA UNK S 6 39.71 10.73 17.84
C UNK S 6 38.68 10.51 18.97
N UNK S 7 37.99 9.37 18.92
CA UNK S 7 37.01 9.06 19.93
C UNK S 7 36.76 7.57 19.99
N UNK S 8 35.83 7.14 20.83
CA UNK S 8 35.53 5.72 20.95
C UNK S 8 34.05 5.44 20.92
N UNK S 9 33.39 5.95 19.88
CA UNK S 9 31.95 5.81 19.64
C UNK S 9 31.28 4.51 20.13
N UNK S 10 30.01 4.59 20.57
CA UNK S 10 29.30 3.38 20.99
C UNK S 10 27.80 3.35 20.64
N UNK S 11 27.11 2.24 20.98
CA UNK S 11 25.68 2.00 20.74
C UNK S 11 24.93 1.27 21.86
N UNK S 12 23.88 1.91 22.37
CA UNK S 12 23.09 1.33 23.45
C UNK S 12 21.69 0.90 23.06
N UNK S 13 20.84 0.67 24.06
CA UNK S 13 19.46 0.24 23.84
C UNK S 13 18.42 1.28 24.30
N UNK S 14 17.15 0.86 24.31
CA UNK S 14 16.03 1.70 24.71
C UNK S 14 15.04 0.93 25.60
N UNK S 15 14.00 1.62 26.05
CA UNK S 15 12.98 1.01 26.91
C UNK S 15 11.65 0.87 26.17
CA ARG S 16 32.72 -8.84 25.66
C ARG S 16 32.73 -8.84 27.19
N PRO S 17 32.46 -10.00 27.81
CA PRO S 17 32.43 -10.13 29.27
C PRO S 17 33.83 -10.07 29.87
N LEU S 18 33.91 -10.12 31.20
CA LEU S 18 35.19 -10.13 31.90
C LEU S 18 35.35 -11.57 32.42
N LEU S 19 36.44 -12.22 32.00
CA LEU S 19 36.69 -13.61 32.36
C LEU S 19 38.02 -13.86 33.09
N CYS S 20 38.90 -12.86 33.11
CA CYS S 20 40.20 -12.99 33.77
C CYS S 20 40.63 -11.67 34.40
N ARG S 21 41.55 -11.74 35.36
CA ARG S 21 42.04 -10.55 36.06
C ARG S 21 42.70 -9.55 35.12
N GLU S 22 43.20 -10.03 33.99
CA GLU S 22 43.86 -9.20 32.99
C GLU S 22 42.91 -8.18 32.38
N SER S 23 41.66 -8.62 32.16
CA SER S 23 40.62 -7.78 31.58
C SER S 23 39.86 -7.01 32.66
N MET S 24 40.06 -7.38 33.92
CA MET S 24 39.39 -6.73 35.03
C MET S 24 40.30 -5.76 35.78
N SER S 25 41.60 -5.77 35.45
CA SER S 25 42.55 -4.88 36.10
C SER S 25 42.44 -3.46 35.55
N GLY S 26 42.33 -2.49 36.45
CA GLY S 26 42.20 -1.09 36.04
C GLY S 26 40.74 -0.74 35.83
N ARG S 27 39.88 -1.75 35.95
CA ARG S 27 38.45 -1.59 35.77
C ARG S 27 37.77 -1.01 37.03
N SER S 28 38.55 -0.87 38.11
CA SER S 28 38.03 -0.33 39.37
C SER S 28 38.16 1.19 39.43
N ALA S 29 37.15 1.85 39.98
CA ALA S 29 37.16 3.30 40.10
C ALA S 29 38.41 3.72 40.82
N ARG S 30 39.19 4.60 40.21
CA ARG S 30 40.43 5.07 40.83
C ARG S 30 40.16 6.35 41.60
N ARG S 31 39.41 7.26 40.98
CA ARG S 31 39.09 8.54 41.60
C ARG S 31 37.66 8.98 41.24
N ASP S 32 37.42 10.29 41.19
CA ASP S 32 36.09 10.85 40.88
C ASP S 32 35.61 10.51 39.48
N LEU S 33 34.31 10.60 39.27
CA LEU S 33 33.73 10.29 37.98
C LEU S 33 33.52 11.55 37.14
N VAL S 34 34.02 11.54 35.92
CA VAL S 34 33.89 12.69 35.03
C VAL S 34 32.90 12.29 33.93
N ALA S 35 32.41 13.28 33.21
CA ALA S 35 31.49 13.05 32.11
C ALA S 35 31.84 14.06 31.04
N GLY S 36 31.95 13.60 29.81
CA GLY S 36 32.30 14.50 28.74
C GLY S 36 31.35 14.36 27.56
N ILE S 37 31.27 15.42 26.77
CA ILE S 37 30.44 15.40 25.59
C ILE S 37 31.03 16.35 24.58
N SER S 38 30.98 15.95 23.32
CA SER S 38 31.56 16.78 22.28
C SER S 38 30.55 17.06 21.20
N LEU S 39 30.90 17.94 20.25
CA LEU S 39 30.01 18.26 19.15
C LEU S 39 30.38 17.33 18.00
N ASN S 40 31.63 16.85 18.04
CA ASN S 40 32.17 15.99 16.99
C ASN S 40 32.84 14.70 17.49
N ALA S 41 32.75 14.40 18.76
CA ALA S 41 33.40 13.20 19.25
C ALA S 41 32.54 12.35 20.17
N PRO S 42 32.94 11.08 20.37
CA PRO S 42 32.27 10.08 21.23
C PRO S 42 32.21 10.47 22.70
N ALA S 43 31.01 10.44 23.27
CA ALA S 43 30.82 10.78 24.67
C ALA S 43 31.81 9.98 25.52
N SER S 44 32.48 10.68 26.44
CA SER S 44 33.44 10.04 27.31
C SER S 44 32.99 9.92 28.77
N VAL S 45 33.64 9.03 29.51
CA VAL S 45 33.35 8.76 30.93
C VAL S 45 34.59 8.17 31.61
N ARG S 46 34.78 8.47 32.91
CA ARG S 46 35.90 7.95 33.68
C ARG S 46 35.40 7.33 34.97
N ALA T 1 47.11 -5.11 -24.24
CA ALA T 1 45.93 -5.96 -23.89
C ALA T 1 44.65 -5.23 -24.30
N LEU T 2 43.90 -5.83 -25.22
CA LEU T 2 42.66 -5.22 -25.69
C LEU T 2 41.59 -5.17 -24.63
N LEU T 3 41.45 -6.22 -23.83
CA LEU T 3 40.41 -6.26 -22.82
C LEU T 3 40.61 -5.13 -21.83
N ARG T 4 41.86 -4.87 -21.46
CA ARG T 4 42.12 -3.80 -20.51
C ARG T 4 41.85 -2.46 -21.16
N GLN T 5 42.34 -2.28 -22.37
CA GLN T 5 42.14 -1.02 -23.08
C GLN T 5 40.64 -0.79 -23.27
N ALA T 6 39.95 -1.84 -23.70
CA ALA T 6 38.52 -1.79 -23.91
C ALA T 6 37.88 -1.34 -22.61
N TYR T 7 38.23 -2.02 -21.53
CA TYR T 7 37.67 -1.69 -20.24
C TYR T 7 37.90 -0.23 -19.89
N SER T 8 39.15 0.20 -19.91
CA SER T 8 39.45 1.58 -19.57
C SER T 8 38.79 2.62 -20.46
N ALA T 9 38.92 2.44 -21.76
CA ALA T 9 38.37 3.39 -22.70
C ALA T 9 36.86 3.32 -22.90
N LEU T 10 36.32 2.11 -22.98
CA LEU T 10 34.91 1.96 -23.27
C LEU T 10 33.92 1.58 -22.15
N PHE T 11 34.22 0.50 -21.44
CA PHE T 11 33.32 -0.01 -20.42
C PHE T 11 33.34 0.56 -19.02
N ARG T 12 34.33 1.39 -18.70
CA ARG T 12 34.42 1.94 -17.35
C ARG T 12 33.38 3.03 -17.04
N ARG T 13 33.47 4.18 -17.69
CA ARG T 13 32.50 5.24 -17.47
C ARG T 13 31.21 4.93 -18.25
N THR T 14 30.08 4.90 -17.54
CA THR T 14 28.78 4.59 -18.14
C THR T 14 28.45 5.38 -19.41
N SER T 15 28.93 6.62 -19.49
CA SER T 15 28.69 7.45 -20.66
C SER T 15 29.32 6.81 -21.89
N THR T 16 30.58 6.41 -21.76
CA THR T 16 31.29 5.81 -22.88
C THR T 16 30.75 4.42 -23.20
N PHE T 17 30.20 3.74 -22.20
CA PHE T 17 29.65 2.41 -22.46
C PHE T 17 28.44 2.53 -23.37
N ALA T 18 27.67 3.61 -23.18
CA ALA T 18 26.48 3.85 -24.01
C ALA T 18 26.90 4.29 -25.40
N LEU T 19 27.93 5.12 -25.44
CA LEU T 19 28.42 5.58 -26.72
C LEU T 19 28.94 4.41 -27.55
N THR T 20 29.52 3.42 -26.86
CA THR T 20 30.06 2.21 -27.52
C THR T 20 28.94 1.35 -28.06
N VAL T 21 27.83 1.28 -27.34
CA VAL T 21 26.71 0.47 -27.77
C VAL T 21 26.06 1.09 -29.01
N VAL T 22 25.93 2.41 -29.00
CA VAL T 22 25.35 3.12 -30.14
C VAL T 22 26.29 3.00 -31.33
N LEU T 23 27.51 3.49 -31.19
CA LEU T 23 28.46 3.41 -32.28
C LEU T 23 28.64 1.96 -32.69
N GLY T 24 28.58 1.05 -31.72
CA GLY T 24 28.74 -0.36 -32.00
C GLY T 24 27.59 -0.92 -32.81
N ALA T 25 26.39 -0.42 -32.54
CA ALA T 25 25.20 -0.87 -33.25
C ALA T 25 25.21 -0.33 -34.69
N VAL T 26 25.56 0.93 -34.86
CA VAL T 26 25.62 1.52 -36.20
C VAL T 26 26.54 0.72 -37.11
N LEU T 27 27.67 0.29 -36.56
CA LEU T 27 28.63 -0.49 -37.32
C LEU T 27 28.20 -1.94 -37.47
N PHE T 28 27.60 -2.50 -36.42
CA PHE T 28 27.14 -3.89 -36.47
C PHE T 28 26.06 -4.07 -37.52
N GLU T 29 25.12 -3.12 -37.57
CA GLU T 29 24.03 -3.22 -38.53
C GLU T 29 24.56 -3.27 -39.96
N ARG T 30 25.26 -2.21 -40.35
CA ARG T 30 25.85 -2.10 -41.68
C ARG T 30 26.52 -3.41 -42.10
N ALA T 31 27.38 -3.93 -41.24
CA ALA T 31 28.09 -5.17 -41.52
C ALA T 31 27.19 -6.40 -41.50
N PHE T 32 26.36 -6.55 -40.48
CA PHE T 32 25.50 -7.70 -40.38
C PHE T 32 24.53 -7.84 -41.53
N ASP T 33 23.97 -6.72 -41.99
CA ASP T 33 23.02 -6.78 -43.09
C ASP T 33 23.73 -7.23 -44.37
N GLN T 34 24.75 -6.49 -44.77
CA GLN T 34 25.52 -6.85 -45.97
C GLN T 34 25.86 -8.32 -45.97
N GLY T 35 26.30 -8.81 -44.81
CA GLY T 35 26.67 -10.20 -44.69
C GLY T 35 25.54 -11.17 -44.91
N ALA T 36 24.44 -10.96 -44.20
CA ALA T 36 23.27 -11.84 -44.32
C ALA T 36 22.71 -11.84 -45.73
N ASP T 37 22.58 -10.66 -46.31
CA ASP T 37 22.08 -10.52 -47.66
C ASP T 37 23.03 -11.26 -48.61
N ALA T 38 24.33 -11.10 -48.34
CA ALA T 38 25.37 -11.75 -49.11
C ALA T 38 25.13 -13.25 -49.10
N ILE T 39 24.95 -13.80 -47.91
CA ILE T 39 24.71 -15.22 -47.72
C ILE T 39 23.45 -15.67 -48.42
N PHE T 40 22.37 -14.92 -48.21
CA PHE T 40 21.10 -15.28 -48.80
C PHE T 40 21.13 -15.36 -50.32
N GLU T 41 21.79 -14.39 -50.95
CA GLU T 41 21.85 -14.39 -52.41
C GLU T 41 22.77 -15.47 -52.96
N HIS T 42 23.83 -15.80 -52.24
CA HIS T 42 24.70 -16.86 -52.72
C HIS T 42 23.92 -18.18 -52.64
N LEU T 43 23.25 -18.41 -51.53
CA LEU T 43 22.48 -19.63 -51.38
C LEU T 43 21.33 -19.70 -52.39
N ASN T 44 21.12 -18.63 -53.14
CA ASN T 44 20.03 -18.59 -54.12
C ASN T 44 20.44 -18.01 -55.47
N GLU T 45 21.59 -18.44 -55.97
CA GLU T 45 22.11 -17.97 -57.25
C GLU T 45 21.17 -18.15 -58.43
N GLY T 46 21.07 -17.10 -59.25
CA GLY T 46 20.23 -17.12 -60.43
C GLY T 46 18.75 -17.35 -60.23
N LYS T 47 18.26 -17.23 -58.99
CA LYS T 47 16.84 -17.42 -58.71
C LYS T 47 16.14 -16.10 -58.47
N LEU T 48 16.89 -15.13 -57.97
CA LEU T 48 16.33 -13.82 -57.67
C LEU T 48 16.27 -12.92 -58.90
N TRP T 49 15.29 -12.02 -58.90
CA TRP T 49 15.10 -11.08 -60.00
C TRP T 49 16.42 -10.34 -60.24
N LYS T 50 17.10 -10.03 -59.15
CA LYS T 50 18.38 -9.33 -59.21
C LYS T 50 19.26 -10.03 -60.24
N HIS T 51 19.21 -11.36 -60.20
CA HIS T 51 19.99 -12.22 -61.08
C HIS T 51 19.54 -12.30 -62.53
N ILE T 52 18.25 -12.55 -62.77
CA ILE T 52 17.74 -12.68 -64.12
C ILE T 52 17.35 -11.38 -64.80
N LYS T 53 17.20 -10.33 -64.01
CA LYS T 53 16.81 -9.01 -64.48
C LYS T 53 17.38 -8.52 -65.82
N HIS T 54 18.68 -8.72 -66.03
CA HIS T 54 19.33 -8.26 -67.26
C HIS T 54 18.68 -8.71 -68.57
N LYS T 55 18.08 -9.90 -68.57
CA LYS T 55 17.44 -10.45 -69.78
C LYS T 55 16.30 -9.62 -70.35
N TYR T 56 15.58 -8.88 -69.51
CA TYR T 56 14.46 -8.09 -69.98
C TYR T 56 14.75 -6.62 -69.77
N GLU T 57 15.84 -6.38 -69.05
CA GLU T 57 16.30 -5.04 -68.79
C GLU T 57 17.15 -4.68 -70.01
N ALA T 58 16.55 -3.91 -70.91
CA ALA T 58 17.21 -3.49 -72.15
C ALA T 58 16.21 -2.69 -72.97
N SER T 59 16.02 -1.43 -72.56
CA SER T 59 15.09 -0.51 -73.23
C SER T 59 15.42 -0.30 -74.71
N GLU T 60 16.50 0.42 -74.98
C27 PEE U . -26.14 1.08 -16.17
C26 PEE U . -27.08 1.28 -14.98
C25 PEE U . -27.16 2.78 -14.56
C24 PEE U . -28.33 3.05 -13.58
C23 PEE U . -29.09 4.41 -13.81
C22 PEE U . -29.67 5.04 -12.55
C21 PEE U . -29.98 6.35 -12.37
C20 PEE U . -29.18 7.41 -11.60
C19 PEE U . -29.44 7.42 -10.10
C18 PEE U . -28.72 6.84 -9.12
C17 PEE U . -28.73 7.15 -7.64
C16 PEE U . -28.87 5.87 -6.79
C15 PEE U . -29.06 6.12 -5.27
C14 PEE U . -29.89 5.04 -4.54
C13 PEE U . -30.11 5.33 -3.04
C12 PEE U . -30.33 4.08 -2.15
C11 PEE U . -29.01 3.58 -1.48
C10 PEE U . -28.70 4.21 -0.08
O4 PEE U . -28.96 5.40 0.17
O2 PEE U . -28.06 3.31 0.84
C2 PEE U . -28.88 2.61 1.88
C1 PEE U . -29.74 3.59 2.76
O3P PEE U . -29.28 3.77 4.15
P PEE U . -30.37 3.87 5.39
O2P PEE U . -31.43 5.06 5.09
O1P PEE U . -29.57 4.23 6.74
O4P PEE U . -31.17 2.42 5.55
C4 PEE U . -31.19 1.58 6.77
C5 PEE U . -32.23 0.42 6.75
N PEE U . -32.74 0.09 8.10
C3 PEE U . -29.70 1.39 1.28
O3 PEE U . -30.54 0.67 2.24
C30 PEE U . -29.91 -0.39 2.97
O5 PEE U . -29.55 -0.30 4.17
C31 PEE U . -29.70 -1.72 2.14
C32 PEE U . -30.99 -2.43 1.65
C33 PEE U . -31.37 -2.02 0.21
C34 PEE U . -32.12 -3.14 -0.53
C35 PEE U . -32.34 -2.79 -2.01
C36 PEE U . -33.40 -3.70 -2.65
C37 PEE U . -32.82 -4.62 -3.75
C38 PEE U . -32.93 -3.99 -5.17
C39 PEE U . -34.28 -4.24 -5.88
C40 PEE U . -34.23 -4.06 -7.41
C41 PEE U . -35.09 -5.09 -8.17
C42 PEE U . -35.93 -4.45 -9.29
C43 PEE U . -37.12 -5.31 -9.79
C44 PEE U . -38.49 -4.60 -9.94
C45 PEE U . -38.56 -3.60 -11.10
C46 PEE U . -39.78 -3.85 -12.00
C13 PEE V . -24.98 4.65 -1.64
C12 PEE V . -24.45 3.22 -1.84
C11 PEE V . -25.44 2.14 -1.32
C10 PEE V . -25.19 1.65 0.15
O4 PEE V . -24.61 2.37 0.99
O2 PEE V . -25.70 0.34 0.41
C2 PEE V . -24.91 -0.52 1.34
C1 PEE V . -25.41 -0.36 2.84
O3P PEE V . -24.50 0.44 3.70
P PEE V . -24.90 0.91 5.22
O2P PEE V . -26.11 1.98 5.13
O1P PEE V . -23.63 1.64 5.89
O4P PEE V . -25.34 -0.38 6.14
C4 PEE V . -24.40 -1.20 6.94
C5 PEE V . -24.87 -2.66 7.17
C3 PEE V . -24.80 -2.01 0.85
O3 PEE V . -23.50 -2.64 1.20
C30 PEE V . -22.78 -3.26 0.14
O5 PEE V . -22.89 -4.45 -0.18
C31 PEE V . -21.80 -2.30 -0.60
C32 PEE V . -20.31 -2.70 -0.52
CHA HEM W . -18.39 8.51 -31.51
CHB HEM W . -16.50 10.80 -27.79
CHC HEM W . -15.55 6.53 -25.83
CHD HEM W . -17.12 4.25 -29.70
C1A HEM W . -17.96 9.51 -30.64
C2A HEM W . -18.14 10.91 -30.85
C3A HEM W . -17.55 11.52 -29.84
C4A HEM W . -17.10 10.53 -28.98
CMA HEM W . -17.31 13.04 -29.62
CAA HEM W . -18.88 11.48 -32.02
CBA HEM W . -20.32 11.76 -31.62
CGA HEM W . -21.22 12.06 -32.81
O1A HEM W . -21.63 11.10 -33.51
O2A HEM W . -21.49 13.26 -33.04
C1B HEM W . -16.16 9.83 -26.88
C2B HEM W . -15.49 10.14 -25.64
C3B HEM W . -15.28 8.89 -25.05
C4B HEM W . -15.73 7.88 -26.01
CMB HEM W . -15.11 11.56 -25.14
CAB HEM W . -14.85 8.59 -23.78
CBB HEM W . -13.57 9.13 -23.19
C1C HEM W . -15.89 5.54 -26.70
C2C HEM W . -15.52 4.15 -26.53
C3C HEM W . -16.09 3.49 -27.60
C4C HEM W . -16.59 4.50 -28.47
CMC HEM W . -14.76 3.55 -25.33
CAC HEM W . -16.28 2.13 -27.77
CBC HEM W . -15.10 1.19 -27.78
C1D HEM W . -17.66 5.21 -30.48
C2D HEM W . -18.32 4.92 -31.73
C3D HEM W . -18.62 6.13 -32.27
C4D HEM W . -18.26 7.16 -31.30
CMD HEM W . -18.67 3.56 -32.32
CAD HEM W . -19.21 6.29 -33.64
CBD HEM W . -20.73 6.26 -33.68
CGD HEM W . -21.32 7.61 -33.44
O1D HEM W . -20.93 8.57 -34.14
O2D HEM W . -22.18 7.73 -32.55
NA HEM W . -17.38 9.27 -29.43
NB HEM W . -16.32 8.43 -27.10
NC HEM W . -16.51 5.76 -27.89
ND HEM W . -17.68 6.58 -30.17
FE HEM W . -17.01 7.49 -28.62
CHA HEM X . -9.21 15.65 -7.90
CHB HEM X . -11.02 12.73 -11.18
CHC HEM X . -9.14 15.52 -14.57
CHD HEM X . -6.92 18.13 -11.27
C1A HEM X . -9.92 14.65 -8.50
C2A HEM X . -10.80 13.76 -7.77
C3A HEM X . -11.29 12.94 -8.73
C4A HEM X . -10.72 13.34 -9.99
CMA HEM X . -12.34 11.85 -8.48
CAA HEM X . -11.32 13.80 -6.32
CBA HEM X . -12.65 14.57 -6.18
CGA HEM X . -12.52 16.07 -6.50
O1A HEM X . -13.21 16.55 -7.43
O2A HEM X . -11.74 16.77 -5.83
C1B HEM X . -10.63 13.18 -12.41
C2B HEM X . -10.94 12.49 -13.67
C3B HEM X . -10.45 13.35 -14.66
C4B HEM X . -9.78 14.49 -13.95
CMB HEM X . -11.76 11.20 -13.82
CAB HEM X . -10.67 13.30 -16.02
CBB HEM X . -11.01 12.11 -16.96
C1C HEM X . -8.40 16.49 -13.97
C2C HEM X . -7.85 17.67 -14.64
C3C HEM X . -7.21 18.41 -13.71
C4C HEM X . -7.39 17.67 -12.48
CMC HEM X . -7.95 18.05 -16.11
CAC HEM X . -6.55 19.62 -13.90
CBC HEM X . -5.67 19.89 -15.04
C1D HEM X . -7.23 17.60 -10.07
C2D HEM X . -6.69 18.09 -8.82
C3D HEM X . -7.44 17.48 -7.83
C4D HEM X . -8.32 16.53 -8.54
CMD HEM X . -5.53 19.11 -8.65
CAD HEM X . -7.39 17.90 -6.37
CBD HEM X . -8.71 18.47 -5.88
CGD HEM X . -8.59 19.21 -4.54
O1D HEM X . -8.16 20.38 -4.54
O2D HEM X . -8.91 18.61 -3.49
NA HEM X . -9.94 14.46 -9.85
NB HEM X . -9.86 14.37 -12.59
NC HEM X . -8.20 16.54 -12.64
ND HEM X . -8.13 16.54 -9.90
FE HEM X . -9.04 15.47 -11.27
N1 AZO Y . -4.45 20.32 -32.46
C1 AZO Y . -4.93 20.71 -31.49
C2 AZO Y . -5.56 21.20 -30.31
C3 AZO Y . -4.78 21.86 -29.31
C4 AZO Y . -5.45 22.35 -28.13
C5 AZO Y . -6.87 22.21 -27.93
C6 AZO Y . -7.67 21.56 -28.91
C7 AZO Y . -7.06 21.04 -30.11
O1 AZO Y . -7.78 20.40 -31.09
C8 AZO Y . -8.81 20.95 -31.79
C9 AZO Y . -9.45 20.14 -32.74
C10 AZO Y . -10.50 20.72 -33.46
N3 AZO Y . -10.86 22.02 -33.22
C11 AZO Y . -10.24 22.78 -32.28
N2 AZO Y . -9.22 22.24 -31.58
O2 AZO Y . -11.12 19.94 -34.41
C12 AZO Y . -12.15 20.35 -35.22
C13 AZO Y . -12.03 21.53 -36.05
C14 AZO Y . -13.10 21.94 -36.88
C15 AZO Y . -14.30 21.17 -36.92
C16 AZO Y . -14.47 20.00 -36.13
C17 AZO Y . -13.42 19.55 -35.26
C18 AZO Y . -13.59 18.31 -34.42
C19 AZO Y . -14.20 18.37 -33.24
O3 AZO Y . -14.63 19.43 -32.81
O4 AZO Y . -14.35 17.15 -32.46
C20 AZO Y . -14.99 17.19 -31.18
C21 AZO Y . -13.10 16.98 -34.90
O5 AZO Y . -12.50 17.03 -36.16
C22 AZO Y . -12.11 15.73 -36.51
C1 UQ Z . -14.13 11.89 -4.18
C2 UQ Z . -13.12 12.66 -3.24
C3 UQ Z . -11.87 12.10 -2.92
C4 UQ Z . -11.46 10.71 -3.48
C5 UQ Z . -12.44 9.93 -4.42
C6 UQ Z . -13.73 10.48 -4.76
CM5 UQ Z . -11.94 8.54 -4.92
CM3 UQ Z . -10.98 12.52 -0.63
CM2 UQ Z . -14.49 13.92 -1.65
C7 UQ Z . -14.83 9.81 -5.68
C8 UQ Z . -14.50 8.84 -6.84
C9 UQ Z . -15.37 8.02 -7.50
C10 UQ Z . -16.85 8.04 -7.05
C11 UQ Z . -15.00 7.05 -8.64
C12 UQ Z . -16.14 6.16 -9.25
O2 UQ Z . -13.51 13.93 -2.73
O3 UQ Z . -10.94 12.80 -2.06
O4 UQ Z . -10.35 10.22 -3.19
O1 UQ Z . -15.25 12.40 -4.46
C26 PEE AA . -8.61 25.10 -20.50
C25 PEE AA . -8.38 26.31 -19.57
C24 PEE AA . -9.33 26.29 -18.33
C23 PEE AA . -9.24 27.55 -17.40
C22 PEE AA . -10.32 27.62 -16.30
C21 PEE AA . -11.63 27.95 -16.45
C20 PEE AA . -12.77 27.04 -16.93
C19 PEE AA . -14.15 27.62 -16.70
C18 PEE AA . -15.02 27.37 -15.70
C17 PEE AA . -15.46 28.32 -14.59
C16 PEE AA . -15.82 27.57 -13.28
C15 PEE AA . -15.16 28.09 -11.99
C14 PEE AA . -15.84 27.57 -10.70
C13 PEE AA . -15.06 27.75 -9.39
C12 PEE AA . -15.11 29.19 -8.82
C11 PEE AA . -15.24 29.24 -7.29
C10 PEE AA . -16.63 29.72 -6.83
O4 PEE AA . -17.57 28.92 -6.73
O2 PEE AA . -16.73 31.10 -6.56
C2 PEE AA . -17.89 31.56 -5.72
C1 PEE AA . -17.41 32.01 -4.31
O3P PEE AA . -16.48 31.07 -3.70
P PEE AA . -15.74 31.36 -2.29
O2P PEE AA . -14.85 32.72 -2.38
O1P PEE AA . -14.80 30.10 -1.95
O4P PEE AA . -16.85 31.49 -1.10
C4 PEE AA . -16.63 31.11 0.32
C5 PEE AA . -17.09 32.18 1.35
N PEE AA . -18.58 32.35 1.34
C3 PEE AA . -18.81 32.60 -6.43
O3 PEE AA . -19.11 32.29 -7.85
C30 PEE AA . -20.30 31.55 -8.08
O5 PEE AA . -20.91 30.88 -7.22
C31 PEE AA . -20.82 31.67 -9.55
C32 PEE AA . -20.99 30.31 -10.29
C33 PEE AA . -20.91 30.46 -11.82
C34 PEE AA . -20.39 29.16 -12.52
C35 PEE AA . -20.72 29.11 -14.02
C36 PEE AA . -19.45 29.23 -14.90
C37 PEE AA . -19.74 29.96 -16.24
C38 PEE AA . -19.67 28.99 -17.45
C39 PEE AA . -18.53 29.28 -18.45
C40 PEE AA . -17.78 28.01 -18.94
C41 PEE AA . -16.53 28.33 -19.79
C42 PEE AA . -16.78 28.14 -21.31
C43 PEE AA . -15.87 27.10 -22.01
C44 PEE AA . -14.37 27.45 -22.13
C45 PEE AA . -13.42 26.25 -22.02
C46 PEE AA . -12.38 26.43 -20.89
C1 GOL BA . -24.10 11.65 -38.36
O1 GOL BA . -23.98 12.98 -37.73
C2 GOL BA . -25.48 11.36 -39.05
O2 GOL BA . -26.54 12.20 -38.44
C3 GOL BA . -25.89 9.86 -39.04
O3 GOL BA . -27.31 9.64 -38.67
FE HEC CA . -36.20 19.54 -54.50
CHA HEC CA . -33.18 20.81 -53.70
CHB HEC CA . -37.13 19.81 -51.29
CHC HEC CA . -39.23 18.41 -55.25
CHD HEC CA . -35.21 19.16 -57.59
NA HEC CA . -35.31 20.15 -52.87
C1A HEC CA . -34.05 20.67 -52.68
C2A HEC CA . -33.84 21.20 -51.31
C3A HEC CA . -34.89 20.74 -50.62
C4A HEC CA . -35.85 20.23 -51.60
CMA HEC CA . -34.99 20.74 -49.10
CAA HEC CA . -32.96 22.28 -50.73
CBA HEC CA . -31.53 22.12 -51.04
CGA HEC CA . -30.67 23.01 -50.18
O1A HEC CA . -29.44 22.99 -50.39
O2A HEC CA . -31.22 23.71 -49.30
NB HEC CA . -37.83 19.16 -53.49
C1B HEC CA . -38.04 19.27 -52.15
C2B HEC CA . -39.33 18.84 -51.75
C3B HEC CA . -39.96 18.52 -52.86
C4B HEC CA . -39.01 18.70 -53.93
CMB HEC CA . -39.94 18.84 -50.36
CAB HEC CA . -41.33 17.96 -53.14
CBB HEC CA . -42.36 18.97 -52.63
NC HEC CA . -37.02 18.96 -56.08
C1C HEC CA . -38.30 18.55 -56.26
C2C HEC CA . -38.54 18.09 -57.63
C3C HEC CA . -37.34 18.16 -58.22
C4C HEC CA . -36.47 18.81 -57.29
CMC HEC CA . -39.77 17.38 -58.19
CAC HEC CA . -36.78 17.58 -59.52
CBC HEC CA . -37.40 18.18 -60.76
ND HEC CA . -34.59 19.91 -55.44
C1D HEC CA . -34.34 19.70 -56.75
C2D HEC CA . -33.01 20.17 -57.18
C3D HEC CA . -32.43 20.67 -56.09
C4D HEC CA . -33.43 20.47 -54.99
CMD HEC CA . -32.38 20.16 -58.55
CAD HEC CA . -31.06 21.31 -56.08
CBD HEC CA . -31.11 22.79 -55.77
CGD HEC CA . -29.72 23.44 -55.78
O1D HEC CA . -28.84 22.94 -55.03
O2D HEC CA . -29.53 24.46 -56.50
C1 CDL DA . -25.64 25.11 0.42
O1 CDL DA . -26.32 25.38 -0.88
CA2 CDL DA . -25.76 23.65 0.92
OA2 CDL DA . -25.77 22.78 -0.14
PA1 CDL DA . -26.87 21.68 -0.35
OA3 CDL DA . -28.24 22.20 0.04
OA4 CDL DA . -26.63 20.49 0.53
OA5 CDL DA . -26.78 21.30 -1.89
CA3 CDL DA . -25.64 21.43 -2.66
CA4 CDL DA . -25.99 21.24 -4.17
OA6 CDL DA . -24.83 21.04 -5.01
CA5 CDL DA . -24.52 19.70 -5.22
OA7 CDL DA . -24.88 18.76 -4.54
C11 CDL DA . -23.61 19.48 -6.44
C12 CDL DA . -24.19 19.88 -7.83
CA6 CDL DA . -26.74 22.51 -4.62
OA8 CDL DA . -26.48 22.78 -5.99
CA7 CDL DA . -26.90 24.04 -6.37
OA9 CDL DA . -26.55 25.09 -5.89
C31 CDL DA . -27.88 23.99 -7.54
CB2 CDL DA . -26.16 26.03 1.54
OB2 CDL DA . -27.46 25.70 1.83
PB2 CDL DA . -28.24 26.27 3.07
OB3 CDL DA . -27.73 27.63 3.46
OB4 CDL DA . -28.08 25.39 4.28
OB5 CDL DA . -29.73 26.35 2.59
CB3 CDL DA . -30.30 25.48 1.70
CB4 CDL DA . -30.87 26.28 0.51
OB6 CDL DA . -32.11 25.75 0.03
CB5 CDL DA . -33.17 26.24 0.74
OB7 CDL DA . -33.30 27.36 1.17
C51 CDL DA . -34.25 25.17 0.94
C52 CDL DA . -34.68 24.44 -0.37
C53 CDL DA . -35.94 23.58 -0.16
CB6 CDL DA . -29.85 26.21 -0.62
OB8 CDL DA . -29.75 24.89 -1.13
CB7 CDL DA . -29.90 24.84 -2.51
OB9 CDL DA . -29.30 25.51 -3.33
C71 CDL DA . -30.97 23.82 -2.94
C72 CDL DA . -30.41 22.49 -3.53
C73 CDL DA . -31.22 22.01 -4.76
C74 CDL DA . -32.17 20.83 -4.45
C1 BOG EA . -38.78 4.24 -21.02
O1 BOG EA . -38.68 4.70 -19.68
C2 BOG EA . -38.87 2.67 -21.07
O2 BOG EA . -37.73 2.05 -20.48
C3 BOG EA . -39.00 2.23 -22.54
O3 BOG EA . -39.08 0.81 -22.62
C4 BOG EA . -40.26 2.89 -23.15
O4 BOG EA . -40.42 2.50 -24.55
C5 BOG EA . -40.15 4.44 -23.05
O5 BOG EA . -39.96 4.87 -21.65
C6 BOG EA . -41.38 5.18 -23.59
O6 BOG EA . -42.57 4.79 -22.93
C1' BOG EA . -37.42 5.29 -19.25
C2' BOG EA . -37.66 6.15 -18.01
C3' BOG EA . -36.57 6.00 -16.98
C4' BOG EA . -36.05 7.37 -16.57
C5' BOG EA . -34.84 7.26 -15.63
C6' BOG EA . -34.29 8.63 -15.22
C7' BOG EA . -33.43 8.51 -13.97
C8' BOG EA . -32.92 9.88 -13.63
C1 BOG FA . -43.03 3.51 -30.26
O1 BOG FA . -43.38 3.02 -31.53
C2 BOG FA . -44.01 4.66 -29.81
O2 BOG FA . -44.00 5.76 -30.72
C3 BOG FA . -43.62 5.14 -28.40
O3 BOG FA . -44.50 6.18 -27.98
C4 BOG FA . -43.66 3.94 -27.43
O4 BOG FA . -43.30 4.35 -26.10
C5 BOG FA . -42.68 2.81 -27.93
O5 BOG FA . -43.03 2.40 -29.31
C6 BOG FA . -42.70 1.56 -27.03
O6 BOG FA . -41.54 0.74 -27.22
C1' BOG FA . -42.33 2.78 -32.49
FE1 FES GA . -25.69 -33.41 -49.40
FE2 FES GA . -23.22 -34.33 -48.89
S1 FES GA . -24.86 -35.39 -49.93
S2 FES GA . -24.01 -32.29 -48.51
C1 CDL HA . -19.75 27.95 -3.84
O1 CDL HA . -18.35 28.45 -3.74
CA2 CDL HA . -20.78 29.10 -3.74
OA2 CDL HA . -20.15 30.25 -3.32
PA1 CDL HA . -20.88 31.36 -2.47
OA3 CDL HA . -20.00 32.57 -2.26
OA4 CDL HA . -21.20 30.85 -1.08
OA5 CDL HA . -22.16 31.72 -3.33
CA3 CDL HA . -23.44 31.45 -2.89
CA4 CDL HA . -24.40 31.52 -4.09
OA6 CDL HA . -24.53 32.83 -4.62
CA5 CDL HA . -24.21 32.84 -5.96
OA7 CDL HA . -24.61 32.07 -6.79
C11 CDL HA . -23.23 33.99 -6.33
C12 CDL HA . -23.58 34.77 -7.64
CA6 CDL HA . -25.77 31.01 -3.59
OA8 CDL HA . -25.72 29.61 -3.39
CA7 CDL HA . -26.96 28.97 -3.52
OA9 CDL HA . -27.68 28.65 -2.62
C31 CDL HA . -27.33 28.66 -4.97
CB2 CDL HA . -20.06 26.90 -2.74
OB2 CDL HA . -21.41 26.77 -2.55
PB2 CDL HA . -22.20 25.47 -2.86
OB3 CDL HA . -23.52 25.45 -2.12
OB4 CDL HA . -21.49 24.22 -2.39
OB5 CDL HA . -22.39 25.50 -4.43
CB3 CDL HA . -23.54 25.92 -5.07
CB4 CDL HA . -23.32 26.05 -6.61
OB6 CDL HA . -22.23 25.27 -7.12
CB5 CDL HA . -22.65 24.48 -8.16
OB7 CDL HA . -23.45 23.58 -8.07
C51 CDL HA . -21.99 24.87 -9.50
C52 CDL HA . -22.68 24.32 -10.80
C53 CDL HA . -22.55 25.30 -12.00
CB6 CDL HA . -23.03 27.54 -6.91
OB8 CDL HA . -24.21 28.30 -6.81
CB7 CDL HA . -24.86 28.44 -8.02
OB9 CDL HA . -25.77 27.74 -8.41
C71 CDL HA . -24.35 29.62 -8.85
C72 CDL HA . -25.41 30.37 -9.69
O3P PEE IA . 21.07 -1.28 -13.99
P PEE IA . 22.19 -1.75 -12.89
O2P PEE IA . 23.66 -1.45 -13.48
O1P PEE IA . 22.03 -3.34 -12.62
O4P PEE IA . 21.99 -0.96 -11.46
CHA HEM JA . -7.08 -11.82 -34.89
CHB HEM JA . -5.93 -13.71 -30.67
CHC HEM JA . -5.40 -9.28 -28.96
CHD HEM JA . -6.94 -7.38 -33.02
C1A HEM JA . -6.80 -12.72 -33.89
C2A HEM JA . -6.83 -14.17 -34.03
C3A HEM JA . -6.59 -14.69 -32.83
C4A HEM JA . -6.29 -13.58 -31.96
CMA HEM JA . -6.68 -16.13 -32.41
CAA HEM JA . -7.01 -14.89 -35.37
CBA HEM JA . -5.64 -15.14 -36.01
CGA HEM JA . -5.73 -15.55 -37.46
O1A HEM JA . -5.85 -14.66 -38.33
O2A HEM JA . -5.68 -16.76 -37.74
C1B HEM JA . -5.64 -12.66 -29.84
C2B HEM JA . -5.31 -12.82 -28.43
C3B HEM JA . -5.05 -11.57 -27.99
C4B HEM JA . -5.36 -10.64 -29.10
CMB HEM JA . -5.24 -14.15 -27.67
CAB HEM JA . -4.57 -11.16 -26.75
CBB HEM JA . -5.07 -11.67 -25.41
C1C HEM JA . -5.87 -8.39 -29.87
C2C HEM JA . -6.04 -6.96 -29.62
C3C HEM JA . -6.37 -6.43 -30.83
C4C HEM JA . -6.58 -7.54 -31.73
CMC HEM JA . -5.84 -6.19 -28.33
CAC HEM JA . -6.39 -5.08 -31.21
CBC HEM JA . -7.30 -4.09 -30.51
C1D HEM JA . -7.00 -8.43 -33.91
C2D HEM JA . -7.37 -8.24 -35.31
C3D HEM JA . -7.48 -9.49 -35.80
C4D HEM JA . -7.09 -10.44 -34.76
CMD HEM JA . -7.54 -6.92 -36.06
CAD HEM JA . -7.99 -9.77 -37.20
CBD HEM JA . -6.93 -9.81 -38.29
CGD HEM JA . -6.25 -11.15 -38.36
O1D HEM JA . -6.95 -12.18 -38.37
O2D HEM JA . -5.01 -11.19 -38.43
NA HEM JA . -6.44 -12.35 -32.61
NB HEM JA . -5.73 -11.30 -30.22
NC HEM JA . -6.25 -8.75 -31.14
ND HEM JA . -6.78 -9.78 -33.59
FE HEM JA . -6.25 -10.56 -31.93
CHA HEM KA . 2.16 -16.63 -10.70
CHB HEM KA . 1.19 -14.04 -14.57
CHC HEM KA . -2.35 -17.08 -15.60
CHD HEM KA . -1.67 -19.37 -11.44
C1A HEM KA . 2.28 -15.76 -11.74
C2A HEM KA . 3.41 -14.82 -11.92
C3A HEM KA . 3.10 -14.09 -13.01
C4A HEM KA . 1.83 -14.58 -13.48
CMA HEM KA . 3.97 -13.02 -13.65
CAA HEM KA . 4.77 -14.74 -11.18
CBA HEM KA . 5.89 -15.59 -11.82
CGA HEM KA . 5.54 -17.09 -11.92
O1A HEM KA . 5.46 -17.61 -13.05
O2A HEM KA . 5.34 -17.74 -10.85
C1B HEM KA . 0.07 -14.57 -15.19
C2B HEM KA . -0.54 -14.04 -16.41
C3B HEM KA . -1.46 -14.97 -16.76
C4B HEM KA . -1.44 -16.03 -15.72
CMB HEM KA . -0.09 -12.84 -17.21
CAB HEM KA . -2.23 -15.04 -17.91
CBB HEM KA . -2.62 -13.95 -18.89
C1C HEM KA . -2.48 -17.96 -14.54
C2C HEM KA . -3.30 -19.15 -14.56
C3C HEM KA . -3.08 -19.83 -13.38
C4C HEM KA . -2.12 -19.03 -12.68
CMC HEM KA . -4.17 -19.59 -15.72
CAC HEM KA . -3.64 -21.02 -12.91
CBC HEM KA . -5.05 -21.44 -13.16
C1D HEM KA . -0.65 -18.73 -10.82
C2D HEM KA . -0.19 -19.07 -9.52
C3D HEM KA . 0.99 -18.44 -9.33
C4D HEM KA . 1.13 -17.53 -10.49
CMD HEM KA . -0.95 -19.98 -8.54
CAD HEM KA . 1.94 -18.69 -8.17
CBD HEM KA . 3.33 -19.15 -8.62
CGD HEM KA . 4.12 -19.84 -7.49
O1D HEM KA . 3.82 -21.01 -7.17
O2D HEM KA . 5.04 -19.20 -6.94
NA HEM KA . 1.38 -15.68 -12.76
NB HEM KA . -0.52 -15.77 -14.75
NC HEM KA . -1.70 -17.92 -13.43
ND HEM KA . 0.08 -17.69 -11.37
FE HEM KA . -0.21 -16.77 -13.11
C1 BOG LA . 1.43 -5.46 -6.69
O1 BOG LA . 0.91 -6.73 -6.81
C2 BOG LA . 0.99 -4.58 -7.92
O2 BOG LA . 1.44 -5.15 -9.16
C3 BOG LA . 1.55 -3.17 -7.76
O3 BOG LA . 1.16 -2.35 -8.86
C4 BOG LA . 1.04 -2.57 -6.40
O4 BOG LA . 1.54 -1.25 -6.20
C5 BOG LA . 1.48 -3.50 -5.20
O5 BOG LA . 0.98 -4.87 -5.42
C6 BOG LA . 0.96 -3.00 -3.82
O6 BOG LA . -0.44 -2.71 -3.81
N1 AZO MA . -17.48 -23.25 -25.11
C1 AZO MA . -16.47 -23.58 -24.72
C2 AZO MA . -15.17 -23.99 -24.27
C3 AZO MA . -15.02 -24.53 -22.96
C4 AZO MA . -13.71 -24.93 -22.54
C5 AZO MA . -12.55 -24.81 -23.39
C6 AZO MA . -12.66 -24.28 -24.69
C7 AZO MA . -13.95 -23.86 -25.17
O1 AZO MA . -14.11 -23.33 -26.43
C8 AZO MA . -13.83 -23.97 -27.60
C9 AZO MA . -14.06 -23.27 -28.80
C10 AZO MA . -13.77 -23.93 -30.02
N3 AZO MA . -13.28 -25.24 -29.98
C11 AZO MA . -13.06 -25.90 -28.81
N2 AZO MA . -13.34 -25.26 -27.63
O2 AZO MA . -14.01 -23.24 -31.20
C12 AZO MA . -13.79 -23.75 -32.46
C13 AZO MA . -14.42 -24.97 -32.88
C14 AZO MA . -14.18 -25.46 -34.18
C15 AZO MA . -13.34 -24.76 -35.08
C16 AZO MA . -12.69 -23.54 -34.72
C17 AZO MA . -12.89 -23.00 -33.42
C18 AZO MA . -12.23 -21.70 -33.01
C19 AZO MA . -10.99 -21.65 -32.58
O3 AZO MA . -10.31 -22.66 -32.49
O4 AZO MA . -10.41 -20.37 -32.21
C20 AZO MA . -9.08 -20.28 -31.73
C21 AZO MA . -13.00 -20.41 -33.12
O5 AZO MA . -14.31 -20.57 -33.59
C22 AZO MA . -14.91 -19.30 -33.67
C1 UQ NA . 8.29 -12.66 -11.17
C2 UQ NA . 8.03 -13.28 -9.76
C3 UQ NA . 7.09 -12.72 -8.87
C4 UQ NA . 6.29 -11.45 -9.31
C5 UQ NA . 6.53 -10.81 -10.70
C6 UQ NA . 7.49 -11.38 -11.61
CM5 UQ NA . 5.69 -9.54 -11.03
CM3 UQ NA . 7.58 -12.75 -6.43
CM2 UQ NA . 10.17 -14.21 -8.98
C7 UQ NA . 7.84 -10.83 -13.07
C8 UQ NA . 6.81 -10.11 -13.97
C9 UQ NA . 7.09 -9.39 -15.09
C10 UQ NA . 8.55 -9.28 -15.54
C11 UQ NA . 6.03 -8.67 -15.97
C12 UQ NA . 6.53 -7.83 -17.20
O2 UQ NA . 8.79 -14.44 -9.39
O3 UQ NA . 6.84 -13.29 -7.57
O4 UQ NA . 5.45 -10.95 -8.52
O1 UQ NA . 9.14 -13.18 -11.94
C27 PEE OA . 8.52 -3.53 -29.43
C26 PEE OA . 10.03 -3.65 -29.21
C25 PEE OA . 10.44 -5.08 -28.81
C24 PEE OA . 11.98 -5.31 -28.86
C23 PEE OA . 12.42 -6.70 -29.41
C22 PEE OA . 13.72 -7.24 -28.81
C21 PEE OA . 14.10 -8.53 -28.75
C20 PEE OA . 14.03 -9.47 -27.54
C19 PEE OA . 15.24 -9.39 -26.62
C18 PEE OA . 15.38 -8.69 -25.49
C17 PEE OA . 16.41 -8.88 -24.39
C16 PEE OA . 17.05 -7.54 -23.96
C15 PEE OA . 18.20 -7.67 -22.95
C14 PEE OA . 19.28 -6.57 -23.05
C13 PEE OA . 20.47 -6.75 -22.10
C12 PEE OA . 21.21 -5.46 -21.72
C11 PEE OA . 20.67 -4.85 -20.39
C10 PEE OA . 21.38 -5.35 -19.07
O4 PEE OA . 21.73 -6.54 -18.95
O2 PEE OA . 21.53 -4.35 -18.06
C2 PEE OA . 22.83 -3.59 -17.92
C1 PEE OA . 24.08 -4.54 -17.76
O3P PEE OA . 24.69 -4.56 -16.43
P PEE OA . 26.33 -4.58 -16.24
O2P PEE OA . 26.94 -5.82 -17.06
O1P PEE OA . 26.66 -4.78 -14.67
O4P PEE OA . 26.99 -3.15 -16.78
C4 PEE OA . 27.80 -2.23 -15.97
C5 PEE OA . 28.51 -1.12 -16.78
N PEE OA . 29.73 -0.63 -16.10
C3 PEE OA . 23.01 -2.47 -19.02
O3 PEE OA . 24.25 -1.68 -18.93
C30 PEE OA . 24.20 -0.55 -18.06
O5 PEE OA . 24.75 -0.50 -16.94
C31 PEE OA . 23.42 0.68 -18.66
C32 PEE OA . 24.03 1.31 -19.94
C33 PEE OA . 23.36 0.78 -21.22
C34 PEE OA . 23.37 1.82 -22.34
C35 PEE OA . 22.56 1.35 -23.57
C36 PEE OA . 22.89 2.15 -24.83
C37 PEE OA . 21.71 3.01 -25.33
C38 PEE OA . 20.83 2.28 -26.36
C39 PEE OA . 21.30 2.42 -27.82
C40 PEE OA . 20.19 2.14 -28.87
C41 PEE OA . 20.32 3.05 -30.10
C42 PEE OA . 20.26 2.25 -31.43
C43 PEE OA . 20.77 3.03 -32.66
C44 PEE OA . 21.68 2.27 -33.65
C45 PEE OA . 20.96 1.21 -34.50
C46 PEE OA . 21.33 1.32 -35.99
C26 PEE PA . -6.46 -27.03 -18.82
C25 PEE PA . -5.93 -28.15 -17.91
C24 PEE PA . -4.41 -28.05 -17.64
C23 PEE PA . -3.81 -29.21 -16.79
C22 PEE PA . -2.28 -29.26 -16.71
C21 PEE PA . -1.44 -29.65 -17.68
C20 PEE PA . -0.92 -28.81 -18.84
C19 PEE PA . 0.27 -29.41 -19.56
C18 PEE PA . 1.58 -29.11 -19.42
C17 PEE PA . 2.68 -29.96 -18.77
C16 PEE PA . 3.79 -29.10 -18.14
C15 PEE PA . 4.16 -29.45 -16.68
C14 PEE PA . 5.55 -28.95 -16.26
C13 PEE PA . 5.87 -28.99 -14.75
C12 PEE PA . 6.31 -30.37 -14.23
C11 PEE PA . 7.47 -30.26 -13.22
C10 PEE PA . 8.81 -30.78 -13.80
O4 PEE PA . 9.53 -30.04 -14.45
O2 PEE PA . 9.10 -32.13 -13.51
C2 PEE PA . 10.53 -32.55 -13.63
C1 PEE PA . 11.12 -32.90 -12.23
O3P PEE PA . 10.80 -31.90 -11.22
P PEE PA . 11.26 -32.07 -9.66
O2P PEE PA . 10.56 -33.39 -9.04
O1P PEE PA . 10.76 -30.79 -8.84
O4P PEE PA . 12.89 -32.14 -9.55
C4 PEE PA . 13.66 -31.61 -8.41
C5 PEE PA . 14.74 -32.57 -7.88
N PEE PA . 15.81 -32.78 -8.88
C3 PEE PA . 10.76 -33.66 -14.70
O3 PEE PA . 10.00 -33.41 -15.95
C30 PEE PA . 10.70 -32.76 -16.98
O5 PEE PA . 11.68 -32.00 -16.81
C31 PEE PA . 10.13 -33.07 -18.41
C32 PEE PA . 9.74 -31.81 -19.22
C33 PEE PA . 8.66 -32.10 -20.28
C34 PEE PA . 7.76 -30.85 -20.54
C35 PEE PA . 6.96 -30.95 -21.85
C36 PEE PA . 5.44 -31.13 -21.62
C37 PEE PA . 4.77 -31.92 -22.76
C38 PEE PA . 3.91 -31.02 -23.66
C39 PEE PA . 2.39 -31.33 -23.62
C40 PEE PA . 1.47 -30.07 -23.56
C41 PEE PA . -0.02 -30.42 -23.31
C42 PEE PA . -0.85 -30.40 -24.62
C43 PEE PA . -2.05 -29.43 -24.62
C44 PEE PA . -3.21 -29.74 -23.65
C45 PEE PA . -3.85 -28.50 -23.03
C46 PEE PA . -3.80 -28.53 -21.49
C1 GOL QA . -7.95 -15.21 -44.09
O1 GOL QA . -8.12 -16.41 -43.26
C2 GOL QA . -6.82 -15.30 -45.15
O2 GOL QA . -5.59 -15.91 -44.57
C3 GOL QA . -6.53 -13.93 -45.86
O3 GOL QA . -5.12 -13.76 -46.24
FE HEC RA . -8.98 -25.18 -62.94
CHA HEC RA . -10.70 -26.25 -60.24
CHB HEC RA . -6.18 -25.25 -61.22
CHC HEC RA . -7.29 -24.20 -65.67
CHD HEC RA . -11.83 -24.99 -64.62
NA HEC RA . -8.56 -25.61 -61.10
C1A HEC RA . -9.37 -26.07 -60.09
C2A HEC RA . -8.56 -26.52 -58.92
C3A HEC RA . -7.34 -26.05 -59.17
C4A HEC RA . -7.32 -25.61 -60.55
CMA HEC RA . -6.21 -26.01 -58.17
CAA HEC RA . -8.81 -27.44 -57.76
CBA HEC RA . -10.13 -27.29 -57.05
CGA HEC RA . -10.19 -28.12 -55.77
O1A HEC RA . -11.24 -28.08 -55.09
O2A HEC RA . -9.18 -28.81 -55.45
NB HEC RA . -7.14 -24.78 -63.37
C1B HEC RA . -6.09 -24.84 -62.52
C2B HEC RA . -4.87 -24.37 -63.13
C3B HEC RA . -5.17 -24.12 -64.38
C4B HEC RA . -6.58 -24.36 -64.54
CMB HEC RA . -3.49 -24.19 -62.54
CAB HEC RA . -4.31 -23.68 -65.54
CBB HEC RA . -3.14 -24.66 -65.67
NC HEC RA . -9.46 -24.76 -64.76
C1C HEC RA . -8.64 -24.39 -65.78
C2C HEC RA . -9.39 -24.00 -66.94
C3C HEC RA . -10.66 -24.10 -66.59
C4C HEC RA . -10.70 -24.67 -65.28
CMC HEC RA . -8.86 -23.37 -68.22
CAC HEC RA . -11.95 -23.58 -67.22
CBC HEC RA . -12.32 -24.31 -68.51
ND HEC RA . -10.85 -25.57 -62.54
C1D HEC RA . -11.91 -25.44 -63.36
C2D HEC RA . -13.15 -25.91 -62.77
C3D HEC RA . -12.82 -26.30 -61.53
C4D HEC RA . -11.40 -26.04 -61.38
CMD HEC RA . -14.55 -25.97 -63.38
CAD HEC RA . -13.80 -26.85 -60.51
CBD HEC RA . -13.62 -28.32 -60.22
CGD HEC RA . -14.64 -28.85 -59.23
O1D HEC RA . -14.82 -28.21 -58.16
O2D HEC RA . -15.27 -29.90 -59.50
C1 CDL SA . 20.18 -25.85 -14.84
O1 CDL SA . 19.89 -26.23 -16.27
CA2 CDL SA . 20.51 -24.35 -14.63
OA2 CDL SA . 19.76 -23.61 -15.50
PA1 CDL SA . 20.39 -22.54 -16.47
OA3 CDL SA . 21.70 -23.02 -17.06
OA4 CDL SA . 20.74 -21.26 -15.75
OA5 CDL SA . 19.29 -22.28 -17.60
CA3 CDL SA . 17.94 -22.48 -17.42
CA4 CDL SA . 17.19 -22.43 -18.78
OA6 CDL SA . 15.76 -22.28 -18.65
CA5 CDL SA . 15.35 -20.96 -18.73
OA7 CDL SA . 16.03 -19.96 -18.56
C11 CDL SA . 13.85 -20.84 -19.05
C12 CDL SA . 13.41 -21.34 -20.45
CA6 CDL SA . 17.51 -23.74 -19.51
OA8 CDL SA . 16.42 -24.12 -20.32
CA7 CDL SA . 16.55 -25.41 -20.79
OA9 CDL SA . 16.68 -26.41 -20.13
C31 CDL SA . 16.49 -25.46 -22.31
CB2 CDL SA . 21.36 -26.66 -14.27
OB2 CDL SA . 22.49 -26.36 -14.98
PB2 CDL SA . 23.92 -26.83 -14.53
OB3 CDL SA . 23.86 -28.14 -13.80
OB4 CDL SA . 24.56 -25.85 -13.57
OB5 CDL SA . 24.74 -26.94 -15.85
CB3 CDL SA . 24.53 -26.17 -16.97
CB4 CDL SA . 24.20 -27.10 -18.17
OB6 CDL SA . 24.77 -26.67 -19.39
CB5 CDL SA . 26.06 -27.10 -19.53
OB7 CDL SA . 26.50 -28.17 -19.19
C51 CDL SA . 26.95 -26.04 -20.21
C52 CDL SA . 26.38 -25.43 -21.53
C53 CDL SA . 27.42 -24.58 -22.29
CB6 CDL SA . 22.68 -27.11 -18.32
OB8 CDL SA . 22.20 -25.85 -18.75
CB7 CDL SA . 21.42 -25.93 -19.88
OB9 CDL SA . 20.48 -26.67 -20.05
C71 CDL SA . 21.88 -24.96 -20.99
C72 CDL SA . 21.04 -23.67 -21.15
C73 CDL SA . 20.77 -23.32 -22.64
C74 CDL SA . 21.61 -22.11 -23.11
C1 BOG TA . 14.88 -7.37 -41.24
O1 BOG TA . 15.66 -7.81 -40.15
C2 BOG TA . 15.00 -5.81 -41.44
O2 BOG TA . 14.57 -5.11 -40.28
C3 BOG TA . 14.14 -5.39 -42.64
O3 BOG TA . 14.23 -3.99 -42.84
C4 BOG TA . 14.62 -6.15 -43.90
O4 BOG TA . 13.85 -5.79 -45.06
C5 BOG TA . 14.53 -7.69 -43.66
O5 BOG TA . 15.30 -8.08 -42.46
C6 BOG TA . 15.04 -8.51 -44.84
O6 BOG TA . 16.42 -8.25 -45.12
C1' BOG TA . 14.99 -8.26 -38.95
C2' BOG TA . 15.91 -9.20 -38.17
C3' BOG TA . 15.86 -8.93 -36.68
C4' BOG TA . 15.66 -10.24 -35.93
C5' BOG TA . 15.48 -10.04 -34.43
C6' BOG TA . 15.24 -11.37 -33.68
C7' BOG TA . 15.49 -11.17 -32.19
C8' BOG TA . 15.25 -12.48 -31.52
C1 BOG UA . 10.97 -6.84 -50.80
O1 BOG UA . 10.95 -7.44 -52.07
C2 BOG UA . 12.07 -5.71 -50.73
O2 BOG UA . 13.38 -6.23 -50.99
C3 BOG UA . 12.05 -5.05 -49.35
O3 BOG UA . 13.04 -4.03 -49.28
C4 BOG UA . 10.63 -4.47 -49.09
O4 BOG UA . 10.57 -3.83 -47.80
C5 BOG UA . 9.56 -5.62 -49.19
O5 BOG UA . 9.63 -6.28 -50.51
C6 BOG UA . 8.11 -5.11 -48.97
O6 BOG UA . 7.67 -5.22 -47.61
C1' BOG UA . 11.38 -8.83 -52.18
FE1 FES VA . -15.92 27.87 -56.66
FE2 FES VA . -17.36 28.98 -54.66
S1 FES VA . -16.94 29.84 -56.68
S2 FES VA . -16.51 26.94 -54.72
C1 CDL WA . 13.20 -28.76 -13.81
O1 CDL WA . 12.22 -29.13 -12.74
CA2 CDL WA . 14.04 -29.96 -14.32
OA2 CDL WA . 13.93 -31.04 -13.45
PA1 CDL WA . 15.05 -32.12 -13.21
OA3 CDL WA . 14.55 -33.25 -12.34
OA4 CDL WA . 16.24 -31.54 -12.47
OA5 CDL WA . 15.41 -32.65 -14.67
CA3 CDL WA . 16.59 -32.37 -15.30
CA4 CDL WA . 16.42 -32.61 -16.82
OA6 CDL WA . 16.17 -33.97 -17.14
CA5 CDL WA . 15.03 -34.11 -17.89
OA7 CDL WA . 14.77 -33.50 -18.91
C11 CDL WA . 14.07 -35.17 -17.35
C12 CDL WA . 13.38 -36.08 -18.41
CA6 CDL WA . 17.74 -32.14 -17.48
OA8 CDL WA . 17.80 -30.74 -17.46
CA7 CDL WA . 18.61 -30.19 -18.43
OA9 CDL WA . 19.74 -29.82 -18.29
C31 CDL WA . 17.91 -30.04 -19.79
CB2 CDL WA . 14.15 -27.65 -13.31
OB2 CDL WA . 15.25 -27.60 -14.09
PB2 CDL WA . 15.60 -26.40 -15.00
OB3 CDL WA . 17.05 -26.43 -15.41
OB4 CDL WA . 15.41 -25.08 -14.30
OB5 CDL WA . 14.63 -26.56 -16.24
CB3 CDL WA . 15.03 -27.12 -17.44
CB4 CDL WA . 13.80 -27.34 -18.38
OB6 CDL WA . 12.66 -26.53 -18.08
CB5 CDL WA . 12.24 -25.88 -19.23
OB7 CDL WA . 12.86 -25.02 -19.81
C51 CDL WA . 10.85 -26.36 -19.71
C52 CDL WA . 10.47 -25.97 -21.18
C53 CDL WA . 9.51 -27.00 -21.84
CB6 CDL WA . 13.41 -28.82 -18.28
OB8 CDL WA . 14.34 -29.62 -18.97
CB7 CDL WA . 13.97 -29.88 -20.28
OB9 CDL WA . 14.31 -29.24 -21.24
C71 CDL WA . 13.06 -31.11 -20.40
C72 CDL WA . 13.28 -31.98 -21.67
#